data_6EE1
#
_entry.id   6EE1
#
_cell.length_a   105.475
_cell.length_b   169.972
_cell.length_c   106.425
_cell.angle_alpha   90.00
_cell.angle_beta   95.26
_cell.angle_gamma   90.00
#
_symmetry.space_group_name_H-M   'P 1 21 1'
#
loop_
_entity.id
_entity.type
_entity.pdbx_description
1 polymer 'Isocitrate lyase 2'
2 non-polymer 'ACETYL COENZYME *A'
3 non-polymer 'MAGNESIUM ION'
4 water water
#
_entity_poly.entity_id   1
_entity_poly.type   'polypeptide(L)'
_entity_poly.pdbx_seq_one_letter_code
;MGSSHHHHHHSSGLVPRGSHMAIAETDTEVHTPFEQDFEKDVAATQRYFDSSRFAGIIRLYTARQVVEQRGTIPVDHIVA
REAAGAFYERLRELFAARKSITTFGPYSPGQAVSMKRMGIEAIYLGGWATSAKGSSTEDPGPDLASYPLSQVPDDAAVLV
RALLTADRNQHYLRLQMSERQRAATPAYDFRPFIIADADTGHGGDPHVRNLIRRFVEVGVPGYHIEDQRPGTKKCGHQGG
KVLVPSDEQIKRLNAARFQLDIMRVPGIIVARTDAEAANLIDSRADERDQPFLLGATKLDVPSYKSCFLAMVRRFYELGV
KELNGHLLYALGDSEYAAAGGWLERQGIFGLVSDAVNAWREDGQQSIDGIFDQVESRFVAAWEDDAGLMTYGEAVADVLE
FGQSEGEPIGMAPEEWRAFAARASLHAARAKAKELGADPPWDCELAKTPEGYYQIRGGIPYAIAKSLAAAPFADILWMET
KTADLADARQFAEAIHAEFPDQMLAYNLSPSFNWDTTGMTDEEMRRFPEELGKMGFVFNFITYGGHQIDGVAAEEFATAL
RQDGMLALARLQRKMRLVESPYRTPQTLVGGPRSDAALAASSGRTATTKAMGKGSTQHQHLVQTEVPRKLLEEWLAMWSG
HYQLKDKLRVQLRPQRAGSEVLELGIHGESDDKLANVIFQPIQDRRGRTILLVRDQNTFGAELRQKRLMTLIHLWLVHRF
KAQAVHYVTPTDDNLYQTSKMKSHGIFTEVNQEVGEIIVAEVNHPRIAELLTPDRVALRKLITKEA
;
_entity_poly.pdbx_strand_id   A,B,C,D
#
# COMPACT_ATOMS: atom_id res chain seq x y z
N THR A 32 34.07 -22.16 20.26
CA THR A 32 33.74 -20.73 20.58
C THR A 32 32.23 -20.59 20.80
N PRO A 33 31.76 -19.55 21.54
CA PRO A 33 30.33 -19.28 21.67
C PRO A 33 29.58 -19.13 20.34
N PHE A 34 30.24 -18.54 19.34
CA PHE A 34 29.68 -18.36 18.01
C PHE A 34 29.39 -19.73 17.38
N GLU A 35 30.36 -20.65 17.46
CA GLU A 35 30.24 -21.99 16.90
C GLU A 35 29.17 -22.79 17.67
N GLN A 36 29.10 -22.58 18.99
CA GLN A 36 28.16 -23.30 19.84
C GLN A 36 26.72 -22.90 19.48
N ASP A 37 26.46 -21.59 19.45
CA ASP A 37 25.14 -21.04 19.14
C ASP A 37 24.63 -21.62 17.81
N PHE A 38 25.52 -21.71 16.82
CA PHE A 38 25.21 -22.24 15.51
C PHE A 38 24.85 -23.73 15.61
N GLU A 39 25.74 -24.51 16.25
CA GLU A 39 25.57 -25.97 16.37
C GLU A 39 24.28 -26.30 17.12
N LYS A 40 23.96 -25.48 18.13
CA LYS A 40 22.74 -25.60 18.94
C LYS A 40 21.51 -25.47 18.03
N ASP A 41 21.49 -24.45 17.16
CA ASP A 41 20.34 -24.18 16.30
C ASP A 41 20.26 -25.22 15.17
N VAL A 42 21.42 -25.67 14.66
CA VAL A 42 21.45 -26.73 13.64
C VAL A 42 20.83 -28.01 14.23
N ALA A 43 21.15 -28.31 15.49
CA ALA A 43 20.66 -29.51 16.17
C ALA A 43 19.14 -29.42 16.39
N ALA A 44 18.68 -28.25 16.84
CA ALA A 44 17.26 -27.98 17.04
C ALA A 44 16.52 -28.14 15.71
N THR A 45 17.11 -27.59 14.64
CA THR A 45 16.53 -27.60 13.31
C THR A 45 16.47 -29.05 12.80
N GLN A 46 17.50 -29.85 13.10
CA GLN A 46 17.58 -31.24 12.65
C GLN A 46 16.48 -32.08 13.33
N ARG A 47 16.28 -31.86 14.63
CA ARG A 47 15.22 -32.52 15.39
C ARG A 47 13.85 -32.18 14.76
N TYR A 48 13.68 -30.91 14.39
CA TYR A 48 12.47 -30.41 13.74
C TYR A 48 12.25 -31.16 12.42
N PHE A 49 13.28 -31.26 11.60
CA PHE A 49 13.25 -32.00 10.32
C PHE A 49 12.81 -33.45 10.55
N ASP A 50 13.34 -34.07 11.62
CA ASP A 50 13.20 -35.51 11.88
C ASP A 50 11.89 -35.83 12.62
N SER A 51 11.19 -34.80 13.10
CA SER A 51 9.91 -34.98 13.80
C SER A 51 8.90 -35.65 12.87
N SER A 52 7.89 -36.28 13.48
CA SER A 52 6.90 -37.10 12.75
C SER A 52 6.06 -36.23 11.80
N ARG A 53 5.98 -34.93 12.09
CA ARG A 53 5.30 -33.94 11.25
C ARG A 53 5.75 -34.09 9.78
N PHE A 54 7.02 -34.43 9.55
CA PHE A 54 7.61 -34.46 8.21
C PHE A 54 7.95 -35.89 7.78
N ALA A 55 7.28 -36.88 8.39
CA ALA A 55 7.45 -38.28 8.00
C ALA A 55 7.12 -38.43 6.51
N GLY A 56 8.05 -39.00 5.74
CA GLY A 56 7.86 -39.26 4.32
C GLY A 56 8.06 -38.03 3.45
N ILE A 57 8.60 -36.94 4.04
CA ILE A 57 8.90 -35.71 3.31
C ILE A 57 10.39 -35.66 3.00
N ILE A 58 10.74 -35.44 1.73
CA ILE A 58 12.11 -35.26 1.27
C ILE A 58 12.41 -33.75 1.15
N ARG A 59 13.50 -33.31 1.81
CA ARG A 59 14.06 -31.98 1.64
C ARG A 59 15.35 -32.09 0.83
N LEU A 60 15.52 -31.23 -0.18
CA LEU A 60 16.73 -31.21 -1.01
C LEU A 60 17.77 -30.24 -0.43
N TYR A 61 17.82 -30.14 0.91
CA TYR A 61 18.72 -29.22 1.61
C TYR A 61 18.84 -29.71 3.06
N THR A 62 19.84 -29.20 3.77
CA THR A 62 20.20 -29.63 5.11
C THR A 62 19.79 -28.57 6.14
N ALA A 63 19.79 -28.97 7.41
CA ALA A 63 19.54 -28.08 8.53
C ALA A 63 20.53 -26.90 8.51
N ARG A 64 21.79 -27.19 8.16
CA ARG A 64 22.84 -26.17 8.09
C ARG A 64 22.40 -25.06 7.12
N GLN A 65 21.90 -25.44 5.95
CA GLN A 65 21.52 -24.51 4.89
C GLN A 65 20.36 -23.59 5.36
N VAL A 66 19.51 -24.10 6.26
CA VAL A 66 18.41 -23.32 6.81
C VAL A 66 18.97 -22.29 7.82
N VAL A 67 19.81 -22.75 8.74
CA VAL A 67 20.29 -21.90 9.84
C VAL A 67 21.13 -20.72 9.31
N GLU A 68 21.88 -20.95 8.23
CA GLU A 68 22.69 -19.94 7.52
C GLU A 68 21.89 -18.69 7.12
N GLN A 69 20.57 -18.88 6.92
CA GLN A 69 19.69 -17.85 6.36
C GLN A 69 19.06 -16.99 7.45
N ARG A 70 19.13 -17.41 8.72
CA ARG A 70 18.27 -16.88 9.80
C ARG A 70 18.85 -15.64 10.49
N GLY A 71 20.16 -15.37 10.33
CA GLY A 71 20.80 -14.26 11.04
C GLY A 71 20.86 -14.50 12.53
N THR A 72 20.99 -13.41 13.30
CA THR A 72 21.17 -13.46 14.76
C THR A 72 20.06 -12.72 15.51
N ILE A 73 19.31 -11.85 14.84
CA ILE A 73 18.23 -11.09 15.48
C ILE A 73 16.96 -11.93 15.44
N PRO A 74 16.42 -12.37 16.60
CA PRO A 74 15.23 -13.22 16.63
C PRO A 74 14.00 -12.58 15.94
N VAL A 75 13.26 -13.41 15.21
CA VAL A 75 11.91 -13.12 14.74
C VAL A 75 11.02 -14.29 15.18
N ASP A 76 9.71 -14.08 15.19
CA ASP A 76 8.77 -15.12 15.60
C ASP A 76 7.41 -14.86 14.93
N HIS A 77 7.08 -15.74 13.97
CA HIS A 77 5.82 -15.76 13.28
C HIS A 77 4.87 -16.74 13.98
N ILE A 78 4.41 -16.34 15.17
CA ILE A 78 3.74 -17.22 16.14
C ILE A 78 2.33 -17.57 15.65
N VAL A 79 1.63 -16.62 15.03
CA VAL A 79 0.27 -16.87 14.57
C VAL A 79 0.30 -18.02 13.55
N ALA A 80 1.16 -17.90 12.54
CA ALA A 80 1.26 -18.91 11.48
C ALA A 80 1.78 -20.23 12.06
N ARG A 81 2.79 -20.14 12.94
CA ARG A 81 3.44 -21.32 13.52
C ARG A 81 2.41 -22.17 14.31
N GLU A 82 1.65 -21.52 15.20
CA GLU A 82 0.72 -22.24 16.07
C GLU A 82 -0.49 -22.72 15.28
N ALA A 83 -0.98 -21.90 14.36
CA ALA A 83 -2.10 -22.28 13.50
C ALA A 83 -1.70 -23.51 12.67
N ALA A 84 -0.48 -23.51 12.14
CA ALA A 84 -0.02 -24.59 11.26
C ALA A 84 0.01 -25.91 12.03
N GLY A 85 0.53 -25.86 13.26
CA GLY A 85 0.58 -27.02 14.16
C GLY A 85 -0.80 -27.61 14.39
N ALA A 86 -1.73 -26.81 14.91
CA ALA A 86 -3.06 -27.26 15.30
C ALA A 86 -3.83 -27.73 14.06
N PHE A 87 -3.70 -26.98 12.96
CA PHE A 87 -4.44 -27.22 11.73
C PHE A 87 -3.99 -28.56 11.14
N TYR A 88 -2.68 -28.83 11.17
CA TYR A 88 -2.14 -30.09 10.62
C TYR A 88 -2.62 -31.28 11.45
N GLU A 89 -2.54 -31.17 12.78
CA GLU A 89 -2.95 -32.26 13.67
C GLU A 89 -4.42 -32.59 13.42
N ARG A 90 -5.26 -31.55 13.31
CA ARG A 90 -6.69 -31.68 13.11
C ARG A 90 -6.98 -32.43 11.80
N LEU A 91 -6.29 -32.07 10.72
CA LEU A 91 -6.50 -32.70 9.41
C LEU A 91 -6.11 -34.18 9.49
N ARG A 92 -5.09 -34.50 10.28
CA ARG A 92 -4.62 -35.88 10.47
C ARG A 92 -5.66 -36.70 11.25
N GLU A 93 -6.25 -36.10 12.29
CA GLU A 93 -7.39 -36.70 13.00
C GLU A 93 -8.47 -37.08 11.99
N LEU A 94 -8.90 -36.10 11.19
CA LEU A 94 -10.02 -36.24 10.27
C LEU A 94 -9.72 -37.32 9.21
N PHE A 95 -8.46 -37.36 8.76
CA PHE A 95 -8.03 -38.33 7.77
C PHE A 95 -8.14 -39.75 8.34
N ALA A 96 -7.65 -39.93 9.57
CA ALA A 96 -7.68 -41.20 10.29
C ALA A 96 -9.13 -41.70 10.46
N ALA A 97 -10.06 -40.75 10.66
CA ALA A 97 -11.48 -41.04 10.88
C ALA A 97 -12.25 -41.09 9.55
N ARG A 98 -11.55 -40.91 8.43
CA ARG A 98 -12.14 -40.82 7.09
C ARG A 98 -13.30 -39.81 7.10
N LYS A 99 -13.05 -38.66 7.74
CA LYS A 99 -13.94 -37.49 7.73
C LYS A 99 -13.21 -36.31 7.08
N SER A 100 -13.91 -35.19 6.90
CA SER A 100 -13.38 -34.07 6.15
C SER A 100 -14.02 -32.74 6.57
N ILE A 101 -13.32 -31.65 6.29
CA ILE A 101 -13.85 -30.29 6.36
C ILE A 101 -14.40 -29.92 4.98
N THR A 102 -15.59 -29.32 4.97
CA THR A 102 -16.22 -28.80 3.77
C THR A 102 -16.41 -27.29 3.96
N THR A 103 -15.80 -26.49 3.08
CA THR A 103 -15.72 -25.06 3.28
C THR A 103 -15.88 -24.33 1.94
N PHE A 104 -15.81 -23.01 1.99
CA PHE A 104 -15.84 -22.16 0.82
C PHE A 104 -14.91 -20.96 1.03
N GLY A 105 -14.65 -20.21 -0.05
CA GLY A 105 -13.84 -19.02 0.02
C GLY A 105 -14.66 -17.80 0.41
N PRO A 106 -14.44 -17.22 1.62
CA PRO A 106 -15.14 -16.00 2.02
C PRO A 106 -14.63 -14.81 1.21
N TYR A 107 -15.55 -13.90 0.84
CA TYR A 107 -15.26 -12.75 -0.02
C TYR A 107 -15.11 -11.48 0.82
N SER A 108 -15.26 -11.60 2.14
CA SER A 108 -15.09 -10.49 3.05
C SER A 108 -14.64 -11.01 4.41
N PRO A 109 -13.99 -10.18 5.27
CA PRO A 109 -13.67 -10.59 6.63
C PRO A 109 -14.90 -10.99 7.47
N GLY A 110 -16.03 -10.33 7.23
CA GLY A 110 -17.32 -10.68 7.85
C GLY A 110 -17.75 -12.10 7.52
N GLN A 111 -17.63 -12.47 6.24
CA GLN A 111 -17.99 -13.82 5.79
C GLN A 111 -17.13 -14.85 6.51
N ALA A 112 -15.83 -14.55 6.67
CA ALA A 112 -14.86 -15.47 7.29
C ALA A 112 -15.20 -15.66 8.78
N VAL A 113 -15.50 -14.56 9.47
CA VAL A 113 -15.84 -14.62 10.90
C VAL A 113 -17.16 -15.39 11.06
N SER A 114 -18.12 -15.14 10.15
CA SER A 114 -19.45 -15.77 10.16
C SER A 114 -19.35 -17.28 10.01
N MET A 115 -18.56 -17.76 9.03
CA MET A 115 -18.39 -19.20 8.77
C MET A 115 -17.92 -19.93 10.03
N LYS A 116 -17.00 -19.30 10.76
CA LYS A 116 -16.43 -19.90 11.97
C LYS A 116 -17.49 -19.91 13.09
N ARG A 117 -18.32 -18.86 13.16
CA ARG A 117 -19.46 -18.82 14.07
C ARG A 117 -20.37 -20.03 13.81
N MET A 118 -20.64 -20.32 12.53
CA MET A 118 -21.56 -21.37 12.10
C MET A 118 -20.92 -22.75 12.25
N GLY A 119 -19.61 -22.79 12.58
CA GLY A 119 -18.94 -24.00 13.03
C GLY A 119 -18.11 -24.68 11.95
N ILE A 120 -17.91 -24.02 10.80
CA ILE A 120 -16.93 -24.51 9.80
C ILE A 120 -15.52 -24.28 10.36
N GLU A 121 -14.69 -25.31 10.30
CA GLU A 121 -13.44 -25.38 11.07
C GLU A 121 -12.27 -24.69 10.37
N ALA A 122 -12.37 -24.48 9.05
CA ALA A 122 -11.24 -23.98 8.25
C ALA A 122 -11.75 -23.19 7.04
N ILE A 123 -10.86 -22.36 6.49
CA ILE A 123 -11.18 -21.40 5.41
C ILE A 123 -10.28 -21.68 4.20
N TYR A 124 -10.86 -21.54 3.01
CA TYR A 124 -10.12 -21.50 1.75
C TYR A 124 -10.06 -20.06 1.24
N LEU A 125 -8.93 -19.68 0.64
CA LEU A 125 -8.80 -18.37 -0.02
C LEU A 125 -8.11 -18.54 -1.38
N GLY A 126 -8.83 -18.17 -2.44
CA GLY A 126 -8.46 -18.44 -3.82
C GLY A 126 -8.16 -17.18 -4.62
N GLY A 127 -7.40 -17.37 -5.71
CA GLY A 127 -6.97 -16.31 -6.58
C GLY A 127 -8.06 -15.84 -7.53
N TRP A 128 -9.05 -16.68 -7.78
CA TRP A 128 -10.19 -16.32 -8.62
C TRP A 128 -10.93 -15.11 -8.01
N ALA A 129 -11.34 -15.26 -6.75
CA ALA A 129 -12.07 -14.23 -6.03
C ALA A 129 -11.20 -12.97 -5.88
N THR A 130 -9.90 -13.17 -5.64
CA THR A 130 -8.96 -12.05 -5.50
C THR A 130 -8.90 -11.26 -6.81
N SER A 131 -8.82 -11.96 -7.95
CA SER A 131 -8.84 -11.33 -9.27
C SER A 131 -10.14 -10.56 -9.49
N ALA A 132 -11.26 -11.16 -9.08
CA ALA A 132 -12.59 -10.61 -9.32
C ALA A 132 -12.82 -9.34 -8.49
N LYS A 133 -12.20 -9.29 -7.31
CA LYS A 133 -12.38 -8.18 -6.37
C LYS A 133 -11.54 -6.97 -6.79
N GLY A 134 -10.38 -7.21 -7.39
CA GLY A 134 -9.39 -6.18 -7.63
C GLY A 134 -8.94 -5.50 -6.35
N SER A 135 -8.33 -4.32 -6.50
CA SER A 135 -7.82 -3.54 -5.37
C SER A 135 -7.80 -2.06 -5.79
N SER A 136 -7.23 -1.21 -4.92
CA SER A 136 -7.14 0.21 -5.18
C SER A 136 -6.30 0.48 -6.44
N THR A 137 -5.35 -0.40 -6.78
CA THR A 137 -4.48 -0.22 -7.96
C THR A 137 -4.66 -1.32 -9.01
N GLU A 138 -5.48 -2.32 -8.73
CA GLU A 138 -5.68 -3.46 -9.63
C GLU A 138 -7.12 -3.47 -10.13
N ASP A 139 -7.30 -3.35 -11.45
CA ASP A 139 -8.63 -3.50 -12.05
C ASP A 139 -9.08 -4.95 -11.86
N PRO A 140 -10.35 -5.22 -11.53
CA PRO A 140 -10.84 -6.60 -11.42
C PRO A 140 -10.87 -7.26 -12.81
N GLY A 141 -10.78 -8.60 -12.83
CA GLY A 141 -10.76 -9.32 -14.07
C GLY A 141 -10.63 -10.82 -13.86
N PRO A 142 -10.47 -11.60 -14.96
CA PRO A 142 -10.30 -13.05 -14.89
C PRO A 142 -9.05 -13.45 -14.09
N ASP A 143 -9.00 -14.72 -13.67
CA ASP A 143 -7.88 -15.25 -12.89
C ASP A 143 -6.79 -15.70 -13.87
N LEU A 144 -5.80 -14.84 -14.07
CA LEU A 144 -4.62 -15.12 -14.87
C LEU A 144 -3.36 -14.98 -14.01
N ALA A 145 -3.55 -14.85 -12.69
CA ALA A 145 -2.47 -14.61 -11.73
C ALA A 145 -1.61 -13.42 -12.20
N SER A 146 -2.26 -12.40 -12.77
CA SER A 146 -1.58 -11.24 -13.34
C SER A 146 -1.48 -10.10 -12.31
N TYR A 147 -2.20 -10.25 -11.20
CA TYR A 147 -2.06 -9.37 -10.05
C TYR A 147 -0.64 -9.49 -9.48
N PRO A 148 -0.15 -8.48 -8.73
CA PRO A 148 1.12 -8.61 -8.03
C PRO A 148 1.05 -9.75 -7.01
N LEU A 149 2.17 -10.45 -6.78
CA LEU A 149 2.18 -11.63 -5.92
C LEU A 149 1.84 -11.28 -4.47
N SER A 150 1.79 -9.99 -4.15
CA SER A 150 1.38 -9.54 -2.83
C SER A 150 -0.16 -9.61 -2.65
N GLN A 151 -0.91 -9.81 -3.73
CA GLN A 151 -2.37 -9.57 -3.76
C GLN A 151 -3.13 -10.53 -2.82
N VAL A 152 -2.88 -11.84 -2.95
CA VAL A 152 -3.63 -12.82 -2.17
C VAL A 152 -3.21 -12.74 -0.70
N PRO A 153 -1.89 -12.63 -0.37
CA PRO A 153 -1.48 -12.38 1.02
C PRO A 153 -2.16 -11.17 1.67
N ASP A 154 -2.25 -10.05 0.92
CA ASP A 154 -2.90 -8.84 1.41
C ASP A 154 -4.37 -9.12 1.73
N ASP A 155 -5.03 -9.90 0.86
CA ASP A 155 -6.41 -10.31 1.08
C ASP A 155 -6.49 -11.18 2.34
N ALA A 156 -5.58 -12.15 2.47
CA ALA A 156 -5.55 -13.08 3.60
C ALA A 156 -5.33 -12.30 4.91
N ALA A 157 -4.51 -11.26 4.87
CA ALA A 157 -4.19 -10.43 6.02
C ALA A 157 -5.46 -9.83 6.62
N VAL A 158 -6.38 -9.39 5.76
CA VAL A 158 -7.65 -8.82 6.20
C VAL A 158 -8.42 -9.90 6.99
N LEU A 159 -8.46 -11.12 6.46
CA LEU A 159 -9.17 -12.25 7.11
C LEU A 159 -8.54 -12.55 8.48
N VAL A 160 -7.21 -12.59 8.56
CA VAL A 160 -6.55 -12.97 9.79
C VAL A 160 -6.80 -11.90 10.85
N ARG A 161 -6.71 -10.62 10.47
CA ARG A 161 -6.96 -9.52 11.40
C ARG A 161 -8.42 -9.58 11.89
N ALA A 162 -9.34 -9.95 11.01
CA ALA A 162 -10.76 -10.07 11.36
C ALA A 162 -10.97 -11.19 12.38
N LEU A 163 -10.30 -12.33 12.17
CA LEU A 163 -10.40 -13.49 13.05
C LEU A 163 -9.80 -13.18 14.42
N LEU A 164 -8.60 -12.58 14.46
CA LEU A 164 -7.91 -12.27 15.71
C LEU A 164 -8.70 -11.20 16.49
N THR A 165 -9.28 -10.23 15.77
CA THR A 165 -10.07 -9.17 16.39
C THR A 165 -11.37 -9.77 16.96
N ALA A 166 -11.98 -10.71 16.23
CA ALA A 166 -13.20 -11.39 16.68
C ALA A 166 -12.92 -12.13 17.99
N ASP A 167 -11.78 -12.82 18.05
CA ASP A 167 -11.34 -13.55 19.23
C ASP A 167 -11.20 -12.60 20.43
N ARG A 168 -10.58 -11.43 20.20
CA ARG A 168 -10.36 -10.44 21.24
C ARG A 168 -11.70 -9.86 21.74
N ASN A 169 -12.62 -9.62 20.80
CA ASN A 169 -13.93 -9.06 21.15
C ASN A 169 -14.75 -10.09 21.95
N GLN A 170 -14.75 -11.35 21.48
CA GLN A 170 -15.43 -12.45 22.16
C GLN A 170 -14.87 -12.60 23.59
N HIS A 171 -13.54 -12.65 23.70
CA HIS A 171 -12.88 -12.90 24.97
C HIS A 171 -13.18 -11.77 25.96
N TYR A 172 -13.22 -10.53 25.48
CA TYR A 172 -13.54 -9.39 26.32
C TYR A 172 -14.94 -9.56 26.95
N LEU A 173 -15.91 -9.94 26.12
CA LEU A 173 -17.30 -10.12 26.56
C LEU A 173 -17.39 -11.29 27.55
N ARG A 174 -16.69 -12.39 27.27
CA ARG A 174 -16.72 -13.59 28.11
C ARG A 174 -16.10 -13.31 29.49
N LEU A 175 -15.19 -12.34 29.58
CA LEU A 175 -14.59 -11.96 30.86
C LEU A 175 -15.61 -11.21 31.71
N GLN A 176 -16.52 -10.47 31.07
CA GLN A 176 -17.58 -9.72 31.77
C GLN A 176 -18.69 -10.67 32.25
N MET A 177 -18.75 -11.85 31.66
CA MET A 177 -19.80 -12.86 31.97
C MET A 177 -19.45 -13.59 33.25
N SER A 178 -20.45 -14.22 33.86
CA SER A 178 -20.28 -15.07 35.06
C SER A 178 -19.93 -16.48 34.60
N GLU A 179 -19.53 -17.35 35.51
CA GLU A 179 -19.17 -18.73 35.10
C GLU A 179 -20.39 -19.49 34.56
N ARG A 180 -21.58 -19.21 35.08
CA ARG A 180 -22.81 -19.90 34.61
C ARG A 180 -23.18 -19.35 33.24
N GLN A 181 -23.01 -18.04 33.01
CA GLN A 181 -23.32 -17.44 31.70
C GLN A 181 -22.34 -18.01 30.66
N ARG A 182 -21.08 -18.19 31.05
CA ARG A 182 -20.04 -18.72 30.13
C ARG A 182 -20.36 -20.15 29.75
N ALA A 183 -20.95 -20.93 30.66
CA ALA A 183 -21.25 -22.34 30.36
C ALA A 183 -22.46 -22.44 29.42
N ALA A 184 -23.31 -21.43 29.39
CA ALA A 184 -24.51 -21.38 28.54
C ALA A 184 -24.18 -20.81 27.17
N THR A 185 -23.52 -19.65 27.12
CA THR A 185 -23.17 -18.99 25.86
C THR A 185 -21.99 -19.72 25.20
N PRO A 186 -22.13 -20.15 23.93
CA PRO A 186 -21.05 -20.88 23.25
C PRO A 186 -19.90 -19.96 22.82
N ALA A 187 -18.67 -20.51 22.85
CA ALA A 187 -17.46 -19.79 22.45
C ALA A 187 -16.97 -20.32 21.09
N TYR A 188 -16.81 -19.42 20.13
CA TYR A 188 -16.46 -19.78 18.75
C TYR A 188 -14.94 -19.87 18.61
N ASP A 189 -14.49 -20.77 17.73
CA ASP A 189 -13.08 -20.99 17.41
C ASP A 189 -12.71 -20.09 16.22
N PHE A 190 -11.92 -19.04 16.49
CA PHE A 190 -11.57 -18.04 15.49
C PHE A 190 -10.09 -18.16 15.08
N ARG A 191 -9.50 -19.34 15.28
CA ARG A 191 -8.11 -19.59 14.87
C ARG A 191 -8.02 -19.52 13.35
N PRO A 192 -6.95 -18.91 12.79
CA PRO A 192 -6.83 -18.73 11.35
C PRO A 192 -6.35 -19.98 10.59
N PHE A 193 -7.18 -21.03 10.55
CA PHE A 193 -6.93 -22.21 9.74
C PHE A 193 -7.29 -21.89 8.28
N ILE A 194 -6.31 -21.36 7.54
CA ILE A 194 -6.49 -20.92 6.16
C ILE A 194 -5.51 -21.67 5.26
N ILE A 195 -6.01 -22.12 4.10
CA ILE A 195 -5.19 -22.55 2.99
C ILE A 195 -5.42 -21.56 1.85
N ALA A 196 -4.35 -20.84 1.47
CA ALA A 196 -4.43 -19.75 0.52
C ALA A 196 -3.72 -20.12 -0.80
N ASP A 197 -4.18 -19.48 -1.88
CA ASP A 197 -3.75 -19.72 -3.25
C ASP A 197 -2.42 -19.01 -3.51
N ALA A 198 -1.38 -19.79 -3.79
CA ALA A 198 -0.06 -19.26 -4.19
C ALA A 198 0.15 -19.45 -5.70
N ASP A 199 -0.93 -19.72 -6.45
CA ASP A 199 -0.93 -19.79 -7.91
C ASP A 199 0.14 -20.80 -8.36
N THR A 200 0.99 -20.41 -9.32
CA THR A 200 2.08 -21.21 -9.84
C THR A 200 3.37 -20.90 -9.10
N GLY A 201 3.31 -19.98 -8.13
CA GLY A 201 4.48 -19.48 -7.42
C GLY A 201 4.96 -18.15 -7.98
N HIS A 202 4.30 -17.65 -9.04
CA HIS A 202 4.55 -16.32 -9.65
C HIS A 202 5.98 -16.18 -10.19
N GLY A 203 6.53 -17.28 -10.73
CA GLY A 203 7.89 -17.30 -11.26
C GLY A 203 8.66 -18.49 -10.73
N GLY A 204 9.96 -18.28 -10.48
CA GLY A 204 10.87 -19.31 -9.97
C GLY A 204 10.95 -19.31 -8.46
N ASP A 205 12.03 -19.86 -7.93
CA ASP A 205 12.15 -20.14 -6.51
C ASP A 205 12.21 -18.86 -5.70
N PRO A 206 12.88 -17.75 -6.12
CA PRO A 206 12.87 -16.53 -5.31
C PRO A 206 11.46 -15.94 -5.20
N HIS A 207 10.63 -16.14 -6.23
CA HIS A 207 9.23 -15.70 -6.25
C HIS A 207 8.38 -16.51 -5.27
N VAL A 208 8.57 -17.84 -5.26
CA VAL A 208 7.86 -18.75 -4.37
C VAL A 208 8.17 -18.36 -2.92
N ARG A 209 9.47 -18.21 -2.62
CA ARG A 209 9.93 -17.94 -1.27
C ARG A 209 9.35 -16.61 -0.78
N ASN A 210 9.28 -15.62 -1.68
CA ASN A 210 8.75 -14.28 -1.37
C ASN A 210 7.25 -14.39 -1.09
N LEU A 211 6.53 -15.14 -1.94
CA LEU A 211 5.09 -15.36 -1.80
C LEU A 211 4.78 -16.06 -0.47
N ILE A 212 5.53 -17.12 -0.15
CA ILE A 212 5.36 -17.88 1.09
C ILE A 212 5.67 -16.99 2.29
N ARG A 213 6.77 -16.22 2.22
CA ARG A 213 7.15 -15.29 3.29
C ARG A 213 5.99 -14.33 3.59
N ARG A 214 5.38 -13.77 2.55
CA ARG A 214 4.31 -12.76 2.72
C ARG A 214 3.08 -13.38 3.38
N PHE A 215 2.78 -14.64 3.03
CA PHE A 215 1.65 -15.37 3.64
C PHE A 215 1.92 -15.62 5.13
N VAL A 216 3.14 -16.09 5.44
CA VAL A 216 3.51 -16.45 6.80
C VAL A 216 3.47 -15.21 7.68
N GLU A 217 3.97 -14.09 7.16
CA GLU A 217 4.10 -12.84 7.92
C GLU A 217 2.73 -12.35 8.37
N VAL A 218 1.66 -12.66 7.62
CA VAL A 218 0.30 -12.19 7.96
C VAL A 218 -0.49 -13.30 8.65
N GLY A 219 0.14 -14.46 8.90
CA GLY A 219 -0.37 -15.49 9.80
C GLY A 219 -1.04 -16.66 9.09
N VAL A 220 -0.83 -16.80 7.78
CA VAL A 220 -1.47 -17.88 7.02
C VAL A 220 -0.63 -19.17 7.16
N PRO A 221 -1.26 -20.30 7.58
CA PRO A 221 -0.55 -21.56 7.78
C PRO A 221 -0.55 -22.60 6.64
N GLY A 222 -1.20 -22.30 5.51
CA GLY A 222 -1.29 -23.24 4.38
C GLY A 222 -1.37 -22.54 3.04
N TYR A 223 -0.83 -23.20 2.00
CA TYR A 223 -0.55 -22.60 0.71
C TYR A 223 -0.64 -23.68 -0.36
N HIS A 224 -1.26 -23.39 -1.50
CA HIS A 224 -1.33 -24.34 -2.58
C HIS A 224 -0.63 -23.79 -3.83
N ILE A 225 0.18 -24.65 -4.45
CA ILE A 225 0.97 -24.35 -5.63
C ILE A 225 0.62 -25.33 -6.73
N GLU A 226 0.31 -24.82 -7.93
CA GLU A 226 -0.11 -25.65 -9.08
C GLU A 226 1.02 -25.74 -10.11
N ASP A 227 0.91 -26.73 -11.00
CA ASP A 227 1.95 -27.09 -11.96
C ASP A 227 1.65 -26.49 -13.34
N GLN A 228 1.06 -25.29 -13.37
CA GLN A 228 0.88 -24.55 -14.61
C GLN A 228 2.11 -23.66 -14.85
N ARG A 229 2.29 -23.27 -16.12
CA ARG A 229 3.28 -22.27 -16.54
C ARG A 229 2.75 -20.90 -16.12
N PRO A 230 3.55 -20.06 -15.42
CA PRO A 230 3.05 -18.81 -14.84
C PRO A 230 2.40 -17.85 -15.84
N GLY A 231 3.03 -17.72 -17.01
CA GLY A 231 2.64 -16.73 -18.01
C GLY A 231 1.30 -17.03 -18.67
N THR A 232 0.87 -18.30 -18.62
CA THR A 232 -0.32 -18.78 -19.33
C THR A 232 -1.40 -19.25 -18.36
N LYS A 233 -1.19 -19.08 -17.03
CA LYS A 233 -2.09 -19.59 -15.98
C LYS A 233 -3.55 -19.23 -16.28
N LYS A 234 -4.45 -20.19 -16.04
CA LYS A 234 -5.87 -20.08 -16.42
C LYS A 234 -6.75 -20.89 -15.47
N CYS A 235 -8.06 -20.69 -15.60
CA CYS A 235 -9.11 -21.47 -14.94
C CYS A 235 -10.10 -22.09 -15.96
N GLY A 236 -9.97 -21.71 -17.25
CA GLY A 236 -10.86 -22.18 -18.32
C GLY A 236 -10.69 -23.67 -18.60
N GLY A 240 -6.99 -24.34 -22.92
CA GLY A 240 -5.58 -24.45 -23.29
C GLY A 240 -4.66 -24.16 -22.10
N LYS A 241 -4.65 -25.08 -21.13
CA LYS A 241 -3.74 -25.03 -19.99
C LYS A 241 -2.38 -25.60 -20.42
N VAL A 242 -1.29 -24.96 -19.95
CA VAL A 242 0.07 -25.41 -20.21
C VAL A 242 0.69 -25.80 -18.87
N LEU A 243 1.19 -27.05 -18.79
CA LEU A 243 1.88 -27.56 -17.61
C LEU A 243 3.36 -27.24 -17.70
N VAL A 244 4.05 -27.40 -16.58
CA VAL A 244 5.50 -27.36 -16.51
C VAL A 244 5.99 -28.78 -16.23
N PRO A 245 7.28 -29.09 -16.48
CA PRO A 245 7.85 -30.37 -16.09
C PRO A 245 7.72 -30.58 -14.57
N SER A 246 7.79 -31.83 -14.13
CA SER A 246 7.61 -32.18 -12.74
C SER A 246 8.77 -31.64 -11.89
N ASP A 247 9.97 -31.57 -12.47
CA ASP A 247 11.14 -31.10 -11.72
C ASP A 247 10.94 -29.63 -11.33
N GLU A 248 10.30 -28.84 -12.21
CA GLU A 248 9.99 -27.44 -11.92
C GLU A 248 9.00 -27.35 -10.75
N GLN A 249 7.92 -28.15 -10.81
CA GLN A 249 6.90 -28.16 -9.77
C GLN A 249 7.54 -28.56 -8.44
N ILE A 250 8.35 -29.62 -8.43
CA ILE A 250 8.96 -30.12 -7.22
C ILE A 250 9.85 -29.02 -6.59
N LYS A 251 10.59 -28.31 -7.45
CA LYS A 251 11.46 -27.23 -6.99
C LYS A 251 10.64 -26.11 -6.32
N ARG A 252 9.44 -25.82 -6.86
CA ARG A 252 8.55 -24.84 -6.26
C ARG A 252 8.17 -25.28 -4.83
N LEU A 253 7.82 -26.57 -4.69
CA LEU A 253 7.37 -27.13 -3.41
C LEU A 253 8.54 -27.15 -2.42
N ASN A 254 9.73 -27.53 -2.91
CA ASN A 254 10.94 -27.58 -2.09
C ASN A 254 11.31 -26.16 -1.63
N ALA A 255 11.23 -25.19 -2.55
CA ALA A 255 11.52 -23.77 -2.25
C ALA A 255 10.61 -23.28 -1.12
N ALA A 256 9.32 -23.63 -1.22
CA ALA A 256 8.32 -23.26 -0.23
C ALA A 256 8.68 -23.83 1.14
N ARG A 257 9.02 -25.12 1.17
CA ARG A 257 9.40 -25.82 2.40
C ARG A 257 10.63 -25.13 3.02
N PHE A 258 11.61 -24.78 2.18
CA PHE A 258 12.83 -24.11 2.62
C PHE A 258 12.47 -22.81 3.35
N GLN A 259 11.59 -22.01 2.75
CA GLN A 259 11.21 -20.72 3.32
C GLN A 259 10.47 -20.94 4.64
N LEU A 260 9.58 -21.94 4.66
CA LEU A 260 8.82 -22.26 5.86
C LEU A 260 9.76 -22.72 6.99
N ASP A 261 10.78 -23.50 6.63
CA ASP A 261 11.75 -24.01 7.61
C ASP A 261 12.56 -22.85 8.20
N ILE A 262 13.01 -21.92 7.36
CA ILE A 262 13.75 -20.74 7.81
C ILE A 262 12.93 -19.99 8.85
N MET A 263 11.62 -19.89 8.62
CA MET A 263 10.70 -19.07 9.43
C MET A 263 10.14 -19.87 10.62
N ARG A 264 10.55 -21.15 10.74
CA ARG A 264 10.18 -22.05 11.86
C ARG A 264 8.65 -22.24 11.89
N VAL A 265 8.03 -22.34 10.71
CA VAL A 265 6.60 -22.52 10.58
C VAL A 265 6.35 -23.82 9.84
N PRO A 266 5.70 -24.83 10.47
CA PRO A 266 5.41 -26.10 9.81
C PRO A 266 4.19 -25.97 8.88
N GLY A 267 4.31 -25.07 7.90
CA GLY A 267 3.23 -24.74 7.00
C GLY A 267 2.81 -25.95 6.18
N ILE A 268 1.52 -25.96 5.82
CA ILE A 268 0.91 -27.03 5.06
C ILE A 268 1.02 -26.70 3.58
N ILE A 269 1.77 -27.52 2.85
CA ILE A 269 2.00 -27.34 1.42
C ILE A 269 1.06 -28.26 0.67
N VAL A 270 0.20 -27.66 -0.17
CA VAL A 270 -0.73 -28.37 -1.02
C VAL A 270 -0.20 -28.31 -2.46
N ALA A 271 0.06 -29.49 -3.05
CA ALA A 271 0.48 -29.60 -4.44
C ALA A 271 -0.75 -29.90 -5.29
N ARG A 272 -1.05 -28.95 -6.18
CA ARG A 272 -2.15 -29.07 -7.11
C ARG A 272 -1.58 -29.47 -8.47
N THR A 273 -2.29 -30.37 -9.17
CA THR A 273 -1.99 -30.67 -10.57
C THR A 273 -3.19 -30.30 -11.44
N ASP A 274 -2.91 -29.72 -12.60
CA ASP A 274 -3.91 -29.35 -13.57
C ASP A 274 -3.86 -30.30 -14.78
N ALA A 275 -3.21 -31.45 -14.61
CA ALA A 275 -2.91 -32.38 -15.71
C ALA A 275 -4.17 -33.09 -16.21
N GLU A 276 -5.24 -33.09 -15.43
CA GLU A 276 -6.50 -33.75 -15.78
C GLU A 276 -7.09 -33.11 -17.05
N ALA A 277 -7.01 -31.78 -17.16
CA ALA A 277 -7.64 -31.05 -18.27
C ALA A 277 -6.60 -30.45 -19.24
N ALA A 278 -5.33 -30.46 -18.87
CA ALA A 278 -4.26 -29.81 -19.66
C ALA A 278 -3.98 -30.62 -20.93
N ASN A 279 -3.62 -29.92 -22.01
CA ASN A 279 -3.29 -30.58 -23.29
C ASN A 279 -1.86 -30.23 -23.74
N LEU A 280 -1.17 -29.34 -23.01
CA LEU A 280 0.12 -28.80 -23.43
C LEU A 280 1.10 -28.83 -22.25
N ILE A 281 2.40 -28.90 -22.58
CA ILE A 281 3.49 -28.77 -21.62
C ILE A 281 4.61 -27.97 -22.29
N ASP A 282 5.33 -27.16 -21.51
CA ASP A 282 6.27 -26.18 -22.07
C ASP A 282 7.68 -26.77 -22.20
N SER A 283 7.83 -28.07 -21.93
CA SER A 283 9.10 -28.76 -22.05
C SER A 283 8.87 -30.28 -22.08
N ARG A 284 9.82 -31.00 -22.69
CA ARG A 284 9.74 -32.46 -22.79
C ARG A 284 10.97 -33.09 -22.14
N ALA A 285 11.62 -32.33 -21.25
CA ALA A 285 12.91 -32.69 -20.67
C ALA A 285 12.76 -33.68 -19.52
N ASP A 286 11.59 -33.72 -18.87
CA ASP A 286 11.40 -34.58 -17.69
C ASP A 286 10.87 -35.95 -18.15
N GLU A 287 11.56 -37.00 -17.69
CA GLU A 287 11.28 -38.39 -18.06
C GLU A 287 9.85 -38.79 -17.64
N ARG A 288 9.36 -38.21 -16.54
CA ARG A 288 8.03 -38.54 -15.98
C ARG A 288 6.91 -38.05 -16.90
N ASP A 289 7.18 -37.00 -17.71
CA ASP A 289 6.18 -36.41 -18.60
C ASP A 289 6.21 -37.07 -19.99
N GLN A 290 7.36 -37.65 -20.35
CA GLN A 290 7.64 -38.13 -21.71
C GLN A 290 6.66 -39.21 -22.15
N PRO A 291 6.24 -40.17 -21.28
CA PRO A 291 5.23 -41.17 -21.65
C PRO A 291 3.90 -40.60 -22.17
N PHE A 292 3.60 -39.34 -21.86
CA PHE A 292 2.32 -38.74 -22.16
C PHE A 292 2.41 -37.81 -23.39
N LEU A 293 3.62 -37.61 -23.92
CA LEU A 293 3.83 -36.79 -25.12
C LEU A 293 3.05 -37.37 -26.31
N LEU A 294 2.41 -36.48 -27.08
CA LEU A 294 1.77 -36.81 -28.33
C LEU A 294 2.73 -36.46 -29.49
N GLY A 295 2.76 -37.36 -30.48
CA GLY A 295 3.56 -37.18 -31.69
C GLY A 295 2.79 -37.60 -32.93
N ALA A 296 3.30 -37.15 -34.08
CA ALA A 296 2.80 -37.54 -35.38
C ALA A 296 3.40 -38.89 -35.78
N THR A 297 2.59 -39.74 -36.41
CA THR A 297 3.00 -41.06 -36.89
C THR A 297 3.19 -41.03 -38.41
N LYS A 298 2.43 -40.17 -39.09
CA LYS A 298 2.58 -39.92 -40.53
C LYS A 298 3.56 -38.76 -40.73
N LEU A 299 4.85 -39.08 -40.91
CA LEU A 299 5.94 -38.08 -40.85
C LEU A 299 6.16 -37.37 -42.18
N ASP A 300 5.30 -37.61 -43.19
CA ASP A 300 5.36 -36.86 -44.45
C ASP A 300 4.53 -35.56 -44.32
N VAL A 301 3.85 -35.38 -43.18
CA VAL A 301 3.10 -34.17 -42.89
C VAL A 301 4.08 -33.10 -42.41
N PRO A 302 3.92 -31.83 -42.84
CA PRO A 302 4.74 -30.74 -42.31
C PRO A 302 4.23 -30.28 -40.93
N SER A 303 5.10 -29.60 -40.18
CA SER A 303 4.84 -29.21 -38.79
C SER A 303 3.55 -28.40 -38.67
N TYR A 304 2.84 -28.59 -37.56
CA TYR A 304 1.60 -27.89 -37.26
C TYR A 304 1.83 -26.37 -37.27
N LYS A 305 3.00 -25.96 -36.76
CA LYS A 305 3.39 -24.55 -36.72
C LYS A 305 3.46 -24.00 -38.16
N SER A 306 4.22 -24.69 -39.02
CA SER A 306 4.40 -24.29 -40.43
C SER A 306 3.05 -24.08 -41.10
N CYS A 307 2.14 -25.06 -40.93
CA CYS A 307 0.84 -25.06 -41.60
C CYS A 307 -0.03 -23.92 -41.08
N PHE A 308 0.00 -23.69 -39.76
CA PHE A 308 -0.80 -22.63 -39.15
C PHE A 308 -0.35 -21.26 -39.69
N LEU A 309 0.96 -21.03 -39.70
CA LEU A 309 1.52 -19.75 -40.13
C LEU A 309 1.27 -19.53 -41.64
N ALA A 310 1.44 -20.58 -42.45
CA ALA A 310 1.21 -20.53 -43.90
C ALA A 310 -0.25 -20.17 -44.21
N MET A 311 -1.17 -20.76 -43.45
CA MET A 311 -2.61 -20.49 -43.59
C MET A 311 -2.87 -19.00 -43.31
N VAL A 312 -2.28 -18.49 -42.23
CA VAL A 312 -2.44 -17.10 -41.80
C VAL A 312 -1.85 -16.17 -42.88
N ARG A 313 -0.66 -16.53 -43.39
CA ARG A 313 0.00 -15.73 -44.42
C ARG A 313 -0.87 -15.64 -45.67
N ARG A 314 -1.58 -16.73 -46.01
CA ARG A 314 -2.46 -16.72 -47.18
C ARG A 314 -3.55 -15.66 -46.99
N PHE A 315 -4.22 -15.66 -45.84
CA PHE A 315 -5.23 -14.64 -45.49
C PHE A 315 -4.68 -13.23 -45.72
N TYR A 316 -3.45 -13.01 -45.23
CA TYR A 316 -2.76 -11.73 -45.30
C TYR A 316 -2.53 -11.35 -46.77
N GLU A 317 -1.96 -12.28 -47.53
CA GLU A 317 -1.61 -12.09 -48.94
C GLU A 317 -2.87 -11.88 -49.80
N LEU A 318 -4.01 -12.45 -49.39
CA LEU A 318 -5.29 -12.26 -50.10
C LEU A 318 -5.98 -10.95 -49.69
N GLY A 319 -5.34 -10.17 -48.80
CA GLY A 319 -5.72 -8.78 -48.54
C GLY A 319 -6.31 -8.53 -47.16
N VAL A 320 -6.36 -9.55 -46.30
CA VAL A 320 -6.78 -9.38 -44.91
C VAL A 320 -5.55 -8.94 -44.10
N LYS A 321 -5.33 -7.62 -44.04
CA LYS A 321 -4.16 -7.00 -43.37
C LYS A 321 -4.23 -7.25 -41.85
N GLU A 322 -5.45 -7.42 -41.32
CA GLU A 322 -5.74 -7.64 -39.92
C GLU A 322 -4.95 -8.84 -39.38
N LEU A 323 -4.86 -9.91 -40.18
CA LEU A 323 -4.24 -11.17 -39.79
C LEU A 323 -2.76 -11.18 -40.19
N ASN A 324 -1.93 -10.50 -39.41
CA ASN A 324 -0.50 -10.36 -39.68
C ASN A 324 0.32 -11.15 -38.65
N GLY A 325 -0.28 -12.17 -38.04
CA GLY A 325 0.34 -12.95 -36.96
C GLY A 325 1.64 -13.64 -37.37
N HIS A 326 1.73 -14.00 -38.66
CA HIS A 326 2.91 -14.66 -39.22
C HIS A 326 4.16 -13.79 -39.11
N LEU A 327 3.99 -12.46 -38.99
CA LEU A 327 5.12 -11.52 -38.91
C LEU A 327 5.86 -11.67 -37.56
N LEU A 328 5.27 -12.39 -36.61
CA LEU A 328 5.89 -12.71 -35.33
C LEU A 328 7.07 -13.65 -35.52
N TYR A 329 7.03 -14.47 -36.58
CA TYR A 329 8.04 -15.51 -36.79
C TYR A 329 8.85 -15.23 -38.06
N ALA A 330 10.02 -15.86 -38.15
CA ALA A 330 10.91 -15.80 -39.29
C ALA A 330 11.08 -17.21 -39.87
N LEU A 331 9.98 -17.73 -40.42
CA LEU A 331 9.91 -19.06 -40.99
C LEU A 331 10.49 -19.04 -42.40
N GLY A 332 11.31 -20.03 -42.74
CA GLY A 332 12.00 -20.13 -44.04
C GLY A 332 11.05 -20.42 -45.19
N ASP A 333 11.52 -20.16 -46.42
CA ASP A 333 10.72 -20.32 -47.64
C ASP A 333 10.39 -21.80 -47.86
N SER A 334 11.38 -22.66 -47.64
CA SER A 334 11.22 -24.11 -47.81
C SER A 334 10.08 -24.63 -46.91
N GLU A 335 10.02 -24.10 -45.68
CA GLU A 335 9.00 -24.50 -44.70
C GLU A 335 7.61 -23.99 -45.13
N TYR A 336 7.55 -22.74 -45.62
CA TYR A 336 6.31 -22.14 -46.12
C TYR A 336 5.81 -22.91 -47.34
N ALA A 337 6.74 -23.36 -48.19
CA ALA A 337 6.44 -24.10 -49.41
C ALA A 337 5.81 -25.45 -49.06
N ALA A 338 6.53 -26.25 -48.25
CA ALA A 338 6.09 -27.58 -47.83
C ALA A 338 4.69 -27.52 -47.21
N ALA A 339 4.51 -26.56 -46.28
CA ALA A 339 3.25 -26.35 -45.58
C ALA A 339 2.16 -25.94 -46.58
N GLY A 340 2.51 -25.03 -47.50
CA GLY A 340 1.62 -24.60 -48.58
C GLY A 340 1.11 -25.77 -49.40
N GLY A 341 2.03 -26.66 -49.78
CA GLY A 341 1.70 -27.89 -50.49
C GLY A 341 0.61 -28.68 -49.79
N TRP A 342 0.83 -28.92 -48.48
CA TRP A 342 -0.10 -29.70 -47.65
C TRP A 342 -1.45 -28.98 -47.55
N LEU A 343 -1.41 -27.65 -47.41
CA LEU A 343 -2.62 -26.84 -47.20
C LEU A 343 -3.52 -26.88 -48.45
N GLU A 344 -2.89 -26.91 -49.64
CA GLU A 344 -3.62 -26.96 -50.93
C GLU A 344 -4.24 -28.36 -51.10
N ARG A 345 -3.42 -29.41 -50.94
CA ARG A 345 -3.87 -30.81 -51.09
C ARG A 345 -5.10 -31.08 -50.22
N GLN A 346 -5.10 -30.57 -48.99
CA GLN A 346 -6.14 -30.85 -47.99
C GLN A 346 -7.36 -29.92 -48.17
N GLY A 347 -7.25 -28.94 -49.08
CA GLY A 347 -8.36 -28.07 -49.44
C GLY A 347 -8.54 -26.90 -48.48
N ILE A 348 -7.51 -26.61 -47.68
CA ILE A 348 -7.57 -25.56 -46.66
C ILE A 348 -7.44 -24.20 -47.32
N PHE A 349 -6.49 -24.07 -48.26
CA PHE A 349 -6.35 -22.85 -49.06
C PHE A 349 -7.67 -22.53 -49.79
N GLY A 350 -8.40 -23.60 -50.16
CA GLY A 350 -9.76 -23.49 -50.69
C GLY A 350 -10.68 -22.74 -49.73
N LEU A 351 -10.70 -23.20 -48.47
CA LEU A 351 -11.52 -22.63 -47.40
C LEU A 351 -11.15 -21.16 -47.15
N VAL A 352 -9.85 -20.85 -47.28
CA VAL A 352 -9.33 -19.50 -47.07
C VAL A 352 -9.87 -18.57 -48.17
N SER A 353 -9.75 -19.00 -49.43
CA SER A 353 -10.25 -18.23 -50.58
C SER A 353 -11.74 -17.93 -50.42
N ASP A 354 -12.53 -18.95 -50.05
CA ASP A 354 -13.97 -18.82 -49.83
C ASP A 354 -14.24 -17.82 -48.70
N ALA A 355 -13.50 -17.97 -47.60
CA ALA A 355 -13.64 -17.15 -46.40
C ALA A 355 -13.38 -15.67 -46.72
N VAL A 356 -12.30 -15.41 -47.48
CA VAL A 356 -11.89 -14.04 -47.82
C VAL A 356 -12.93 -13.39 -48.73
N ASN A 357 -13.57 -14.20 -49.59
CA ASN A 357 -14.63 -13.73 -50.49
C ASN A 357 -15.89 -13.38 -49.69
N ALA A 358 -16.24 -14.25 -48.73
CA ALA A 358 -17.34 -14.01 -47.79
C ALA A 358 -17.11 -12.71 -47.02
N TRP A 359 -15.84 -12.49 -46.62
CA TRP A 359 -15.42 -11.29 -45.88
C TRP A 359 -15.63 -10.02 -46.72
N ARG A 360 -15.16 -10.05 -47.97
CA ARG A 360 -15.21 -8.88 -48.88
C ARG A 360 -16.67 -8.48 -49.16
N GLU A 361 -17.50 -9.49 -49.48
CA GLU A 361 -18.90 -9.28 -49.83
C GLU A 361 -19.64 -8.61 -48.67
N ASP A 362 -19.28 -8.96 -47.42
CA ASP A 362 -19.90 -8.39 -46.23
C ASP A 362 -19.25 -7.03 -45.92
N GLY A 363 -17.96 -6.86 -46.21
CA GLY A 363 -17.28 -5.55 -46.08
C GLY A 363 -16.24 -5.57 -44.97
N SER A 366 -15.01 -7.02 -39.32
CA SER A 366 -14.25 -7.90 -38.43
C SER A 366 -14.37 -9.36 -38.91
N ILE A 367 -13.23 -10.05 -38.98
CA ILE A 367 -13.12 -11.39 -39.57
C ILE A 367 -12.99 -12.44 -38.45
N ASP A 368 -13.35 -12.07 -37.22
CA ASP A 368 -13.17 -12.91 -36.03
C ASP A 368 -13.85 -14.27 -36.24
N GLY A 369 -15.15 -14.25 -36.55
CA GLY A 369 -15.97 -15.46 -36.70
C GLY A 369 -15.52 -16.32 -37.86
N ILE A 370 -15.21 -15.68 -38.99
CA ILE A 370 -14.91 -16.36 -40.25
C ILE A 370 -13.60 -17.15 -40.08
N PHE A 371 -12.57 -16.49 -39.56
CA PHE A 371 -11.24 -17.08 -39.36
C PHE A 371 -11.33 -18.28 -38.41
N ASP A 372 -12.17 -18.18 -37.38
CA ASP A 372 -12.34 -19.21 -36.36
C ASP A 372 -12.79 -20.52 -37.03
N GLN A 373 -13.79 -20.43 -37.91
CA GLN A 373 -14.36 -21.57 -38.61
C GLN A 373 -13.26 -22.31 -39.39
N VAL A 374 -12.43 -21.53 -40.11
CA VAL A 374 -11.38 -22.06 -40.98
C VAL A 374 -10.33 -22.76 -40.11
N GLU A 375 -9.93 -22.11 -39.01
CA GLU A 375 -8.89 -22.61 -38.12
C GLU A 375 -9.30 -23.98 -37.55
N SER A 376 -10.52 -24.08 -37.01
CA SER A 376 -11.02 -25.31 -36.40
C SER A 376 -10.98 -26.45 -37.42
N ARG A 377 -11.43 -26.16 -38.64
CA ARG A 377 -11.43 -27.12 -39.75
C ARG A 377 -9.99 -27.50 -40.11
N PHE A 378 -9.08 -26.50 -40.10
CA PHE A 378 -7.65 -26.74 -40.34
C PHE A 378 -7.07 -27.68 -39.27
N VAL A 379 -7.39 -27.39 -37.99
CA VAL A 379 -6.85 -28.16 -36.87
C VAL A 379 -7.33 -29.61 -36.99
N ALA A 380 -8.63 -29.78 -37.22
CA ALA A 380 -9.25 -31.10 -37.41
C ALA A 380 -8.49 -31.88 -38.49
N ALA A 381 -8.26 -31.22 -39.63
CA ALA A 381 -7.59 -31.80 -40.79
C ALA A 381 -6.17 -32.23 -40.43
N TRP A 382 -5.45 -31.37 -39.70
CA TRP A 382 -4.04 -31.61 -39.38
C TRP A 382 -3.92 -32.77 -38.39
N GLU A 383 -4.74 -32.75 -37.34
CA GLU A 383 -4.75 -33.80 -36.32
C GLU A 383 -5.04 -35.15 -36.98
N ASP A 384 -6.07 -35.16 -37.84
CA ASP A 384 -6.54 -36.35 -38.54
C ASP A 384 -5.39 -36.96 -39.36
N ASP A 385 -4.75 -36.14 -40.19
CA ASP A 385 -3.75 -36.60 -41.15
C ASP A 385 -2.45 -36.98 -40.44
N ALA A 386 -2.13 -36.28 -39.34
CA ALA A 386 -0.86 -36.44 -38.63
C ALA A 386 -0.83 -37.77 -37.87
N GLY A 387 -2.00 -38.25 -37.44
CA GLY A 387 -2.10 -39.45 -36.63
C GLY A 387 -1.45 -39.27 -35.26
N LEU A 388 -2.10 -38.43 -34.45
CA LEU A 388 -1.57 -37.97 -33.17
C LEU A 388 -1.80 -39.05 -32.10
N MET A 389 -0.70 -39.60 -31.56
CA MET A 389 -0.77 -40.56 -30.46
C MET A 389 0.55 -40.55 -29.68
N THR A 390 0.59 -41.27 -28.55
CA THR A 390 1.79 -41.40 -27.73
C THR A 390 2.72 -42.41 -28.39
N TYR A 391 4.00 -42.38 -28.01
CA TYR A 391 4.98 -43.34 -28.52
C TYR A 391 4.61 -44.76 -28.04
N GLY A 392 3.91 -44.85 -26.91
CA GLY A 392 3.33 -46.09 -26.44
C GLY A 392 2.31 -46.65 -27.41
N GLU A 393 1.27 -45.86 -27.69
CA GLU A 393 0.18 -46.24 -28.60
C GLU A 393 0.74 -46.60 -29.98
N ALA A 394 1.85 -45.96 -30.37
CA ALA A 394 2.47 -46.11 -31.69
C ALA A 394 3.12 -47.49 -31.85
N VAL A 395 3.91 -47.90 -30.84
CA VAL A 395 4.63 -49.18 -30.86
C VAL A 395 3.63 -50.33 -30.58
N ALA A 396 2.54 -50.01 -29.87
CA ALA A 396 1.45 -50.96 -29.60
C ALA A 396 0.74 -51.35 -30.91
N ASP A 397 0.61 -50.40 -31.84
CA ASP A 397 -0.03 -50.62 -33.14
C ASP A 397 0.81 -51.57 -34.01
N VAL A 398 2.14 -51.41 -33.94
CA VAL A 398 3.10 -52.23 -34.72
C VAL A 398 2.96 -53.70 -34.32
N LEU A 399 2.84 -53.96 -33.01
CA LEU A 399 2.72 -55.32 -32.47
C LEU A 399 1.31 -55.85 -32.77
N GLU A 400 1.12 -56.42 -33.97
CA GLU A 400 -0.15 -57.00 -34.41
C GLU A 400 0.06 -57.65 -35.79
N ALA A 412 4.75 -58.80 -26.02
CA ALA A 412 3.31 -58.98 -25.80
C ALA A 412 2.64 -57.62 -25.64
N PRO A 413 1.36 -57.47 -26.07
CA PRO A 413 0.71 -56.15 -26.14
C PRO A 413 0.56 -55.46 -24.78
N GLU A 414 -0.04 -56.14 -23.80
CA GLU A 414 -0.37 -55.54 -22.49
C GLU A 414 0.92 -55.37 -21.65
N GLU A 415 1.90 -56.23 -21.91
CA GLU A 415 3.21 -56.18 -21.24
C GLU A 415 3.93 -54.88 -21.64
N TRP A 416 3.80 -54.50 -22.91
CA TRP A 416 4.48 -53.34 -23.48
C TRP A 416 3.95 -52.04 -22.87
N ARG A 417 2.62 -51.91 -22.80
CA ARG A 417 1.92 -50.75 -22.22
C ARG A 417 2.53 -50.39 -20.86
N ALA A 418 2.70 -51.42 -20.00
CA ALA A 418 3.23 -51.27 -18.65
C ALA A 418 4.65 -50.70 -18.69
N PHE A 419 5.46 -51.13 -19.66
CA PHE A 419 6.84 -50.67 -19.82
C PHE A 419 6.86 -49.23 -20.34
N ALA A 420 6.01 -48.94 -21.34
CA ALA A 420 5.96 -47.63 -22.00
C ALA A 420 5.50 -46.52 -21.04
N ALA A 421 4.59 -46.88 -20.11
CA ALA A 421 3.96 -45.94 -19.19
C ALA A 421 4.95 -45.45 -18.11
N ARG A 422 6.06 -46.18 -17.90
CA ARG A 422 7.05 -45.85 -16.89
C ARG A 422 8.42 -45.57 -17.54
N ALA A 423 8.45 -45.47 -18.87
CA ALA A 423 9.71 -45.42 -19.61
C ALA A 423 9.96 -44.01 -20.14
N SER A 424 11.23 -43.57 -20.03
CA SER A 424 11.71 -42.41 -20.74
C SER A 424 11.47 -42.64 -22.24
N LEU A 425 11.66 -41.58 -23.04
CA LEU A 425 11.49 -41.66 -24.47
C LEU A 425 12.66 -42.45 -25.08
N HIS A 426 13.86 -42.17 -24.59
CA HIS A 426 15.10 -42.81 -25.04
C HIS A 426 15.10 -44.30 -24.65
N ALA A 427 14.57 -44.60 -23.46
CA ALA A 427 14.51 -45.97 -22.94
C ALA A 427 13.45 -46.78 -23.70
N ALA A 428 12.36 -46.14 -24.11
CA ALA A 428 11.26 -46.80 -24.81
C ALA A 428 11.66 -47.10 -26.26
N ARG A 429 12.42 -46.19 -26.88
CA ARG A 429 12.93 -46.36 -28.24
C ARG A 429 13.94 -47.52 -28.29
N ALA A 430 14.82 -47.57 -27.28
CA ALA A 430 15.87 -48.60 -27.17
C ALA A 430 15.23 -49.99 -27.04
N LYS A 431 14.11 -50.07 -26.31
CA LYS A 431 13.42 -51.33 -26.07
C LYS A 431 12.60 -51.74 -27.29
N ALA A 432 12.12 -50.74 -28.05
CA ALA A 432 11.27 -50.99 -29.23
C ALA A 432 12.12 -51.47 -30.42
N LYS A 433 13.27 -50.81 -30.64
CA LYS A 433 14.19 -51.18 -31.72
C LYS A 433 14.69 -52.61 -31.47
N GLU A 434 15.10 -52.90 -30.23
CA GLU A 434 15.52 -54.23 -29.79
C GLU A 434 14.46 -55.29 -30.16
N LEU A 435 13.19 -54.93 -30.05
CA LEU A 435 12.05 -55.78 -30.40
C LEU A 435 11.64 -55.56 -31.87
N GLY A 436 12.51 -54.93 -32.67
CA GLY A 436 12.24 -54.61 -34.08
C GLY A 436 10.92 -53.89 -34.27
N ASP A 438 10.18 -50.29 -34.25
CA ASP A 438 10.59 -48.89 -34.15
C ASP A 438 9.79 -48.06 -35.16
N PRO A 439 8.52 -47.70 -34.86
CA PRO A 439 7.67 -47.00 -35.82
C PRO A 439 8.06 -45.54 -36.01
N PRO A 440 7.52 -44.85 -37.04
CA PRO A 440 7.74 -43.42 -37.22
C PRO A 440 6.93 -42.61 -36.20
N TRP A 441 7.62 -41.74 -35.44
CA TRP A 441 7.01 -40.94 -34.39
C TRP A 441 7.84 -39.67 -34.14
N ASP A 442 7.18 -38.50 -34.24
CA ASP A 442 7.82 -37.20 -33.97
C ASP A 442 6.85 -36.31 -33.16
N CYS A 443 7.28 -35.89 -31.97
CA CYS A 443 6.52 -34.97 -31.12
C CYS A 443 6.78 -33.52 -31.54
N GLU A 444 7.93 -33.27 -32.18
CA GLU A 444 8.34 -31.93 -32.62
C GLU A 444 7.34 -31.41 -33.67
N LEU A 445 6.87 -32.30 -34.54
CA LEU A 445 5.90 -31.98 -35.60
C LEU A 445 4.63 -31.35 -35.00
N ALA A 446 4.26 -31.78 -33.78
CA ALA A 446 2.96 -31.48 -33.16
C ALA A 446 3.03 -30.23 -32.25
N LYS A 447 4.20 -29.60 -32.15
CA LYS A 447 4.38 -28.43 -31.29
C LYS A 447 3.48 -27.28 -31.77
N THR A 448 3.03 -26.47 -30.81
CA THR A 448 2.28 -25.25 -31.10
C THR A 448 3.24 -24.18 -31.61
N PRO A 449 2.74 -23.03 -32.12
CA PRO A 449 3.61 -21.94 -32.55
C PRO A 449 4.53 -21.38 -31.46
N GLU A 450 4.05 -21.39 -30.20
CA GLU A 450 4.81 -20.92 -29.03
C GLU A 450 5.98 -21.87 -28.76
N GLY A 451 5.78 -23.16 -29.11
CA GLY A 451 6.78 -24.21 -28.91
C GLY A 451 6.40 -25.17 -27.79
N TYR A 452 5.11 -25.20 -27.42
CA TYR A 452 4.62 -26.11 -26.41
C TYR A 452 4.34 -27.48 -27.05
N TYR A 453 4.72 -28.55 -26.34
CA TYR A 453 4.46 -29.92 -26.74
C TYR A 453 3.05 -30.32 -26.31
N GLN A 454 2.42 -31.18 -27.11
CA GLN A 454 1.11 -31.74 -26.78
C GLN A 454 1.31 -32.98 -25.90
N ILE A 455 0.39 -33.18 -24.95
CA ILE A 455 0.44 -34.30 -24.00
C ILE A 455 -0.98 -34.87 -23.84
N ARG A 456 -1.07 -36.13 -23.39
CA ARG A 456 -2.33 -36.80 -23.12
C ARG A 456 -2.77 -36.46 -21.69
N GLY A 457 -3.53 -35.37 -21.56
CA GLY A 457 -4.16 -35.01 -20.30
C GLY A 457 -5.20 -36.02 -19.90
N GLY A 458 -5.47 -36.10 -18.59
CA GLY A 458 -6.41 -37.04 -18.01
C GLY A 458 -5.98 -37.46 -16.62
N ILE A 459 -6.79 -38.31 -15.98
CA ILE A 459 -6.56 -38.70 -14.60
C ILE A 459 -5.25 -39.47 -14.47
N PRO A 460 -4.88 -40.38 -15.41
CA PRO A 460 -3.59 -41.05 -15.34
C PRO A 460 -2.39 -40.09 -15.28
N TYR A 461 -2.45 -39.00 -16.03
CA TYR A 461 -1.37 -38.01 -16.04
C TYR A 461 -1.38 -37.23 -14.72
N ALA A 462 -2.57 -36.89 -14.24
CA ALA A 462 -2.74 -36.25 -12.92
C ALA A 462 -2.11 -37.12 -11.83
N ILE A 463 -2.34 -38.44 -11.91
CA ILE A 463 -1.80 -39.41 -10.95
C ILE A 463 -0.27 -39.39 -11.00
N ALA A 464 0.28 -39.44 -12.21
CA ALA A 464 1.73 -39.46 -12.42
C ALA A 464 2.39 -38.23 -11.77
N LYS A 465 1.83 -37.05 -12.03
CA LYS A 465 2.35 -35.77 -11.50
C LYS A 465 2.24 -35.76 -9.97
N SER A 466 1.07 -36.14 -9.46
CA SER A 466 0.79 -36.11 -8.03
C SER A 466 1.70 -37.08 -7.26
N LEU A 467 1.99 -38.25 -7.86
CA LEU A 467 2.87 -39.25 -7.23
C LEU A 467 4.30 -38.71 -7.16
N ALA A 468 4.75 -38.02 -8.22
CA ALA A 468 6.06 -37.38 -8.25
C ALA A 468 6.18 -36.29 -7.17
N ALA A 469 5.08 -35.59 -6.91
CA ALA A 469 5.04 -34.44 -5.99
C ALA A 469 4.84 -34.88 -4.53
N ALA A 470 4.32 -36.09 -4.32
CA ALA A 470 3.82 -36.57 -3.01
C ALA A 470 4.88 -36.44 -1.92
N PRO A 471 6.15 -36.83 -2.15
CA PRO A 471 7.18 -36.71 -1.12
C PRO A 471 7.59 -35.27 -0.75
N PHE A 472 7.02 -34.28 -1.43
CA PHE A 472 7.37 -32.88 -1.23
C PHE A 472 6.16 -32.04 -0.79
N ALA A 473 4.99 -32.67 -0.66
CA ALA A 473 3.74 -31.97 -0.32
C ALA A 473 2.99 -32.71 0.79
N ASP A 474 2.28 -31.94 1.61
CA ASP A 474 1.49 -32.44 2.72
C ASP A 474 0.08 -32.86 2.24
N ILE A 475 -0.42 -32.23 1.18
CA ILE A 475 -1.75 -32.52 0.63
C ILE A 475 -1.65 -32.48 -0.90
N LEU A 476 -2.34 -33.42 -1.57
CA LEU A 476 -2.38 -33.49 -3.02
C LEU A 476 -3.79 -33.16 -3.50
N TRP A 477 -3.87 -32.44 -4.61
CA TRP A 477 -5.13 -31.96 -5.15
C TRP A 477 -5.10 -32.09 -6.67
N MET A 478 -6.07 -32.83 -7.22
CA MET A 478 -6.30 -32.90 -8.65
C MET A 478 -7.44 -31.93 -9.01
N GLU A 479 -7.11 -30.86 -9.73
CA GLU A 479 -8.08 -29.92 -10.25
C GLU A 479 -9.10 -30.68 -11.09
N THR A 480 -10.38 -30.48 -10.76
CA THR A 480 -11.50 -31.07 -11.48
C THR A 480 -12.44 -29.94 -11.91
N LYS A 481 -13.10 -30.18 -13.06
CA LYS A 481 -14.17 -29.32 -13.56
C LYS A 481 -15.51 -29.91 -13.09
N THR A 482 -15.70 -31.22 -13.31
CA THR A 482 -16.93 -31.94 -12.97
C THR A 482 -16.78 -32.61 -11.60
N ALA A 483 -17.86 -32.59 -10.82
CA ALA A 483 -17.97 -33.30 -9.55
C ALA A 483 -18.43 -34.74 -9.83
N ASP A 484 -17.55 -35.71 -9.56
CA ASP A 484 -17.73 -37.12 -9.93
C ASP A 484 -16.93 -37.98 -8.95
N LEU A 485 -17.63 -38.80 -8.16
CA LEU A 485 -17.01 -39.63 -7.10
C LEU A 485 -16.08 -40.68 -7.71
N ALA A 486 -16.42 -41.17 -8.91
CA ALA A 486 -15.66 -42.23 -9.57
C ALA A 486 -14.27 -41.70 -10.00
N ASP A 487 -14.24 -40.50 -10.58
CA ASP A 487 -12.99 -39.83 -10.96
C ASP A 487 -12.12 -39.60 -9.71
N ALA A 488 -12.75 -39.11 -8.65
CA ALA A 488 -12.08 -38.86 -7.36
C ALA A 488 -11.51 -40.16 -6.79
N ARG A 489 -12.28 -41.26 -6.91
CA ARG A 489 -11.89 -42.57 -6.41
C ARG A 489 -10.67 -43.10 -7.19
N GLN A 490 -10.70 -42.97 -8.53
CA GLN A 490 -9.59 -43.38 -9.38
C GLN A 490 -8.30 -42.71 -8.91
N PHE A 491 -8.37 -41.40 -8.64
CA PHE A 491 -7.24 -40.61 -8.17
C PHE A 491 -6.80 -41.11 -6.80
N ALA A 492 -7.73 -41.15 -5.84
CA ALA A 492 -7.45 -41.41 -4.43
C ALA A 492 -6.82 -42.80 -4.24
N GLU A 493 -7.37 -43.80 -4.96
CA GLU A 493 -6.92 -45.18 -4.83
C GLU A 493 -5.50 -45.31 -5.39
N ALA A 494 -5.24 -44.69 -6.54
CA ALA A 494 -3.92 -44.70 -7.18
C ALA A 494 -2.86 -44.10 -6.24
N ILE A 495 -3.21 -42.97 -5.60
CA ILE A 495 -2.30 -42.28 -4.68
C ILE A 495 -2.06 -43.18 -3.45
N HIS A 496 -3.13 -43.71 -2.88
CA HIS A 496 -3.08 -44.43 -1.58
C HIS A 496 -2.40 -45.79 -1.71
N ALA A 497 -2.42 -46.37 -2.92
CA ALA A 497 -1.72 -47.60 -3.24
C ALA A 497 -0.24 -47.47 -2.89
N GLU A 498 0.34 -46.30 -3.15
CA GLU A 498 1.78 -46.04 -2.93
C GLU A 498 2.00 -45.21 -1.66
N PHE A 499 1.05 -44.35 -1.31
CA PHE A 499 1.14 -43.48 -0.13
C PHE A 499 -0.18 -43.57 0.65
N PRO A 500 -0.38 -44.62 1.48
CA PRO A 500 -1.62 -44.79 2.24
C PRO A 500 -1.97 -43.61 3.17
N ASP A 501 -0.96 -42.86 3.62
CA ASP A 501 -1.15 -41.78 4.59
C ASP A 501 -1.30 -40.40 3.93
N GLN A 502 -1.28 -40.33 2.59
CA GLN A 502 -1.30 -39.04 1.87
C GLN A 502 -2.70 -38.41 1.94
N MET A 503 -2.81 -37.28 2.64
CA MET A 503 -4.05 -36.51 2.70
C MET A 503 -4.30 -35.86 1.34
N LEU A 504 -5.57 -35.73 0.96
CA LEU A 504 -5.97 -35.16 -0.33
C LEU A 504 -6.93 -33.98 -0.11
N ALA A 505 -7.14 -33.19 -1.16
CA ALA A 505 -8.08 -32.07 -1.16
C ALA A 505 -8.86 -32.09 -2.47
N TYR A 506 -10.10 -31.60 -2.43
CA TYR A 506 -11.02 -31.66 -3.57
C TYR A 506 -11.71 -30.30 -3.75
N ASN A 507 -11.68 -29.79 -4.99
CA ASN A 507 -12.29 -28.51 -5.30
C ASN A 507 -13.68 -28.76 -5.90
N LEU A 508 -14.61 -27.88 -5.51
CA LEU A 508 -15.97 -27.89 -5.96
C LEU A 508 -16.23 -26.56 -6.68
N SER A 509 -16.15 -26.56 -8.01
CA SER A 509 -16.36 -25.36 -8.81
C SER A 509 -17.78 -24.83 -8.59
N PRO A 510 -17.95 -23.55 -8.21
CA PRO A 510 -19.28 -22.95 -8.12
C PRO A 510 -20.05 -22.89 -9.45
N SER A 511 -19.33 -22.97 -10.56
CA SER A 511 -19.91 -22.83 -11.90
C SER A 511 -20.37 -24.18 -12.44
N PHE A 512 -19.91 -25.28 -11.85
CA PHE A 512 -20.36 -26.61 -12.26
C PHE A 512 -21.86 -26.73 -11.94
N ASN A 513 -22.67 -26.98 -12.98
CA ASN A 513 -24.12 -27.10 -12.84
C ASN A 513 -24.45 -28.45 -12.20
N TRP A 514 -24.80 -28.42 -10.91
CA TRP A 514 -25.00 -29.63 -10.11
C TRP A 514 -26.26 -30.38 -10.54
N ASP A 515 -27.23 -29.66 -11.12
CA ASP A 515 -28.51 -30.25 -11.53
C ASP A 515 -28.39 -30.92 -12.91
N THR A 516 -27.21 -30.93 -13.52
CA THR A 516 -26.98 -31.66 -14.78
C THR A 516 -26.37 -33.04 -14.51
N THR A 517 -25.98 -33.33 -13.27
CA THR A 517 -25.27 -34.56 -12.93
C THR A 517 -26.22 -35.76 -12.94
N GLY A 518 -27.52 -35.51 -12.70
CA GLY A 518 -28.50 -36.56 -12.56
C GLY A 518 -28.55 -37.13 -11.15
N MET A 519 -27.73 -36.57 -10.25
CA MET A 519 -27.75 -36.92 -8.83
C MET A 519 -29.08 -36.48 -8.20
N THR A 520 -29.53 -37.25 -7.21
CA THR A 520 -30.65 -36.88 -6.36
C THR A 520 -30.18 -35.81 -5.37
N ASP A 521 -31.13 -35.10 -4.77
CA ASP A 521 -30.86 -34.10 -3.75
C ASP A 521 -30.11 -34.76 -2.58
N GLU A 522 -30.45 -36.02 -2.27
CA GLU A 522 -29.84 -36.74 -1.16
C GLU A 522 -28.39 -37.13 -1.49
N GLU A 523 -28.12 -37.43 -2.76
CA GLU A 523 -26.76 -37.74 -3.20
C GLU A 523 -25.88 -36.49 -3.09
N MET A 524 -26.47 -35.32 -3.38
CA MET A 524 -25.78 -34.03 -3.29
C MET A 524 -25.43 -33.73 -1.82
N ARG A 525 -26.35 -34.06 -0.92
CA ARG A 525 -26.15 -33.86 0.52
C ARG A 525 -24.98 -34.71 1.04
N ARG A 526 -24.78 -35.89 0.44
CA ARG A 526 -23.84 -36.89 0.95
C ARG A 526 -22.46 -36.78 0.28
N PHE A 527 -22.36 -36.00 -0.80
CA PHE A 527 -21.16 -35.93 -1.65
C PHE A 527 -19.93 -35.53 -0.83
N PRO A 528 -19.99 -34.49 0.04
CA PRO A 528 -18.86 -34.14 0.89
C PRO A 528 -18.35 -35.29 1.79
N GLU A 529 -19.29 -36.03 2.38
CA GLU A 529 -18.97 -37.14 3.29
C GLU A 529 -18.28 -38.27 2.51
N GLU A 530 -18.73 -38.50 1.27
CA GLU A 530 -18.18 -39.52 0.38
C GLU A 530 -16.72 -39.20 0.04
N LEU A 531 -16.42 -37.92 -0.20
CA LEU A 531 -15.05 -37.45 -0.44
C LEU A 531 -14.20 -37.76 0.80
N GLY A 532 -14.71 -37.41 1.98
CA GLY A 532 -14.03 -37.65 3.24
C GLY A 532 -13.60 -39.10 3.41
N LYS A 533 -14.46 -40.03 2.97
CA LYS A 533 -14.24 -41.46 3.12
C LYS A 533 -13.05 -41.93 2.28
N MET A 534 -12.81 -41.26 1.15
CA MET A 534 -11.70 -41.60 0.24
C MET A 534 -10.41 -40.86 0.63
N GLY A 535 -10.44 -40.05 1.69
CA GLY A 535 -9.24 -39.39 2.23
C GLY A 535 -9.05 -37.95 1.75
N PHE A 536 -10.07 -37.38 1.08
CA PHE A 536 -10.13 -35.95 0.79
C PHE A 536 -10.58 -35.21 2.05
N VAL A 537 -9.63 -34.65 2.79
CA VAL A 537 -9.84 -34.14 4.16
C VAL A 537 -10.28 -32.67 4.14
N PHE A 538 -10.05 -31.98 3.03
CA PHE A 538 -10.29 -30.54 2.91
C PHE A 538 -10.88 -30.24 1.53
N ASN A 539 -12.18 -29.92 1.52
CA ASN A 539 -12.96 -29.77 0.30
C ASN A 539 -13.61 -28.38 0.32
N PHE A 540 -13.59 -27.68 -0.82
CA PHE A 540 -13.86 -26.25 -0.80
C PHE A 540 -14.58 -25.80 -2.08
N ILE A 541 -15.61 -24.99 -1.88
CA ILE A 541 -16.27 -24.21 -2.95
C ILE A 541 -15.48 -22.92 -3.13
N THR A 542 -14.63 -22.90 -4.16
CA THR A 542 -13.51 -21.96 -4.30
C THR A 542 -13.95 -20.51 -4.07
N TYR A 543 -14.81 -19.98 -4.95
CA TYR A 543 -15.25 -18.58 -4.84
C TYR A 543 -16.74 -18.52 -4.47
N GLY A 544 -17.16 -19.38 -3.52
CA GLY A 544 -18.52 -19.37 -3.00
C GLY A 544 -18.93 -18.01 -2.46
N GLY A 545 -18.01 -17.36 -1.73
CA GLY A 545 -18.28 -16.09 -1.10
C GLY A 545 -18.64 -15.01 -2.11
N HIS A 546 -17.96 -15.04 -3.26
CA HIS A 546 -18.18 -14.10 -4.35
C HIS A 546 -19.61 -14.25 -4.90
N GLN A 547 -20.07 -15.50 -5.01
CA GLN A 547 -21.39 -15.82 -5.56
C GLN A 547 -22.50 -15.32 -4.62
N ILE A 548 -22.40 -15.65 -3.32
CA ILE A 548 -23.47 -15.30 -2.37
C ILE A 548 -23.51 -13.78 -2.16
N ASP A 549 -22.34 -13.13 -2.28
CA ASP A 549 -22.24 -11.67 -2.14
C ASP A 549 -23.07 -11.01 -3.25
N GLY A 550 -22.96 -11.53 -4.47
CA GLY A 550 -23.66 -11.00 -5.64
C GLY A 550 -25.16 -11.17 -5.51
N VAL A 551 -25.59 -12.39 -5.18
CA VAL A 551 -27.01 -12.72 -5.05
C VAL A 551 -27.64 -11.80 -3.99
N ALA A 552 -26.96 -11.64 -2.85
CA ALA A 552 -27.44 -10.82 -1.73
C ALA A 552 -27.64 -9.36 -2.18
N ALA A 553 -26.70 -8.85 -2.99
CA ALA A 553 -26.72 -7.46 -3.45
C ALA A 553 -27.88 -7.25 -4.43
N GLU A 554 -28.05 -8.18 -5.37
CA GLU A 554 -29.16 -8.15 -6.33
C GLU A 554 -30.49 -8.09 -5.58
N GLU A 555 -30.65 -9.00 -4.61
CA GLU A 555 -31.92 -9.12 -3.89
C GLU A 555 -32.22 -7.81 -3.15
N PHE A 556 -31.26 -7.34 -2.35
CA PHE A 556 -31.52 -6.18 -1.49
C PHE A 556 -31.76 -4.93 -2.34
N ALA A 557 -31.02 -4.79 -3.44
CA ALA A 557 -31.15 -3.62 -4.31
C ALA A 557 -32.52 -3.64 -4.98
N THR A 558 -32.94 -4.81 -5.45
CA THR A 558 -34.26 -4.99 -6.03
C THR A 558 -35.34 -4.68 -4.98
N ALA A 559 -35.17 -5.26 -3.78
CA ALA A 559 -36.13 -5.13 -2.68
C ALA A 559 -36.31 -3.65 -2.28
N LEU A 560 -35.22 -2.90 -2.28
CA LEU A 560 -35.23 -1.50 -1.86
C LEU A 560 -36.02 -0.66 -2.87
N ARG A 561 -35.87 -0.99 -4.16
CA ARG A 561 -36.61 -0.30 -5.23
C ARG A 561 -38.09 -0.71 -5.20
N GLN A 562 -38.35 -1.98 -4.91
CA GLN A 562 -39.72 -2.50 -4.83
C GLN A 562 -40.46 -1.95 -3.60
N ASP A 563 -39.85 -2.10 -2.41
CA ASP A 563 -40.57 -2.03 -1.13
C ASP A 563 -39.98 -0.97 -0.19
N GLY A 564 -39.10 -0.09 -0.69
CA GLY A 564 -38.50 0.96 0.12
C GLY A 564 -37.94 0.40 1.42
N MET A 565 -38.27 1.06 2.54
CA MET A 565 -37.64 0.80 3.84
C MET A 565 -38.18 -0.49 4.46
N LEU A 566 -39.26 -1.05 3.88
CA LEU A 566 -39.77 -2.36 4.29
C LEU A 566 -38.72 -3.44 3.98
N ALA A 567 -37.85 -3.18 2.99
CA ALA A 567 -36.76 -4.08 2.62
C ALA A 567 -35.79 -4.24 3.80
N LEU A 568 -35.56 -3.13 4.53
CA LEU A 568 -34.67 -3.14 5.69
C LEU A 568 -35.36 -3.81 6.88
N ALA A 569 -36.65 -3.47 7.08
CA ALA A 569 -37.48 -4.10 8.13
C ALA A 569 -37.44 -5.62 8.02
N ARG A 570 -37.60 -6.14 6.80
CA ARG A 570 -37.68 -7.58 6.57
C ARG A 570 -36.33 -8.22 6.91
N LEU A 571 -35.23 -7.53 6.56
CA LEU A 571 -33.88 -8.00 6.86
C LEU A 571 -33.68 -8.05 8.38
N GLN A 572 -34.12 -6.98 9.06
CA GLN A 572 -34.04 -6.86 10.51
C GLN A 572 -34.83 -7.99 11.18
N ARG A 573 -36.03 -8.29 10.64
CA ARG A 573 -36.88 -9.37 11.18
C ARG A 573 -36.13 -10.70 11.10
N LYS A 574 -35.54 -10.96 9.92
CA LYS A 574 -34.79 -12.19 9.67
C LYS A 574 -33.68 -12.34 10.71
N MET A 575 -32.98 -11.23 11.00
CA MET A 575 -31.84 -11.23 11.91
C MET A 575 -32.29 -11.52 13.35
N ARG A 576 -33.42 -10.90 13.75
CA ARG A 576 -34.01 -11.12 15.08
C ARG A 576 -34.42 -12.58 15.25
N LEU A 577 -34.95 -13.21 14.20
CA LEU A 577 -35.47 -14.57 14.29
C LEU A 577 -34.32 -15.56 14.59
N VAL A 578 -33.19 -15.41 13.89
CA VAL A 578 -32.07 -16.36 14.02
C VAL A 578 -31.08 -15.88 15.09
N GLU A 579 -31.35 -14.72 15.70
CA GLU A 579 -30.51 -14.12 16.74
C GLU A 579 -29.09 -13.92 16.18
N SER A 580 -29.00 -13.28 15.02
CA SER A 580 -27.73 -12.97 14.38
C SER A 580 -27.00 -11.89 15.17
N PRO A 581 -25.66 -11.99 15.34
CA PRO A 581 -24.88 -10.88 15.91
C PRO A 581 -25.01 -9.56 15.14
N TYR A 582 -25.40 -9.63 13.86
CA TYR A 582 -25.57 -8.47 12.99
C TYR A 582 -26.77 -7.61 13.43
N ARG A 583 -27.63 -8.22 14.27
CA ARG A 583 -28.72 -7.54 14.98
C ARG A 583 -28.20 -6.30 15.72
N THR A 584 -27.02 -6.40 16.32
CA THR A 584 -26.39 -5.32 17.10
C THR A 584 -25.01 -5.01 16.51
N PRO A 585 -24.93 -4.22 15.42
CA PRO A 585 -23.67 -4.04 14.69
C PRO A 585 -22.55 -3.44 15.55
N GLN A 586 -22.91 -2.49 16.44
CA GLN A 586 -21.93 -1.80 17.27
C GLN A 586 -21.18 -2.82 18.13
N THR A 587 -21.88 -3.86 18.60
CA THR A 587 -21.28 -4.90 19.42
C THR A 587 -20.42 -5.81 18.55
N LEU A 588 -20.93 -6.15 17.35
CA LEU A 588 -20.27 -7.05 16.41
C LEU A 588 -18.85 -6.57 16.07
N VAL A 589 -18.68 -5.26 15.85
CA VAL A 589 -17.40 -4.69 15.44
C VAL A 589 -16.50 -4.43 16.67
N GLY A 590 -17.02 -4.63 17.88
CA GLY A 590 -16.23 -4.66 19.11
C GLY A 590 -16.31 -3.35 19.90
N GLY A 591 -17.50 -2.73 19.90
CA GLY A 591 -17.77 -1.49 20.63
C GLY A 591 -17.46 -1.60 22.12
N PRO A 592 -17.94 -2.65 22.84
CA PRO A 592 -17.64 -2.82 24.26
C PRO A 592 -16.15 -2.80 24.60
N ARG A 593 -15.34 -3.59 23.88
CA ARG A 593 -13.90 -3.66 24.12
C ARG A 593 -13.25 -2.29 23.82
N SER A 594 -13.75 -1.62 22.79
CA SER A 594 -13.24 -0.32 22.36
C SER A 594 -13.57 0.75 23.41
N ASP A 595 -14.77 0.69 23.98
CA ASP A 595 -15.19 1.60 25.05
C ASP A 595 -14.26 1.45 26.27
N ALA A 596 -13.95 0.19 26.62
CA ALA A 596 -13.03 -0.15 27.70
C ALA A 596 -11.66 0.50 27.45
N ALA A 597 -11.19 0.43 26.21
CA ALA A 597 -9.90 0.99 25.82
C ALA A 597 -9.90 2.52 25.97
N LEU A 598 -11.03 3.17 25.67
CA LEU A 598 -11.17 4.63 25.76
C LEU A 598 -11.10 5.04 27.24
N ALA A 599 -11.77 4.26 28.09
CA ALA A 599 -11.78 4.48 29.53
C ALA A 599 -10.36 4.39 30.08
N ALA A 600 -9.62 3.34 29.67
CA ALA A 600 -8.26 3.11 30.13
C ALA A 600 -7.34 4.27 29.71
N SER A 601 -7.47 4.69 28.44
CA SER A 601 -6.64 5.74 27.85
C SER A 601 -6.84 7.08 28.56
N SER A 602 -8.05 7.34 29.06
CA SER A 602 -8.46 8.63 29.64
C SER A 602 -8.55 8.58 31.17
N GLY A 603 -8.24 7.42 31.77
CA GLY A 603 -8.44 7.19 33.21
C GLY A 603 -9.86 7.44 33.66
N ARG A 604 -10.83 7.05 32.82
CA ARG A 604 -12.28 7.13 33.08
C ARG A 604 -12.76 8.58 33.21
N THR A 605 -12.04 9.55 32.63
CA THR A 605 -12.39 10.97 32.77
C THR A 605 -13.12 11.48 31.52
N ALA A 606 -13.14 10.66 30.44
CA ALA A 606 -13.76 11.04 29.16
C ALA A 606 -15.29 10.97 29.28
N THR A 607 -15.97 11.91 28.62
CA THR A 607 -17.42 12.10 28.73
C THR A 607 -18.12 11.55 27.48
N VAL A 622 -40.39 -1.46 23.10
CA VAL A 622 -41.57 -1.72 22.28
C VAL A 622 -41.43 -3.10 21.61
N GLN A 623 -42.49 -3.91 21.70
CA GLN A 623 -42.48 -5.31 21.30
C GLN A 623 -42.75 -5.39 19.79
N THR A 624 -41.87 -6.11 19.07
CA THR A 624 -41.96 -6.27 17.61
C THR A 624 -42.56 -7.63 17.25
N GLU A 625 -42.28 -8.65 18.07
CA GLU A 625 -42.82 -10.00 17.92
C GLU A 625 -43.27 -10.51 19.29
N VAL A 626 -44.33 -11.36 19.31
CA VAL A 626 -44.76 -12.05 20.53
C VAL A 626 -43.58 -12.90 21.02
N PRO A 627 -43.11 -12.73 22.26
CA PRO A 627 -41.88 -13.39 22.71
C PRO A 627 -42.06 -14.89 22.97
N ARG A 628 -41.00 -15.66 22.73
CA ARG A 628 -40.95 -17.09 23.07
C ARG A 628 -41.17 -17.29 24.57
N LYS A 629 -40.78 -16.30 25.37
CA LYS A 629 -40.88 -16.34 26.84
C LYS A 629 -42.34 -16.58 27.26
N LEU A 630 -43.30 -16.02 26.52
CA LEU A 630 -44.73 -16.16 26.82
C LEU A 630 -45.13 -17.64 26.85
N LEU A 631 -44.66 -18.42 25.86
CA LEU A 631 -44.96 -19.85 25.79
C LEU A 631 -44.21 -20.60 26.90
N GLU A 632 -42.96 -20.19 27.16
CA GLU A 632 -42.14 -20.78 28.22
C GLU A 632 -42.86 -20.65 29.58
N GLU A 633 -43.53 -19.52 29.80
CA GLU A 633 -44.29 -19.26 31.03
C GLU A 633 -45.50 -20.20 31.09
N TRP A 634 -46.22 -20.35 29.97
CA TRP A 634 -47.35 -21.26 29.85
C TRP A 634 -46.91 -22.69 30.14
N LEU A 635 -45.72 -23.05 29.65
CA LEU A 635 -45.20 -24.41 29.80
C LEU A 635 -44.74 -24.66 31.25
N ALA A 636 -44.47 -23.58 31.98
CA ALA A 636 -44.14 -23.65 33.42
C ALA A 636 -45.41 -24.04 34.21
N MET A 637 -46.53 -23.37 33.89
CA MET A 637 -47.85 -23.71 34.44
C MET A 637 -48.15 -25.18 34.16
N TRP A 638 -47.98 -25.57 32.90
CA TRP A 638 -48.24 -26.92 32.40
C TRP A 638 -47.36 -27.94 33.12
N SER A 639 -46.03 -27.70 33.15
CA SER A 639 -45.07 -28.59 33.80
C SER A 639 -45.40 -28.74 35.29
N GLY A 640 -45.84 -27.65 35.91
CA GLY A 640 -46.24 -27.63 37.32
C GLY A 640 -47.37 -28.59 37.60
N HIS A 641 -48.46 -28.47 36.82
CA HIS A 641 -49.69 -29.22 37.03
C HIS A 641 -49.45 -30.74 36.88
N TYR A 642 -48.60 -31.14 35.93
CA TYR A 642 -48.30 -32.56 35.68
C TYR A 642 -46.97 -32.96 36.36
N GLN A 643 -46.43 -32.06 37.18
CA GLN A 643 -45.38 -32.37 38.16
C GLN A 643 -44.10 -32.87 37.48
N LEU A 644 -43.64 -32.15 36.44
CA LEU A 644 -42.39 -32.46 35.74
C LEU A 644 -41.27 -31.62 36.37
N LYS A 647 -37.63 -27.85 33.25
CA LYS A 647 -37.72 -26.46 32.80
C LYS A 647 -37.67 -26.44 31.26
N LEU A 648 -38.82 -26.12 30.64
CA LEU A 648 -38.99 -26.24 29.19
C LEU A 648 -38.64 -24.92 28.51
N ARG A 649 -37.76 -25.02 27.50
CA ARG A 649 -37.28 -23.90 26.68
C ARG A 649 -37.96 -23.97 25.30
N VAL A 650 -38.24 -22.81 24.72
CA VAL A 650 -38.85 -22.67 23.40
C VAL A 650 -37.80 -22.15 22.41
N GLN A 651 -37.68 -22.82 21.26
CA GLN A 651 -36.81 -22.41 20.17
C GLN A 651 -37.66 -22.26 18.90
N LEU A 652 -37.45 -21.16 18.16
CA LEU A 652 -38.12 -20.91 16.89
C LEU A 652 -37.08 -20.40 15.86
N ARG A 653 -36.63 -21.32 15.00
CA ARG A 653 -35.66 -21.05 13.95
C ARG A 653 -36.16 -21.60 12.63
N PRO A 654 -35.66 -21.11 11.48
CA PRO A 654 -35.89 -21.80 10.19
C PRO A 654 -35.43 -23.26 10.27
N GLN A 655 -36.18 -24.15 9.62
CA GLN A 655 -35.92 -25.58 9.67
C GLN A 655 -34.57 -25.87 8.98
N ARG A 656 -34.34 -25.19 7.85
CA ARG A 656 -33.04 -25.14 7.20
C ARG A 656 -32.73 -23.67 6.89
N ALA A 657 -31.44 -23.36 6.68
CA ALA A 657 -30.97 -21.99 6.50
C ALA A 657 -31.74 -21.29 5.36
N GLY A 658 -32.28 -20.11 5.67
CA GLY A 658 -32.90 -19.21 4.71
C GLY A 658 -34.33 -19.58 4.34
N SER A 659 -34.85 -20.68 4.91
CA SER A 659 -36.16 -21.23 4.55
C SER A 659 -37.27 -20.40 5.19
N GLU A 660 -38.43 -20.34 4.51
CA GLU A 660 -39.66 -19.78 5.07
C GLU A 660 -40.27 -20.78 6.06
N VAL A 661 -39.92 -22.07 5.92
CA VAL A 661 -40.37 -23.15 6.78
C VAL A 661 -39.63 -23.05 8.13
N LEU A 662 -40.40 -22.82 9.21
CA LEU A 662 -39.88 -22.69 10.56
C LEU A 662 -40.08 -24.00 11.32
N GLU A 663 -39.24 -24.20 12.34
CA GLU A 663 -39.43 -25.26 13.33
C GLU A 663 -39.52 -24.62 14.73
N LEU A 664 -40.65 -24.83 15.40
CA LEU A 664 -40.77 -24.54 16.81
C LEU A 664 -40.43 -25.82 17.59
N GLY A 665 -39.40 -25.75 18.43
CA GLY A 665 -38.97 -26.85 19.27
C GLY A 665 -39.17 -26.55 20.75
N ILE A 666 -39.58 -27.58 21.50
CA ILE A 666 -39.61 -27.54 22.95
C ILE A 666 -38.46 -28.43 23.46
N HIS A 667 -37.58 -27.84 24.28
CA HIS A 667 -36.36 -28.49 24.76
C HIS A 667 -36.36 -28.55 26.29
N GLY A 668 -35.95 -29.71 26.82
CA GLY A 668 -35.74 -29.91 28.26
C GLY A 668 -34.34 -29.48 28.67
N GLU A 669 -33.98 -29.74 29.94
CA GLU A 669 -32.66 -29.38 30.48
C GLU A 669 -31.58 -30.21 29.78
N SER A 670 -31.91 -31.47 29.45
CA SER A 670 -30.98 -32.36 28.75
C SER A 670 -31.06 -32.11 27.23
N ASP A 671 -32.07 -31.35 26.79
CA ASP A 671 -32.30 -30.95 25.38
C ASP A 671 -32.93 -32.12 24.62
N LYS A 673 -35.21 -32.80 22.61
CA LYS A 673 -36.38 -32.22 21.98
C LYS A 673 -37.63 -33.02 22.39
N LEU A 674 -38.47 -32.41 23.25
CA LEU A 674 -39.68 -33.05 23.77
C LEU A 674 -40.82 -32.96 22.74
N ALA A 675 -40.87 -31.86 21.99
CA ALA A 675 -41.92 -31.62 21.01
C ALA A 675 -41.45 -30.65 19.93
N ASN A 676 -42.14 -30.63 18.79
CA ASN A 676 -41.86 -29.67 17.74
C ASN A 676 -43.09 -29.50 16.82
N VAL A 677 -43.05 -28.40 16.07
CA VAL A 677 -44.00 -28.12 15.00
C VAL A 677 -43.18 -27.57 13.82
N ILE A 678 -43.36 -28.19 12.65
CA ILE A 678 -42.75 -27.73 11.43
C ILE A 678 -43.86 -27.13 10.56
N PHE A 679 -43.75 -25.84 10.29
CA PHE A 679 -44.81 -25.06 9.69
C PHE A 679 -44.21 -23.86 8.93
N GLN A 680 -45.05 -23.23 8.10
CA GLN A 680 -44.70 -21.97 7.45
C GLN A 680 -45.94 -21.09 7.40
N PRO A 681 -45.83 -19.78 7.72
CA PRO A 681 -46.92 -18.85 7.50
C PRO A 681 -47.04 -18.59 5.99
N ILE A 682 -48.29 -18.47 5.51
CA ILE A 682 -48.57 -18.03 4.15
C ILE A 682 -49.67 -16.98 4.22
N GLN A 683 -49.61 -15.99 3.32
CA GLN A 683 -50.62 -14.96 3.21
C GLN A 683 -51.45 -15.24 1.95
N ASP A 684 -52.74 -14.91 2.02
CA ASP A 684 -53.61 -14.82 0.84
C ASP A 684 -53.37 -13.45 0.19
N ARG A 685 -54.11 -13.15 -0.89
CA ARG A 685 -53.84 -11.96 -1.70
C ARG A 685 -54.24 -10.68 -0.95
N ARG A 686 -55.11 -10.80 0.06
CA ARG A 686 -55.58 -9.64 0.85
C ARG A 686 -54.78 -9.49 2.15
N GLY A 687 -53.91 -10.46 2.48
CA GLY A 687 -52.95 -10.32 3.59
C GLY A 687 -53.21 -11.27 4.75
N ARG A 688 -54.41 -11.87 4.81
CA ARG A 688 -54.79 -12.87 5.82
C ARG A 688 -53.71 -13.96 5.93
N THR A 689 -53.33 -14.33 7.15
CA THR A 689 -52.27 -15.30 7.38
C THR A 689 -52.87 -16.66 7.76
N ILE A 690 -52.30 -17.72 7.16
CA ILE A 690 -52.62 -19.12 7.44
C ILE A 690 -51.32 -19.81 7.85
N LEU A 691 -51.39 -20.66 8.88
CA LEU A 691 -50.27 -21.51 9.26
C LEU A 691 -50.41 -22.87 8.56
N LEU A 692 -49.39 -23.23 7.77
CA LEU A 692 -49.35 -24.49 7.07
C LEU A 692 -48.41 -25.44 7.82
N VAL A 693 -48.98 -26.45 8.47
CA VAL A 693 -48.24 -27.40 9.30
C VAL A 693 -47.96 -28.66 8.48
N ARG A 694 -46.67 -29.01 8.33
CA ARG A 694 -46.29 -30.22 7.58
C ARG A 694 -45.91 -31.35 8.52
N ASP A 695 -45.55 -31.02 9.76
CA ASP A 695 -45.23 -32.04 10.78
C ASP A 695 -45.38 -31.45 12.19
N GLN A 696 -45.60 -32.33 13.16
CA GLN A 696 -45.68 -31.98 14.57
C GLN A 696 -45.51 -33.27 15.38
N ASN A 697 -44.87 -33.16 16.54
CA ASN A 697 -44.57 -34.29 17.40
C ASN A 697 -44.61 -33.87 18.87
N THR A 698 -45.24 -34.72 19.70
CA THR A 698 -44.97 -34.83 21.11
C THR A 698 -44.28 -36.19 21.31
N PHE A 699 -42.94 -36.15 21.28
CA PHE A 699 -42.11 -37.35 21.13
C PHE A 699 -42.36 -38.30 22.31
N GLY A 700 -42.33 -37.77 23.53
CA GLY A 700 -42.67 -38.52 24.73
C GLY A 700 -44.12 -38.98 24.71
N ALA A 701 -44.33 -40.29 24.82
CA ALA A 701 -45.67 -40.90 24.81
C ALA A 701 -46.43 -40.52 26.09
N GLU A 702 -45.69 -40.28 27.18
CA GLU A 702 -46.27 -39.98 28.50
C GLU A 702 -46.66 -38.49 28.57
N LEU A 703 -46.15 -37.67 27.64
CA LEU A 703 -46.45 -36.22 27.58
C LEU A 703 -47.66 -35.95 26.68
N ARG A 704 -48.14 -36.98 25.96
CA ARG A 704 -49.27 -36.84 25.03
C ARG A 704 -50.58 -36.71 25.79
N GLN A 705 -51.60 -36.20 25.07
CA GLN A 705 -52.96 -36.03 25.56
C GLN A 705 -52.96 -35.27 26.90
N LYS A 706 -52.13 -34.23 26.98
CA LYS A 706 -52.11 -33.31 28.11
C LYS A 706 -52.23 -31.86 27.63
N ARG A 707 -52.50 -31.70 26.32
CA ARG A 707 -52.75 -30.40 25.66
C ARG A 707 -51.45 -29.59 25.54
N LEU A 708 -50.31 -30.27 25.49
CA LEU A 708 -49.03 -29.62 25.21
C LEU A 708 -49.08 -28.96 23.83
N MET A 709 -49.58 -29.69 22.83
CA MET A 709 -49.63 -29.22 21.45
C MET A 709 -50.68 -28.11 21.33
N THR A 710 -51.71 -28.14 22.17
CA THR A 710 -52.76 -27.10 22.16
C THR A 710 -52.16 -25.75 22.61
N LEU A 711 -51.25 -25.79 23.59
CA LEU A 711 -50.56 -24.58 24.07
C LEU A 711 -49.68 -24.00 22.95
N ILE A 712 -48.92 -24.88 22.30
CA ILE A 712 -48.02 -24.49 21.21
C ILE A 712 -48.82 -23.83 20.07
N HIS A 713 -49.96 -24.43 19.72
CA HIS A 713 -50.86 -23.92 18.68
C HIS A 713 -51.38 -22.51 19.05
N LEU A 714 -51.73 -22.34 20.32
CA LEU A 714 -52.28 -21.07 20.82
C LEU A 714 -51.22 -19.97 20.67
N TRP A 715 -49.98 -20.30 20.99
CA TRP A 715 -48.87 -19.36 20.85
C TRP A 715 -48.66 -19.03 19.37
N LEU A 716 -48.56 -20.06 18.52
CA LEU A 716 -48.30 -19.88 17.08
C LEU A 716 -49.39 -19.01 16.45
N VAL A 717 -50.65 -19.25 16.83
CA VAL A 717 -51.80 -18.52 16.29
C VAL A 717 -51.70 -17.05 16.71
N HIS A 718 -51.25 -16.80 17.94
CA HIS A 718 -51.07 -15.46 18.49
C HIS A 718 -49.84 -14.77 17.85
N ARG A 719 -48.72 -15.49 17.81
CA ARG A 719 -47.44 -15.00 17.27
C ARG A 719 -47.62 -14.56 15.81
N PHE A 720 -48.39 -15.33 15.02
CA PHE A 720 -48.47 -15.13 13.56
C PHE A 720 -49.83 -14.54 13.13
N LYS A 721 -50.71 -14.24 14.08
CA LYS A 721 -52.05 -13.68 13.79
C LYS A 721 -52.76 -14.53 12.72
N ALA A 722 -52.82 -15.85 12.98
CA ALA A 722 -53.34 -16.84 12.03
C ALA A 722 -54.88 -16.87 12.06
N GLN A 723 -55.49 -16.87 10.88
CA GLN A 723 -56.94 -17.01 10.69
C GLN A 723 -57.31 -18.50 10.57
N ALA A 724 -56.38 -19.32 10.05
CA ALA A 724 -56.62 -20.76 9.87
C ALA A 724 -55.29 -21.52 10.03
N VAL A 725 -55.42 -22.84 10.20
CA VAL A 725 -54.32 -23.78 10.24
C VAL A 725 -54.63 -24.94 9.28
N HIS A 726 -53.76 -25.11 8.28
CA HIS A 726 -53.83 -26.23 7.33
C HIS A 726 -52.77 -27.27 7.67
N TYR A 727 -53.18 -28.54 7.76
CA TYR A 727 -52.27 -29.65 8.00
C TYR A 727 -52.19 -30.49 6.72
N VAL A 728 -51.00 -30.56 6.12
CA VAL A 728 -50.79 -31.28 4.87
C VAL A 728 -50.34 -32.72 5.20
N THR A 729 -51.03 -33.68 4.59
CA THR A 729 -50.78 -35.12 4.74
C THR A 729 -50.89 -35.49 6.23
N PRO A 730 -52.07 -35.29 6.85
CA PRO A 730 -52.26 -35.59 8.27
C PRO A 730 -52.21 -37.10 8.55
N THR A 731 -51.79 -37.45 9.78
CA THR A 731 -51.85 -38.79 10.31
C THR A 731 -53.16 -38.98 11.07
N ASP A 732 -53.39 -40.20 11.59
CA ASP A 732 -54.56 -40.49 12.41
C ASP A 732 -54.54 -39.60 13.66
N ASP A 733 -53.39 -39.54 14.34
CA ASP A 733 -53.21 -38.73 15.55
C ASP A 733 -53.65 -37.28 15.29
N ASN A 734 -53.35 -36.79 14.08
CA ASN A 734 -53.68 -35.44 13.65
C ASN A 734 -55.21 -35.27 13.58
N LEU A 735 -55.91 -36.28 13.04
CA LEU A 735 -57.37 -36.28 12.90
C LEU A 735 -58.01 -36.15 14.30
N TYR A 736 -57.53 -36.97 15.24
CA TYR A 736 -58.08 -37.04 16.60
C TYR A 736 -57.83 -35.73 17.34
N GLN A 737 -56.61 -35.20 17.15
CA GLN A 737 -56.12 -33.97 17.80
C GLN A 737 -56.98 -32.76 17.39
N THR A 738 -57.13 -32.54 16.06
CA THR A 738 -57.80 -31.35 15.53
C THR A 738 -59.30 -31.40 15.85
N SER A 739 -59.85 -32.62 15.91
CA SER A 739 -61.27 -32.83 16.20
C SER A 739 -61.58 -32.38 17.63
N LYS A 740 -60.73 -32.81 18.58
CA LYS A 740 -60.92 -32.49 20.00
C LYS A 740 -60.63 -30.99 20.24
N MET A 741 -59.70 -30.42 19.46
CA MET A 741 -59.38 -28.99 19.56
C MET A 741 -60.56 -28.15 19.08
N LYS A 742 -61.41 -28.73 18.23
CA LYS A 742 -62.66 -28.12 17.79
C LYS A 742 -63.63 -28.03 18.96
N SER A 743 -63.64 -29.07 19.81
CA SER A 743 -64.56 -29.16 20.96
C SER A 743 -64.17 -28.18 22.07
N HIS A 744 -62.86 -27.97 22.28
CA HIS A 744 -62.34 -27.01 23.25
C HIS A 744 -62.61 -25.56 22.80
N GLY A 745 -62.99 -25.41 21.52
CA GLY A 745 -63.41 -24.14 20.95
C GLY A 745 -62.28 -23.36 20.30
N ILE A 746 -61.08 -23.96 20.21
CA ILE A 746 -59.92 -23.33 19.57
C ILE A 746 -60.25 -23.07 18.10
N PHE A 747 -60.92 -24.05 17.46
CA PHE A 747 -61.38 -23.92 16.07
C PHE A 747 -62.92 -23.88 16.04
N THR A 748 -63.46 -23.07 15.13
CA THR A 748 -64.91 -23.04 14.86
C THR A 748 -65.30 -24.21 13.95
N GLU A 749 -64.58 -24.35 12.83
CA GLU A 749 -64.85 -25.35 11.80
C GLU A 749 -63.58 -26.16 11.52
N VAL A 750 -63.74 -27.46 11.25
CA VAL A 750 -62.63 -28.36 10.87
C VAL A 750 -63.11 -29.29 9.73
N ASN A 751 -62.50 -29.14 8.56
CA ASN A 751 -62.73 -29.98 7.39
C ASN A 751 -61.49 -30.86 7.17
N GLN A 752 -61.69 -32.14 6.85
CA GLN A 752 -60.62 -33.14 6.76
C GLN A 752 -60.87 -34.03 5.53
N GLU A 753 -59.97 -33.97 4.55
CA GLU A 753 -59.87 -34.97 3.49
C GLU A 753 -58.84 -36.01 3.96
N VAL A 754 -59.33 -37.17 4.42
CA VAL A 754 -58.53 -38.14 5.16
C VAL A 754 -57.26 -38.47 4.37
N GLY A 755 -56.10 -38.24 5.02
CA GLY A 755 -54.79 -38.58 4.48
C GLY A 755 -54.19 -37.53 3.55
N GLU A 756 -54.90 -36.42 3.30
CA GLU A 756 -54.45 -35.38 2.35
C GLU A 756 -54.31 -34.03 3.08
N ILE A 757 -55.41 -33.48 3.61
CA ILE A 757 -55.39 -32.16 4.23
C ILE A 757 -56.47 -32.03 5.32
N ILE A 758 -56.12 -31.33 6.41
CA ILE A 758 -57.07 -30.79 7.39
C ILE A 758 -57.04 -29.26 7.28
N VAL A 759 -58.22 -28.65 7.26
CA VAL A 759 -58.38 -27.17 7.27
C VAL A 759 -59.17 -26.80 8.53
N ALA A 760 -58.56 -26.01 9.41
CA ALA A 760 -59.15 -25.66 10.72
C ALA A 760 -59.18 -24.13 10.87
N GLU A 761 -60.39 -23.57 10.91
CA GLU A 761 -60.59 -22.12 11.05
C GLU A 761 -60.48 -21.78 12.54
N VAL A 762 -59.73 -20.71 12.84
CA VAL A 762 -59.44 -20.29 14.21
C VAL A 762 -60.66 -19.56 14.78
N ASN A 763 -60.96 -19.85 16.05
CA ASN A 763 -62.05 -19.22 16.79
C ASN A 763 -61.50 -18.00 17.55
N HIS A 764 -61.62 -16.82 16.93
CA HIS A 764 -60.95 -15.61 17.38
C HIS A 764 -61.40 -15.22 18.79
N PRO A 765 -62.72 -15.14 19.09
CA PRO A 765 -63.20 -14.92 20.46
C PRO A 765 -62.56 -15.81 21.53
N ARG A 766 -62.47 -17.12 21.26
CA ARG A 766 -61.96 -18.10 22.23
C ARG A 766 -60.44 -17.91 22.42
N ILE A 767 -59.75 -17.48 21.35
CA ILE A 767 -58.31 -17.20 21.41
C ILE A 767 -58.09 -15.96 22.29
N ALA A 768 -58.87 -14.91 22.02
CA ALA A 768 -58.81 -13.64 22.78
C ALA A 768 -59.05 -13.91 24.28
N GLU A 769 -59.99 -14.79 24.59
CA GLU A 769 -60.34 -15.17 25.95
C GLU A 769 -59.16 -15.86 26.64
N LEU A 770 -58.51 -16.79 25.92
CA LEU A 770 -57.40 -17.59 26.48
C LEU A 770 -56.15 -16.72 26.68
N LEU A 771 -56.06 -15.61 25.95
CA LEU A 771 -54.87 -14.74 25.95
C LEU A 771 -55.02 -13.60 26.96
N THR A 772 -56.17 -13.48 27.63
CA THR A 772 -56.36 -12.45 28.67
C THR A 772 -55.27 -12.62 29.73
N PRO A 773 -54.58 -11.53 30.12
CA PRO A 773 -53.38 -11.65 30.97
C PRO A 773 -53.59 -12.26 32.37
N ASP A 774 -54.87 -12.38 32.80
CA ASP A 774 -55.23 -12.99 34.09
C ASP A 774 -54.96 -14.50 34.06
N ARG A 775 -54.98 -15.11 32.87
CA ARG A 775 -54.69 -16.53 32.65
C ARG A 775 -55.72 -17.43 33.35
N VAL A 776 -56.96 -16.96 33.49
CA VAL A 776 -57.99 -17.71 34.19
C VAL A 776 -58.44 -18.85 33.27
N ALA A 777 -58.94 -18.47 32.08
CA ALA A 777 -59.41 -19.41 31.05
C ALA A 777 -58.27 -20.37 30.69
N LEU A 778 -57.05 -19.84 30.57
CA LEU A 778 -55.87 -20.60 30.19
C LEU A 778 -55.58 -21.68 31.25
N ARG A 779 -55.65 -21.30 32.53
CA ARG A 779 -55.40 -22.23 33.64
C ARG A 779 -56.41 -23.37 33.57
N LYS A 780 -57.67 -23.04 33.28
CA LYS A 780 -58.75 -24.02 33.16
C LYS A 780 -58.48 -24.97 31.98
N LEU A 781 -57.97 -24.43 30.86
CA LEU A 781 -57.64 -25.22 29.67
C LEU A 781 -56.54 -26.24 29.99
N ILE A 782 -55.55 -25.84 30.79
CA ILE A 782 -54.39 -26.69 31.08
C ILE A 782 -54.79 -27.83 32.02
N THR A 783 -55.65 -27.53 33.02
CA THR A 783 -56.06 -28.46 34.07
C THR A 783 -57.18 -29.39 33.60
N LYS A 784 -57.99 -28.90 32.64
CA LYS A 784 -59.13 -29.60 32.01
C LYS A 784 -60.37 -29.41 32.90
N HIS B 31 -11.52 -22.67 41.22
CA HIS B 31 -11.33 -21.74 40.06
C HIS B 31 -11.24 -22.54 38.75
N THR B 32 -12.09 -22.17 37.79
CA THR B 32 -12.16 -22.77 36.44
C THR B 32 -10.88 -22.50 35.66
N PRO B 33 -10.52 -23.32 34.63
CA PRO B 33 -9.36 -23.04 33.78
C PRO B 33 -9.38 -21.65 33.13
N PHE B 34 -10.58 -21.19 32.75
CA PHE B 34 -10.76 -19.87 32.15
C PHE B 34 -10.33 -18.79 33.15
N GLU B 35 -10.80 -18.90 34.39
CA GLU B 35 -10.47 -17.93 35.46
C GLU B 35 -8.98 -17.99 35.79
N GLN B 36 -8.40 -19.20 35.76
CA GLN B 36 -7.00 -19.40 36.10
C GLN B 36 -6.11 -18.72 35.06
N ASP B 37 -6.35 -19.02 33.78
CA ASP B 37 -5.58 -18.46 32.66
C ASP B 37 -5.55 -16.92 32.75
N PHE B 38 -6.70 -16.33 33.08
CA PHE B 38 -6.86 -14.91 33.22
C PHE B 38 -6.01 -14.39 34.40
N GLU B 39 -6.19 -15.00 35.58
CA GLU B 39 -5.50 -14.58 36.81
C GLU B 39 -3.98 -14.69 36.63
N LYS B 40 -3.55 -15.74 35.91
CA LYS B 40 -2.15 -15.98 35.61
C LYS B 40 -1.58 -14.80 34.81
N ASP B 41 -2.30 -14.37 33.76
CA ASP B 41 -1.82 -13.30 32.87
C ASP B 41 -1.91 -11.94 33.58
N VAL B 42 -2.94 -11.74 34.41
CA VAL B 42 -3.07 -10.51 35.19
C VAL B 42 -1.86 -10.39 36.13
N ALA B 43 -1.46 -11.51 36.74
CA ALA B 43 -0.33 -11.54 37.68
C ALA B 43 0.98 -11.23 36.96
N ALA B 44 1.18 -11.88 35.80
CA ALA B 44 2.35 -11.65 34.96
C ALA B 44 2.42 -10.17 34.55
N THR B 45 1.27 -9.63 34.16
CA THR B 45 1.17 -8.26 33.70
C THR B 45 1.48 -7.29 34.86
N GLN B 46 1.02 -7.64 36.07
CA GLN B 46 1.24 -6.81 37.26
C GLN B 46 2.72 -6.76 37.62
N ARG B 47 3.41 -7.91 37.55
CA ARG B 47 4.85 -8.00 37.79
C ARG B 47 5.59 -7.11 36.77
N TYR B 48 5.13 -7.14 35.51
CA TYR B 48 5.67 -6.33 34.42
C TYR B 48 5.53 -4.84 34.77
N PHE B 49 4.33 -4.43 35.18
CA PHE B 49 4.05 -3.05 35.62
C PHE B 49 5.00 -2.62 36.73
N ASP B 50 5.25 -3.53 37.69
CA ASP B 50 5.96 -3.23 38.94
C ASP B 50 7.48 -3.34 38.76
N SER B 51 7.94 -3.87 37.62
CA SER B 51 9.37 -4.00 37.33
C SER B 51 10.03 -2.61 37.30
N SER B 52 11.34 -2.59 37.53
CA SER B 52 12.10 -1.35 37.69
C SER B 52 12.09 -0.51 36.40
N ARG B 53 11.85 -1.18 35.25
CA ARG B 53 11.71 -0.52 33.95
C ARG B 53 10.74 0.67 34.05
N PHE B 54 9.71 0.55 34.87
CA PHE B 54 8.63 1.54 34.94
C PHE B 54 8.64 2.28 36.28
N ALA B 55 9.79 2.31 36.96
CA ALA B 55 9.95 3.08 38.19
C ALA B 55 9.60 4.55 37.92
N GLY B 56 8.67 5.08 38.72
CA GLY B 56 8.26 6.48 38.65
C GLY B 56 7.29 6.76 37.50
N ILE B 57 6.74 5.70 36.88
CA ILE B 57 5.79 5.84 35.79
C ILE B 57 4.39 5.58 36.34
N ILE B 58 3.46 6.51 36.07
CA ILE B 58 2.05 6.39 36.44
C ILE B 58 1.26 5.88 35.23
N ARG B 59 0.49 4.80 35.44
CA ARG B 59 -0.50 4.31 34.49
C ARG B 59 -1.90 4.64 35.02
N LEU B 60 -2.76 5.19 34.15
CA LEU B 60 -4.14 5.51 34.53
C LEU B 60 -5.07 4.34 34.23
N TYR B 61 -4.57 3.11 34.39
CA TYR B 61 -5.31 1.88 34.11
C TYR B 61 -4.61 0.72 34.84
N THR B 62 -5.31 -0.42 34.95
CA THR B 62 -4.87 -1.56 35.73
C THR B 62 -4.41 -2.69 34.79
N ALA B 63 -3.71 -3.67 35.36
CA ALA B 63 -3.30 -4.87 34.66
C ALA B 63 -4.51 -5.59 34.05
N ARG B 64 -5.62 -5.61 34.80
CA ARG B 64 -6.87 -6.24 34.35
C ARG B 64 -7.31 -5.63 33.01
N GLN B 65 -7.28 -4.29 32.93
CA GLN B 65 -7.75 -3.55 31.76
C GLN B 65 -6.88 -3.87 30.53
N VAL B 66 -5.61 -4.20 30.74
CA VAL B 66 -4.69 -4.59 29.67
C VAL B 66 -5.05 -6.02 29.18
N VAL B 67 -5.19 -6.95 30.12
CA VAL B 67 -5.39 -8.37 29.78
C VAL B 67 -6.71 -8.57 29.01
N GLU B 68 -7.75 -7.80 29.36
CA GLU B 68 -9.06 -7.80 28.69
C GLU B 68 -8.99 -7.58 27.18
N GLN B 69 -7.92 -6.91 26.73
CA GLN B 69 -7.77 -6.46 25.34
C GLN B 69 -7.04 -7.51 24.48
N ARG B 70 -6.40 -8.51 25.11
CA ARG B 70 -5.38 -9.34 24.45
C ARG B 70 -5.97 -10.58 23.74
N GLY B 71 -7.20 -10.97 24.07
CA GLY B 71 -7.80 -12.19 23.51
C GLY B 71 -7.07 -13.44 24.01
N THR B 72 -7.20 -14.53 23.25
CA THR B 72 -6.67 -15.86 23.64
C THR B 72 -5.66 -16.40 22.62
N ILE B 73 -5.64 -15.87 21.40
CA ILE B 73 -4.71 -16.31 20.35
C ILE B 73 -3.40 -15.56 20.52
N PRO B 74 -2.28 -16.23 20.86
CA PRO B 74 -1.00 -15.54 21.07
C PRO B 74 -0.51 -14.76 19.83
N VAL B 75 0.03 -13.57 20.08
CA VAL B 75 0.82 -12.79 19.13
C VAL B 75 2.13 -12.43 19.82
N ASP B 76 3.17 -12.07 19.05
CA ASP B 76 4.48 -11.79 19.62
C ASP B 76 5.23 -10.83 18.69
N HIS B 77 5.40 -9.60 19.19
CA HIS B 77 6.15 -8.55 18.53
C HIS B 77 7.58 -8.53 19.09
N ILE B 78 8.36 -9.56 18.71
CA ILE B 78 9.63 -9.88 19.36
C ILE B 78 10.72 -8.87 18.97
N VAL B 79 10.70 -8.40 17.72
CA VAL B 79 11.71 -7.46 17.26
C VAL B 79 11.62 -6.18 18.12
N ALA B 80 10.41 -5.63 18.24
CA ALA B 80 10.19 -4.40 18.99
C ALA B 80 10.46 -4.64 20.47
N ARG B 81 9.99 -5.78 20.99
CA ARG B 81 10.10 -6.12 22.42
C ARG B 81 11.57 -6.18 22.83
N GLU B 82 12.39 -6.92 22.08
CA GLU B 82 13.79 -7.14 22.46
C GLU B 82 14.62 -5.88 22.21
N ALA B 83 14.34 -5.17 21.11
CA ALA B 83 15.01 -3.91 20.81
C ALA B 83 14.72 -2.91 21.93
N ALA B 84 13.47 -2.85 22.39
CA ALA B 84 13.06 -1.88 23.39
C ALA B 84 13.81 -2.11 24.70
N GLY B 85 13.92 -3.40 25.09
CA GLY B 85 14.67 -3.80 26.28
C GLY B 85 16.11 -3.33 26.24
N ALA B 86 16.84 -3.76 25.20
CA ALA B 86 18.27 -3.48 25.07
C ALA B 86 18.52 -1.98 24.93
N PHE B 87 17.66 -1.31 24.14
CA PHE B 87 17.80 0.10 23.83
C PHE B 87 17.61 0.93 25.11
N TYR B 88 16.63 0.55 25.92
CA TYR B 88 16.36 1.27 27.17
C TYR B 88 17.53 1.11 28.15
N GLU B 89 18.01 -0.13 28.32
CA GLU B 89 19.13 -0.42 29.24
C GLU B 89 20.34 0.42 28.83
N ARG B 90 20.64 0.45 27.53
CA ARG B 90 21.78 1.17 26.98
C ARG B 90 21.69 2.67 27.31
N LEU B 91 20.50 3.27 27.10
CA LEU B 91 20.30 4.69 27.35
C LEU B 91 20.50 4.99 28.84
N ARG B 92 20.10 4.05 29.70
CA ARG B 92 20.26 4.20 31.16
C ARG B 92 21.74 4.14 31.55
N GLU B 93 22.47 3.27 30.88
CA GLU B 93 23.93 3.12 31.05
C GLU B 93 24.55 4.47 30.71
N LEU B 94 24.22 5.02 29.55
CA LEU B 94 24.77 6.31 29.08
C LEU B 94 24.29 7.44 29.98
N PHE B 95 23.07 7.36 30.49
CA PHE B 95 22.60 8.48 31.36
C PHE B 95 23.42 8.51 32.65
N ALA B 96 23.74 7.33 33.18
CA ALA B 96 24.49 7.23 34.45
C ALA B 96 25.94 7.68 34.24
N ALA B 97 26.47 7.47 33.04
CA ALA B 97 27.88 7.81 32.73
C ALA B 97 27.98 9.25 32.25
N ARG B 98 26.84 9.94 32.11
CA ARG B 98 26.76 11.34 31.61
C ARG B 98 27.30 11.40 30.18
N LYS B 99 26.99 10.37 29.39
CA LYS B 99 27.38 10.26 27.97
C LYS B 99 26.11 10.22 27.11
N SER B 100 26.26 10.19 25.79
CA SER B 100 25.05 10.25 24.94
C SER B 100 25.31 9.76 23.52
N ILE B 101 24.22 9.40 22.85
CA ILE B 101 24.24 9.05 21.44
C ILE B 101 23.94 10.32 20.63
N THR B 102 24.72 10.52 19.57
CA THR B 102 24.53 11.62 18.64
C THR B 102 24.28 11.01 17.26
N THR B 103 23.11 11.29 16.69
CA THR B 103 22.64 10.62 15.49
C THR B 103 21.94 11.60 14.56
N PHE B 104 21.46 11.08 13.43
CA PHE B 104 20.67 11.84 12.48
C PHE B 104 19.59 10.94 11.89
N GLY B 105 18.64 11.54 11.16
CA GLY B 105 17.58 10.82 10.48
C GLY B 105 18.05 10.32 9.11
N PRO B 106 18.21 9.00 8.90
CA PRO B 106 18.57 8.47 7.58
C PRO B 106 17.37 8.62 6.63
N TYR B 107 17.67 8.93 5.36
CA TYR B 107 16.67 9.19 4.33
C TYR B 107 16.49 7.96 3.43
N SER B 108 17.25 6.90 3.70
CA SER B 108 17.15 5.66 2.94
C SER B 108 17.56 4.49 3.82
N PRO B 109 17.13 3.24 3.52
CA PRO B 109 17.60 2.06 4.25
C PRO B 109 19.13 1.90 4.21
N GLY B 110 19.75 2.26 3.08
CA GLY B 110 21.22 2.27 2.94
C GLY B 110 21.90 3.18 3.95
N GLN B 111 21.35 4.39 4.12
CA GLN B 111 21.90 5.36 5.05
C GLN B 111 21.84 4.78 6.47
N ALA B 112 20.74 4.11 6.81
CA ALA B 112 20.52 3.55 8.14
C ALA B 112 21.52 2.41 8.42
N VAL B 113 21.71 1.53 7.44
CA VAL B 113 22.65 0.42 7.58
C VAL B 113 24.08 0.97 7.67
N SER B 114 24.38 2.01 6.89
CA SER B 114 25.70 2.66 6.85
C SER B 114 26.07 3.27 8.21
N MET B 115 25.13 4.02 8.81
CA MET B 115 25.43 4.71 10.08
C MET B 115 25.74 3.69 11.18
N LYS B 116 25.11 2.51 11.14
CA LYS B 116 25.37 1.46 12.13
C LYS B 116 26.75 0.84 11.86
N ARG B 117 27.13 0.71 10.59
CA ARG B 117 28.49 0.26 10.22
C ARG B 117 29.52 1.22 10.82
N MET B 118 29.27 2.52 10.72
CA MET B 118 30.20 3.57 11.17
C MET B 118 30.18 3.70 12.70
N GLY B 119 29.27 2.98 13.36
CA GLY B 119 29.32 2.75 14.80
C GLY B 119 28.36 3.61 15.60
N ILE B 120 27.47 4.36 14.93
CA ILE B 120 26.39 5.08 15.61
C ILE B 120 25.38 4.04 16.12
N GLU B 121 25.00 4.16 17.39
CA GLU B 121 24.34 3.09 18.14
C GLU B 121 22.83 3.09 17.94
N ALA B 122 22.26 4.22 17.49
CA ALA B 122 20.80 4.37 17.39
C ALA B 122 20.43 5.33 16.25
N ILE B 123 19.17 5.25 15.82
CA ILE B 123 18.64 5.97 14.67
C ILE B 123 17.44 6.82 15.10
N TYR B 124 17.33 8.01 14.52
CA TYR B 124 16.15 8.85 14.60
C TYR B 124 15.37 8.79 13.27
N LEU B 125 14.05 8.83 13.34
CA LEU B 125 13.20 8.93 12.13
C LEU B 125 12.09 9.95 12.35
N GLY B 126 12.09 11.00 11.52
CA GLY B 126 11.27 12.19 11.70
C GLY B 126 10.24 12.36 10.59
N GLY B 127 9.19 13.12 10.91
CA GLY B 127 8.07 13.38 10.02
C GLY B 127 8.39 14.42 8.96
N TRP B 128 9.39 15.27 9.21
CA TRP B 128 9.82 16.26 8.24
C TRP B 128 10.31 15.57 6.96
N ALA B 129 11.26 14.65 7.13
CA ALA B 129 11.84 13.90 6.02
C ALA B 129 10.76 13.07 5.31
N THR B 130 9.86 12.47 6.10
CA THR B 130 8.77 11.67 5.56
C THR B 130 7.87 12.54 4.67
N SER B 131 7.52 13.75 5.15
CA SER B 131 6.73 14.71 4.36
C SER B 131 7.46 15.07 3.07
N ALA B 132 8.78 15.30 3.16
CA ALA B 132 9.59 15.77 2.05
C ALA B 132 9.73 14.69 0.98
N LYS B 133 9.73 13.42 1.39
CA LYS B 133 9.92 12.29 0.50
C LYS B 133 8.63 11.97 -0.27
N GLY B 134 7.47 12.19 0.38
CA GLY B 134 6.21 11.73 -0.15
C GLY B 134 6.19 10.21 -0.33
N SER B 135 5.23 9.73 -1.13
CA SER B 135 5.04 8.31 -1.41
C SER B 135 4.35 8.16 -2.77
N SER B 136 3.96 6.92 -3.11
CA SER B 136 3.31 6.65 -4.37
C SER B 136 1.96 7.38 -4.46
N THR B 137 1.33 7.65 -3.31
CA THR B 137 0.00 8.34 -3.28
C THR B 137 0.06 9.70 -2.57
N GLU B 138 1.21 10.07 -2.02
CA GLU B 138 1.34 11.31 -1.24
C GLU B 138 2.32 12.24 -1.96
N ASP B 139 1.85 13.43 -2.36
CA ASP B 139 2.71 14.47 -2.91
C ASP B 139 3.65 14.92 -1.80
N PRO B 140 4.95 15.16 -2.07
CA PRO B 140 5.86 15.69 -1.05
C PRO B 140 5.48 17.14 -0.70
N GLY B 141 5.85 17.57 0.50
CA GLY B 141 5.52 18.91 0.94
C GLY B 141 6.02 19.18 2.35
N PRO B 142 5.65 20.35 2.93
CA PRO B 142 6.02 20.72 4.29
C PRO B 142 5.49 19.72 5.33
N ASP B 143 6.05 19.77 6.54
CA ASP B 143 5.65 18.89 7.62
C ASP B 143 4.46 19.53 8.35
N LEU B 144 3.25 19.07 7.98
CA LEU B 144 2.02 19.48 8.63
C LEU B 144 1.32 18.26 9.23
N ALA B 145 2.02 17.11 9.24
CA ALA B 145 1.47 15.81 9.65
C ALA B 145 0.13 15.55 8.94
N SER B 146 0.07 15.92 7.65
CA SER B 146 -1.13 15.80 6.85
C SER B 146 -1.12 14.48 6.05
N TYR B 147 0.04 13.81 6.04
CA TYR B 147 0.13 12.43 5.51
C TYR B 147 -0.74 11.50 6.34
N PRO B 148 -1.16 10.34 5.80
CA PRO B 148 -1.87 9.33 6.59
C PRO B 148 -0.97 8.84 7.74
N LEU B 149 -1.57 8.50 8.89
CA LEU B 149 -0.79 8.15 10.09
C LEU B 149 0.01 6.86 9.87
N SER B 150 -0.23 6.16 8.75
CA SER B 150 0.55 4.99 8.40
C SER B 150 1.91 5.36 7.81
N GLN B 151 2.14 6.64 7.49
CA GLN B 151 3.25 7.06 6.60
C GLN B 151 4.62 6.82 7.26
N VAL B 152 4.79 7.29 8.50
CA VAL B 152 6.09 7.19 9.16
C VAL B 152 6.37 5.73 9.53
N PRO B 153 5.41 4.95 10.08
CA PRO B 153 5.59 3.52 10.28
C PRO B 153 6.03 2.75 9.02
N ASP B 154 5.40 3.06 7.88
CA ASP B 154 5.75 2.44 6.60
C ASP B 154 7.22 2.75 6.26
N ASP B 155 7.63 3.99 6.50
CA ASP B 155 9.02 4.41 6.30
C ASP B 155 9.94 3.62 7.23
N ALA B 156 9.56 3.53 8.51
CA ALA B 156 10.35 2.83 9.53
C ALA B 156 10.50 1.34 9.17
N ALA B 157 9.44 0.75 8.61
CA ALA B 157 9.42 -0.65 8.21
C ALA B 157 10.55 -0.95 7.22
N VAL B 158 10.78 -0.03 6.28
CA VAL B 158 11.85 -0.19 5.29
C VAL B 158 13.20 -0.27 6.03
N LEU B 159 13.40 0.63 7.01
CA LEU B 159 14.64 0.69 7.78
C LEU B 159 14.84 -0.63 8.56
N VAL B 160 13.77 -1.13 9.19
CA VAL B 160 13.91 -2.30 10.04
C VAL B 160 14.24 -3.52 9.17
N ARG B 161 13.58 -3.64 8.02
CA ARG B 161 13.83 -4.75 7.10
C ARG B 161 15.27 -4.68 6.58
N ALA B 162 15.78 -3.46 6.36
CA ALA B 162 17.15 -3.26 5.88
C ALA B 162 18.16 -3.72 6.95
N LEU B 163 17.88 -3.38 8.21
CA LEU B 163 18.75 -3.73 9.33
C LEU B 163 18.76 -5.24 9.56
N LEU B 164 17.57 -5.86 9.57
CA LEU B 164 17.45 -7.30 9.80
C LEU B 164 18.10 -8.08 8.65
N THR B 165 17.95 -7.59 7.41
CA THR B 165 18.53 -8.22 6.25
C THR B 165 20.06 -8.10 6.29
N ALA B 166 20.56 -6.94 6.73
CA ALA B 166 21.99 -6.69 6.86
C ALA B 166 22.60 -7.69 7.86
N ASP B 167 21.90 -7.89 8.98
CA ASP B 167 22.30 -8.84 10.03
C ASP B 167 22.39 -10.26 9.45
N ARG B 168 21.39 -10.64 8.66
CA ARG B 168 21.33 -11.98 8.05
C ARG B 168 22.48 -12.16 7.05
N ASN B 169 22.77 -11.12 6.26
CA ASN B 169 23.83 -11.17 5.26
C ASN B 169 25.20 -11.26 5.94
N GLN B 170 25.40 -10.43 6.96
CA GLN B 170 26.63 -10.43 7.75
C GLN B 170 26.85 -11.81 8.37
N HIS B 171 25.81 -12.34 9.03
CA HIS B 171 25.91 -13.59 9.75
C HIS B 171 26.23 -14.74 8.79
N TYR B 172 25.63 -14.73 7.60
CA TYR B 172 25.89 -15.75 6.60
C TYR B 172 27.38 -15.79 6.24
N LEU B 173 27.96 -14.60 6.00
CA LEU B 173 29.36 -14.48 5.62
C LEU B 173 30.27 -14.92 6.78
N ARG B 174 29.93 -14.52 8.01
CA ARG B 174 30.74 -14.83 9.19
C ARG B 174 30.74 -16.34 9.46
N LEU B 175 29.69 -17.06 9.04
CA LEU B 175 29.63 -18.52 9.20
C LEU B 175 30.63 -19.19 8.23
N GLN B 176 30.85 -18.58 7.06
CA GLN B 176 31.79 -19.11 6.06
C GLN B 176 33.24 -18.83 6.48
N MET B 177 33.44 -17.88 7.40
CA MET B 177 34.77 -17.46 7.88
C MET B 177 35.29 -18.45 8.91
N SER B 178 36.62 -18.47 9.06
CA SER B 178 37.31 -19.20 10.12
C SER B 178 37.32 -18.36 11.40
N GLU B 179 37.68 -19.01 12.51
CA GLU B 179 37.66 -18.40 13.84
C GLU B 179 38.64 -17.21 13.88
N ARG B 180 39.76 -17.32 13.14
CA ARG B 180 40.79 -16.28 13.13
C ARG B 180 40.26 -15.05 12.37
N GLN B 181 39.61 -15.30 11.22
CA GLN B 181 39.03 -14.25 10.37
C GLN B 181 37.92 -13.51 11.14
N ARG B 182 37.12 -14.26 11.92
CA ARG B 182 36.05 -13.69 12.75
C ARG B 182 36.63 -12.70 13.77
N ALA B 183 37.77 -13.06 14.39
CA ALA B 183 38.43 -12.22 15.40
C ALA B 183 39.02 -10.97 14.74
N ALA B 184 39.39 -11.09 13.46
CA ALA B 184 39.98 -10.00 12.66
C ALA B 184 38.89 -9.06 12.15
N THR B 185 37.95 -9.60 11.38
CA THR B 185 36.88 -8.84 10.72
C THR B 185 35.85 -8.41 11.76
N PRO B 186 35.53 -7.10 11.88
CA PRO B 186 34.58 -6.62 12.88
C PRO B 186 33.12 -6.95 12.49
N ALA B 187 32.29 -7.21 13.51
CA ALA B 187 30.86 -7.50 13.34
C ALA B 187 30.05 -6.29 13.80
N TYR B 188 29.20 -5.78 12.90
CA TYR B 188 28.42 -4.58 13.15
C TYR B 188 27.12 -4.93 13.87
N ASP B 189 26.66 -4.00 14.72
CA ASP B 189 25.43 -4.09 15.47
C ASP B 189 24.29 -3.50 14.64
N PHE B 190 23.40 -4.36 14.13
CA PHE B 190 22.32 -3.93 13.24
C PHE B 190 20.96 -4.02 13.94
N ARG B 191 20.95 -4.00 15.28
CA ARG B 191 19.72 -4.03 16.04
C ARG B 191 18.94 -2.75 15.79
N PRO B 192 17.60 -2.81 15.62
CA PRO B 192 16.80 -1.64 15.23
C PRO B 192 16.48 -0.68 16.40
N PHE B 193 17.50 -0.01 16.92
CA PHE B 193 17.31 1.01 17.96
C PHE B 193 16.85 2.30 17.28
N ILE B 194 15.53 2.45 17.12
CA ILE B 194 14.91 3.57 16.42
C ILE B 194 13.94 4.29 17.37
N ILE B 195 13.99 5.62 17.35
CA ILE B 195 12.96 6.47 17.91
C ILE B 195 12.31 7.22 16.74
N ALA B 196 11.02 6.96 16.52
CA ALA B 196 10.29 7.45 15.36
C ALA B 196 9.23 8.48 15.78
N ASP B 197 8.92 9.36 14.83
CA ASP B 197 8.03 10.50 15.01
C ASP B 197 6.57 10.05 14.93
N ALA B 198 5.85 10.21 16.04
CA ALA B 198 4.41 9.93 16.10
C ALA B 198 3.61 11.24 16.12
N ASP B 199 4.26 12.35 15.75
CA ASP B 199 3.63 13.66 15.54
C ASP B 199 2.89 14.03 16.82
N THR B 200 1.63 14.48 16.69
CA THR B 200 0.76 14.85 17.80
C THR B 200 -0.10 13.66 18.23
N GLY B 201 0.07 12.52 17.53
CA GLY B 201 -0.76 11.36 17.73
C GLY B 201 -1.87 11.25 16.68
N HIS B 202 -1.95 12.22 15.77
CA HIS B 202 -2.87 12.24 14.61
C HIS B 202 -4.35 12.19 15.04
N GLY B 203 -4.68 12.84 16.16
CA GLY B 203 -6.03 12.85 16.72
C GLY B 203 -6.01 12.50 18.19
N GLY B 204 -7.04 11.77 18.63
CA GLY B 204 -7.22 11.37 20.01
C GLY B 204 -6.61 10.00 20.30
N ASP B 205 -7.11 9.34 21.35
CA ASP B 205 -6.47 8.15 21.87
C ASP B 205 -6.57 6.99 20.89
N PRO B 206 -7.69 6.77 20.14
CA PRO B 206 -7.73 5.67 19.18
C PRO B 206 -6.70 5.85 18.05
N HIS B 207 -6.41 7.11 17.71
CA HIS B 207 -5.41 7.45 16.68
C HIS B 207 -3.99 7.14 17.19
N VAL B 208 -3.71 7.52 18.44
CA VAL B 208 -2.41 7.28 19.07
C VAL B 208 -2.16 5.76 19.12
N ARG B 209 -3.15 5.02 19.61
CA ARG B 209 -3.03 3.58 19.81
C ARG B 209 -2.77 2.90 18.46
N ASN B 210 -3.45 3.37 17.40
CA ASN B 210 -3.31 2.82 16.05
C ASN B 210 -1.90 3.12 15.52
N LEU B 211 -1.44 4.36 15.72
CA LEU B 211 -0.11 4.79 15.30
C LEU B 211 0.97 3.96 16.01
N ILE B 212 0.84 3.79 17.32
CA ILE B 212 1.80 3.01 18.13
C ILE B 212 1.78 1.54 17.69
N ARG B 213 0.59 0.99 17.49
CA ARG B 213 0.42 -0.40 17.02
C ARG B 213 1.20 -0.60 15.71
N ARG B 214 1.07 0.33 14.77
CA ARG B 214 1.67 0.20 13.43
C ARG B 214 3.21 0.24 13.55
N PHE B 215 3.72 1.07 14.47
CA PHE B 215 5.17 1.17 14.72
C PHE B 215 5.70 -0.14 15.32
N VAL B 216 4.98 -0.66 16.31
CA VAL B 216 5.40 -1.87 17.03
C VAL B 216 5.41 -3.06 16.07
N GLU B 217 4.39 -3.14 15.22
CA GLU B 217 4.21 -4.27 14.33
C GLU B 217 5.40 -4.38 13.36
N VAL B 218 6.04 -3.26 13.02
CA VAL B 218 7.16 -3.26 12.07
C VAL B 218 8.51 -3.21 12.80
N GLY B 219 8.48 -3.25 14.14
CA GLY B 219 9.66 -3.53 14.97
C GLY B 219 10.28 -2.28 15.58
N VAL B 220 9.56 -1.15 15.59
CA VAL B 220 10.10 0.10 16.13
C VAL B 220 9.92 0.12 17.65
N PRO B 221 11.00 0.35 18.43
CA PRO B 221 10.92 0.36 19.90
C PRO B 221 10.78 1.71 20.62
N GLY B 222 10.71 2.82 19.87
CA GLY B 222 10.59 4.15 20.47
C GLY B 222 9.82 5.14 19.59
N TYR B 223 9.14 6.08 20.24
CA TYR B 223 8.12 6.92 19.62
C TYR B 223 8.09 8.25 20.38
N HIS B 224 8.00 9.37 19.64
CA HIS B 224 7.88 10.66 20.27
C HIS B 224 6.55 11.33 19.88
N ILE B 225 5.89 11.88 20.90
CA ILE B 225 4.61 12.55 20.77
C ILE B 225 4.74 13.98 21.30
N GLU B 226 4.28 14.97 20.51
CA GLU B 226 4.40 16.39 20.85
C GLU B 226 3.04 16.95 21.25
N ASP B 227 3.07 18.10 21.94
CA ASP B 227 1.89 18.72 22.55
C ASP B 227 1.34 19.84 21.66
N GLN B 228 1.42 19.67 20.34
CA GLN B 228 0.76 20.56 19.39
C GLN B 228 -0.67 20.07 19.13
N ARG B 229 -1.51 21.00 18.65
CA ARG B 229 -2.84 20.71 18.14
C ARG B 229 -2.70 20.06 16.77
N PRO B 230 -3.32 18.88 16.51
CA PRO B 230 -3.05 18.13 15.28
C PRO B 230 -3.28 18.91 13.97
N GLY B 231 -4.37 19.68 13.94
CA GLY B 231 -4.82 20.35 12.73
C GLY B 231 -3.90 21.48 12.29
N THR B 232 -3.11 22.01 13.23
CA THR B 232 -2.29 23.20 13.00
C THR B 232 -0.79 22.87 13.09
N LYS B 233 -0.44 21.59 13.27
CA LYS B 233 0.96 21.14 13.50
C LYS B 233 1.91 21.79 12.48
N LYS B 234 3.08 22.23 12.96
CA LYS B 234 4.03 22.99 12.14
C LYS B 234 5.47 22.72 12.61
N CYS B 235 6.42 23.21 11.81
CA CYS B 235 7.85 23.29 12.14
C CYS B 235 8.32 24.74 11.92
N GLY B 236 8.82 25.38 12.98
CA GLY B 236 9.08 26.82 12.99
C GLY B 236 10.53 27.11 12.63
N GLY B 239 6.34 29.17 13.30
CA GLY B 239 5.84 30.51 13.56
C GLY B 239 4.70 30.50 14.58
N GLY B 240 3.47 30.35 14.08
CA GLY B 240 2.25 30.33 14.90
C GLY B 240 1.84 28.92 15.31
N LYS B 241 2.60 28.36 16.27
CA LYS B 241 2.35 27.03 16.83
C LYS B 241 1.24 27.12 17.88
N VAL B 242 0.34 26.13 17.88
CA VAL B 242 -0.75 26.06 18.84
C VAL B 242 -0.54 24.80 19.69
N LEU B 243 -0.50 24.99 21.02
CA LEU B 243 -0.38 23.88 21.97
C LEU B 243 -1.77 23.37 22.34
N VAL B 244 -1.78 22.20 22.99
CA VAL B 244 -2.97 21.64 23.61
C VAL B 244 -2.79 21.73 25.12
N PRO B 245 -3.86 21.63 25.92
CA PRO B 245 -3.72 21.49 27.37
C PRO B 245 -2.88 20.27 27.73
N SER B 246 -2.31 20.28 28.95
CA SER B 246 -1.43 19.22 29.40
C SER B 246 -2.19 17.90 29.59
N ASP B 247 -3.47 17.98 29.98
CA ASP B 247 -4.27 16.78 30.20
C ASP B 247 -4.43 16.00 28.87
N GLU B 248 -4.54 16.73 27.75
CA GLU B 248 -4.65 16.11 26.43
C GLU B 248 -3.33 15.39 26.09
N GLN B 249 -2.19 16.07 26.33
CA GLN B 249 -0.88 15.49 26.05
C GLN B 249 -0.68 14.23 26.91
N ILE B 250 -1.00 14.32 28.20
CA ILE B 250 -0.80 13.21 29.12
C ILE B 250 -1.62 12.00 28.64
N LYS B 251 -2.87 12.26 28.20
CA LYS B 251 -3.75 11.19 27.71
C LYS B 251 -3.14 10.51 26.47
N ARG B 252 -2.48 11.28 25.60
CA ARG B 252 -1.78 10.73 24.43
C ARG B 252 -0.69 9.75 24.90
N LEU B 253 0.10 10.18 25.89
CA LEU B 253 1.22 9.40 26.40
C LEU B 253 0.70 8.13 27.10
N ASN B 254 -0.38 8.29 27.89
CA ASN B 254 -0.99 7.18 28.60
C ASN B 254 -1.58 6.18 27.60
N ALA B 255 -2.24 6.70 26.55
CA ALA B 255 -2.82 5.86 25.49
C ALA B 255 -1.73 5.01 24.84
N ALA B 256 -0.58 5.63 24.55
CA ALA B 256 0.56 4.98 23.95
C ALA B 256 1.05 3.84 24.84
N ARG B 257 1.22 4.14 26.14
CA ARG B 257 1.68 3.16 27.12
C ARG B 257 0.70 1.98 27.17
N PHE B 258 -0.60 2.28 27.15
CA PHE B 258 -1.64 1.24 27.18
C PHE B 258 -1.44 0.28 26.00
N GLN B 259 -1.24 0.84 24.81
CA GLN B 259 -1.11 0.04 23.60
C GLN B 259 0.17 -0.81 23.68
N LEU B 260 1.24 -0.19 24.17
CA LEU B 260 2.52 -0.88 24.33
C LEU B 260 2.39 -2.03 25.33
N ASP B 261 1.64 -1.80 26.41
CA ASP B 261 1.45 -2.81 27.46
C ASP B 261 0.65 -3.99 26.89
N ILE B 262 -0.41 -3.71 26.14
CA ILE B 262 -1.23 -4.76 25.51
C ILE B 262 -0.32 -5.66 24.66
N MET B 263 0.63 -5.05 23.95
CA MET B 263 1.49 -5.75 22.97
C MET B 263 2.75 -6.31 23.63
N ARG B 264 2.89 -6.13 24.95
CA ARG B 264 3.99 -6.67 25.77
C ARG B 264 5.34 -6.14 25.27
N VAL B 265 5.36 -4.85 24.87
CA VAL B 265 6.55 -4.20 24.38
C VAL B 265 6.87 -3.03 25.28
N PRO B 266 8.01 -3.03 26.00
CA PRO B 266 8.40 -1.92 26.88
C PRO B 266 8.95 -0.74 26.06
N GLY B 267 8.12 -0.22 25.16
CA GLY B 267 8.50 0.82 24.23
C GLY B 267 8.89 2.09 24.98
N ILE B 268 9.80 2.85 24.36
CA ILE B 268 10.34 4.08 24.90
C ILE B 268 9.47 5.25 24.40
N ILE B 269 8.79 5.90 25.35
CA ILE B 269 7.91 7.02 25.05
C ILE B 269 8.68 8.32 25.31
N VAL B 270 8.81 9.13 24.26
CA VAL B 270 9.43 10.44 24.33
C VAL B 270 8.32 11.49 24.29
N ALA B 271 8.22 12.31 25.34
CA ALA B 271 7.30 13.44 25.38
C ALA B 271 8.05 14.70 24.94
N ARG B 272 7.60 15.27 23.82
CA ARG B 272 8.13 16.50 23.29
C ARG B 272 7.18 17.63 23.67
N THR B 273 7.74 18.79 24.03
CA THR B 273 6.98 20.02 24.20
C THR B 273 7.47 21.05 23.20
N ASP B 274 6.53 21.80 22.62
CA ASP B 274 6.82 22.86 21.67
C ASP B 274 6.56 24.22 22.33
N ALA B 275 6.50 24.24 23.67
CA ALA B 275 6.07 25.42 24.43
C ALA B 275 7.13 26.52 24.42
N GLU B 276 8.38 26.18 24.07
CA GLU B 276 9.47 27.16 24.04
C GLU B 276 9.19 28.26 23.00
N ALA B 277 8.64 27.88 21.85
CA ALA B 277 8.43 28.80 20.72
C ALA B 277 6.94 29.09 20.50
N ALA B 278 6.04 28.34 21.13
CA ALA B 278 4.58 28.47 20.88
C ALA B 278 4.06 29.77 21.52
N ASN B 279 3.05 30.37 20.87
CA ASN B 279 2.43 31.61 21.38
C ASN B 279 0.93 31.41 21.65
N LEU B 280 0.39 30.25 21.29
CA LEU B 280 -1.06 30.01 21.32
C LEU B 280 -1.36 28.66 21.97
N ILE B 281 -2.57 28.54 22.53
CA ILE B 281 -3.09 27.29 23.08
C ILE B 281 -4.58 27.24 22.78
N ASP B 282 -5.12 26.04 22.52
CA ASP B 282 -6.47 25.90 21.98
C ASP B 282 -7.51 25.75 23.10
N SER B 283 -7.07 25.90 24.36
CA SER B 283 -7.95 25.82 25.53
C SER B 283 -7.25 26.43 26.74
N ARG B 284 -8.04 26.90 27.71
CA ARG B 284 -7.52 27.50 28.94
C ARG B 284 -8.02 26.72 30.15
N ALA B 285 -8.43 25.47 29.93
CA ALA B 285 -9.13 24.66 30.91
C ALA B 285 -8.15 24.02 31.91
N ASP B 286 -6.88 23.84 31.52
CA ASP B 286 -5.91 23.13 32.38
C ASP B 286 -5.20 24.16 33.27
N GLU B 287 -5.21 23.86 34.58
CA GLU B 287 -4.67 24.73 35.64
C GLU B 287 -3.18 24.98 35.41
N ARG B 288 -2.46 23.98 34.85
CA ARG B 288 -1.01 24.04 34.65
C ARG B 288 -0.65 25.07 33.56
N ASP B 289 -1.59 25.34 32.63
CA ASP B 289 -1.35 26.27 31.52
C ASP B 289 -1.75 27.70 31.91
N GLN B 290 -2.67 27.83 32.88
CA GLN B 290 -3.35 29.09 33.20
C GLN B 290 -2.37 30.17 33.64
N PRO B 291 -1.32 29.85 34.44
CA PRO B 291 -0.30 30.85 34.81
C PRO B 291 0.38 31.57 33.64
N PHE B 292 0.33 30.97 32.45
CA PHE B 292 1.06 31.47 31.28
C PHE B 292 0.13 32.19 30.30
N LEU B 293 -1.19 32.19 30.58
CA LEU B 293 -2.17 32.89 29.75
C LEU B 293 -1.84 34.38 29.71
N LEU B 294 -1.94 34.98 28.52
CA LEU B 294 -1.84 36.42 28.34
C LEU B 294 -3.24 37.02 28.28
N GLY B 295 -3.41 38.17 28.93
CA GLY B 295 -4.67 38.92 28.94
C GLY B 295 -4.42 40.40 28.78
N ALA B 296 -5.49 41.12 28.40
CA ALA B 296 -5.49 42.57 28.30
C ALA B 296 -5.72 43.15 29.69
N THR B 297 -5.02 44.26 29.98
CA THR B 297 -5.14 44.97 31.25
C THR B 297 -5.96 46.25 31.05
N LYS B 298 -5.89 46.82 29.83
CA LYS B 298 -6.71 47.96 29.43
C LYS B 298 -8.01 47.43 28.80
N LEU B 299 -9.06 47.27 29.62
CA LEU B 299 -10.28 46.53 29.24
C LEU B 299 -11.26 47.40 28.46
N ASP B 300 -10.91 48.65 28.13
CA ASP B 300 -11.76 49.50 27.28
C ASP B 300 -11.44 49.24 25.80
N VAL B 301 -10.43 48.40 25.53
CA VAL B 301 -10.07 47.99 24.18
C VAL B 301 -11.05 46.91 23.71
N PRO B 302 -11.50 46.95 22.44
CA PRO B 302 -12.33 45.86 21.90
C PRO B 302 -11.47 44.65 21.51
N SER B 303 -12.11 43.48 21.41
CA SER B 303 -11.45 42.18 21.19
C SER B 303 -10.56 42.24 19.93
N TYR B 304 -9.44 41.53 19.99
CA TYR B 304 -8.49 41.42 18.88
C TYR B 304 -9.20 40.89 17.63
N LYS B 305 -10.11 39.92 17.85
CA LYS B 305 -10.90 39.32 16.78
C LYS B 305 -11.74 40.39 16.08
N SER B 306 -12.51 41.15 16.87
CA SER B 306 -13.39 42.23 16.36
C SER B 306 -12.60 43.19 15.47
N CYS B 307 -11.44 43.63 15.96
CA CYS B 307 -10.62 44.63 15.29
C CYS B 307 -10.04 44.06 13.99
N PHE B 308 -9.60 42.80 14.02
CA PHE B 308 -9.03 42.17 12.84
C PHE B 308 -10.10 42.07 11.73
N LEU B 309 -11.29 41.59 12.10
CA LEU B 309 -12.37 41.39 11.14
C LEU B 309 -12.86 42.73 10.58
N ALA B 310 -12.98 43.75 11.45
CA ALA B 310 -13.43 45.09 11.06
C ALA B 310 -12.44 45.72 10.06
N MET B 311 -11.15 45.51 10.30
CA MET B 311 -10.10 46.00 9.40
C MET B 311 -10.25 45.35 8.02
N VAL B 312 -10.48 44.04 8.00
CA VAL B 312 -10.64 43.27 6.77
C VAL B 312 -11.90 43.75 6.04
N ARG B 313 -13.00 43.96 6.78
CA ARG B 313 -14.25 44.40 6.19
C ARG B 313 -14.08 45.77 5.53
N ARG B 314 -13.26 46.65 6.13
CA ARG B 314 -13.02 47.97 5.57
C ARG B 314 -12.39 47.82 4.18
N PHE B 315 -11.32 47.00 4.08
CA PHE B 315 -10.67 46.70 2.78
C PHE B 315 -11.71 46.27 1.74
N TYR B 316 -12.62 45.36 2.16
CA TYR B 316 -13.67 44.81 1.31
C TYR B 316 -14.60 45.93 0.84
N GLU B 317 -15.08 46.73 1.79
CA GLU B 317 -16.04 47.82 1.54
C GLU B 317 -15.41 48.91 0.66
N LEU B 318 -14.08 49.10 0.74
CA LEU B 318 -13.37 50.08 -0.09
C LEU B 318 -13.04 49.51 -1.48
N GLY B 319 -13.46 48.27 -1.76
CA GLY B 319 -13.50 47.73 -3.12
C GLY B 319 -12.52 46.59 -3.37
N VAL B 320 -11.77 46.16 -2.35
CA VAL B 320 -10.91 44.99 -2.47
C VAL B 320 -11.75 43.74 -2.19
N LYS B 321 -12.36 43.20 -3.25
CA LYS B 321 -13.28 42.04 -3.17
C LYS B 321 -12.52 40.77 -2.75
N GLU B 322 -11.23 40.73 -3.05
CA GLU B 322 -10.31 39.63 -2.75
C GLU B 322 -10.36 39.28 -1.25
N LEU B 323 -10.41 40.31 -0.39
CA LEU B 323 -10.34 40.15 1.06
C LEU B 323 -11.76 40.05 1.64
N ASN B 324 -12.37 38.87 1.51
CA ASN B 324 -13.73 38.62 1.98
C ASN B 324 -13.73 37.68 3.19
N GLY B 325 -12.60 37.65 3.92
CA GLY B 325 -12.41 36.73 5.06
C GLY B 325 -13.44 36.92 6.16
N HIS B 326 -13.93 38.15 6.31
CA HIS B 326 -14.92 38.50 7.35
C HIS B 326 -16.23 37.72 7.15
N LEU B 327 -16.49 37.23 5.93
CA LEU B 327 -17.72 36.47 5.62
C LEU B 327 -17.71 35.09 6.30
N LEU B 328 -16.55 34.68 6.83
CA LEU B 328 -16.42 33.44 7.60
C LEU B 328 -17.17 33.55 8.93
N TYR B 329 -17.29 34.77 9.46
CA TYR B 329 -17.87 34.98 10.79
C TYR B 329 -19.18 35.77 10.69
N ALA B 330 -19.98 35.67 11.76
CA ALA B 330 -21.24 36.39 11.92
C ALA B 330 -21.13 37.30 13.15
N LEU B 331 -20.26 38.31 13.02
CA LEU B 331 -19.99 39.28 14.07
C LEU B 331 -21.09 40.35 14.04
N GLY B 332 -21.60 40.71 15.23
CA GLY B 332 -22.69 41.69 15.38
C GLY B 332 -22.27 43.11 15.02
N ASP B 333 -23.27 43.97 14.78
CA ASP B 333 -23.06 45.37 14.37
C ASP B 333 -22.37 46.15 15.51
N SER B 334 -22.83 45.91 16.75
CA SER B 334 -22.28 46.57 17.95
C SER B 334 -20.76 46.31 18.05
N GLU B 335 -20.36 45.06 17.76
CA GLU B 335 -18.97 44.63 17.83
C GLU B 335 -18.15 45.30 16.71
N TYR B 336 -18.72 45.34 15.49
CA TYR B 336 -18.09 45.99 14.35
C TYR B 336 -17.92 47.50 14.61
N ALA B 337 -18.91 48.09 15.26
CA ALA B 337 -18.93 49.52 15.58
C ALA B 337 -17.79 49.85 16.57
N ALA B 338 -17.79 49.16 17.72
CA ALA B 338 -16.80 49.36 18.78
C ALA B 338 -15.37 49.23 18.20
N ALA B 339 -15.15 48.15 17.44
CA ALA B 339 -13.87 47.86 16.81
C ALA B 339 -13.51 48.97 15.81
N GLY B 340 -14.50 49.38 15.01
CA GLY B 340 -14.35 50.49 14.07
C GLY B 340 -13.86 51.76 14.75
N GLY B 341 -14.50 52.10 15.88
CA GLY B 341 -14.11 53.23 16.71
C GLY B 341 -12.62 53.18 17.05
N TRP B 342 -12.18 52.04 17.56
CA TRP B 342 -10.80 51.82 17.98
C TRP B 342 -9.85 51.92 16.77
N LEU B 343 -10.26 51.37 15.64
CA LEU B 343 -9.44 51.30 14.43
C LEU B 343 -9.18 52.71 13.87
N GLU B 344 -10.19 53.59 13.98
CA GLU B 344 -10.08 54.98 13.50
C GLU B 344 -9.16 55.78 14.43
N ARG B 345 -9.43 55.72 15.74
CA ARG B 345 -8.64 56.42 16.77
C ARG B 345 -7.15 56.12 16.62
N GLN B 346 -6.82 54.85 16.36
CA GLN B 346 -5.43 54.37 16.33
C GLN B 346 -4.79 54.60 14.95
N GLY B 347 -5.58 55.07 13.98
CA GLY B 347 -5.08 55.47 12.66
C GLY B 347 -4.95 54.32 11.69
N ILE B 348 -5.59 53.18 12.00
CA ILE B 348 -5.46 51.95 11.23
C ILE B 348 -6.32 52.06 9.96
N PHE B 349 -7.55 52.56 10.11
CA PHE B 349 -8.42 52.85 8.95
C PHE B 349 -7.70 53.81 7.98
N GLY B 350 -6.88 54.71 8.54
CA GLY B 350 -5.99 55.57 7.77
C GLY B 350 -5.05 54.76 6.88
N LEU B 351 -4.37 53.78 7.49
CA LEU B 351 -3.41 52.90 6.80
C LEU B 351 -4.13 52.09 5.71
N VAL B 352 -5.38 51.70 5.97
CA VAL B 352 -6.19 50.93 5.02
C VAL B 352 -6.50 51.79 3.79
N SER B 353 -6.96 53.03 4.01
CA SER B 353 -7.26 53.97 2.93
C SER B 353 -6.04 54.19 2.04
N ASP B 354 -4.88 54.42 2.67
CA ASP B 354 -3.61 54.62 1.96
C ASP B 354 -3.28 53.37 1.14
N ALA B 355 -3.40 52.20 1.78
CA ALA B 355 -3.06 50.91 1.18
C ALA B 355 -3.93 50.65 -0.06
N VAL B 356 -5.23 50.90 0.06
CA VAL B 356 -6.21 50.66 -1.03
C VAL B 356 -5.91 51.59 -2.21
N ASN B 357 -5.44 52.81 -1.92
CA ASN B 357 -5.10 53.80 -2.95
C ASN B 357 -3.82 53.36 -3.67
N ALA B 358 -2.83 52.89 -2.90
CA ALA B 358 -1.59 52.32 -3.45
C ALA B 358 -1.92 51.13 -4.37
N TRP B 359 -2.90 50.31 -3.96
CA TRP B 359 -3.36 49.14 -4.70
C TRP B 359 -3.97 49.55 -6.05
N ARG B 360 -4.88 50.54 -6.02
CA ARG B 360 -5.61 51.00 -7.22
C ARG B 360 -4.64 51.57 -8.25
N GLU B 361 -3.72 52.44 -7.78
CA GLU B 361 -2.75 53.14 -8.64
C GLU B 361 -1.87 52.12 -9.38
N ASP B 362 -1.54 51.01 -8.71
CA ASP B 362 -0.71 49.95 -9.30
C ASP B 362 -1.60 49.05 -10.15
N GLN B 364 -4.31 47.27 -9.91
CA GLN B 364 -5.05 46.42 -8.97
C GLN B 364 -4.50 44.99 -9.02
N GLN B 365 -3.20 44.84 -8.73
CA GLN B 365 -2.51 43.55 -8.65
C GLN B 365 -2.84 42.88 -7.30
N SER B 366 -2.50 41.60 -7.16
CA SER B 366 -2.53 40.87 -5.89
C SER B 366 -2.08 41.79 -4.74
N ILE B 367 -2.86 41.77 -3.65
CA ILE B 367 -2.71 42.71 -2.54
C ILE B 367 -2.04 42.03 -1.33
N ASP B 368 -1.36 40.90 -1.59
CA ASP B 368 -0.77 40.07 -0.54
C ASP B 368 0.19 40.89 0.30
N GLY B 369 1.17 41.53 -0.37
CA GLY B 369 2.23 42.31 0.30
C GLY B 369 1.68 43.51 1.05
N ILE B 370 0.74 44.23 0.43
CA ILE B 370 0.22 45.50 0.95
C ILE B 370 -0.54 45.22 2.26
N PHE B 371 -1.45 44.23 2.22
CA PHE B 371 -2.27 43.85 3.37
C PHE B 371 -1.40 43.41 4.56
N ASP B 372 -0.30 42.72 4.26
CA ASP B 372 0.61 42.18 5.27
C ASP B 372 1.18 43.33 6.12
N GLN B 373 1.65 44.38 5.44
CA GLN B 373 2.24 45.54 6.16
C GLN B 373 1.21 46.10 7.13
N VAL B 374 0.03 46.44 6.62
CA VAL B 374 -1.07 47.02 7.44
C VAL B 374 -1.31 46.12 8.66
N GLU B 375 -1.60 44.84 8.42
CA GLU B 375 -1.89 43.90 9.52
C GLU B 375 -0.76 43.93 10.55
N SER B 376 0.50 43.85 10.09
CA SER B 376 1.65 43.89 11.03
C SER B 376 1.58 45.17 11.85
N ARG B 377 1.36 46.30 11.19
CA ARG B 377 1.23 47.60 11.90
C ARG B 377 0.03 47.52 12.84
N PHE B 378 -1.08 46.94 12.37
CA PHE B 378 -2.30 46.83 13.19
C PHE B 378 -2.06 45.93 14.40
N VAL B 379 -1.39 44.80 14.19
CA VAL B 379 -1.17 43.87 15.34
C VAL B 379 -0.36 44.61 16.40
N ALA B 380 0.72 45.26 15.98
CA ALA B 380 1.59 46.01 16.91
C ALA B 380 0.76 46.99 17.72
N ALA B 381 -0.07 47.77 17.03
CA ALA B 381 -0.94 48.77 17.68
C ALA B 381 -1.82 48.08 18.73
N TRP B 382 -2.52 47.02 18.35
CA TRP B 382 -3.43 46.33 19.28
C TRP B 382 -2.68 45.75 20.48
N GLU B 383 -1.55 45.09 20.24
CA GLU B 383 -0.77 44.48 21.35
C GLU B 383 -0.32 45.57 22.31
N ASP B 384 0.14 46.71 21.78
CA ASP B 384 0.62 47.81 22.63
C ASP B 384 -0.49 48.47 23.44
N ASP B 385 -1.65 48.72 22.83
CA ASP B 385 -2.73 49.42 23.56
C ASP B 385 -3.43 48.51 24.57
N ALA B 386 -3.43 47.21 24.32
CA ALA B 386 -4.16 46.23 25.14
C ALA B 386 -3.44 45.98 26.47
N GLY B 387 -2.10 46.13 26.46
CA GLY B 387 -1.27 45.88 27.63
C GLY B 387 -1.29 44.41 27.99
N LEU B 388 -0.67 43.62 27.12
CA LEU B 388 -0.74 42.17 27.14
C LEU B 388 0.28 41.63 28.16
N MET B 389 -0.22 40.99 29.21
CA MET B 389 0.63 40.37 30.21
C MET B 389 -0.14 39.23 30.91
N THR B 390 0.57 38.45 31.72
CA THR B 390 -0.04 37.36 32.49
C THR B 390 -0.76 37.94 33.70
N TYR B 391 -1.67 37.17 34.29
CA TYR B 391 -2.37 37.59 35.50
C TYR B 391 -1.37 37.73 36.65
N GLY B 392 -0.26 36.98 36.59
CA GLY B 392 0.86 37.12 37.48
C GLY B 392 1.46 38.52 37.40
N GLU B 393 1.95 38.87 36.20
CA GLU B 393 2.58 40.16 35.92
C GLU B 393 1.64 41.32 36.30
N ALA B 394 0.33 41.10 36.16
CA ALA B 394 -0.70 42.12 36.38
C ALA B 394 -0.83 42.47 37.88
N VAL B 395 -0.92 41.44 38.73
CA VAL B 395 -1.08 41.61 40.17
C VAL B 395 0.27 42.04 40.78
N ALA B 396 1.37 41.67 40.14
CA ALA B 396 2.73 42.07 40.53
C ALA B 396 2.90 43.59 40.39
N ASP B 397 2.28 44.18 39.36
CA ASP B 397 2.33 45.62 39.10
C ASP B 397 1.59 46.39 40.20
N VAL B 398 0.45 45.85 40.67
CA VAL B 398 -0.36 46.48 41.72
C VAL B 398 0.46 46.59 43.02
N LEU B 399 1.17 45.51 43.36
CA LEU B 399 1.93 45.43 44.61
C LEU B 399 3.19 46.30 44.52
N GLU B 400 3.77 46.43 43.33
CA GLU B 400 4.98 47.24 43.13
C GLU B 400 4.65 48.74 43.18
N PHE B 401 3.35 49.08 43.04
CA PHE B 401 2.83 50.43 43.17
C PHE B 401 2.59 50.75 44.66
N GLY B 402 2.18 49.73 45.43
CA GLY B 402 1.97 49.83 46.88
C GLY B 402 3.23 49.53 47.66
N ALA B 412 4.07 40.20 49.83
CA ALA B 412 5.38 40.63 49.37
C ALA B 412 5.52 40.35 47.88
N PRO B 413 6.30 41.18 47.12
CA PRO B 413 6.34 41.08 45.66
C PRO B 413 6.87 39.74 45.11
N GLU B 414 8.05 39.31 45.58
CA GLU B 414 8.73 38.13 45.05
C GLU B 414 8.05 36.85 45.58
N GLU B 415 7.43 36.96 46.77
CA GLU B 415 6.66 35.87 47.37
C GLU B 415 5.45 35.53 46.48
N TRP B 416 4.82 36.58 45.94
CA TRP B 416 3.60 36.46 45.14
C TRP B 416 3.89 35.72 43.83
N ARG B 417 4.95 36.12 43.13
CA ARG B 417 5.41 35.52 41.86
C ARG B 417 5.44 33.99 41.98
N ALA B 418 6.04 33.50 43.08
CA ALA B 418 6.19 32.06 43.35
C ALA B 418 4.81 31.39 43.47
N PHE B 419 3.85 32.09 44.09
CA PHE B 419 2.49 31.58 44.26
C PHE B 419 1.73 31.59 42.92
N ALA B 420 1.89 32.69 42.16
CA ALA B 420 1.18 32.90 40.89
C ALA B 420 1.62 31.88 39.84
N ALA B 421 2.91 31.48 39.88
CA ALA B 421 3.51 30.60 38.89
C ALA B 421 3.02 29.15 39.03
N ARG B 422 2.45 28.81 40.19
CA ARG B 422 1.95 27.46 40.47
C ARG B 422 0.45 27.47 40.76
N ALA B 423 -0.21 28.60 40.50
CA ALA B 423 -1.60 28.80 40.91
C ALA B 423 -2.52 28.77 39.69
N SER B 424 -3.66 28.09 39.86
CA SER B 424 -4.78 28.20 38.94
C SER B 424 -5.16 29.68 38.80
N LEU B 425 -6.03 29.98 37.85
CA LEU B 425 -6.51 31.34 37.63
C LEU B 425 -7.48 31.72 38.76
N HIS B 426 -8.34 30.76 39.13
CA HIS B 426 -9.35 30.95 40.19
C HIS B 426 -8.66 31.08 41.56
N ALA B 427 -7.57 30.32 41.76
CA ALA B 427 -6.81 30.33 43.00
C ALA B 427 -6.01 31.64 43.15
N ALA B 428 -5.51 32.16 42.01
CA ALA B 428 -4.71 33.38 41.99
C ALA B 428 -5.59 34.62 42.20
N ARG B 429 -6.81 34.58 41.65
CA ARG B 429 -7.80 35.66 41.81
C ARG B 429 -8.25 35.74 43.28
N ALA B 430 -8.51 34.57 43.88
CA ALA B 430 -8.95 34.46 45.28
C ALA B 430 -7.88 35.02 46.23
N LYS B 431 -6.61 34.79 45.91
CA LYS B 431 -5.49 35.24 46.73
C LYS B 431 -5.24 36.75 46.52
N ALA B 432 -5.55 37.26 45.33
CA ALA B 432 -5.34 38.66 44.97
C ALA B 432 -6.43 39.55 45.60
N LYS B 433 -7.69 39.12 45.51
CA LYS B 433 -8.83 39.80 46.13
C LYS B 433 -8.60 39.91 47.65
N GLU B 434 -8.24 38.78 48.27
CA GLU B 434 -7.65 38.75 49.63
C GLU B 434 -6.41 39.66 49.54
N LEU B 435 -6.38 40.72 50.36
CA LEU B 435 -5.41 41.84 50.27
C LEU B 435 -5.29 42.35 48.82
N ALA B 437 -6.20 43.64 45.80
CA ALA B 437 -5.33 43.87 44.64
C ALA B 437 -5.76 42.96 43.49
N ASP B 438 -6.99 43.14 43.01
CA ASP B 438 -7.59 42.36 41.92
C ASP B 438 -7.71 43.25 40.69
N PRO B 439 -6.61 43.40 39.90
CA PRO B 439 -6.57 44.35 38.79
C PRO B 439 -7.40 43.91 37.58
N PRO B 440 -7.63 44.80 36.59
CA PRO B 440 -8.40 44.44 35.40
C PRO B 440 -7.57 43.55 34.47
N TRP B 441 -8.13 42.38 34.12
CA TRP B 441 -7.44 41.36 33.33
C TRP B 441 -8.44 40.46 32.62
N ASP B 442 -8.33 40.40 31.28
CA ASP B 442 -9.19 39.54 30.45
C ASP B 442 -8.34 38.87 29.36
N CYS B 443 -8.32 37.53 29.37
CA CYS B 443 -7.62 36.73 28.35
C CYS B 443 -8.52 36.53 27.10
N GLU B 444 -9.84 36.63 27.30
CA GLU B 444 -10.82 36.46 26.21
C GLU B 444 -10.62 37.54 25.14
N LEU B 445 -10.29 38.77 25.58
CA LEU B 445 -10.04 39.92 24.67
C LEU B 445 -8.94 39.56 23.65
N ALA B 446 -7.96 38.76 24.08
CA ALA B 446 -6.72 38.53 23.34
C ALA B 446 -6.80 37.29 22.43
N LYS B 447 -7.96 36.60 22.40
CA LYS B 447 -8.14 35.41 21.58
C LYS B 447 -7.99 35.76 20.10
N THR B 448 -7.46 34.79 19.33
CA THR B 448 -7.37 34.89 17.88
C THR B 448 -8.76 34.68 17.26
N PRO B 449 -8.94 34.92 15.95
CA PRO B 449 -10.23 34.66 15.28
C PRO B 449 -10.71 33.20 15.37
N GLU B 450 -9.76 32.25 15.38
CA GLU B 450 -10.06 30.81 15.51
C GLU B 450 -10.60 30.52 16.92
N GLY B 451 -10.15 31.30 17.90
CA GLY B 451 -10.55 31.14 19.30
C GLY B 451 -9.44 30.60 20.17
N TYR B 452 -8.18 30.69 19.70
CA TYR B 452 -7.02 30.25 20.46
C TYR B 452 -6.59 31.36 21.43
N TYR B 453 -6.24 30.98 22.65
CA TYR B 453 -5.75 31.88 23.69
C TYR B 453 -4.24 32.10 23.49
N GLN B 454 -3.77 33.29 23.84
CA GLN B 454 -2.35 33.61 23.80
C GLN B 454 -1.72 33.18 25.14
N ILE B 455 -0.47 32.71 25.06
CA ILE B 455 0.30 32.22 26.22
C ILE B 455 1.73 32.75 26.11
N ARG B 456 2.42 32.81 27.25
CA ARG B 456 3.82 33.22 27.32
C ARG B 456 4.71 31.98 27.08
N GLY B 457 5.02 31.75 25.81
CA GLY B 457 5.97 30.75 25.42
C GLY B 457 7.36 31.09 25.94
N GLY B 458 8.20 30.07 26.11
CA GLY B 458 9.54 30.18 26.62
C GLY B 458 9.93 28.95 27.42
N ILE B 459 11.16 28.95 27.92
CA ILE B 459 11.72 27.77 28.59
C ILE B 459 10.94 27.48 29.87
N PRO B 460 10.53 28.49 30.66
CA PRO B 460 9.71 28.23 31.85
C PRO B 460 8.42 27.45 31.54
N TYR B 461 7.77 27.76 30.43
CA TYR B 461 6.54 27.09 30.04
C TYR B 461 6.86 25.66 29.57
N ALA B 462 7.95 25.52 28.81
CA ALA B 462 8.45 24.20 28.40
C ALA B 462 8.71 23.32 29.63
N ILE B 463 9.30 23.91 30.68
CA ILE B 463 9.60 23.21 31.94
C ILE B 463 8.29 22.75 32.59
N ALA B 464 7.30 23.64 32.67
CA ALA B 464 6.02 23.35 33.30
C ALA B 464 5.34 22.16 32.62
N LYS B 465 5.30 22.18 31.28
CA LYS B 465 4.67 21.11 30.48
C LYS B 465 5.43 19.80 30.67
N SER B 466 6.75 19.86 30.58
CA SER B 466 7.61 18.69 30.67
C SER B 466 7.51 18.03 32.05
N LEU B 467 7.41 18.85 33.11
CA LEU B 467 7.27 18.34 34.49
C LEU B 467 5.93 17.62 34.66
N ALA B 468 4.87 18.17 34.06
CA ALA B 468 3.54 17.53 34.06
C ALA B 468 3.57 16.17 33.34
N ALA B 469 4.37 16.08 32.28
CA ALA B 469 4.42 14.91 31.40
C ALA B 469 5.39 13.84 31.94
N ALA B 470 6.31 14.23 32.83
CA ALA B 470 7.46 13.41 33.24
C ALA B 470 7.03 12.05 33.76
N PRO B 471 5.99 11.94 34.63
CA PRO B 471 5.56 10.65 35.16
C PRO B 471 4.92 9.70 34.13
N PHE B 472 4.76 10.16 32.88
CA PHE B 472 4.09 9.39 31.84
C PHE B 472 5.03 9.15 30.63
N ALA B 473 6.27 9.64 30.71
CA ALA B 473 7.22 9.53 29.59
C ALA B 473 8.59 9.06 30.11
N ASP B 474 9.29 8.32 29.25
CA ASP B 474 10.61 7.77 29.53
C ASP B 474 11.70 8.80 29.21
N ILE B 475 11.43 9.70 28.25
CA ILE B 475 12.39 10.73 27.82
C ILE B 475 11.61 12.03 27.58
N LEU B 476 12.18 13.17 28.00
CA LEU B 476 11.59 14.49 27.80
C LEU B 476 12.44 15.27 26.80
N TRP B 477 11.77 16.03 25.94
CA TRP B 477 12.42 16.75 24.86
C TRP B 477 11.75 18.13 24.72
N MET B 478 12.57 19.18 24.86
CA MET B 478 12.15 20.55 24.59
C MET B 478 12.61 20.92 23.17
N GLU B 479 11.65 21.08 22.26
CA GLU B 479 11.90 21.52 20.90
C GLU B 479 12.62 22.87 20.97
N THR B 480 13.77 22.95 20.29
CA THR B 480 14.56 24.17 20.16
C THR B 480 14.75 24.47 18.68
N LYS B 481 14.87 25.77 18.37
CA LYS B 481 15.28 26.25 17.05
C LYS B 481 16.80 26.49 17.08
N THR B 482 17.26 27.21 18.11
CA THR B 482 18.65 27.60 18.27
C THR B 482 19.39 26.61 19.18
N ALA B 483 20.64 26.30 18.81
CA ALA B 483 21.52 25.45 19.60
C ALA B 483 22.27 26.33 20.62
N ASP B 484 21.98 26.12 21.91
CA ASP B 484 22.47 26.96 22.99
C ASP B 484 22.53 26.11 24.28
N LEU B 485 23.74 25.92 24.82
CA LEU B 485 23.95 25.05 26.00
C LEU B 485 23.26 25.64 27.24
N ALA B 486 23.19 26.98 27.32
CA ALA B 486 22.61 27.66 28.48
C ALA B 486 21.10 27.39 28.57
N ASP B 487 20.40 27.49 27.43
CA ASP B 487 18.98 27.18 27.32
C ASP B 487 18.73 25.72 27.71
N ALA B 488 19.56 24.82 27.18
CA ALA B 488 19.49 23.38 27.47
C ALA B 488 19.71 23.13 28.98
N ARG B 489 20.66 23.87 29.57
CA ARG B 489 21.01 23.75 31.00
C ARG B 489 19.82 24.20 31.86
N GLN B 490 19.20 25.33 31.50
CA GLN B 490 18.05 25.86 32.21
C GLN B 490 16.96 24.78 32.29
N PHE B 491 16.70 24.12 31.14
CA PHE B 491 15.70 23.06 31.04
C PHE B 491 16.12 21.87 31.90
N ALA B 492 17.33 21.36 31.69
CA ALA B 492 17.81 20.11 32.29
C ALA B 492 17.84 20.22 33.83
N GLU B 493 18.31 21.36 34.34
CA GLU B 493 18.45 21.57 35.77
C GLU B 493 17.07 21.62 36.43
N ALA B 494 16.14 22.34 35.80
CA ALA B 494 14.77 22.47 36.30
C ALA B 494 14.08 21.10 36.38
N ILE B 495 14.28 20.27 35.34
CA ILE B 495 13.69 18.92 35.29
C ILE B 495 14.32 18.06 36.40
N HIS B 496 15.66 18.08 36.50
CA HIS B 496 16.41 17.16 37.36
C HIS B 496 16.24 17.50 38.85
N ALA B 497 15.93 18.77 39.13
CA ALA B 497 15.60 19.24 40.47
C ALA B 497 14.46 18.41 41.08
N GLU B 498 13.48 18.05 40.25
CA GLU B 498 12.30 17.29 40.70
C GLU B 498 12.38 15.81 40.27
N PHE B 499 13.04 15.54 39.14
CA PHE B 499 13.20 14.18 38.61
C PHE B 499 14.67 13.95 38.25
N PRO B 500 15.54 13.63 39.23
CA PRO B 500 16.97 13.43 38.97
C PRO B 500 17.29 12.35 37.93
N ASP B 501 16.41 11.35 37.77
CA ASP B 501 16.66 10.19 36.91
C ASP B 501 16.05 10.36 35.50
N GLN B 502 15.41 11.52 35.23
CA GLN B 502 14.69 11.71 33.97
C GLN B 502 15.68 11.91 32.81
N MET B 503 15.71 10.95 31.88
CA MET B 503 16.52 11.06 30.67
C MET B 503 15.91 12.12 29.75
N LEU B 504 16.75 12.83 29.02
CA LEU B 504 16.32 13.90 28.12
C LEU B 504 16.83 13.63 26.70
N ALA B 505 16.26 14.35 25.73
CA ALA B 505 16.66 14.29 24.32
C ALA B 505 16.73 15.72 23.76
N TYR B 506 17.64 15.93 22.80
CA TYR B 506 17.89 17.27 22.25
C TYR B 506 17.93 17.20 20.71
N ASN B 507 17.19 18.10 20.06
CA ASN B 507 17.14 18.15 18.61
C ASN B 507 18.10 19.23 18.11
N LEU B 508 18.75 18.91 16.99
CA LEU B 508 19.68 19.77 16.32
C LEU B 508 19.12 20.04 14.91
N SER B 509 18.48 21.21 14.74
CA SER B 509 17.89 21.57 13.46
C SER B 509 18.97 21.68 12.39
N PRO B 510 18.83 20.97 11.24
CA PRO B 510 19.77 21.14 10.13
C PRO B 510 19.80 22.55 9.53
N SER B 511 18.72 23.32 9.74
CA SER B 511 18.56 24.63 9.14
C SER B 511 19.18 25.73 10.03
N PHE B 512 19.44 25.41 11.30
CA PHE B 512 20.09 26.37 12.20
C PHE B 512 21.50 26.66 11.69
N ASN B 513 21.77 27.93 11.38
CA ASN B 513 23.07 28.36 10.86
C ASN B 513 24.08 28.38 12.02
N TRP B 514 24.96 27.37 12.04
CA TRP B 514 25.89 27.16 13.15
C TRP B 514 26.98 28.25 13.16
N ASP B 515 27.26 28.84 12.01
CA ASP B 515 28.31 29.85 11.87
C ASP B 515 27.80 31.24 12.27
N THR B 516 26.56 31.35 12.74
CA THR B 516 26.03 32.62 13.27
C THR B 516 26.10 32.64 14.80
N THR B 517 26.45 31.51 15.42
CA THR B 517 26.46 31.39 16.89
C THR B 517 27.65 32.13 17.49
N GLY B 518 28.73 32.27 16.72
CA GLY B 518 29.98 32.83 17.20
C GLY B 518 30.84 31.80 17.90
N MET B 519 30.38 30.54 17.94
CA MET B 519 31.15 29.43 18.52
C MET B 519 32.38 29.16 17.66
N THR B 520 33.46 28.71 18.31
CA THR B 520 34.65 28.21 17.65
C THR B 520 34.35 26.81 17.08
N ASP B 521 35.17 26.37 16.13
CA ASP B 521 35.06 25.04 15.54
C ASP B 521 35.19 23.98 16.66
N GLU B 522 36.03 24.26 17.66
CA GLU B 522 36.27 23.33 18.76
C GLU B 522 35.05 23.25 19.68
N GLU B 523 34.35 24.37 19.87
CA GLU B 523 33.12 24.40 20.67
C GLU B 523 32.02 23.58 19.96
N MET B 524 31.99 23.63 18.63
CA MET B 524 31.05 22.88 17.81
C MET B 524 31.31 21.38 17.94
N ARG B 525 32.60 21.01 17.98
CA ARG B 525 33.01 19.61 18.12
C ARG B 525 32.54 19.05 19.48
N ARG B 526 32.51 19.89 20.51
CA ARG B 526 32.30 19.47 21.90
C ARG B 526 30.81 19.55 22.32
N PHE B 527 29.98 20.19 21.49
CA PHE B 527 28.58 20.50 21.81
C PHE B 527 27.80 19.22 22.16
N PRO B 528 27.90 18.13 21.36
CA PRO B 528 27.22 16.88 21.70
C PRO B 528 27.60 16.31 23.08
N GLU B 529 28.88 16.37 23.43
CA GLU B 529 29.40 15.83 24.69
C GLU B 529 28.85 16.66 25.86
N GLU B 530 28.73 17.98 25.66
CA GLU B 530 28.22 18.91 26.66
C GLU B 530 26.74 18.61 26.97
N LEU B 531 25.96 18.29 25.92
CA LEU B 531 24.56 17.86 26.07
C LEU B 531 24.52 16.59 26.94
N GLY B 532 25.37 15.61 26.60
CA GLY B 532 25.45 14.34 27.32
C GLY B 532 25.64 14.54 28.81
N LYS B 533 26.46 15.53 29.18
CA LYS B 533 26.84 15.81 30.57
C LYS B 533 25.61 16.28 31.37
N MET B 534 24.68 16.96 30.70
CA MET B 534 23.47 17.50 31.35
C MET B 534 22.33 16.47 31.34
N GLY B 535 22.56 15.28 30.77
CA GLY B 535 21.59 14.18 30.82
C GLY B 535 20.75 14.04 29.55
N PHE B 536 21.10 14.78 28.50
CA PHE B 536 20.55 14.57 27.15
C PHE B 536 21.24 13.37 26.52
N VAL B 537 20.58 12.20 26.58
CA VAL B 537 21.20 10.90 26.25
C VAL B 537 21.09 10.60 24.75
N PHE B 538 20.16 11.26 24.07
CA PHE B 538 19.82 10.95 22.67
C PHE B 538 19.59 12.27 21.92
N ASN B 539 20.56 12.61 21.06
CA ASN B 539 20.61 13.90 20.38
C ASN B 539 20.71 13.64 18.87
N PHE B 540 19.94 14.39 18.07
CA PHE B 540 19.71 13.98 16.69
C PHE B 540 19.56 15.19 15.76
N ILE B 541 20.22 15.09 14.60
CA ILE B 541 20.04 15.99 13.46
C ILE B 541 18.86 15.46 12.63
N THR B 542 17.68 16.06 12.84
CA THR B 542 16.38 15.48 12.47
C THR B 542 16.37 14.96 11.03
N TYR B 543 16.52 15.85 10.04
CA TYR B 543 16.47 15.43 8.63
C TYR B 543 17.85 15.57 7.97
N GLY B 544 18.90 15.18 8.70
CA GLY B 544 20.26 15.16 8.18
C GLY B 544 20.37 14.36 6.90
N GLY B 545 19.73 13.19 6.87
CA GLY B 545 19.80 12.28 5.72
C GLY B 545 19.29 12.93 4.44
N HIS B 546 18.22 13.72 4.58
CA HIS B 546 17.61 14.43 3.46
C HIS B 546 18.61 15.44 2.87
N GLN B 547 19.35 16.12 3.75
CA GLN B 547 20.31 17.15 3.35
C GLN B 547 21.49 16.52 2.58
N ILE B 548 22.11 15.47 3.14
CA ILE B 548 23.30 14.87 2.51
C ILE B 548 22.92 14.18 1.20
N ASP B 549 21.68 13.67 1.12
CA ASP B 549 21.17 13.03 -0.09
C ASP B 549 21.14 14.05 -1.23
N GLY B 550 20.67 15.26 -0.94
CA GLY B 550 20.57 16.34 -1.91
C GLY B 550 21.92 16.80 -2.41
N VAL B 551 22.84 17.06 -1.47
CA VAL B 551 24.18 17.53 -1.78
C VAL B 551 24.87 16.51 -2.69
N ALA B 552 24.76 15.22 -2.33
CA ALA B 552 25.39 14.13 -3.07
C ALA B 552 24.87 14.08 -4.52
N ALA B 553 23.58 14.32 -4.71
CA ALA B 553 22.93 14.25 -6.01
C ALA B 553 23.38 15.43 -6.89
N GLU B 554 23.43 16.63 -6.30
CA GLU B 554 23.90 17.84 -6.99
C GLU B 554 25.32 17.60 -7.49
N GLU B 555 26.19 17.11 -6.60
CA GLU B 555 27.61 16.93 -6.91
C GLU B 555 27.75 15.94 -8.07
N PHE B 556 27.15 14.76 -7.95
CA PHE B 556 27.36 13.70 -8.93
C PHE B 556 26.76 14.11 -10.28
N ALA B 557 25.61 14.79 -10.27
CA ALA B 557 24.94 15.21 -11.50
C ALA B 557 25.80 16.27 -12.21
N THR B 558 26.33 17.21 -11.42
CA THR B 558 27.24 18.23 -11.94
C THR B 558 28.50 17.54 -12.51
N ALA B 559 29.08 16.62 -11.74
CA ALA B 559 30.32 15.93 -12.10
C ALA B 559 30.16 15.16 -13.40
N LEU B 560 28.99 14.55 -13.60
CA LEU B 560 28.73 13.71 -14.77
C LEU B 560 28.68 14.59 -16.02
N ARG B 561 28.09 15.79 -15.89
CA ARG B 561 27.99 16.73 -16.99
C ARG B 561 29.38 17.34 -17.28
N GLN B 562 30.15 17.61 -16.22
CA GLN B 562 31.50 18.19 -16.34
C GLN B 562 32.48 17.16 -16.94
N ASP B 563 32.55 15.97 -16.35
CA ASP B 563 33.69 15.07 -16.51
C ASP B 563 33.28 13.69 -17.03
N GLY B 564 32.04 13.54 -17.52
CA GLY B 564 31.56 12.25 -18.03
C GLY B 564 31.85 11.11 -17.07
N MET B 565 32.44 10.02 -17.60
CA MET B 565 32.57 8.76 -16.86
C MET B 565 33.71 8.84 -15.83
N LEU B 566 34.52 9.90 -15.91
CA LEU B 566 35.55 10.18 -14.90
C LEU B 566 34.87 10.47 -13.54
N ALA B 567 33.61 10.93 -13.59
CA ALA B 567 32.81 11.16 -12.38
C ALA B 567 32.59 9.85 -11.61
N LEU B 568 32.42 8.75 -12.36
CA LEU B 568 32.21 7.44 -11.78
C LEU B 568 33.55 6.88 -11.27
N ALA B 569 34.60 7.05 -12.08
CA ALA B 569 35.98 6.66 -11.70
C ALA B 569 36.37 7.27 -10.35
N ARG B 570 36.09 8.57 -10.18
CA ARG B 570 36.48 9.29 -8.98
C ARG B 570 35.71 8.76 -7.78
N LEU B 571 34.42 8.43 -7.98
CA LEU B 571 33.59 7.84 -6.92
C LEU B 571 34.16 6.46 -6.53
N GLN B 572 34.51 5.66 -7.54
CA GLN B 572 35.10 4.33 -7.34
C GLN B 572 36.41 4.45 -6.56
N ARG B 573 37.24 5.44 -6.90
CA ARG B 573 38.52 5.67 -6.22
C ARG B 573 38.26 5.96 -4.74
N LYS B 574 37.30 6.85 -4.48
CA LYS B 574 36.93 7.24 -3.12
C LYS B 574 36.54 6.00 -2.31
N MET B 575 35.76 5.11 -2.93
CA MET B 575 35.24 3.90 -2.28
C MET B 575 36.39 2.94 -1.96
N ARG B 576 37.34 2.78 -2.89
CA ARG B 576 38.51 1.93 -2.70
C ARG B 576 39.37 2.46 -1.53
N LEU B 577 39.50 3.78 -1.42
CA LEU B 577 40.36 4.38 -0.41
C LEU B 577 39.84 4.07 1.00
N VAL B 578 38.53 4.21 1.21
CA VAL B 578 37.93 4.03 2.56
C VAL B 578 37.48 2.58 2.75
N GLU B 579 37.67 1.74 1.73
CA GLU B 579 37.26 0.32 1.74
C GLU B 579 35.76 0.21 2.06
N SER B 580 34.94 0.96 1.31
CA SER B 580 33.49 0.93 1.45
C SER B 580 32.92 -0.40 0.96
N PRO B 581 31.93 -0.98 1.66
CA PRO B 581 31.18 -2.13 1.16
C PRO B 581 30.51 -1.90 -0.20
N TYR B 582 30.27 -0.63 -0.55
CA TYR B 582 29.63 -0.24 -1.81
C TYR B 582 30.55 -0.53 -3.00
N ARG B 583 31.83 -0.76 -2.71
CA ARG B 583 32.86 -1.26 -3.64
C ARG B 583 32.34 -2.51 -4.38
N THR B 584 31.66 -3.40 -3.65
CA THR B 584 31.13 -4.67 -4.19
C THR B 584 29.62 -4.72 -3.94
N PRO B 585 28.80 -4.06 -4.81
CA PRO B 585 27.36 -3.92 -4.56
C PRO B 585 26.63 -5.27 -4.44
N GLN B 586 27.02 -6.25 -5.27
CA GLN B 586 26.36 -7.55 -5.32
C GLN B 586 26.45 -8.22 -3.93
N THR B 587 27.57 -8.03 -3.24
CA THR B 587 27.78 -8.59 -1.91
C THR B 587 26.97 -7.80 -0.89
N LEU B 588 26.95 -6.48 -1.03
CA LEU B 588 26.27 -5.56 -0.11
C LEU B 588 24.78 -5.92 0.03
N VAL B 589 24.13 -6.23 -1.09
CA VAL B 589 22.69 -6.51 -1.10
C VAL B 589 22.40 -7.97 -0.72
N GLY B 590 23.46 -8.78 -0.56
CA GLY B 590 23.36 -10.13 0.01
C GLY B 590 23.35 -11.22 -1.04
N GLY B 591 24.14 -11.05 -2.11
CA GLY B 591 24.27 -12.02 -3.19
C GLY B 591 24.70 -13.41 -2.71
N PRO B 592 25.77 -13.53 -1.89
CA PRO B 592 26.19 -14.82 -1.36
C PRO B 592 25.10 -15.64 -0.64
N ARG B 593 24.37 -14.99 0.27
CA ARG B 593 23.30 -15.66 1.03
C ARG B 593 22.18 -16.08 0.07
N SER B 594 21.90 -15.23 -0.93
CA SER B 594 20.86 -15.47 -1.92
C SER B 594 21.23 -16.65 -2.82
N ASP B 595 22.51 -16.75 -3.19
CA ASP B 595 23.04 -17.86 -4.00
C ASP B 595 22.85 -19.17 -3.24
N ALA B 596 23.16 -19.15 -1.94
CA ALA B 596 22.99 -20.30 -1.05
C ALA B 596 21.52 -20.75 -1.06
N ALA B 597 20.60 -19.78 -1.00
CA ALA B 597 19.16 -20.06 -1.00
C ALA B 597 18.72 -20.72 -2.31
N LEU B 598 19.32 -20.30 -3.44
CA LEU B 598 19.00 -20.86 -4.76
C LEU B 598 19.46 -22.33 -4.82
N ALA B 599 20.65 -22.59 -4.28
CA ALA B 599 21.21 -23.92 -4.21
C ALA B 599 20.29 -24.84 -3.39
N ALA B 600 19.85 -24.36 -2.23
CA ALA B 600 18.99 -25.12 -1.32
C ALA B 600 17.65 -25.44 -2.00
N SER B 601 17.07 -24.44 -2.67
CA SER B 601 15.75 -24.55 -3.31
C SER B 601 15.77 -25.59 -4.44
N SER B 602 16.93 -25.73 -5.11
CA SER B 602 17.07 -26.57 -6.32
C SER B 602 17.84 -27.87 -6.03
N GLY B 603 18.25 -28.08 -4.77
CA GLY B 603 19.13 -29.20 -4.39
C GLY B 603 20.43 -29.21 -5.18
N ARG B 604 20.98 -28.03 -5.45
CA ARG B 604 22.27 -27.80 -6.15
C ARG B 604 22.22 -28.29 -7.61
N THR B 605 21.02 -28.37 -8.21
CA THR B 605 20.88 -28.87 -9.59
C THR B 605 20.74 -27.71 -10.59
N ALA B 606 20.55 -26.49 -10.08
CA ALA B 606 20.36 -25.30 -10.92
C ALA B 606 21.70 -24.85 -11.50
N THR B 607 21.68 -24.39 -12.75
CA THR B 607 22.87 -24.07 -13.54
C THR B 607 23.35 -22.65 -13.23
N THR B 608 24.64 -22.53 -12.92
CA THR B 608 25.33 -21.28 -12.58
C THR B 608 26.60 -21.16 -13.43
N LEU B 621 44.26 -9.48 -12.47
CA LEU B 621 43.80 -8.36 -11.66
C LEU B 621 44.84 -7.23 -11.71
N VAL B 622 44.47 -6.13 -12.39
CA VAL B 622 45.33 -4.94 -12.57
C VAL B 622 45.41 -4.19 -11.24
N GLN B 623 46.62 -3.78 -10.84
CA GLN B 623 46.85 -2.93 -9.66
C GLN B 623 46.55 -1.48 -10.02
N THR B 624 45.68 -0.84 -9.21
CA THR B 624 45.24 0.54 -9.43
C THR B 624 46.00 1.49 -8.48
N GLU B 625 46.35 1.01 -7.28
CA GLU B 625 47.12 1.78 -6.30
C GLU B 625 48.24 0.91 -5.72
N VAL B 626 49.40 1.52 -5.42
CA VAL B 626 50.51 0.87 -4.70
C VAL B 626 49.97 0.40 -3.35
N PRO B 627 50.07 -0.91 -3.02
CA PRO B 627 49.45 -1.45 -1.80
C PRO B 627 50.15 -1.03 -0.50
N ARG B 628 49.33 -0.85 0.55
CA ARG B 628 49.79 -0.55 1.89
C ARG B 628 50.71 -1.67 2.39
N LYS B 629 50.49 -2.90 1.90
CA LYS B 629 51.25 -4.09 2.29
C LYS B 629 52.75 -3.88 2.09
N LEU B 630 53.12 -3.16 1.02
CA LEU B 630 54.51 -2.90 0.68
C LEU B 630 55.23 -2.18 1.84
N LEU B 631 54.57 -1.18 2.42
CA LEU B 631 55.13 -0.42 3.54
C LEU B 631 55.14 -1.30 4.81
N GLU B 632 54.09 -2.11 4.99
CA GLU B 632 53.98 -3.03 6.12
C GLU B 632 55.18 -4.00 6.13
N GLU B 633 55.61 -4.43 4.94
CA GLU B 633 56.74 -5.34 4.79
C GLU B 633 58.04 -4.62 5.18
N TRP B 634 58.18 -3.36 4.71
CA TRP B 634 59.33 -2.51 5.05
C TRP B 634 59.40 -2.30 6.57
N LEU B 635 58.23 -2.13 7.20
CA LEU B 635 58.14 -1.87 8.63
C LEU B 635 58.44 -3.13 9.43
N ALA B 636 58.30 -4.31 8.80
CA ALA B 636 58.68 -5.58 9.40
C ALA B 636 60.21 -5.68 9.52
N MET B 637 60.90 -5.32 8.43
CA MET B 637 62.36 -5.21 8.40
C MET B 637 62.82 -4.25 9.51
N TRP B 638 62.19 -3.07 9.53
CA TRP B 638 62.48 -1.99 10.47
C TRP B 638 62.26 -2.45 11.91
N SER B 639 61.07 -3.01 12.20
CA SER B 639 60.72 -3.48 13.54
C SER B 639 61.70 -4.56 14.01
N GLY B 640 62.13 -5.42 13.07
CA GLY B 640 63.09 -6.48 13.34
C GLY B 640 64.41 -5.93 13.86
N HIS B 641 64.98 -4.99 13.11
CA HIS B 641 66.30 -4.45 13.37
C HIS B 641 66.37 -3.74 14.74
N TYR B 642 65.29 -3.03 15.11
CA TYR B 642 65.24 -2.30 16.39
C TYR B 642 64.46 -3.11 17.44
N GLN B 643 64.15 -4.37 17.12
CA GLN B 643 63.74 -5.39 18.10
C GLN B 643 62.44 -4.99 18.81
N LEU B 644 61.43 -4.59 18.01
CA LEU B 644 60.07 -4.38 18.51
C LEU B 644 59.28 -5.67 18.31
N LYS B 645 58.46 -6.02 19.31
CA LYS B 645 57.65 -7.24 19.25
C LYS B 645 56.30 -6.93 18.59
N ASP B 646 56.21 -5.78 17.92
CA ASP B 646 54.94 -5.19 17.48
C ASP B 646 54.84 -5.29 15.97
N LYS B 647 53.78 -6.00 15.50
CA LYS B 647 53.42 -6.10 14.09
C LYS B 647 52.74 -4.80 13.66
N LEU B 648 53.41 -4.01 12.80
CA LEU B 648 52.97 -2.67 12.44
C LEU B 648 52.06 -2.71 11.20
N ARG B 649 50.88 -2.09 11.33
CA ARG B 649 49.87 -2.02 10.30
C ARG B 649 49.85 -0.59 9.74
N VAL B 650 49.57 -0.47 8.43
CA VAL B 650 49.48 0.81 7.72
C VAL B 650 48.02 1.12 7.40
N GLN B 651 47.59 2.33 7.72
CA GLN B 651 46.25 2.81 7.41
C GLN B 651 46.39 4.13 6.62
N LEU B 652 45.63 4.24 5.51
CA LEU B 652 45.58 5.46 4.70
C LEU B 652 44.12 5.80 4.38
N ARG B 653 43.57 6.75 5.15
CA ARG B 653 42.19 7.19 5.04
C ARG B 653 42.18 8.72 5.01
N PRO B 654 41.09 9.38 4.54
CA PRO B 654 40.92 10.81 4.75
C PRO B 654 41.01 11.15 6.25
N GLN B 655 41.61 12.31 6.56
CA GLN B 655 41.86 12.70 7.93
C GLN B 655 40.53 12.98 8.64
N ARG B 656 39.63 13.64 7.91
CA ARG B 656 38.22 13.75 8.27
C ARG B 656 37.40 13.35 7.05
N ALA B 657 36.14 12.96 7.29
CA ALA B 657 35.30 12.36 6.25
C ALA B 657 35.16 13.31 5.04
N GLY B 658 35.43 12.78 3.85
CA GLY B 658 35.20 13.47 2.58
C GLY B 658 36.33 14.41 2.18
N SER B 659 37.34 14.54 3.03
CA SER B 659 38.44 15.51 2.83
C SER B 659 39.42 14.99 1.77
N GLU B 660 40.07 15.92 1.07
CA GLU B 660 41.21 15.63 0.19
C GLU B 660 42.47 15.39 1.04
N VAL B 661 42.47 15.92 2.28
CA VAL B 661 43.55 15.75 3.25
C VAL B 661 43.51 14.33 3.81
N LEU B 662 44.58 13.57 3.55
CA LEU B 662 44.73 12.19 3.98
C LEU B 662 45.57 12.10 5.26
N GLU B 663 45.38 11.01 6.00
CA GLU B 663 46.21 10.66 7.13
C GLU B 663 46.75 9.24 6.90
N LEU B 664 48.08 9.13 6.81
CA LEU B 664 48.73 7.83 6.89
C LEU B 664 49.09 7.56 8.35
N GLY B 665 48.54 6.48 8.91
CA GLY B 665 48.78 6.08 10.28
C GLY B 665 49.51 4.75 10.36
N ILE B 666 50.44 4.66 11.32
CA ILE B 666 51.10 3.42 11.67
C ILE B 666 50.51 2.96 13.02
N HIS B 667 49.98 1.73 13.04
CA HIS B 667 49.27 1.20 14.19
C HIS B 667 49.91 -0.11 14.66
N GLY B 668 49.99 -0.28 15.99
CA GLY B 668 50.43 -1.50 16.64
C GLY B 668 49.28 -2.48 16.82
N GLU B 669 49.55 -3.58 17.53
CA GLU B 669 48.59 -4.66 17.73
C GLU B 669 47.40 -4.16 18.57
N SER B 670 47.67 -3.24 19.51
CA SER B 670 46.64 -2.64 20.36
C SER B 670 45.82 -1.58 19.61
N ASP B 671 46.33 -1.13 18.46
CA ASP B 671 45.74 -0.10 17.57
C ASP B 671 46.13 1.31 18.05
N ASP B 672 47.04 1.37 19.03
CA ASP B 672 47.70 2.63 19.41
C ASP B 672 48.50 3.15 18.21
N LYS B 673 48.36 4.45 17.93
CA LYS B 673 48.96 5.10 16.77
C LYS B 673 50.41 5.48 17.12
N LEU B 674 51.36 4.78 16.51
CA LEU B 674 52.79 4.99 16.75
C LEU B 674 53.30 6.21 15.97
N ALA B 675 52.75 6.42 14.77
CA ALA B 675 53.17 7.49 13.89
C ALA B 675 52.06 7.85 12.90
N ASN B 676 52.16 9.06 12.32
CA ASN B 676 51.24 9.48 11.28
C ASN B 676 51.87 10.59 10.42
N VAL B 677 51.22 10.83 9.29
CA VAL B 677 51.57 11.91 8.35
C VAL B 677 50.26 12.48 7.81
N ILE B 678 49.98 13.74 8.13
CA ILE B 678 48.75 14.39 7.60
C ILE B 678 49.19 15.17 6.36
N PHE B 679 48.70 14.78 5.19
CA PHE B 679 49.15 15.46 3.95
C PHE B 679 48.03 15.43 2.92
N GLN B 680 48.25 16.10 1.79
CA GLN B 680 47.27 16.08 0.69
C GLN B 680 48.04 16.15 -0.63
N PRO B 681 47.72 15.31 -1.61
CA PRO B 681 48.37 15.41 -2.90
C PRO B 681 47.81 16.67 -3.57
N ILE B 682 48.67 17.39 -4.28
CA ILE B 682 48.26 18.64 -4.97
C ILE B 682 48.85 18.59 -6.37
N GLN B 683 48.05 18.96 -7.37
CA GLN B 683 48.55 18.94 -8.77
C GLN B 683 48.67 20.38 -9.28
N ASP B 684 49.77 20.67 -9.98
CA ASP B 684 49.94 21.97 -10.63
C ASP B 684 49.04 21.99 -11.89
N ARG B 685 49.10 23.05 -12.68
CA ARG B 685 48.18 23.23 -13.80
C ARG B 685 48.46 22.24 -14.95
N ARG B 686 49.68 21.67 -14.98
CA ARG B 686 50.08 20.70 -16.02
C ARG B 686 49.92 19.25 -15.53
N GLY B 687 49.63 19.05 -14.24
CA GLY B 687 49.27 17.73 -13.70
C GLY B 687 50.32 17.14 -12.75
N ARG B 688 51.53 17.71 -12.73
CA ARG B 688 52.63 17.33 -11.81
C ARG B 688 52.10 17.26 -10.35
N THR B 689 52.49 16.21 -9.63
CA THR B 689 51.98 15.96 -8.28
C THR B 689 53.02 16.36 -7.22
N ILE B 690 52.52 17.01 -6.19
CA ILE B 690 53.32 17.51 -5.03
C ILE B 690 52.61 17.01 -3.78
N LEU B 691 53.35 16.58 -2.76
CA LEU B 691 52.71 16.14 -1.51
C LEU B 691 52.80 17.30 -0.53
N LEU B 692 51.67 17.81 -0.05
CA LEU B 692 51.71 18.94 0.91
C LEU B 692 51.50 18.39 2.31
N VAL B 693 52.52 18.44 3.14
CA VAL B 693 52.46 17.87 4.52
C VAL B 693 52.12 18.98 5.51
N ARG B 694 51.00 18.84 6.23
CA ARG B 694 50.62 19.83 7.26
C ARG B 694 51.14 19.36 8.62
N ASP B 695 51.23 18.05 8.82
CA ASP B 695 51.68 17.53 10.13
C ASP B 695 52.27 16.13 9.96
N GLN B 696 53.13 15.74 10.89
CA GLN B 696 53.73 14.39 10.90
C GLN B 696 54.19 14.12 12.33
N ASN B 697 54.16 12.87 12.76
CA ASN B 697 54.59 12.59 14.15
C ASN B 697 55.12 11.16 14.30
N THR B 698 56.04 11.02 15.23
CA THR B 698 56.51 9.72 15.73
C THR B 698 56.26 9.92 17.22
N PHE B 699 55.07 9.55 17.67
CA PHE B 699 54.63 9.90 19.04
C PHE B 699 55.61 9.33 20.07
N GLY B 700 56.07 8.11 19.86
CA GLY B 700 57.06 7.52 20.77
C GLY B 700 58.41 8.17 20.61
N ALA B 701 58.93 8.71 21.71
CA ALA B 701 60.22 9.40 21.72
C ALA B 701 61.37 8.41 21.44
N GLU B 702 61.16 7.14 21.82
CA GLU B 702 62.19 6.11 21.68
C GLU B 702 62.22 5.55 20.24
N LEU B 703 61.16 5.82 19.48
CA LEU B 703 61.04 5.36 18.07
C LEU B 703 61.60 6.41 17.10
N ARG B 704 61.95 7.61 17.62
CA ARG B 704 62.42 8.72 16.79
C ARG B 704 63.85 8.46 16.31
N GLN B 705 64.23 9.20 15.25
CA GLN B 705 65.57 9.18 14.66
C GLN B 705 66.01 7.75 14.36
N LYS B 706 65.08 6.95 13.81
CA LYS B 706 65.39 5.60 13.34
C LYS B 706 64.96 5.42 11.88
N ARG B 707 64.59 6.54 11.24
CA ARG B 707 64.24 6.63 9.81
C ARG B 707 62.87 5.97 9.54
N LEU B 708 62.00 5.95 10.56
CA LEU B 708 60.63 5.49 10.40
C LEU B 708 59.92 6.38 9.39
N MET B 709 60.08 7.71 9.57
CA MET B 709 59.44 8.71 8.73
C MET B 709 60.00 8.67 7.31
N THR B 710 61.28 8.30 7.17
CA THR B 710 61.93 8.21 5.87
C THR B 710 61.29 7.06 5.04
N LEU B 711 60.95 5.96 5.71
CA LEU B 711 60.29 4.82 5.06
C LEU B 711 58.90 5.24 4.56
N ILE B 712 58.15 5.90 5.45
CA ILE B 712 56.78 6.38 5.16
C ILE B 712 56.83 7.31 3.95
N HIS B 713 57.80 8.24 3.92
CA HIS B 713 57.97 9.22 2.84
C HIS B 713 58.25 8.49 1.51
N LEU B 714 59.08 7.44 1.56
CA LEU B 714 59.47 6.66 0.38
C LEU B 714 58.23 6.01 -0.23
N TRP B 715 57.38 5.46 0.64
CA TRP B 715 56.14 4.84 0.22
C TRP B 715 55.21 5.89 -0.40
N LEU B 716 55.00 7.00 0.31
CA LEU B 716 54.08 8.07 -0.12
C LEU B 716 54.52 8.61 -1.48
N VAL B 717 55.83 8.79 -1.67
CA VAL B 717 56.38 9.35 -2.90
C VAL B 717 56.12 8.37 -4.06
N HIS B 718 56.22 7.06 -3.76
CA HIS B 718 55.97 6.00 -4.73
C HIS B 718 54.47 5.87 -5.01
N ARG B 719 53.67 5.81 -3.95
CA ARG B 719 52.20 5.68 -4.01
C ARG B 719 51.59 6.82 -4.86
N PHE B 720 52.09 8.05 -4.69
CA PHE B 720 51.45 9.24 -5.28
C PHE B 720 52.26 9.82 -6.46
N LYS B 721 53.37 9.18 -6.83
CA LYS B 721 54.24 9.64 -7.93
C LYS B 721 54.57 11.13 -7.74
N ALA B 722 55.07 11.47 -6.53
CA ALA B 722 55.34 12.85 -6.13
C ALA B 722 56.68 13.33 -6.70
N GLN B 723 56.68 14.54 -7.27
CA GLN B 723 57.91 15.20 -7.75
C GLN B 723 58.57 15.99 -6.61
N ALA B 724 57.75 16.48 -5.66
CA ALA B 724 58.25 17.29 -4.54
C ALA B 724 57.38 17.08 -3.31
N VAL B 725 57.90 17.53 -2.16
CA VAL B 725 57.21 17.50 -0.87
C VAL B 725 57.35 18.89 -0.22
N HIS B 726 56.22 19.55 0.02
CA HIS B 726 56.16 20.85 0.70
C HIS B 726 55.66 20.65 2.14
N TYR B 727 56.39 21.21 3.11
CA TYR B 727 56.01 21.18 4.52
C TYR B 727 55.62 22.59 4.96
N VAL B 728 54.35 22.77 5.35
CA VAL B 728 53.83 24.07 5.75
C VAL B 728 53.97 24.23 7.27
N THR B 729 54.56 25.37 7.67
CA THR B 729 54.78 25.76 9.07
C THR B 729 55.60 24.68 9.77
N PRO B 730 56.83 24.40 9.29
CA PRO B 730 57.67 23.34 9.87
C PRO B 730 58.14 23.70 11.29
N THR B 731 58.40 22.66 12.08
CA THR B 731 59.07 22.80 13.39
C THR B 731 60.57 22.63 13.19
N ASP B 732 61.33 22.77 14.27
CA ASP B 732 62.78 22.58 14.24
C ASP B 732 63.07 21.13 13.82
N ASP B 733 62.40 20.16 14.46
CA ASP B 733 62.55 18.73 14.16
C ASP B 733 62.39 18.48 12.66
N ASN B 734 61.46 19.21 12.03
CA ASN B 734 61.16 19.10 10.61
C ASN B 734 62.38 19.55 9.78
N LEU B 735 63.01 20.66 10.20
CA LEU B 735 64.20 21.23 9.55
C LEU B 735 65.33 20.19 9.54
N TYR B 736 65.57 19.59 10.71
CA TYR B 736 66.66 18.64 10.92
C TYR B 736 66.41 17.37 10.10
N GLN B 737 65.15 16.92 10.10
CA GLN B 737 64.67 15.71 9.40
C GLN B 737 64.89 15.82 7.89
N THR B 738 64.39 16.90 7.28
CA THR B 738 64.41 17.08 5.82
C THR B 738 65.85 17.30 5.33
N SER B 739 66.68 17.92 6.18
CA SER B 739 68.08 18.20 5.87
C SER B 739 68.86 16.87 5.75
N LYS B 740 68.66 15.98 6.73
CA LYS B 740 69.34 14.69 6.76
C LYS B 740 68.79 13.79 5.64
N MET B 741 67.51 13.93 5.29
CA MET B 741 66.90 13.17 4.21
C MET B 741 67.50 13.59 2.86
N LYS B 742 68.03 14.82 2.79
CA LYS B 742 68.76 15.31 1.63
C LYS B 742 70.09 14.55 1.50
N SER B 743 70.73 14.26 2.64
CA SER B 743 72.03 13.57 2.69
C SER B 743 71.90 12.09 2.32
N HIS B 744 70.79 11.45 2.73
CA HIS B 744 70.50 10.05 2.36
C HIS B 744 70.19 9.94 0.86
N GLY B 745 69.94 11.07 0.20
CA GLY B 745 69.76 11.16 -1.24
C GLY B 745 68.29 11.07 -1.66
N ILE B 746 67.37 11.03 -0.69
CA ILE B 746 65.92 10.97 -0.98
C ILE B 746 65.52 12.23 -1.74
N PHE B 747 66.07 13.39 -1.33
CA PHE B 747 65.85 14.67 -1.99
C PHE B 747 67.16 15.15 -2.65
N THR B 748 67.03 15.78 -3.83
CA THR B 748 68.16 16.43 -4.50
C THR B 748 68.39 17.81 -3.87
N GLU B 749 67.32 18.61 -3.76
CA GLU B 749 67.37 20.01 -3.29
C GLU B 749 66.37 20.19 -2.14
N VAL B 750 66.74 21.00 -1.13
CA VAL B 750 65.85 21.34 -0.02
C VAL B 750 66.01 22.85 0.30
N ASN B 751 64.94 23.62 0.11
CA ASN B 751 64.85 25.04 0.46
C ASN B 751 63.93 25.19 1.68
N GLN B 752 64.33 26.03 2.63
CA GLN B 752 63.62 26.19 3.91
C GLN B 752 63.57 27.68 4.27
N GLU B 753 62.36 28.24 4.37
CA GLU B 753 62.11 29.49 5.09
C GLU B 753 61.75 29.12 6.54
N VAL B 754 62.69 29.29 7.47
CA VAL B 754 62.56 28.79 8.85
C VAL B 754 61.22 29.26 9.44
N GLY B 755 60.40 28.29 9.86
CA GLY B 755 59.12 28.57 10.53
C GLY B 755 57.93 28.72 9.59
N GLU B 756 58.16 28.72 8.27
CA GLU B 756 57.10 29.01 7.27
C GLU B 756 56.90 27.82 6.32
N ILE B 757 57.92 27.48 5.53
CA ILE B 757 57.78 26.40 4.52
C ILE B 757 59.14 25.73 4.27
N ILE B 758 59.10 24.41 4.04
CA ILE B 758 60.19 23.64 3.43
C ILE B 758 59.71 23.11 2.08
N VAL B 759 60.56 23.22 1.05
CA VAL B 759 60.31 22.67 -0.29
C VAL B 759 61.44 21.69 -0.60
N ALA B 760 61.09 20.42 -0.83
CA ALA B 760 62.06 19.33 -1.03
C ALA B 760 61.77 18.58 -2.34
N GLU B 761 62.70 18.67 -3.30
CA GLU B 761 62.56 18.02 -4.61
C GLU B 761 63.02 16.56 -4.47
N VAL B 762 62.22 15.65 -5.04
CA VAL B 762 62.45 14.21 -4.93
C VAL B 762 63.57 13.79 -5.88
N ASN B 763 64.45 12.90 -5.40
CA ASN B 763 65.55 12.33 -6.18
C ASN B 763 65.08 11.00 -6.79
N HIS B 764 64.59 11.06 -8.03
CA HIS B 764 63.90 9.94 -8.68
C HIS B 764 64.83 8.73 -8.84
N PRO B 765 66.07 8.89 -9.36
CA PRO B 765 67.03 7.79 -9.38
C PRO B 765 67.20 7.04 -8.03
N ARG B 766 67.34 7.78 -6.93
CA ARG B 766 67.58 7.18 -5.61
C ARG B 766 66.32 6.47 -5.09
N ILE B 767 65.14 6.96 -5.50
CA ILE B 767 63.86 6.32 -5.17
C ILE B 767 63.78 4.98 -5.91
N ALA B 768 64.09 5.00 -7.21
CA ALA B 768 64.08 3.81 -8.07
C ALA B 768 65.04 2.73 -7.52
N GLU B 769 66.21 3.18 -7.03
CA GLU B 769 67.23 2.31 -6.44
C GLU B 769 66.68 1.64 -5.17
N LEU B 770 66.00 2.41 -4.31
CA LEU B 770 65.50 1.90 -3.02
C LEU B 770 64.32 0.94 -3.23
N LEU B 771 63.66 1.04 -4.39
CA LEU B 771 62.45 0.26 -4.71
C LEU B 771 62.81 -1.05 -5.45
N THR B 772 64.09 -1.24 -5.80
CA THR B 772 64.54 -2.48 -6.47
C THR B 772 64.13 -3.68 -5.60
N PRO B 773 63.49 -4.72 -6.18
CA PRO B 773 62.90 -5.81 -5.39
C PRO B 773 63.86 -6.62 -4.50
N ASP B 774 65.18 -6.50 -4.73
CA ASP B 774 66.19 -7.20 -3.94
C ASP B 774 66.27 -6.62 -2.52
N ARG B 775 65.88 -5.34 -2.37
CA ARG B 775 65.83 -4.63 -1.07
C ARG B 775 67.23 -4.50 -0.46
N VAL B 776 68.27 -4.43 -1.29
CA VAL B 776 69.64 -4.35 -0.81
C VAL B 776 69.87 -2.92 -0.27
N ALA B 777 69.70 -1.94 -1.16
CA ALA B 777 69.80 -0.51 -0.84
C ALA B 777 68.90 -0.16 0.34
N LEU B 778 67.67 -0.70 0.30
CA LEU B 778 66.64 -0.44 1.31
C LEU B 778 67.10 -0.95 2.68
N ARG B 779 67.66 -2.16 2.74
CA ARG B 779 68.09 -2.71 4.05
C ARG B 779 69.23 -1.87 4.62
N LYS B 780 70.10 -1.37 3.74
CA LYS B 780 71.26 -0.53 4.15
C LYS B 780 70.71 0.76 4.77
N LEU B 781 69.68 1.31 4.13
CA LEU B 781 69.03 2.56 4.58
C LEU B 781 68.45 2.38 5.98
N ILE B 782 67.86 1.22 6.25
CA ILE B 782 67.17 0.97 7.55
C ILE B 782 68.17 0.81 8.69
N THR B 783 69.29 0.13 8.45
CA THR B 783 70.28 -0.14 9.52
C THR B 783 71.38 0.92 9.52
N LYS B 784 71.35 1.85 8.55
CA LYS B 784 72.35 2.93 8.37
C LYS B 784 73.73 2.31 8.10
N THR C 32 4.05 39.56 -21.64
CA THR C 32 4.95 38.39 -21.89
C THR C 32 4.09 37.14 -22.05
N PRO C 33 4.58 36.08 -22.76
CA PRO C 33 3.85 34.81 -22.84
C PRO C 33 3.52 34.19 -21.46
N PHE C 34 4.45 34.35 -20.50
CA PHE C 34 4.26 33.86 -19.14
C PHE C 34 3.04 34.54 -18.50
N GLU C 35 2.96 35.87 -18.63
CA GLU C 35 1.87 36.67 -18.06
C GLU C 35 0.54 36.32 -18.78
N GLN C 36 0.62 36.08 -20.09
CA GLN C 36 -0.57 35.79 -20.89
C GLN C 36 -1.17 34.45 -20.45
N ASP C 37 -0.32 33.40 -20.40
CA ASP C 37 -0.74 32.05 -20.03
C ASP C 37 -1.46 32.09 -18.68
N PHE C 38 -0.92 32.86 -17.73
CA PHE C 38 -1.48 33.02 -16.41
C PHE C 38 -2.85 33.70 -16.48
N GLU C 39 -2.91 34.85 -17.16
CA GLU C 39 -4.14 35.65 -17.26
C GLU C 39 -5.24 34.84 -17.94
N LYS C 40 -4.86 34.04 -18.93
CA LYS C 40 -5.77 33.16 -19.67
C LYS C 40 -6.43 32.16 -18.70
N ASP C 41 -5.61 31.51 -17.85
CA ASP C 41 -6.11 30.49 -16.93
C ASP C 41 -6.92 31.13 -15.78
N VAL C 42 -6.50 32.33 -15.33
CA VAL C 42 -7.24 33.06 -14.31
C VAL C 42 -8.65 33.39 -14.83
N ALA C 43 -8.73 33.79 -16.12
CA ALA C 43 -10.00 34.16 -16.76
C ALA C 43 -10.91 32.93 -16.89
N ALA C 44 -10.33 31.81 -17.35
CA ALA C 44 -11.04 30.54 -17.47
C ALA C 44 -11.57 30.10 -16.10
N THR C 45 -10.72 30.24 -15.08
CA THR C 45 -11.06 29.84 -13.72
C THR C 45 -12.18 30.73 -13.18
N GLN C 46 -12.15 32.02 -13.52
CA GLN C 46 -13.15 32.99 -13.05
C GLN C 46 -14.52 32.66 -13.67
N ARG C 47 -14.54 32.33 -14.97
CA ARG C 47 -15.77 31.91 -15.66
C ARG C 47 -16.35 30.67 -14.98
N TYR C 48 -15.47 29.73 -14.60
CA TYR C 48 -15.84 28.51 -13.89
C TYR C 48 -16.50 28.86 -12.56
N PHE C 49 -15.87 29.75 -11.78
CA PHE C 49 -16.41 30.23 -10.50
C PHE C 49 -17.81 30.83 -10.70
N ASP C 50 -17.99 31.59 -11.79
CA ASP C 50 -19.19 32.41 -12.02
C ASP C 50 -20.31 31.59 -12.69
N SER C 51 -20.00 30.37 -13.14
CA SER C 51 -20.99 29.48 -13.76
C SER C 51 -22.10 29.17 -12.75
N SER C 52 -23.27 28.80 -13.28
CA SER C 52 -24.49 28.61 -12.48
C SER C 52 -24.34 27.44 -11.50
N ARG C 53 -23.41 26.51 -11.80
CA ARG C 53 -23.06 25.39 -10.93
C ARG C 53 -22.82 25.87 -9.50
N PHE C 54 -22.25 27.08 -9.34
CA PHE C 54 -21.83 27.59 -8.03
C PHE C 54 -22.69 28.79 -7.59
N ALA C 55 -23.90 28.90 -8.15
CA ALA C 55 -24.85 29.94 -7.74
C ALA C 55 -25.10 29.82 -6.23
N GLY C 56 -24.91 30.92 -5.51
CA GLY C 56 -25.15 31.01 -4.08
C GLY C 56 -24.04 30.38 -3.24
N ILE C 57 -22.89 30.08 -3.86
CA ILE C 57 -21.73 29.52 -3.17
C ILE C 57 -20.72 30.65 -2.95
N ILE C 58 -20.26 30.79 -1.70
CA ILE C 58 -19.21 31.73 -1.32
C ILE C 58 -17.87 31.00 -1.25
N ARG C 59 -16.87 31.53 -1.96
CA ARG C 59 -15.47 31.11 -1.86
C ARG C 59 -14.69 32.20 -1.11
N LEU C 60 -13.88 31.80 -0.12
CA LEU C 60 -13.06 32.74 0.64
C LEU C 60 -11.67 32.91 -0.01
N TYR C 61 -11.62 32.84 -1.34
CA TYR C 61 -10.38 32.91 -2.11
C TYR C 61 -10.74 33.27 -3.55
N THR C 62 -9.74 33.70 -4.32
CA THR C 62 -9.90 34.22 -5.67
C THR C 62 -9.40 33.19 -6.70
N ALA C 63 -9.74 33.42 -7.96
CA ALA C 63 -9.26 32.61 -9.08
C ALA C 63 -7.74 32.62 -9.12
N ARG C 64 -7.13 33.78 -8.82
CA ARG C 64 -5.68 33.93 -8.81
C ARG C 64 -5.06 32.89 -7.85
N GLN C 65 -5.63 32.79 -6.65
CA GLN C 65 -5.13 31.93 -5.59
C GLN C 65 -5.19 30.45 -6.01
N VAL C 66 -6.16 30.10 -6.85
CA VAL C 66 -6.29 28.74 -7.37
C VAL C 66 -5.21 28.48 -8.41
N VAL C 67 -5.05 29.38 -9.37
CA VAL C 67 -4.16 29.17 -10.52
C VAL C 67 -2.70 29.05 -10.05
N GLU C 68 -2.32 29.80 -9.01
CA GLU C 68 -0.93 29.79 -8.54
C GLU C 68 -0.56 28.45 -7.90
N GLN C 69 -1.53 27.56 -7.64
CA GLN C 69 -1.28 26.25 -7.04
C GLN C 69 -1.06 25.16 -8.11
N ARG C 70 -1.40 25.44 -9.36
CA ARG C 70 -1.59 24.40 -10.39
C ARG C 70 -0.30 24.03 -11.14
N GLY C 71 0.74 24.86 -11.05
CA GLY C 71 1.97 24.66 -11.82
C GLY C 71 1.75 24.81 -13.30
N THR C 72 2.63 24.20 -14.12
CA THR C 72 2.63 24.35 -15.58
C THR C 72 2.42 23.02 -16.31
N ILE C 73 2.67 21.88 -15.64
CA ILE C 73 2.50 20.56 -16.24
C ILE C 73 1.03 20.14 -16.11
N PRO C 74 0.28 20.00 -17.22
CA PRO C 74 -1.13 19.64 -17.16
C PRO C 74 -1.41 18.31 -16.45
N VAL C 75 -2.49 18.29 -15.65
CA VAL C 75 -3.09 17.10 -15.08
C VAL C 75 -4.57 17.10 -15.45
N ASP C 76 -5.22 15.93 -15.39
CA ASP C 76 -6.64 15.83 -15.75
C ASP C 76 -7.28 14.65 -15.02
N HIS C 77 -8.14 14.98 -14.05
CA HIS C 77 -8.94 14.04 -13.29
C HIS C 77 -10.33 13.94 -13.95
N ILE C 78 -10.36 13.29 -15.11
CA ILE C 78 -11.52 13.32 -16.02
C ILE C 78 -12.67 12.48 -15.46
N VAL C 79 -12.35 11.35 -14.81
CA VAL C 79 -13.39 10.48 -14.28
C VAL C 79 -14.21 11.26 -13.25
N ALA C 80 -13.52 11.89 -12.29
CA ALA C 80 -14.17 12.63 -11.22
C ALA C 80 -14.88 13.86 -11.80
N ARG C 81 -14.22 14.55 -12.73
CA ARG C 81 -14.73 15.79 -13.33
C ARG C 81 -16.07 15.53 -14.04
N GLU C 82 -16.12 14.51 -14.89
CA GLU C 82 -17.30 14.23 -15.71
C GLU C 82 -18.42 13.63 -14.84
N ALA C 83 -18.05 12.75 -13.90
CA ALA C 83 -19.02 12.17 -12.98
C ALA C 83 -19.67 13.27 -12.15
N ALA C 84 -18.86 14.22 -11.68
CA ALA C 84 -19.34 15.30 -10.81
C ALA C 84 -20.36 16.15 -11.55
N GLY C 85 -20.07 16.48 -12.81
CA GLY C 85 -20.96 17.24 -13.67
C GLY C 85 -22.32 16.57 -13.82
N ALA C 86 -22.31 15.32 -14.31
CA ALA C 86 -23.54 14.58 -14.61
C ALA C 86 -24.33 14.32 -13.32
N PHE C 87 -23.62 13.97 -12.25
CA PHE C 87 -24.22 13.60 -10.98
C PHE C 87 -24.92 14.81 -10.38
N TYR C 88 -24.29 16.00 -10.48
CA TYR C 88 -24.89 17.22 -9.93
C TYR C 88 -26.15 17.60 -10.71
N GLU C 89 -26.09 17.49 -12.03
CA GLU C 89 -27.23 17.83 -12.90
C GLU C 89 -28.41 16.92 -12.57
N ARG C 90 -28.14 15.63 -12.43
CA ARG C 90 -29.18 14.62 -12.13
C ARG C 90 -29.83 14.93 -10.78
N LEU C 91 -29.04 15.26 -9.77
CA LEU C 91 -29.60 15.55 -8.42
C LEU C 91 -30.47 16.81 -8.51
N ARG C 92 -30.06 17.80 -9.28
CA ARG C 92 -30.85 19.04 -9.45
C ARG C 92 -32.15 18.71 -10.16
N GLU C 93 -32.10 17.80 -11.13
CA GLU C 93 -33.32 17.38 -11.86
C GLU C 93 -34.31 16.77 -10.88
N LEU C 94 -33.83 15.88 -10.02
CA LEU C 94 -34.69 15.17 -9.06
C LEU C 94 -35.20 16.12 -7.98
N PHE C 95 -34.39 17.11 -7.61
CA PHE C 95 -34.80 18.08 -6.56
C PHE C 95 -35.95 18.91 -7.08
N ALA C 96 -35.89 19.28 -8.35
CA ALA C 96 -36.94 20.09 -9.00
C ALA C 96 -38.21 19.28 -9.17
N ALA C 97 -38.09 17.96 -9.32
CA ALA C 97 -39.25 17.08 -9.52
C ALA C 97 -39.76 16.56 -8.17
N ARG C 98 -39.11 16.97 -7.08
CA ARG C 98 -39.42 16.51 -5.70
C ARG C 98 -39.25 15.00 -5.65
N LYS C 99 -38.18 14.50 -6.25
CA LYS C 99 -37.89 13.05 -6.30
C LYS C 99 -36.51 12.82 -5.68
N SER C 100 -36.16 11.56 -5.49
CA SER C 100 -34.92 11.26 -4.78
C SER C 100 -34.35 9.91 -5.19
N ILE C 101 -33.03 9.76 -4.97
CA ILE C 101 -32.32 8.48 -5.05
C ILE C 101 -32.32 7.85 -3.66
N THR C 102 -32.62 6.55 -3.60
CA THR C 102 -32.57 5.79 -2.37
C THR C 102 -31.55 4.66 -2.58
N THR C 103 -30.50 4.65 -1.76
CA THR C 103 -29.35 3.78 -1.99
C THR C 103 -28.82 3.25 -0.66
N PHE C 104 -27.78 2.44 -0.74
CA PHE C 104 -27.09 1.91 0.41
C PHE C 104 -25.58 1.85 0.12
N GLY C 105 -24.79 1.58 1.16
CA GLY C 105 -23.36 1.44 1.03
C GLY C 105 -22.99 0.02 0.63
N PRO C 106 -22.46 -0.21 -0.59
CA PRO C 106 -21.99 -1.54 -0.98
C PRO C 106 -20.72 -1.89 -0.21
N TYR C 107 -20.59 -3.17 0.17
CA TYR C 107 -19.49 -3.67 0.98
C TYR C 107 -18.44 -4.38 0.09
N SER C 108 -18.70 -4.44 -1.21
CA SER C 108 -17.78 -5.05 -2.15
C SER C 108 -17.95 -4.41 -3.53
N PRO C 109 -16.96 -4.48 -4.43
CA PRO C 109 -17.11 -3.99 -5.80
C PRO C 109 -18.26 -4.70 -6.55
N GLY C 110 -18.47 -5.98 -6.27
CA GLY C 110 -19.60 -6.75 -6.83
C GLY C 110 -20.94 -6.17 -6.43
N GLN C 111 -21.09 -5.82 -5.16
CA GLN C 111 -22.33 -5.22 -4.66
C GLN C 111 -22.60 -3.90 -5.41
N ALA C 112 -21.55 -3.10 -5.62
CA ALA C 112 -21.67 -1.80 -6.27
C ALA C 112 -22.10 -1.96 -7.74
N VAL C 113 -21.47 -2.91 -8.45
CA VAL C 113 -21.81 -3.16 -9.85
C VAL C 113 -23.24 -3.70 -9.93
N SER C 114 -23.62 -4.57 -8.98
CA SER C 114 -24.95 -5.19 -8.91
C SER C 114 -26.05 -4.14 -8.73
N MET C 115 -25.86 -3.20 -7.79
CA MET C 115 -26.90 -2.21 -7.50
C MET C 115 -27.16 -1.33 -8.73
N LYS C 116 -26.13 -1.06 -9.53
CA LYS C 116 -26.28 -0.28 -10.76
C LYS C 116 -27.02 -1.10 -11.82
N ARG C 117 -26.75 -2.41 -11.88
CA ARG C 117 -27.50 -3.33 -12.74
C ARG C 117 -29.00 -3.25 -12.41
N MET C 118 -29.32 -3.25 -11.11
CA MET C 118 -30.70 -3.28 -10.60
C MET C 118 -31.36 -1.90 -10.75
N GLY C 119 -30.57 -0.89 -11.13
CA GLY C 119 -31.10 0.39 -11.60
C GLY C 119 -31.03 1.50 -10.56
N ILE C 120 -30.36 1.27 -9.43
CA ILE C 120 -30.07 2.34 -8.47
C ILE C 120 -29.00 3.26 -9.10
N GLU C 121 -29.26 4.56 -9.05
CA GLU C 121 -28.56 5.55 -9.89
C GLU C 121 -27.24 6.01 -9.27
N ALA C 122 -27.08 5.84 -7.95
CA ALA C 122 -25.92 6.39 -7.24
C ALA C 122 -25.58 5.51 -6.02
N ILE C 123 -24.34 5.68 -5.53
CA ILE C 123 -23.77 4.86 -4.46
C ILE C 123 -23.35 5.76 -3.30
N TYR C 124 -23.55 5.26 -2.07
CA TYR C 124 -22.99 5.83 -0.86
C TYR C 124 -21.81 4.97 -0.39
N LEU C 125 -20.77 5.61 0.15
CA LEU C 125 -19.65 4.91 0.78
C LEU C 125 -19.28 5.57 2.11
N GLY C 126 -19.40 4.79 3.19
CA GLY C 126 -19.31 5.29 4.56
C GLY C 126 -18.12 4.73 5.31
N GLY C 127 -17.73 5.47 6.35
CA GLY C 127 -16.58 5.16 7.18
C GLY C 127 -16.85 4.04 8.18
N TRP C 128 -18.13 3.82 8.50
CA TRP C 128 -18.53 2.73 9.38
C TRP C 128 -18.11 1.38 8.79
N ALA C 129 -18.55 1.13 7.55
CA ALA C 129 -18.26 -0.11 6.84
C ALA C 129 -16.75 -0.25 6.62
N THR C 130 -16.08 0.86 6.31
CA THR C 130 -14.63 0.87 6.10
C THR C 130 -13.92 0.44 7.40
N SER C 131 -14.35 0.97 8.54
CA SER C 131 -13.80 0.59 9.84
C SER C 131 -14.04 -0.90 10.11
N ALA C 132 -15.24 -1.38 9.77
CA ALA C 132 -15.67 -2.75 10.07
C ALA C 132 -14.89 -3.76 9.23
N LYS C 133 -14.50 -3.35 8.01
CA LYS C 133 -13.82 -4.22 7.06
C LYS C 133 -12.32 -4.34 7.42
N GLY C 134 -11.74 -3.28 7.96
CA GLY C 134 -10.30 -3.18 8.13
C GLY C 134 -9.56 -3.30 6.81
N SER C 135 -8.26 -3.60 6.89
CA SER C 135 -7.39 -3.74 5.73
C SER C 135 -6.23 -4.66 6.10
N SER C 136 -5.25 -4.79 5.19
CA SER C 136 -4.09 -5.64 5.41
C SER C 136 -3.28 -5.15 6.62
N THR C 137 -3.34 -3.85 6.93
CA THR C 137 -2.57 -3.28 8.06
C THR C 137 -3.48 -2.70 9.16
N GLU C 138 -4.80 -2.68 8.94
CA GLU C 138 -5.74 -2.06 9.88
C GLU C 138 -6.65 -3.14 10.45
N ASP C 139 -6.62 -3.32 11.78
CA ASP C 139 -7.56 -4.22 12.44
C ASP C 139 -8.96 -3.64 12.31
N PRO C 140 -10.01 -4.45 12.04
CA PRO C 140 -11.37 -3.94 12.00
C PRO C 140 -11.84 -3.50 13.40
N GLY C 141 -12.81 -2.58 13.44
CA GLY C 141 -13.28 -2.06 14.70
C GLY C 141 -14.35 -1.00 14.51
N PRO C 142 -14.80 -0.34 15.60
CA PRO C 142 -15.82 0.70 15.53
C PRO C 142 -15.37 1.91 14.70
N ASP C 143 -16.32 2.75 14.30
CA ASP C 143 -16.04 3.93 13.49
C ASP C 143 -15.65 5.07 14.43
N LEU C 144 -14.33 5.29 14.57
CA LEU C 144 -13.78 6.40 15.32
C LEU C 144 -12.90 7.27 14.41
N ALA C 145 -12.98 7.01 13.09
CA ALA C 145 -12.14 7.65 12.07
C ALA C 145 -10.66 7.58 12.48
N SER C 146 -10.26 6.43 13.05
CA SER C 146 -8.91 6.22 13.56
C SER C 146 -8.04 5.52 12.50
N TYR C 147 -8.66 5.04 11.43
CA TYR C 147 -7.95 4.56 10.25
C TYR C 147 -7.16 5.71 9.62
N PRO C 148 -6.11 5.42 8.82
CA PRO C 148 -5.42 6.46 8.06
C PRO C 148 -6.39 7.11 7.07
N LEU C 149 -6.22 8.41 6.79
CA LEU C 149 -7.17 9.16 5.97
C LEU C 149 -7.19 8.63 4.52
N SER C 150 -6.24 7.76 4.18
CA SER C 150 -6.23 7.11 2.88
C SER C 150 -7.26 5.98 2.78
N GLN C 151 -7.86 5.57 3.89
CA GLN C 151 -8.59 4.28 3.98
C GLN C 151 -9.87 4.29 3.12
N VAL C 152 -10.70 5.33 3.25
CA VAL C 152 -11.96 5.37 2.54
C VAL C 152 -11.71 5.60 1.05
N PRO C 153 -10.81 6.52 0.63
CA PRO C 153 -10.42 6.65 -0.77
C PRO C 153 -9.95 5.33 -1.41
N ASP C 154 -9.12 4.57 -0.69
CA ASP C 154 -8.63 3.27 -1.16
C ASP C 154 -9.82 2.32 -1.39
N ASP C 155 -10.79 2.35 -0.49
CA ASP C 155 -12.01 1.55 -0.61
C ASP C 155 -12.79 2.01 -1.86
N ALA C 156 -12.94 3.33 -2.02
CA ALA C 156 -13.68 3.92 -3.13
C ALA C 156 -13.03 3.54 -4.47
N ALA C 157 -11.69 3.51 -4.48
CA ALA C 157 -10.91 3.19 -5.67
C ALA C 157 -11.30 1.81 -6.21
N VAL C 158 -11.50 0.84 -5.31
CA VAL C 158 -11.91 -0.51 -5.69
C VAL C 158 -13.25 -0.43 -6.43
N LEU C 159 -14.20 0.35 -5.88
CA LEU C 159 -15.54 0.50 -6.46
C LEU C 159 -15.44 1.13 -7.85
N VAL C 160 -14.63 2.19 -8.00
CA VAL C 160 -14.56 2.92 -9.26
C VAL C 160 -13.96 2.01 -10.32
N ARG C 161 -12.90 1.26 -9.97
CA ARG C 161 -12.25 0.35 -10.92
C ARG C 161 -13.24 -0.75 -11.34
N ALA C 162 -14.08 -1.21 -10.40
CA ALA C 162 -15.09 -2.23 -10.69
C ALA C 162 -16.12 -1.70 -11.68
N LEU C 163 -16.56 -0.45 -11.47
CA LEU C 163 -17.56 0.18 -12.31
C LEU C 163 -17.00 0.43 -13.73
N LEU C 164 -15.79 0.98 -13.82
CA LEU C 164 -15.16 1.28 -15.11
C LEU C 164 -14.87 -0.03 -15.87
N THR C 165 -14.47 -1.08 -15.15
CA THR C 165 -14.19 -2.38 -15.76
C THR C 165 -15.50 -3.01 -16.27
N ALA C 166 -16.57 -2.86 -15.49
CA ALA C 166 -17.89 -3.38 -15.87
C ALA C 166 -18.34 -2.72 -17.17
N ASP C 167 -18.15 -1.39 -17.27
CA ASP C 167 -18.49 -0.61 -18.45
C ASP C 167 -17.73 -1.13 -19.67
N ARG C 168 -16.42 -1.40 -19.49
CA ARG C 168 -15.57 -1.87 -20.56
C ARG C 168 -16.00 -3.28 -21.02
N ASN C 169 -16.37 -4.14 -20.05
CA ASN C 169 -16.78 -5.50 -20.36
C ASN C 169 -18.13 -5.48 -21.09
N GLN C 170 -19.08 -4.68 -20.59
CA GLN C 170 -20.38 -4.51 -21.22
C GLN C 170 -20.21 -4.00 -22.66
N HIS C 171 -19.42 -2.95 -22.82
CA HIS C 171 -19.24 -2.31 -24.11
C HIS C 171 -18.61 -3.28 -25.12
N TYR C 172 -17.65 -4.09 -24.66
CA TYR C 172 -17.01 -5.08 -25.52
C TYR C 172 -18.05 -6.05 -26.07
N LEU C 173 -18.94 -6.55 -25.20
CA LEU C 173 -19.99 -7.50 -25.59
C LEU C 173 -20.99 -6.84 -26.54
N ARG C 174 -21.38 -5.60 -26.26
CA ARG C 174 -22.36 -4.86 -27.06
C ARG C 174 -21.81 -4.60 -28.48
N LEU C 175 -20.48 -4.51 -28.63
CA LEU C 175 -19.87 -4.31 -29.95
C LEU C 175 -19.98 -5.61 -30.78
N GLN C 176 -19.97 -6.76 -30.12
CA GLN C 176 -20.10 -8.06 -30.78
C GLN C 176 -21.56 -8.32 -31.19
N MET C 177 -22.48 -7.55 -30.61
CA MET C 177 -23.93 -7.75 -30.85
C MET C 177 -24.38 -7.04 -32.11
N SER C 178 -25.54 -7.43 -32.61
CA SER C 178 -26.18 -6.79 -33.79
C SER C 178 -27.07 -5.65 -33.29
N GLU C 179 -27.54 -4.80 -34.19
CA GLU C 179 -28.38 -3.66 -33.77
C GLU C 179 -29.66 -4.15 -33.09
N ARG C 180 -30.26 -5.23 -33.59
CA ARG C 180 -31.51 -5.77 -32.97
C ARG C 180 -31.21 -6.25 -31.55
N GLN C 181 -30.10 -6.94 -31.35
CA GLN C 181 -29.76 -7.46 -29.99
C GLN C 181 -29.48 -6.29 -29.06
N ARG C 182 -28.85 -5.22 -29.58
CA ARG C 182 -28.53 -4.05 -28.75
C ARG C 182 -29.82 -3.36 -28.30
N ALA C 183 -30.86 -3.35 -29.14
CA ALA C 183 -32.14 -2.71 -28.81
C ALA C 183 -32.90 -3.56 -27.80
N ALA C 184 -32.64 -4.87 -27.80
CA ALA C 184 -33.29 -5.81 -26.86
C ALA C 184 -32.48 -5.84 -25.56
N THR C 185 -31.26 -6.35 -25.63
CA THR C 185 -30.38 -6.47 -24.44
C THR C 185 -30.18 -5.09 -23.81
N PRO C 186 -30.54 -4.89 -22.52
CA PRO C 186 -30.39 -3.60 -21.86
C PRO C 186 -28.96 -3.20 -21.49
N ALA C 187 -28.66 -1.91 -21.53
CA ALA C 187 -27.33 -1.41 -21.19
C ALA C 187 -27.39 -0.68 -19.85
N TYR C 188 -26.54 -1.12 -18.90
CA TYR C 188 -26.54 -0.58 -17.55
C TYR C 188 -25.63 0.65 -17.48
N ASP C 189 -26.00 1.59 -16.60
CA ASP C 189 -25.25 2.81 -16.34
C ASP C 189 -24.25 2.56 -15.21
N PHE C 190 -22.96 2.49 -15.54
CA PHE C 190 -21.91 2.15 -14.58
C PHE C 190 -21.06 3.38 -14.25
N ARG C 191 -21.60 4.59 -14.46
CA ARG C 191 -20.89 5.82 -14.12
C ARG C 191 -20.69 5.89 -12.61
N PRO C 192 -19.51 6.34 -12.12
CA PRO C 192 -19.22 6.33 -10.69
C PRO C 192 -19.83 7.50 -9.91
N PHE C 193 -21.17 7.52 -9.80
CA PHE C 193 -21.87 8.50 -8.98
C PHE C 193 -21.79 8.06 -7.51
N ILE C 194 -20.70 8.49 -6.84
CA ILE C 194 -20.41 8.11 -5.46
C ILE C 194 -20.32 9.37 -4.59
N ILE C 195 -20.93 9.31 -3.41
CA ILE C 195 -20.70 10.26 -2.34
C ILE C 195 -20.02 9.47 -1.20
N ALA C 196 -18.77 9.85 -0.89
CA ALA C 196 -17.93 9.11 0.04
C ALA C 196 -17.69 9.92 1.32
N ASP C 197 -17.44 9.19 2.41
CA ASP C 197 -17.28 9.71 3.76
C ASP C 197 -15.87 10.29 3.93
N ALA C 198 -15.80 11.61 4.18
CA ALA C 198 -14.55 12.29 4.49
C ALA C 198 -14.46 12.61 6.00
N ASP C 199 -15.33 11.98 6.80
CA ASP C 199 -15.31 12.07 8.26
C ASP C 199 -15.37 13.55 8.68
N THR C 200 -14.48 13.97 9.59
CA THR C 200 -14.37 15.33 10.07
C THR C 200 -13.33 16.10 9.26
N GLY C 201 -12.72 15.42 8.28
CA GLY C 201 -11.61 15.99 7.52
C GLY C 201 -10.25 15.52 8.03
N HIS C 202 -10.24 14.73 9.11
CA HIS C 202 -9.05 14.07 9.69
C HIS C 202 -8.00 15.11 10.15
N GLY C 203 -8.46 16.24 10.68
CA GLY C 203 -7.59 17.32 11.13
C GLY C 203 -8.02 18.66 10.57
N GLY C 204 -7.05 19.51 10.25
CA GLY C 204 -7.28 20.85 9.72
C GLY C 204 -7.30 20.86 8.20
N ASP C 205 -7.05 22.03 7.62
CA ASP C 205 -7.27 22.26 6.21
C ASP C 205 -6.28 21.45 5.36
N PRO C 206 -4.99 21.27 5.73
CA PRO C 206 -4.09 20.46 4.91
C PRO C 206 -4.56 18.99 4.86
N HIS C 207 -5.19 18.52 5.94
CA HIS C 207 -5.75 17.15 6.02
C HIS C 207 -6.97 17.01 5.10
N VAL C 208 -7.86 18.00 5.12
CA VAL C 208 -9.06 18.02 4.27
C VAL C 208 -8.63 17.99 2.80
N ARG C 209 -7.69 18.86 2.44
CA ARG C 209 -7.26 19.01 1.06
C ARG C 209 -6.63 17.70 0.58
N ASN C 210 -5.87 17.03 1.45
CA ASN C 210 -5.21 15.76 1.14
C ASN C 210 -6.27 14.66 0.94
N LEU C 211 -7.27 14.63 1.84
CA LEU C 211 -8.35 13.66 1.78
C LEU C 211 -9.15 13.83 0.48
N ILE C 212 -9.50 15.09 0.15
CA ILE C 212 -10.25 15.41 -1.07
C ILE C 212 -9.42 15.03 -2.31
N ARG C 213 -8.14 15.39 -2.31
CA ARG C 213 -7.23 15.06 -3.41
C ARG C 213 -7.24 13.55 -3.67
N ARG C 214 -7.15 12.74 -2.61
CA ARG C 214 -7.06 11.28 -2.74
C ARG C 214 -8.37 10.72 -3.32
N PHE C 215 -9.51 11.30 -2.93
CA PHE C 215 -10.82 10.90 -3.47
C PHE C 215 -10.92 11.22 -4.96
N VAL C 216 -10.51 12.45 -5.33
CA VAL C 216 -10.62 12.93 -6.69
C VAL C 216 -9.74 12.07 -7.61
N GLU C 217 -8.53 11.75 -7.12
CA GLU C 217 -7.54 11.03 -7.92
C GLU C 217 -8.07 9.64 -8.31
N VAL C 218 -8.94 9.05 -7.50
CA VAL C 218 -9.47 7.71 -7.77
C VAL C 218 -10.88 7.78 -8.39
N GLY C 219 -11.36 9.01 -8.65
CA GLY C 219 -12.52 9.23 -9.51
C GLY C 219 -13.82 9.50 -8.75
N VAL C 220 -13.73 9.81 -7.46
CA VAL C 220 -14.92 10.02 -6.64
C VAL C 220 -15.39 11.47 -6.82
N PRO C 221 -16.67 11.70 -7.18
CA PRO C 221 -17.20 13.06 -7.38
C PRO C 221 -17.95 13.74 -6.22
N GLY C 222 -18.07 13.08 -5.06
CA GLY C 222 -18.80 13.65 -3.91
C GLY C 222 -18.25 13.17 -2.58
N TYR C 223 -18.36 14.04 -1.56
CA TYR C 223 -17.65 13.91 -0.31
C TYR C 223 -18.48 14.57 0.79
N HIS C 224 -18.60 13.94 1.95
CA HIS C 224 -19.32 14.53 3.06
C HIS C 224 -18.38 14.75 4.25
N ILE C 225 -18.48 15.93 4.85
CA ILE C 225 -17.67 16.38 5.98
C ILE C 225 -18.61 16.78 7.13
N GLU C 226 -18.35 16.25 8.32
CA GLU C 226 -19.20 16.49 9.51
C GLU C 226 -18.49 17.43 10.48
N ASP C 227 -19.29 18.02 11.38
CA ASP C 227 -18.85 19.08 12.29
C ASP C 227 -18.51 18.52 13.68
N GLN C 228 -17.99 17.28 13.73
CA GLN C 228 -17.46 16.72 14.96
C GLN C 228 -15.98 17.10 15.12
N ARG C 229 -15.51 17.03 16.37
CA ARG C 229 -14.10 17.13 16.71
C ARG C 229 -13.41 15.83 16.30
N PRO C 230 -12.29 15.88 15.54
CA PRO C 230 -11.70 14.66 14.98
C PRO C 230 -11.34 13.58 16.02
N GLY C 231 -10.78 14.02 17.15
CA GLY C 231 -10.25 13.11 18.17
C GLY C 231 -11.32 12.32 18.89
N THR C 232 -12.56 12.80 18.87
CA THR C 232 -13.67 12.22 19.64
C THR C 232 -14.77 11.66 18.71
N LYS C 233 -14.53 11.67 17.39
CA LYS C 233 -15.53 11.27 16.37
C LYS C 233 -16.17 9.92 16.74
N LYS C 234 -17.50 9.83 16.54
CA LYS C 234 -18.31 8.70 16.99
C LYS C 234 -19.54 8.53 16.09
N CYS C 235 -20.24 7.40 16.30
CA CYS C 235 -21.56 7.11 15.71
C CYS C 235 -22.61 6.77 16.78
N GLY C 236 -22.17 6.61 18.05
CA GLY C 236 -23.06 6.25 19.15
C GLY C 236 -23.63 7.48 19.84
N GLY C 239 -24.01 9.30 22.01
CA GLY C 239 -24.14 9.84 23.36
C GLY C 239 -23.40 11.17 23.52
N GLY C 240 -22.11 11.09 23.87
CA GLY C 240 -21.22 12.23 24.05
C GLY C 240 -20.47 12.61 22.79
N LYS C 241 -21.20 13.18 21.82
CA LYS C 241 -20.60 13.79 20.63
C LYS C 241 -20.11 15.20 20.98
N VAL C 242 -18.96 15.57 20.44
CA VAL C 242 -18.38 16.91 20.62
C VAL C 242 -18.33 17.58 19.24
N LEU C 243 -18.94 18.78 19.16
CA LEU C 243 -18.95 19.56 17.94
C LEU C 243 -17.74 20.49 17.94
N VAL C 244 -17.48 21.08 16.77
CA VAL C 244 -16.52 22.15 16.60
C VAL C 244 -17.29 23.44 16.32
N PRO C 245 -16.68 24.63 16.50
CA PRO C 245 -17.30 25.88 16.09
C PRO C 245 -17.63 25.86 14.59
N SER C 246 -18.57 26.72 14.18
CA SER C 246 -19.04 26.76 12.80
C SER C 246 -17.93 27.26 11.86
N ASP C 247 -17.06 28.15 12.35
CA ASP C 247 -15.98 28.71 11.53
C ASP C 247 -15.02 27.58 11.15
N GLU C 248 -14.79 26.62 12.06
CA GLU C 248 -13.93 25.47 11.78
C GLU C 248 -14.57 24.60 10.68
N GLN C 249 -15.87 24.31 10.81
CA GLN C 249 -16.59 23.51 9.83
C GLN C 249 -16.57 24.20 8.47
N ILE C 250 -16.85 25.50 8.43
CA ILE C 250 -16.90 26.25 7.18
C ILE C 250 -15.52 26.20 6.52
N LYS C 251 -14.45 26.34 7.30
CA LYS C 251 -13.08 26.29 6.77
C LYS C 251 -12.80 24.92 6.15
N ARG C 252 -13.32 23.84 6.75
CA ARG C 252 -13.19 22.49 6.18
C ARG C 252 -13.84 22.46 4.78
N LEU C 253 -15.05 23.01 4.68
CA LEU C 253 -15.82 23.00 3.43
C LEU C 253 -15.14 23.90 2.38
N ASN C 254 -14.64 25.05 2.82
CA ASN C 254 -13.94 26.00 1.95
C ASN C 254 -12.64 25.36 1.45
N ALA C 255 -11.91 24.69 2.36
CA ALA C 255 -10.65 24.01 2.03
C ALA C 255 -10.91 22.96 0.94
N ALA C 256 -12.00 22.20 1.10
CA ALA C 256 -12.40 21.16 0.16
C ALA C 256 -12.66 21.77 -1.21
N ARG C 257 -13.43 22.86 -1.25
CA ARG C 257 -13.78 23.57 -2.48
C ARG C 257 -12.50 24.04 -3.17
N PHE C 258 -11.57 24.59 -2.37
CA PHE C 258 -10.30 25.10 -2.90
C PHE C 258 -9.56 23.96 -3.63
N GLN C 259 -9.49 22.79 -2.99
CA GLN C 259 -8.76 21.65 -3.56
C GLN C 259 -9.47 21.19 -4.83
N LEU C 260 -10.81 21.15 -4.80
CA LEU C 260 -11.61 20.74 -5.94
C LEU C 260 -11.40 21.71 -7.11
N ASP C 261 -11.33 23.01 -6.80
CA ASP C 261 -11.14 24.06 -7.81
C ASP C 261 -9.77 23.90 -8.47
N ILE C 262 -8.72 23.68 -7.66
CA ILE C 262 -7.36 23.49 -8.17
C ILE C 262 -7.37 22.34 -9.18
N MET C 263 -8.13 21.27 -8.88
CA MET C 263 -8.12 20.03 -9.67
C MET C 263 -9.16 20.07 -10.80
N ARG C 264 -9.88 21.20 -10.93
CA ARG C 264 -10.85 21.47 -12.01
C ARG C 264 -11.99 20.44 -11.95
N VAL C 265 -12.40 20.05 -10.74
CA VAL C 265 -13.45 19.07 -10.54
C VAL C 265 -14.58 19.73 -9.76
N PRO C 266 -15.80 19.87 -10.34
CA PRO C 266 -16.93 20.48 -9.64
C PRO C 266 -17.56 19.48 -8.66
N GLY C 267 -16.76 19.01 -7.70
CA GLY C 267 -17.15 18.01 -6.75
C GLY C 267 -18.31 18.48 -5.90
N ILE C 268 -19.13 17.52 -5.47
CA ILE C 268 -20.31 17.76 -4.66
C ILE C 268 -19.91 17.67 -3.18
N ILE C 269 -20.01 18.80 -2.48
CA ILE C 269 -19.66 18.90 -1.07
C ILE C 269 -20.93 18.78 -0.24
N VAL C 270 -20.99 17.76 0.62
CA VAL C 270 -22.07 17.53 1.54
C VAL C 270 -21.62 17.94 2.94
N ALA C 271 -22.32 18.92 3.54
CA ALA C 271 -22.07 19.35 4.92
C ALA C 271 -23.04 18.62 5.84
N ARG C 272 -22.48 17.80 6.73
CA ARG C 272 -23.23 17.07 7.72
C ARG C 272 -23.10 17.81 9.05
N THR C 273 -24.20 17.87 9.81
CA THR C 273 -24.17 18.35 11.19
C THR C 273 -24.62 17.22 12.11
N ASP C 274 -23.94 17.11 13.26
CA ASP C 274 -24.24 16.12 14.29
C ASP C 274 -24.85 16.84 15.51
N ALA C 275 -25.33 18.07 15.30
CA ALA C 275 -25.78 18.95 16.40
C ALA C 275 -27.10 18.47 17.01
N GLU C 276 -27.83 17.60 16.29
CA GLU C 276 -29.11 17.09 16.75
C GLU C 276 -28.95 16.30 18.05
N ALA C 277 -27.87 15.51 18.16
CA ALA C 277 -27.66 14.62 19.31
C ALA C 277 -26.50 15.09 20.19
N ALA C 278 -25.69 16.05 19.72
CA ALA C 278 -24.50 16.51 20.44
C ALA C 278 -24.88 17.31 21.69
N ASN C 279 -24.09 17.19 22.75
CA ASN C 279 -24.30 17.94 24.01
C ASN C 279 -23.08 18.80 24.35
N LEU C 280 -22.00 18.69 23.56
CA LEU C 280 -20.73 19.33 23.88
C LEU C 280 -20.17 20.02 22.63
N ILE C 281 -19.35 21.06 22.88
CA ILE C 281 -18.61 21.75 21.84
C ILE C 281 -17.23 22.10 22.42
N ASP C 282 -16.19 22.08 21.58
CA ASP C 282 -14.80 22.17 22.07
C ASP C 282 -14.32 23.61 22.10
N SER C 283 -15.21 24.57 21.83
CA SER C 283 -14.90 25.99 21.87
C SER C 283 -16.19 26.81 21.91
N ARG C 284 -16.10 28.03 22.44
CA ARG C 284 -17.24 28.92 22.57
C ARG C 284 -16.97 30.23 21.82
N ALA C 285 -16.02 30.19 20.88
CA ALA C 285 -15.47 31.37 20.23
C ALA C 285 -16.40 31.87 19.10
N ASP C 286 -17.24 30.98 18.55
CA ASP C 286 -18.09 31.35 17.42
C ASP C 286 -19.44 31.88 17.93
N GLU C 287 -19.80 33.07 17.44
CA GLU C 287 -21.01 33.81 17.82
C GLU C 287 -22.27 32.98 17.54
N ARG C 288 -22.24 32.16 16.48
CA ARG C 288 -23.40 31.37 16.03
C ARG C 288 -23.70 30.23 17.02
N ASP C 289 -22.68 29.79 17.77
CA ASP C 289 -22.83 28.68 18.73
C ASP C 289 -23.22 29.21 20.12
N GLN C 290 -22.88 30.48 20.40
CA GLN C 290 -22.98 31.08 21.74
C GLN C 290 -24.42 31.04 22.26
N PRO C 291 -25.46 31.32 21.43
CA PRO C 291 -26.84 31.20 21.85
C PRO C 291 -27.27 29.85 22.46
N PHE C 292 -26.51 28.79 22.16
CA PHE C 292 -26.87 27.43 22.58
C PHE C 292 -26.03 26.98 23.79
N LEU C 293 -25.05 27.78 24.19
CA LEU C 293 -24.20 27.48 25.35
C LEU C 293 -25.06 27.37 26.61
N LEU C 294 -24.75 26.36 27.43
CA LEU C 294 -25.35 26.20 28.76
C LEU C 294 -24.39 26.76 29.81
N GLY C 295 -24.94 27.47 30.80
CA GLY C 295 -24.20 28.04 31.91
C GLY C 295 -24.92 27.86 33.23
N ALA C 296 -24.18 28.03 34.33
CA ALA C 296 -24.74 28.05 35.68
C ALA C 296 -25.32 29.44 35.98
N LEU C 299 -22.86 31.47 40.06
CA LEU C 299 -23.48 30.75 41.17
C LEU C 299 -22.39 30.49 42.25
N ASP C 300 -22.86 30.09 43.43
CA ASP C 300 -22.04 29.74 44.59
C ASP C 300 -21.59 28.28 44.52
N VAL C 301 -22.03 27.57 43.47
CA VAL C 301 -21.69 26.19 43.20
C VAL C 301 -20.26 26.13 42.63
N PRO C 302 -19.45 25.13 43.04
CA PRO C 302 -18.13 24.92 42.44
C PRO C 302 -18.23 24.21 41.08
N SER C 303 -17.17 24.35 40.27
CA SER C 303 -17.14 23.88 38.87
C SER C 303 -17.48 22.39 38.79
N TYR C 304 -18.18 22.01 37.72
CA TYR C 304 -18.57 20.63 37.44
C TYR C 304 -17.33 19.73 37.39
N LYS C 305 -16.24 20.26 36.82
CA LYS C 305 -14.96 19.57 36.72
C LYS C 305 -14.43 19.22 38.12
N SER C 306 -14.36 20.25 39.00
CA SER C 306 -13.87 20.10 40.37
C SER C 306 -14.64 19.00 41.09
N CYS C 307 -15.97 19.04 40.99
CA CYS C 307 -16.85 18.11 41.70
C CYS C 307 -16.68 16.69 41.16
N PHE C 308 -16.57 16.56 39.84
CA PHE C 308 -16.40 15.24 39.22
C PHE C 308 -15.09 14.60 39.68
N LEU C 309 -13.99 15.37 39.64
CA LEU C 309 -12.67 14.86 40.01
C LEU C 309 -12.61 14.52 41.50
N ALA C 310 -13.19 15.38 42.35
CA ALA C 310 -13.22 15.17 43.80
C ALA C 310 -14.00 13.88 44.14
N MET C 311 -15.12 13.71 43.44
CA MET C 311 -15.96 12.50 43.64
C MET C 311 -15.17 11.27 43.22
N VAL C 312 -14.46 11.35 42.10
CA VAL C 312 -13.65 10.19 41.62
C VAL C 312 -12.52 9.94 42.63
N ARG C 313 -11.93 10.99 43.17
CA ARG C 313 -10.83 10.87 44.16
C ARG C 313 -11.35 10.17 45.41
N ARG C 314 -12.58 10.47 45.83
CA ARG C 314 -13.15 9.82 47.04
C ARG C 314 -13.25 8.32 46.80
N PHE C 315 -13.64 7.89 45.60
CA PHE C 315 -13.74 6.43 45.31
C PHE C 315 -12.36 5.80 45.46
N TYR C 316 -11.33 6.47 44.95
CA TYR C 316 -9.94 5.97 45.04
C TYR C 316 -9.45 5.91 46.49
N GLU C 317 -9.66 6.98 47.26
CA GLU C 317 -9.24 7.06 48.65
C GLU C 317 -9.97 5.99 49.50
N LEU C 318 -11.19 5.60 49.10
CA LEU C 318 -11.95 4.56 49.80
C LEU C 318 -11.54 3.15 49.34
N GLY C 319 -10.58 3.06 48.42
CA GLY C 319 -9.90 1.79 48.11
C GLY C 319 -10.17 1.24 46.72
N VAL C 320 -10.93 1.97 45.89
CA VAL C 320 -11.11 1.59 44.47
C VAL C 320 -9.93 2.15 43.66
N LYS C 321 -8.84 1.37 43.59
CA LYS C 321 -7.56 1.81 43.02
C LYS C 321 -7.69 2.00 41.50
N GLU C 322 -8.63 1.28 40.90
CA GLU C 322 -8.94 1.32 39.46
C GLU C 322 -9.20 2.76 38.99
N LEU C 323 -9.92 3.54 39.80
CA LEU C 323 -10.34 4.91 39.43
C LEU C 323 -9.30 5.93 39.91
N ASN C 324 -8.19 6.04 39.18
CA ASN C 324 -7.08 6.94 39.52
C ASN C 324 -7.03 8.11 38.52
N GLY C 325 -8.17 8.42 37.89
CA GLY C 325 -8.30 9.43 36.85
C GLY C 325 -7.89 10.82 37.32
N HIS C 326 -8.02 11.11 38.62
CA HIS C 326 -7.65 12.40 39.19
C HIS C 326 -6.16 12.70 39.00
N LEU C 327 -5.33 11.66 38.79
CA LEU C 327 -3.87 11.84 38.61
C LEU C 327 -3.56 12.54 37.28
N LEU C 328 -4.55 12.58 36.38
CA LEU C 328 -4.43 13.24 35.09
C LEU C 328 -4.36 14.76 35.26
N TYR C 329 -4.95 15.27 36.36
CA TYR C 329 -5.08 16.70 36.57
C TYR C 329 -4.22 17.15 37.76
N ALA C 330 -3.89 18.44 37.76
CA ALA C 330 -3.24 19.13 38.86
C ALA C 330 -4.19 20.22 39.36
N LEU C 331 -5.30 19.75 39.96
CA LEU C 331 -6.32 20.59 40.55
C LEU C 331 -5.85 21.03 41.94
N GLY C 332 -6.02 22.32 42.25
CA GLY C 332 -5.52 22.92 43.49
C GLY C 332 -6.31 22.45 44.71
N ASP C 333 -5.72 22.67 45.90
CA ASP C 333 -6.32 22.24 47.17
C ASP C 333 -7.62 23.00 47.42
N SER C 334 -7.61 24.31 47.15
CA SER C 334 -8.77 25.19 47.34
C SER C 334 -9.96 24.67 46.52
N GLU C 335 -9.68 24.22 45.28
CA GLU C 335 -10.70 23.71 44.36
C GLU C 335 -11.25 22.37 44.87
N TYR C 336 -10.35 21.48 45.34
CA TYR C 336 -10.75 20.19 45.90
C TYR C 336 -11.58 20.38 47.18
N ALA C 337 -11.22 21.40 47.97
CA ALA C 337 -11.91 21.73 49.22
C ALA C 337 -13.35 22.17 48.93
N ALA C 338 -13.48 23.21 48.09
CA ALA C 338 -14.78 23.78 47.71
C ALA C 338 -15.70 22.68 47.18
N ALA C 339 -15.18 21.89 46.23
CA ALA C 339 -15.90 20.79 45.59
C ALA C 339 -16.31 19.74 46.64
N GLY C 340 -15.35 19.40 47.53
CA GLY C 340 -15.60 18.44 48.62
C GLY C 340 -16.76 18.88 49.49
N GLY C 341 -16.74 20.18 49.86
CA GLY C 341 -17.82 20.79 50.63
C GLY C 341 -19.17 20.56 50.00
N TRP C 342 -19.27 20.87 48.70
CA TRP C 342 -20.50 20.75 47.93
C TRP C 342 -20.93 19.28 47.84
N LEU C 343 -19.97 18.38 47.67
CA LEU C 343 -20.25 16.95 47.48
C LEU C 343 -20.84 16.35 48.76
N GLU C 344 -20.37 16.82 49.92
CA GLU C 344 -20.84 16.34 51.24
C GLU C 344 -22.26 16.87 51.50
N ARG C 345 -22.44 18.19 51.33
CA ARG C 345 -23.73 18.86 51.57
C ARG C 345 -24.85 18.18 50.75
N GLN C 346 -24.54 17.82 49.50
CA GLN C 346 -25.54 17.28 48.56
C GLN C 346 -25.72 15.76 48.75
N GLY C 347 -24.89 15.14 49.61
CA GLY C 347 -25.02 13.72 49.96
C GLY C 347 -24.39 12.79 48.94
N ILE C 348 -23.49 13.33 48.10
CA ILE C 348 -22.87 12.57 47.02
C ILE C 348 -21.77 11.67 47.60
N PHE C 349 -20.95 12.24 48.51
CA PHE C 349 -19.94 11.46 49.24
C PHE C 349 -20.62 10.28 49.96
N GLY C 350 -21.86 10.50 50.42
CA GLY C 350 -22.72 9.46 50.97
C GLY C 350 -22.93 8.32 49.98
N LEU C 351 -23.34 8.68 48.76
CA LEU C 351 -23.61 7.71 47.68
C LEU C 351 -22.34 6.93 47.34
N VAL C 352 -21.18 7.60 47.41
CA VAL C 352 -19.88 6.98 47.12
C VAL C 352 -19.58 5.92 48.17
N SER C 353 -19.72 6.28 49.46
CA SER C 353 -19.51 5.36 50.58
C SER C 353 -20.37 4.10 50.43
N ASP C 354 -21.66 4.30 50.12
CA ASP C 354 -22.62 3.21 49.94
C ASP C 354 -22.18 2.33 48.76
N ALA C 355 -21.82 2.98 47.65
CA ALA C 355 -21.41 2.31 46.41
C ALA C 355 -20.18 1.42 46.66
N VAL C 356 -19.18 1.96 47.37
CA VAL C 356 -17.91 1.26 47.64
C VAL C 356 -18.17 0.04 48.55
N ASN C 357 -19.14 0.16 49.46
CA ASN C 357 -19.53 -0.92 50.36
C ASN C 357 -20.24 -2.03 49.57
N ALA C 358 -21.14 -1.63 48.66
CA ALA C 358 -21.81 -2.55 47.74
C ALA C 358 -20.77 -3.31 46.89
N TRP C 359 -19.73 -2.59 46.46
CA TRP C 359 -18.63 -3.13 45.65
C TRP C 359 -17.86 -4.20 46.44
N ARG C 360 -17.47 -3.88 47.68
CA ARG C 360 -16.65 -4.77 48.53
C ARG C 360 -17.42 -6.07 48.83
N GLU C 361 -18.69 -5.93 49.22
CA GLU C 361 -19.54 -7.07 49.61
C GLU C 361 -19.66 -8.05 48.43
N ASP C 362 -19.71 -7.52 47.20
CA ASP C 362 -19.84 -8.36 46.00
C ASP C 362 -18.44 -8.87 45.62
N GLN C 365 -14.92 -7.02 42.11
CA GLN C 365 -15.46 -7.18 40.76
C GLN C 365 -15.58 -5.82 40.06
N SER C 366 -15.58 -5.85 38.73
CA SER C 366 -15.67 -4.64 37.90
C SER C 366 -16.72 -3.69 38.47
N ILE C 367 -16.37 -2.40 38.58
CA ILE C 367 -17.20 -1.38 39.24
C ILE C 367 -17.88 -0.50 38.19
N ASP C 368 -17.93 -0.97 36.94
CA ASP C 368 -18.47 -0.20 35.81
C ASP C 368 -19.90 0.25 36.11
N GLY C 369 -20.77 -0.71 36.44
CA GLY C 369 -22.19 -0.46 36.68
C GLY C 369 -22.43 0.45 37.89
N ILE C 370 -21.70 0.19 38.97
CA ILE C 370 -21.92 0.86 40.26
C ILE C 370 -21.57 2.35 40.10
N PHE C 371 -20.39 2.63 39.52
CA PHE C 371 -19.89 4.00 39.33
C PHE C 371 -20.86 4.80 38.45
N ASP C 372 -21.43 4.14 37.43
CA ASP C 372 -22.34 4.77 36.48
C ASP C 372 -23.55 5.36 37.22
N GLN C 373 -24.14 4.56 38.12
CA GLN C 373 -25.32 4.95 38.90
C GLN C 373 -25.01 6.23 39.69
N VAL C 374 -23.85 6.26 40.35
CA VAL C 374 -23.44 7.36 41.22
C VAL C 374 -23.24 8.62 40.36
N GLU C 375 -22.56 8.47 39.21
CA GLU C 375 -22.24 9.57 38.32
C GLU C 375 -23.53 10.25 37.86
N SER C 376 -24.49 9.47 37.36
CA SER C 376 -25.75 10.00 36.83
C SER C 376 -26.48 10.80 37.93
N ARG C 377 -26.51 10.25 39.14
CA ARG C 377 -27.12 10.90 40.30
C ARG C 377 -26.34 12.18 40.64
N PHE C 378 -25.01 12.13 40.56
CA PHE C 378 -24.15 13.30 40.77
C PHE C 378 -24.47 14.38 39.73
N VAL C 379 -24.56 13.99 38.45
CA VAL C 379 -24.81 14.92 37.35
C VAL C 379 -26.16 15.60 37.57
N ALA C 380 -27.19 14.80 37.84
CA ALA C 380 -28.55 15.28 38.12
C ALA C 380 -28.50 16.35 39.22
N ALA C 381 -27.79 16.03 40.31
CA ALA C 381 -27.66 16.91 41.47
C ALA C 381 -26.98 18.22 41.09
N TRP C 382 -25.91 18.13 40.29
CA TRP C 382 -25.10 19.30 39.93
C TRP C 382 -25.88 20.21 38.98
N GLU C 383 -26.52 19.62 37.96
CA GLU C 383 -27.34 20.36 36.98
C GLU C 383 -28.44 21.10 37.74
N ASP C 384 -29.12 20.38 38.64
CA ASP C 384 -30.25 20.89 39.42
C ASP C 384 -29.82 22.11 40.22
N ASP C 385 -28.73 21.99 40.98
CA ASP C 385 -28.30 23.02 41.91
C ASP C 385 -27.68 24.22 41.17
N ALA C 386 -27.04 23.94 40.03
CA ALA C 386 -26.30 24.95 39.26
C ALA C 386 -27.26 25.90 38.56
N GLY C 387 -28.45 25.40 38.23
CA GLY C 387 -29.43 26.11 37.39
C GLY C 387 -28.89 26.21 35.98
N LEU C 388 -28.76 25.07 35.30
CA LEU C 388 -28.12 24.98 33.99
C LEU C 388 -29.12 25.37 32.90
N MET C 389 -28.83 26.48 32.20
CA MET C 389 -29.68 26.98 31.13
C MET C 389 -28.84 27.91 30.24
N THR C 390 -29.42 28.34 29.11
CA THR C 390 -28.79 29.27 28.18
C THR C 390 -28.88 30.68 28.74
N TYR C 391 -28.04 31.59 28.25
CA TYR C 391 -28.09 32.98 28.66
C TYR C 391 -29.41 33.62 28.22
N GLY C 392 -30.02 33.08 27.16
CA GLY C 392 -31.37 33.44 26.75
C GLY C 392 -32.39 33.11 27.82
N GLU C 393 -32.46 31.83 28.20
CA GLU C 393 -33.39 31.32 29.20
C GLU C 393 -33.21 32.08 30.53
N ALA C 394 -31.97 32.51 30.81
CA ALA C 394 -31.60 33.17 32.07
C ALA C 394 -32.20 34.57 32.16
N VAL C 395 -32.06 35.37 31.09
CA VAL C 395 -32.56 36.75 31.04
C VAL C 395 -34.09 36.73 30.88
N ALA C 396 -34.61 35.66 30.26
CA ALA C 396 -36.06 35.45 30.12
C ALA C 396 -36.72 35.24 31.49
N ASP C 397 -36.02 34.59 32.42
CA ASP C 397 -36.52 34.35 33.78
C ASP C 397 -36.64 35.66 34.56
N VAL C 398 -35.67 36.57 34.37
CA VAL C 398 -35.63 37.88 35.04
C VAL C 398 -36.86 38.70 34.66
N LEU C 399 -37.21 38.69 33.36
CA LEU C 399 -38.36 39.43 32.85
C LEU C 399 -39.67 38.73 33.29
N GLU C 400 -40.15 39.06 34.48
CA GLU C 400 -41.38 38.47 35.05
C GLU C 400 -42.30 39.58 35.60
N MET C 411 -38.80 45.38 26.66
CA MET C 411 -38.83 44.23 25.76
C MET C 411 -39.83 43.17 26.27
N ALA C 412 -40.65 42.66 25.35
CA ALA C 412 -41.57 41.58 25.58
C ALA C 412 -40.80 40.28 25.78
N PRO C 413 -41.40 39.24 26.41
CA PRO C 413 -40.75 37.93 26.57
C PRO C 413 -40.37 37.23 25.26
N GLU C 414 -41.31 37.11 24.32
CA GLU C 414 -41.11 36.35 23.07
C GLU C 414 -40.20 37.16 22.12
N GLU C 415 -40.25 38.49 22.23
CA GLU C 415 -39.40 39.38 21.45
C GLU C 415 -37.94 39.20 21.83
N TRP C 416 -37.67 38.97 23.13
CA TRP C 416 -36.31 38.82 23.67
C TRP C 416 -35.66 37.54 23.12
N ARG C 417 -36.41 36.43 23.18
CA ARG C 417 -35.98 35.11 22.68
C ARG C 417 -35.41 35.23 21.27
N ALA C 418 -36.13 35.93 20.40
CA ALA C 418 -35.75 36.15 19.00
C ALA C 418 -34.41 36.88 18.89
N PHE C 419 -34.18 37.85 19.79
CA PHE C 419 -32.94 38.62 19.82
C PHE C 419 -31.79 37.74 20.34
N ALA C 420 -32.05 36.99 21.42
CA ALA C 420 -31.04 36.14 22.08
C ALA C 420 -30.57 35.01 21.16
N ALA C 421 -31.47 34.49 20.32
CA ALA C 421 -31.22 33.33 19.45
C ALA C 421 -30.32 33.71 18.27
N ARG C 422 -30.14 34.99 17.99
CA ARG C 422 -29.30 35.46 16.87
C ARG C 422 -28.18 36.36 17.39
N ALA C 423 -27.99 36.40 18.73
CA ALA C 423 -27.09 37.36 19.35
C ALA C 423 -25.85 36.64 19.88
N SER C 424 -24.70 37.27 19.66
CA SER C 424 -23.48 36.93 20.35
C SER C 424 -23.74 37.01 21.87
N LEU C 425 -22.79 36.50 22.65
CA LEU C 425 -22.89 36.54 24.11
C LEU C 425 -22.67 37.98 24.59
N HIS C 426 -21.69 38.67 23.99
CA HIS C 426 -21.34 40.05 24.29
C HIS C 426 -22.49 40.99 23.90
N ALA C 427 -23.14 40.70 22.77
CA ALA C 427 -24.24 41.51 22.25
C ALA C 427 -25.50 41.32 23.10
N ALA C 428 -25.70 40.10 23.61
CA ALA C 428 -26.87 39.75 24.42
C ALA C 428 -26.74 40.35 25.84
N ARG C 429 -25.51 40.38 26.37
CA ARG C 429 -25.21 40.98 27.69
C ARG C 429 -25.44 42.49 27.63
N ALA C 430 -24.96 43.12 26.54
CA ALA C 430 -25.06 44.56 26.32
C ALA C 430 -26.54 44.99 26.25
N LYS C 431 -27.38 44.14 25.63
CA LYS C 431 -28.80 44.42 25.45
C LYS C 431 -29.58 44.16 26.75
N ALA C 432 -29.08 43.22 27.56
CA ALA C 432 -29.74 42.83 28.81
C ALA C 432 -29.47 43.88 29.90
N LYS C 433 -28.21 44.33 30.02
CA LYS C 433 -27.84 45.36 30.99
C LYS C 433 -28.61 46.65 30.69
N GLU C 434 -28.64 47.04 29.40
CA GLU C 434 -29.38 48.19 28.90
C GLU C 434 -30.85 48.13 29.37
N LEU C 435 -31.44 46.92 29.38
CA LEU C 435 -32.82 46.75 29.87
C LEU C 435 -32.80 46.30 31.33
N ALA C 437 -31.41 44.08 33.50
CA ALA C 437 -31.76 42.66 33.64
C ALA C 437 -30.55 41.81 33.24
N ASP C 438 -29.49 41.90 34.06
CA ASP C 438 -28.19 41.27 33.84
C ASP C 438 -28.01 40.16 34.89
N PRO C 439 -28.60 38.96 34.70
CA PRO C 439 -28.56 37.91 35.72
C PRO C 439 -27.20 37.24 35.83
N PRO C 440 -26.97 36.44 36.90
CA PRO C 440 -25.71 35.69 37.03
C PRO C 440 -25.69 34.50 36.08
N TRP C 441 -24.64 34.40 35.26
CA TRP C 441 -24.50 33.33 34.27
C TRP C 441 -23.03 33.08 33.93
N ASP C 442 -22.57 31.83 34.10
CA ASP C 442 -21.22 31.39 33.76
C ASP C 442 -21.26 30.02 33.07
N CYS C 443 -20.74 29.95 31.85
CA CYS C 443 -20.64 28.70 31.09
C CYS C 443 -19.35 27.95 31.47
N GLU C 444 -18.34 28.66 31.98
CA GLU C 444 -17.06 28.09 32.40
C GLU C 444 -17.29 27.06 33.53
N LEU C 445 -18.21 27.38 34.44
CA LEU C 445 -18.58 26.51 35.57
C LEU C 445 -19.01 25.11 35.07
N ALA C 446 -19.63 25.05 33.89
CA ALA C 446 -20.31 23.85 33.39
C ALA C 446 -19.40 23.02 32.48
N LYS C 447 -18.16 23.45 32.27
CA LYS C 447 -17.21 22.73 31.40
C LYS C 447 -16.95 21.32 31.94
N THR C 448 -16.72 20.38 31.03
CA THR C 448 -16.32 19.02 31.36
C THR C 448 -14.86 19.01 31.79
N PRO C 449 -14.34 17.89 32.34
CA PRO C 449 -12.92 17.78 32.69
C PRO C 449 -11.95 18.03 31.53
N GLU C 450 -12.35 17.63 30.31
CA GLU C 450 -11.55 17.83 29.08
C GLU C 450 -11.48 19.33 28.75
N GLY C 451 -12.53 20.07 29.11
CA GLY C 451 -12.64 21.50 28.86
C GLY C 451 -13.66 21.82 27.78
N TYR C 452 -14.57 20.88 27.49
CA TYR C 452 -15.63 21.07 26.51
C TYR C 452 -16.80 21.80 27.18
N TYR C 453 -17.38 22.76 26.45
CA TYR C 453 -18.55 23.51 26.89
C TYR C 453 -19.81 22.71 26.56
N GLN C 454 -20.83 22.84 27.41
CA GLN C 454 -22.12 22.19 27.19
C GLN C 454 -22.98 23.12 26.32
N ILE C 455 -23.78 22.50 25.43
CA ILE C 455 -24.64 23.22 24.49
C ILE C 455 -26.00 22.52 24.46
N ARG C 456 -27.04 23.25 24.04
CA ARG C 456 -28.38 22.70 23.85
C ARG C 456 -28.50 22.06 22.45
N GLY C 457 -28.15 20.77 22.36
CA GLY C 457 -28.30 20.02 21.12
C GLY C 457 -29.78 19.81 20.82
N GLY C 458 -30.07 19.55 19.54
CA GLY C 458 -31.43 19.40 19.04
C GLY C 458 -31.55 19.92 17.62
N ILE C 459 -32.75 19.81 17.05
CA ILE C 459 -32.99 20.17 15.65
C ILE C 459 -32.75 21.68 15.45
N PRO C 460 -33.15 22.58 16.39
CA PRO C 460 -32.86 24.00 16.25
C PRO C 460 -31.36 24.31 16.08
N TYR C 461 -30.51 23.59 16.82
CA TYR C 461 -29.08 23.79 16.75
C TYR C 461 -28.55 23.22 15.41
N ALA C 462 -29.08 22.07 15.00
CA ALA C 462 -28.77 21.48 13.69
C ALA C 462 -29.09 22.47 12.57
N ILE C 463 -30.24 23.15 12.70
CA ILE C 463 -30.69 24.15 11.72
C ILE C 463 -29.69 25.31 11.67
N ALA C 464 -29.31 25.81 12.85
CA ALA C 464 -28.40 26.95 12.96
C ALA C 464 -27.07 26.64 12.26
N LYS C 465 -26.50 25.46 12.53
CA LYS C 465 -25.21 25.01 11.95
C LYS C 465 -25.35 24.87 10.44
N SER C 466 -26.43 24.20 10.00
CA SER C 466 -26.65 23.90 8.60
C SER C 466 -26.84 25.20 7.78
N LEU C 467 -27.54 26.19 8.38
CA LEU C 467 -27.78 27.48 7.72
C LEU C 467 -26.45 28.24 7.55
N ALA C 468 -25.59 28.18 8.57
CA ALA C 468 -24.24 28.78 8.51
C ALA C 468 -23.39 28.14 7.41
N ALA C 469 -23.56 26.83 7.22
CA ALA C 469 -22.75 26.04 6.29
C ALA C 469 -23.29 26.11 4.85
N ALA C 470 -24.56 26.47 4.68
CA ALA C 470 -25.31 26.33 3.42
C ALA C 470 -24.61 27.04 2.26
N PRO C 471 -24.08 28.28 2.43
CA PRO C 471 -23.37 28.96 1.34
C PRO C 471 -22.04 28.34 0.92
N PHE C 472 -21.61 27.29 1.61
CA PHE C 472 -20.32 26.64 1.36
C PHE C 472 -20.48 25.16 0.99
N ALA C 473 -21.73 24.67 0.93
CA ALA C 473 -22.00 23.25 0.66
C ALA C 473 -23.11 23.11 -0.40
N ASP C 474 -23.01 22.04 -1.19
CA ASP C 474 -23.96 21.73 -2.25
C ASP C 474 -25.15 20.92 -1.69
N ILE C 475 -24.93 20.17 -0.60
CA ILE C 475 -25.97 19.36 0.03
C ILE C 475 -25.81 19.45 1.55
N LEU C 476 -26.94 19.56 2.27
CA LEU C 476 -26.94 19.61 3.73
C LEU C 476 -27.57 18.33 4.28
N TRP C 477 -27.02 17.84 5.38
CA TRP C 477 -27.44 16.58 5.98
C TRP C 477 -27.44 16.76 7.51
N MET C 478 -28.60 16.50 8.13
CA MET C 478 -28.72 16.41 9.58
C MET C 478 -28.70 14.94 9.98
N GLU C 479 -27.63 14.52 10.66
CA GLU C 479 -27.50 13.18 11.21
C GLU C 479 -28.70 12.91 12.12
N THR C 480 -29.38 11.79 11.85
CA THR C 480 -30.51 11.33 12.66
C THR C 480 -30.21 9.90 13.12
N LYS C 481 -30.73 9.55 14.30
CA LYS C 481 -30.73 8.18 14.82
C LYS C 481 -32.06 7.52 14.44
N THR C 482 -33.17 8.21 14.71
CA THR C 482 -34.53 7.73 14.46
C THR C 482 -35.04 8.24 13.11
N ALA C 483 -35.75 7.37 12.39
CA ALA C 483 -36.43 7.70 11.14
C ALA C 483 -37.81 8.29 11.47
N ASP C 484 -37.99 9.58 11.17
CA ASP C 484 -39.14 10.36 11.59
C ASP C 484 -39.35 11.51 10.59
N LEU C 485 -40.47 11.47 9.86
CA LEU C 485 -40.76 12.44 8.79
C LEU C 485 -40.93 13.85 9.37
N ALA C 486 -41.46 13.94 10.60
CA ALA C 486 -41.75 15.23 11.25
C ALA C 486 -40.44 15.97 11.56
N ASP C 487 -39.46 15.24 12.11
CA ASP C 487 -38.13 15.78 12.41
C ASP C 487 -37.46 16.26 11.11
N ALA C 488 -37.55 15.43 10.07
CA ALA C 488 -37.00 15.75 8.75
C ALA C 488 -37.68 17.01 8.17
N ARG C 489 -39.00 17.13 8.36
CA ARG C 489 -39.79 18.25 7.88
C ARG C 489 -39.37 19.55 8.60
N GLN C 490 -39.21 19.47 9.92
CA GLN C 490 -38.78 20.62 10.72
C GLN C 490 -37.47 21.17 10.16
N PHE C 491 -36.53 20.27 9.86
CA PHE C 491 -35.22 20.62 9.32
C PHE C 491 -35.39 21.24 7.91
N ALA C 492 -36.07 20.51 7.03
CA ALA C 492 -36.17 20.86 5.60
C ALA C 492 -36.85 22.23 5.41
N GLU C 493 -37.92 22.46 6.18
CA GLU C 493 -38.70 23.70 6.07
C GLU C 493 -37.85 24.89 6.52
N ALA C 494 -37.15 24.72 7.64
CA ALA C 494 -36.29 25.77 8.20
C ALA C 494 -35.19 26.15 7.19
N ILE C 495 -34.59 25.14 6.56
CA ILE C 495 -33.54 25.37 5.56
C ILE C 495 -34.13 26.09 4.34
N HIS C 496 -35.26 25.59 3.83
CA HIS C 496 -35.83 26.04 2.55
C HIS C 496 -36.42 27.46 2.66
N ALA C 497 -36.82 27.84 3.88
CA ALA C 497 -37.29 29.18 4.20
C ALA C 497 -36.26 30.23 3.76
N GLU C 498 -34.97 29.93 3.95
CA GLU C 498 -33.87 30.85 3.66
C GLU C 498 -33.14 30.45 2.37
N PHE C 499 -33.12 29.14 2.06
CA PHE C 499 -32.46 28.62 0.86
C PHE C 499 -33.41 27.65 0.16
N PRO C 500 -34.38 28.15 -0.65
CA PRO C 500 -35.34 27.30 -1.33
C PRO C 500 -34.72 26.25 -2.26
N ASP C 501 -33.52 26.52 -2.78
CA ASP C 501 -32.87 25.65 -3.77
C ASP C 501 -31.88 24.66 -3.13
N GLN C 502 -31.73 24.68 -1.79
CA GLN C 502 -30.72 23.86 -1.10
C GLN C 502 -31.15 22.39 -1.10
N MET C 503 -30.38 21.55 -1.81
CA MET C 503 -30.60 20.10 -1.81
C MET C 503 -30.20 19.53 -0.45
N LEU C 504 -30.90 18.48 -0.01
CA LEU C 504 -30.65 17.85 1.30
C LEU C 504 -30.38 16.35 1.09
N ALA C 505 -29.84 15.72 2.14
CA ALA C 505 -29.57 14.28 2.17
C ALA C 505 -30.02 13.72 3.52
N TYR C 506 -30.47 12.45 3.53
CA TYR C 506 -31.03 11.83 4.74
C TYR C 506 -30.43 10.43 4.92
N ASN C 507 -29.96 10.15 6.15
CA ASN C 507 -29.36 8.87 6.48
C ASN C 507 -30.40 7.99 7.15
N LEU C 508 -30.34 6.70 6.80
CA LEU C 508 -31.20 5.68 7.32
C LEU C 508 -30.29 4.64 8.01
N SER C 509 -30.18 4.74 9.35
CA SER C 509 -29.35 3.83 10.12
C SER C 509 -29.88 2.39 9.97
N PRO C 510 -29.04 1.42 9.58
CA PRO C 510 -29.42 0.02 9.55
C PRO C 510 -29.80 -0.57 10.91
N SER C 511 -29.34 0.06 11.99
CA SER C 511 -29.53 -0.43 13.35
C SER C 511 -30.85 0.10 13.95
N PHE C 512 -31.42 1.15 13.35
CA PHE C 512 -32.70 1.65 13.81
C PHE C 512 -33.78 0.58 13.58
N ASN C 513 -34.42 0.15 14.67
CA ASN C 513 -35.45 -0.89 14.62
C ASN C 513 -36.73 -0.30 14.03
N TRP C 514 -37.00 -0.63 12.77
CA TRP C 514 -38.11 -0.05 12.01
C TRP C 514 -39.47 -0.52 12.54
N ASP C 515 -39.50 -1.69 13.17
CA ASP C 515 -40.74 -2.28 13.67
C ASP C 515 -41.11 -1.71 15.06
N THR C 516 -40.31 -0.76 15.59
CA THR C 516 -40.65 -0.08 16.85
C THR C 516 -41.32 1.27 16.56
N THR C 517 -41.35 1.71 15.30
CA THR C 517 -41.88 3.02 14.93
C THR C 517 -43.40 3.05 15.02
N GLY C 518 -44.04 1.89 14.85
CA GLY C 518 -45.48 1.77 14.79
C GLY C 518 -46.02 2.05 13.40
N MET C 519 -45.12 2.29 12.44
CA MET C 519 -45.49 2.49 11.04
C MET C 519 -46.05 1.18 10.47
N THR C 520 -46.99 1.32 9.53
CA THR C 520 -47.48 0.22 8.72
C THR C 520 -46.42 -0.14 7.67
N ASP C 521 -46.53 -1.34 7.10
CA ASP C 521 -45.65 -1.79 6.02
C ASP C 521 -45.75 -0.81 4.85
N GLU C 522 -46.94 -0.26 4.61
CA GLU C 522 -47.17 0.65 3.48
C GLU C 522 -46.51 2.00 3.75
N GLU C 523 -46.49 2.43 5.02
CA GLU C 523 -45.81 3.68 5.41
C GLU C 523 -44.29 3.53 5.21
N MET C 524 -43.77 2.33 5.49
CA MET C 524 -42.35 2.02 5.32
C MET C 524 -41.98 2.05 3.84
N ARG C 525 -42.88 1.56 2.98
CA ARG C 525 -42.68 1.54 1.53
C ARG C 525 -42.60 2.97 0.99
N ARG C 526 -43.33 3.91 1.61
CA ARG C 526 -43.52 5.27 1.09
C ARG C 526 -42.51 6.26 1.68
N PHE C 527 -41.78 5.86 2.72
CA PHE C 527 -40.90 6.75 3.50
C PHE C 527 -39.86 7.41 2.60
N PRO C 528 -39.16 6.67 1.71
CA PRO C 528 -38.20 7.29 0.79
C PRO C 528 -38.80 8.38 -0.11
N GLU C 529 -40.00 8.14 -0.63
CA GLU C 529 -40.69 9.07 -1.53
C GLU C 529 -41.08 10.35 -0.77
N GLU C 530 -41.46 10.18 0.51
CA GLU C 530 -41.85 11.30 1.38
C GLU C 530 -40.64 12.21 1.64
N LEU C 531 -39.46 11.61 1.84
CA LEU C 531 -38.21 12.36 1.98
C LEU C 531 -37.97 13.18 0.70
N GLY C 532 -38.10 12.53 -0.45
CA GLY C 532 -37.92 13.17 -1.76
C GLY C 532 -38.75 14.42 -1.92
N LYS C 533 -39.99 14.38 -1.41
CA LYS C 533 -40.95 15.47 -1.54
C LYS C 533 -40.49 16.70 -0.76
N MET C 534 -39.77 16.50 0.35
CA MET C 534 -39.26 17.58 1.20
C MET C 534 -37.90 18.08 0.72
N GLY C 535 -37.35 17.50 -0.36
CA GLY C 535 -36.11 17.99 -0.98
C GLY C 535 -34.86 17.21 -0.56
N PHE C 536 -35.05 16.09 0.15
CA PHE C 536 -33.97 15.13 0.42
C PHE C 536 -33.78 14.28 -0.83
N VAL C 537 -32.77 14.63 -1.64
CA VAL C 537 -32.61 14.11 -3.00
C VAL C 537 -31.76 12.82 -2.99
N PHE C 538 -31.02 12.57 -1.91
CA PHE C 538 -30.05 11.47 -1.81
C PHE C 538 -30.14 10.88 -0.41
N ASN C 539 -30.73 9.68 -0.32
CA ASN C 539 -31.04 9.03 0.94
C ASN C 539 -30.40 7.63 0.92
N PHE C 540 -29.79 7.23 2.03
CA PHE C 540 -28.88 6.10 2.01
C PHE C 540 -28.92 5.30 3.32
N ILE C 541 -28.98 3.97 3.15
CA ILE C 541 -28.77 3.00 4.23
C ILE C 541 -27.25 2.77 4.34
N THR C 542 -26.63 3.44 5.32
CA THR C 542 -25.18 3.70 5.38
C THR C 542 -24.38 2.41 5.14
N TYR C 543 -24.48 1.44 6.06
CA TYR C 543 -23.70 0.19 5.93
C TYR C 543 -24.62 -1.00 5.64
N GLY C 544 -25.60 -0.79 4.75
CA GLY C 544 -26.50 -1.85 4.29
C GLY C 544 -25.74 -3.06 3.75
N GLY C 545 -24.70 -2.79 2.94
CA GLY C 545 -23.93 -3.83 2.29
C GLY C 545 -23.28 -4.77 3.31
N HIS C 546 -22.80 -4.20 4.41
CA HIS C 546 -22.16 -4.95 5.49
C HIS C 546 -23.16 -5.93 6.11
N GLN C 547 -24.41 -5.48 6.28
CA GLN C 547 -25.47 -6.27 6.91
C GLN C 547 -25.85 -7.47 6.02
N ILE C 548 -26.11 -7.22 4.73
CA ILE C 548 -26.58 -8.29 3.83
C ILE C 548 -25.45 -9.29 3.58
N ASP C 549 -24.20 -8.82 3.61
CA ASP C 549 -23.02 -9.67 3.44
C ASP C 549 -22.98 -10.70 4.57
N GLY C 550 -23.23 -10.24 5.81
CA GLY C 550 -23.20 -11.08 6.98
C GLY C 550 -24.29 -12.14 6.97
N VAL C 551 -25.52 -11.71 6.68
CA VAL C 551 -26.67 -12.60 6.66
C VAL C 551 -26.44 -13.69 5.61
N ALA C 552 -25.95 -13.30 4.43
CA ALA C 552 -25.69 -14.23 3.33
C ALA C 552 -24.66 -15.29 3.73
N ALA C 553 -23.64 -14.88 4.47
CA ALA C 553 -22.55 -15.78 4.88
C ALA C 553 -23.05 -16.78 5.93
N GLU C 554 -23.82 -16.28 6.91
CA GLU C 554 -24.45 -17.13 7.94
C GLU C 554 -25.29 -18.21 7.26
N GLU C 555 -26.17 -17.77 6.39
CA GLU C 555 -27.10 -18.68 5.68
C GLU C 555 -26.31 -19.74 4.92
N PHE C 556 -25.40 -19.33 4.05
CA PHE C 556 -24.68 -20.31 3.20
C PHE C 556 -23.81 -21.23 4.04
N ALA C 557 -23.18 -20.71 5.09
CA ALA C 557 -22.31 -21.55 5.93
C ALA C 557 -23.18 -22.55 6.69
N THR C 558 -24.37 -22.14 7.11
CA THR C 558 -25.29 -23.05 7.80
C THR C 558 -25.80 -24.08 6.80
N ALA C 559 -26.21 -23.61 5.61
CA ALA C 559 -26.75 -24.50 4.56
C ALA C 559 -25.74 -25.57 4.14
N LEU C 560 -24.47 -25.21 4.06
CA LEU C 560 -23.43 -26.17 3.64
C LEU C 560 -23.27 -27.25 4.71
N ARG C 561 -23.36 -26.88 5.97
CA ARG C 561 -23.21 -27.88 7.06
C ARG C 561 -24.47 -28.74 7.16
N GLN C 562 -25.61 -28.20 6.75
CA GLN C 562 -26.90 -28.93 6.84
C GLN C 562 -27.14 -29.78 5.60
N ASP C 563 -26.95 -29.23 4.41
CA ASP C 563 -27.33 -29.96 3.17
C ASP C 563 -26.17 -30.19 2.21
N GLY C 564 -24.94 -30.08 2.66
CA GLY C 564 -23.79 -30.30 1.77
C GLY C 564 -23.93 -29.54 0.46
N MET C 565 -23.69 -30.23 -0.66
CA MET C 565 -23.60 -29.62 -1.98
C MET C 565 -24.96 -29.19 -2.51
N LEU C 566 -26.04 -29.65 -1.87
CA LEU C 566 -27.39 -29.21 -2.20
C LEU C 566 -27.54 -27.71 -1.90
N ALA C 567 -26.72 -27.21 -0.96
CA ALA C 567 -26.69 -25.77 -0.63
C ALA C 567 -26.27 -24.95 -1.86
N LEU C 568 -25.31 -25.49 -2.63
CA LEU C 568 -24.81 -24.83 -3.82
C LEU C 568 -25.82 -24.97 -4.96
N ALA C 569 -26.40 -26.16 -5.11
CA ALA C 569 -27.47 -26.45 -6.08
C ALA C 569 -28.61 -25.43 -5.95
N ARG C 570 -29.05 -25.20 -4.70
CA ARG C 570 -30.18 -24.33 -4.44
C ARG C 570 -29.83 -22.89 -4.82
N LEU C 571 -28.58 -22.48 -4.53
CA LEU C 571 -28.11 -21.14 -4.90
C LEU C 571 -28.09 -21.01 -6.43
N GLN C 572 -27.57 -22.04 -7.11
CA GLN C 572 -27.51 -22.09 -8.57
C GLN C 572 -28.93 -21.99 -9.17
N ARG C 573 -29.89 -22.70 -8.57
CA ARG C 573 -31.29 -22.67 -9.01
C ARG C 573 -31.82 -21.24 -8.92
N LYS C 574 -31.59 -20.59 -7.77
CA LYS C 574 -32.04 -19.23 -7.52
C LYS C 574 -31.49 -18.31 -8.61
N MET C 575 -30.22 -18.49 -8.98
CA MET C 575 -29.53 -17.62 -9.95
C MET C 575 -30.14 -17.82 -11.35
N ARG C 576 -30.44 -19.08 -11.70
CA ARG C 576 -31.07 -19.43 -12.99
C ARG C 576 -32.47 -18.81 -13.08
N LEU C 577 -33.20 -18.80 -11.97
CA LEU C 577 -34.59 -18.32 -11.95
C LEU C 577 -34.63 -16.82 -12.28
N VAL C 578 -33.75 -16.03 -11.66
CA VAL C 578 -33.77 -14.55 -11.82
C VAL C 578 -32.84 -14.13 -12.96
N GLU C 579 -32.19 -15.10 -13.61
CA GLU C 579 -31.26 -14.85 -14.73
C GLU C 579 -30.15 -13.89 -14.28
N SER C 580 -29.50 -14.21 -13.16
CA SER C 580 -28.39 -13.43 -12.62
C SER C 580 -27.16 -13.58 -13.51
N PRO C 581 -26.40 -12.49 -13.76
CA PRO C 581 -25.09 -12.59 -14.41
C PRO C 581 -24.09 -13.53 -13.71
N TYR C 582 -24.31 -13.78 -12.40
CA TYR C 582 -23.45 -14.63 -11.60
C TYR C 582 -23.59 -16.09 -12.02
N ARG C 583 -24.64 -16.39 -12.77
CA ARG C 583 -24.87 -17.66 -13.49
C ARG C 583 -23.63 -18.07 -14.30
N THR C 584 -22.98 -17.09 -14.94
CA THR C 584 -21.78 -17.31 -15.78
C THR C 584 -20.63 -16.43 -15.26
N PRO C 585 -19.93 -16.87 -14.18
CA PRO C 585 -18.92 -16.03 -13.54
C PRO C 585 -17.78 -15.58 -14.47
N GLN C 586 -17.35 -16.48 -15.36
CA GLN C 586 -16.22 -16.21 -16.26
C GLN C 586 -16.55 -14.99 -17.14
N THR C 587 -17.81 -14.87 -17.55
CA THR C 587 -18.27 -13.76 -18.37
C THR C 587 -18.36 -12.49 -17.51
N LEU C 588 -18.88 -12.63 -16.29
CA LEU C 588 -19.10 -11.53 -15.36
C LEU C 588 -17.80 -10.74 -15.10
N VAL C 589 -16.68 -11.46 -14.92
CA VAL C 589 -15.39 -10.83 -14.59
C VAL C 589 -14.68 -10.35 -15.86
N GLY C 590 -15.23 -10.65 -17.04
CA GLY C 590 -14.78 -10.06 -18.31
C GLY C 590 -13.88 -10.98 -19.11
N GLY C 591 -14.17 -12.29 -19.07
CA GLY C 591 -13.42 -13.30 -19.83
C GLY C 591 -13.35 -13.01 -21.32
N PRO C 592 -14.49 -12.71 -22.00
CA PRO C 592 -14.49 -12.41 -23.43
C PRO C 592 -13.54 -11.27 -23.84
N ARG C 593 -13.59 -10.13 -23.12
CA ARG C 593 -12.74 -8.99 -23.43
C ARG C 593 -11.27 -9.35 -23.19
N SER C 594 -11.02 -10.16 -22.15
CA SER C 594 -9.67 -10.60 -21.80
C SER C 594 -9.11 -11.55 -22.87
N ASP C 595 -9.95 -12.43 -23.40
CA ASP C 595 -9.57 -13.35 -24.48
C ASP C 595 -9.17 -12.54 -25.72
N ALA C 596 -9.95 -11.50 -26.03
CA ALA C 596 -9.68 -10.60 -27.14
C ALA C 596 -8.30 -9.95 -26.98
N ALA C 597 -7.98 -9.53 -25.74
CA ALA C 597 -6.71 -8.90 -25.42
C ALA C 597 -5.54 -9.88 -25.64
N LEU C 598 -5.76 -11.15 -25.32
CA LEU C 598 -4.73 -12.20 -25.48
C LEU C 598 -4.45 -12.41 -26.96
N ALA C 599 -5.52 -12.44 -27.77
CA ALA C 599 -5.42 -12.58 -29.21
C ALA C 599 -4.61 -11.42 -29.80
N ALA C 600 -4.92 -10.20 -29.37
CA ALA C 600 -4.25 -8.99 -29.86
C ALA C 600 -2.76 -9.03 -29.51
N SER C 601 -2.46 -9.39 -28.26
CA SER C 601 -1.09 -9.40 -27.73
C SER C 601 -0.21 -10.41 -28.49
N SER C 602 -0.81 -11.51 -28.96
CA SER C 602 -0.09 -12.64 -29.56
C SER C 602 -0.27 -12.69 -31.08
N GLY C 603 -1.00 -11.73 -31.66
CA GLY C 603 -1.37 -11.75 -33.08
C GLY C 603 -2.11 -13.02 -33.48
N ARG C 604 -2.97 -13.52 -32.58
CA ARG C 604 -3.84 -14.70 -32.78
C ARG C 604 -3.01 -15.99 -32.95
N THR C 605 -1.78 -16.03 -32.43
CA THR C 605 -0.91 -17.20 -32.58
C THR C 605 -0.93 -18.07 -31.31
N ALA C 606 -1.51 -17.55 -30.21
CA ALA C 606 -1.60 -18.25 -28.93
C ALA C 606 -2.72 -19.31 -29.01
N THR C 607 -2.50 -20.45 -28.35
CA THR C 607 -3.39 -21.64 -28.44
C THR C 607 -4.70 -21.40 -27.66
N VAL C 622 -27.90 -31.45 -20.42
CA VAL C 622 -29.00 -31.92 -19.59
C VAL C 622 -29.84 -30.71 -19.12
N GLN C 623 -31.17 -30.85 -19.23
CA GLN C 623 -32.14 -29.85 -18.80
C GLN C 623 -32.33 -29.94 -17.28
N THR C 624 -32.22 -28.78 -16.61
CA THR C 624 -32.30 -28.68 -15.14
C THR C 624 -33.71 -28.27 -14.68
N GLU C 625 -34.37 -27.43 -15.48
CA GLU C 625 -35.74 -26.98 -15.25
C GLU C 625 -36.48 -27.01 -16.58
N VAL C 626 -37.79 -27.28 -16.51
CA VAL C 626 -38.69 -27.18 -17.66
C VAL C 626 -38.64 -25.73 -18.15
N PRO C 627 -38.29 -25.49 -19.44
CA PRO C 627 -38.06 -24.12 -19.90
C PRO C 627 -39.37 -23.34 -20.09
N ARG C 628 -39.32 -22.02 -19.87
CA ARG C 628 -40.43 -21.11 -20.15
C ARG C 628 -40.82 -21.18 -21.64
N LYS C 629 -39.83 -21.49 -22.49
CA LYS C 629 -40.01 -21.59 -23.95
C LYS C 629 -41.12 -22.61 -24.29
N LEU C 630 -41.21 -23.69 -23.52
CA LEU C 630 -42.20 -24.75 -23.73
C LEU C 630 -43.62 -24.16 -23.68
N LEU C 631 -43.89 -23.30 -22.69
CA LEU C 631 -45.20 -22.67 -22.54
C LEU C 631 -45.41 -21.64 -23.66
N GLU C 632 -44.35 -20.91 -24.01
CA GLU C 632 -44.39 -19.92 -25.09
C GLU C 632 -44.82 -20.59 -26.40
N GLU C 633 -44.34 -21.82 -26.63
CA GLU C 633 -44.68 -22.59 -27.83
C GLU C 633 -46.15 -23.01 -27.79
N TRP C 634 -46.62 -23.46 -26.62
CA TRP C 634 -48.03 -23.81 -26.40
C TRP C 634 -48.92 -22.60 -26.66
N LEU C 635 -48.46 -21.42 -26.23
CA LEU C 635 -49.23 -20.18 -26.36
C LEU C 635 -49.22 -19.70 -27.82
N ALA C 636 -48.25 -20.16 -28.62
CA ALA C 636 -48.19 -19.90 -30.06
C ALA C 636 -49.29 -20.69 -30.77
N MET C 637 -49.44 -21.97 -30.41
CA MET C 637 -50.52 -22.82 -30.89
C MET C 637 -51.86 -22.16 -30.55
N TRP C 638 -52.00 -21.75 -29.28
CA TRP C 638 -53.19 -21.14 -28.74
C TRP C 638 -53.50 -19.83 -29.47
N SER C 639 -52.51 -18.93 -29.57
CA SER C 639 -52.67 -17.63 -30.25
C SER C 639 -53.06 -17.83 -31.71
N GLY C 640 -52.51 -18.87 -32.35
CA GLY C 640 -52.81 -19.23 -33.73
C GLY C 640 -54.29 -19.54 -33.92
N HIS C 641 -54.81 -20.45 -33.08
CA HIS C 641 -56.17 -20.97 -33.20
C HIS C 641 -57.20 -19.85 -33.02
N TYR C 642 -56.94 -18.91 -32.10
CA TYR C 642 -57.88 -17.80 -31.82
C TYR C 642 -57.44 -16.52 -32.57
N GLN C 643 -56.43 -16.65 -33.44
CA GLN C 643 -56.09 -15.66 -34.47
C GLN C 643 -55.68 -14.33 -33.82
N LEU C 644 -54.77 -14.39 -32.84
CA LEU C 644 -54.18 -13.20 -32.22
C LEU C 644 -52.88 -12.87 -32.95
N LYS C 645 -52.64 -11.57 -33.12
CA LYS C 645 -51.45 -11.05 -33.80
C LYS C 645 -50.29 -10.93 -32.80
N ASP C 646 -50.46 -11.47 -31.57
CA ASP C 646 -49.63 -11.13 -30.43
C ASP C 646 -48.74 -12.32 -30.07
N LYS C 647 -47.41 -12.12 -30.15
CA LYS C 647 -46.42 -13.10 -29.70
C LYS C 647 -46.32 -13.01 -28.17
N LEU C 648 -46.75 -14.08 -27.49
CA LEU C 648 -46.86 -14.10 -26.04
C LEU C 648 -45.55 -14.63 -25.41
N ARG C 649 -45.01 -13.85 -24.47
CA ARG C 649 -43.79 -14.14 -23.75
C ARG C 649 -44.15 -14.59 -22.32
N VAL C 650 -43.38 -15.52 -21.77
CA VAL C 650 -43.56 -16.06 -20.42
C VAL C 650 -42.44 -15.54 -19.51
N GLN C 651 -42.82 -15.03 -18.34
CA GLN C 651 -41.89 -14.58 -17.32
C GLN C 651 -42.23 -15.31 -16.00
N LEU C 652 -41.19 -15.81 -15.32
CA LEU C 652 -41.32 -16.47 -14.02
C LEU C 652 -40.21 -15.95 -13.10
N ARG C 653 -40.58 -15.00 -12.22
CA ARG C 653 -39.68 -14.39 -11.26
C ARG C 653 -40.34 -14.42 -9.89
N PRO C 654 -39.57 -14.27 -8.77
CA PRO C 654 -40.17 -14.01 -7.47
C PRO C 654 -41.04 -12.75 -7.51
N GLN C 655 -42.15 -12.77 -6.78
CA GLN C 655 -43.13 -11.68 -6.79
C GLN C 655 -42.50 -10.41 -6.21
N ARG C 656 -41.74 -10.60 -5.12
CA ARG C 656 -40.83 -9.58 -4.58
C ARG C 656 -39.46 -10.24 -4.36
N ALA C 657 -38.41 -9.43 -4.28
CA ALA C 657 -37.03 -9.95 -4.21
C ALA C 657 -36.87 -10.90 -3.01
N GLY C 658 -36.34 -12.09 -3.28
CA GLY C 658 -35.96 -13.07 -2.26
C GLY C 658 -37.12 -13.90 -1.75
N SER C 659 -38.33 -13.65 -2.25
CA SER C 659 -39.55 -14.34 -1.82
C SER C 659 -39.60 -15.75 -2.41
N GLU C 660 -40.21 -16.68 -1.67
CA GLU C 660 -40.53 -18.02 -2.19
C GLU C 660 -41.76 -17.93 -3.09
N VAL C 661 -42.57 -16.87 -2.92
CA VAL C 661 -43.76 -16.60 -3.72
C VAL C 661 -43.34 -16.10 -5.11
N LEU C 662 -43.69 -16.89 -6.15
CA LEU C 662 -43.35 -16.60 -7.54
C LEU C 662 -44.56 -15.96 -8.24
N GLU C 663 -44.27 -15.21 -9.31
CA GLU C 663 -45.28 -14.71 -10.23
C GLU C 663 -44.93 -15.20 -11.66
N LEU C 664 -45.84 -15.99 -12.25
CA LEU C 664 -45.79 -16.28 -13.67
C LEU C 664 -46.63 -15.23 -14.41
N GLY C 665 -45.99 -14.49 -15.32
CA GLY C 665 -46.64 -13.47 -16.13
C GLY C 665 -46.61 -13.82 -17.61
N ILE C 666 -47.72 -13.53 -18.30
CA ILE C 666 -47.80 -13.60 -19.75
C ILE C 666 -47.80 -12.16 -20.28
N HIS C 667 -46.87 -11.86 -21.17
CA HIS C 667 -46.63 -10.51 -21.69
C HIS C 667 -46.77 -10.50 -23.22
N GLY C 668 -47.42 -9.45 -23.74
CA GLY C 668 -47.57 -9.21 -25.18
C GLY C 668 -46.38 -8.43 -25.72
N GLU C 669 -46.47 -8.01 -26.99
CA GLU C 669 -45.37 -7.33 -27.68
C GLU C 669 -45.08 -5.97 -27.03
N SER C 670 -46.14 -5.32 -26.52
CA SER C 670 -46.05 -4.03 -25.84
C SER C 670 -45.49 -4.17 -24.42
N ASP C 671 -45.50 -5.40 -23.89
CA ASP C 671 -45.04 -5.79 -22.53
C ASP C 671 -46.17 -5.58 -21.51
N ASP C 672 -47.37 -5.26 -21.99
CA ASP C 672 -48.59 -5.27 -21.17
C ASP C 672 -48.82 -6.71 -20.68
N LYS C 673 -49.14 -6.85 -19.39
CA LYS C 673 -49.37 -8.14 -18.76
C LYS C 673 -50.80 -8.63 -19.08
N LEU C 674 -50.91 -9.67 -19.90
CA LEU C 674 -52.18 -10.24 -20.35
C LEU C 674 -52.75 -11.18 -19.27
N ALA C 675 -51.87 -11.89 -18.55
CA ALA C 675 -52.29 -12.85 -17.54
C ALA C 675 -51.16 -13.05 -16.52
N ASN C 676 -51.51 -13.59 -15.34
CA ASN C 676 -50.52 -13.95 -14.33
C ASN C 676 -51.08 -14.99 -13.35
N VAL C 677 -50.16 -15.64 -12.64
CA VAL C 677 -50.45 -16.55 -11.54
C VAL C 677 -49.44 -16.26 -10.43
N ILE C 678 -49.96 -15.98 -9.23
CA ILE C 678 -49.14 -15.75 -8.05
C ILE C 678 -49.30 -16.96 -7.14
N PHE C 679 -48.19 -17.67 -6.92
CA PHE C 679 -48.19 -18.97 -6.27
C PHE C 679 -46.84 -19.22 -5.59
N GLN C 680 -46.79 -20.24 -4.73
CA GLN C 680 -45.54 -20.72 -4.15
C GLN C 680 -45.60 -22.23 -4.04
N PRO C 681 -44.52 -22.96 -4.42
CA PRO C 681 -44.45 -24.39 -4.17
C PRO C 681 -44.22 -24.62 -2.68
N ILE C 682 -44.86 -25.66 -2.13
CA ILE C 682 -44.62 -26.10 -0.76
C ILE C 682 -44.51 -27.62 -0.77
N GLN C 683 -43.65 -28.18 0.10
CA GLN C 683 -43.48 -29.60 0.24
C GLN C 683 -44.15 -30.05 1.54
N ASP C 684 -44.67 -31.28 1.48
CA ASP C 684 -45.21 -31.99 2.66
C ASP C 684 -44.03 -32.65 3.39
N ARG C 685 -44.28 -33.33 4.50
CA ARG C 685 -43.16 -33.93 5.26
C ARG C 685 -42.42 -35.00 4.44
N ARG C 686 -43.12 -35.75 3.60
CA ARG C 686 -42.49 -36.82 2.78
C ARG C 686 -41.88 -36.27 1.50
N GLY C 687 -42.00 -34.98 1.23
CA GLY C 687 -41.39 -34.38 0.02
C GLY C 687 -42.34 -34.13 -1.14
N ARG C 688 -43.61 -34.50 -1.03
CA ARG C 688 -44.58 -34.24 -2.13
C ARG C 688 -44.74 -32.73 -2.31
N THR C 689 -44.89 -32.27 -3.54
CA THR C 689 -45.01 -30.82 -3.82
C THR C 689 -46.44 -30.41 -4.14
N ILE C 690 -46.86 -29.30 -3.54
CA ILE C 690 -48.18 -28.69 -3.76
C ILE C 690 -47.93 -27.26 -4.24
N LEU C 691 -48.72 -26.82 -5.20
CA LEU C 691 -48.66 -25.43 -5.70
C LEU C 691 -49.73 -24.63 -4.95
N LEU C 692 -49.35 -23.65 -4.15
CA LEU C 692 -50.35 -22.84 -3.42
C LEU C 692 -50.67 -21.60 -4.25
N VAL C 693 -51.89 -21.48 -4.77
CA VAL C 693 -52.22 -20.30 -5.62
C VAL C 693 -52.95 -19.26 -4.77
N ARG C 694 -52.43 -18.05 -4.76
CA ARG C 694 -53.05 -16.98 -3.94
C ARG C 694 -53.73 -15.97 -4.87
N ASP C 695 -53.35 -15.95 -6.15
CA ASP C 695 -54.00 -15.03 -7.11
C ASP C 695 -53.71 -15.47 -8.55
N GLN C 696 -54.64 -15.19 -9.46
CA GLN C 696 -54.45 -15.45 -10.91
C GLN C 696 -55.34 -14.49 -11.68
N ASN C 697 -54.96 -14.09 -12.88
CA ASN C 697 -55.82 -13.17 -13.64
C ASN C 697 -55.64 -13.37 -15.15
N THR C 698 -56.74 -13.24 -15.88
CA THR C 698 -56.68 -13.14 -17.35
C THR C 698 -57.25 -11.75 -17.58
N PHE C 699 -56.38 -10.75 -17.66
CA PHE C 699 -56.82 -9.33 -17.69
C PHE C 699 -57.70 -9.08 -18.90
N GLY C 700 -57.31 -9.60 -20.06
CA GLY C 700 -58.15 -9.44 -21.26
C GLY C 700 -59.45 -10.18 -21.14
N ALA C 701 -60.58 -9.46 -21.15
CA ALA C 701 -61.90 -10.11 -21.10
C ALA C 701 -62.10 -10.98 -22.34
N GLU C 702 -61.46 -10.62 -23.45
CA GLU C 702 -61.58 -11.30 -24.75
C GLU C 702 -60.73 -12.57 -24.77
N LEU C 703 -59.76 -12.68 -23.84
CA LEU C 703 -58.86 -13.84 -23.76
C LEU C 703 -59.41 -14.90 -22.81
N ARG C 704 -60.50 -14.58 -22.08
CA ARG C 704 -61.07 -15.48 -21.07
C ARG C 704 -61.82 -16.64 -21.74
N GLN C 705 -62.04 -17.69 -20.95
CA GLN C 705 -62.79 -18.90 -21.33
C GLN C 705 -62.28 -19.45 -22.67
N LYS C 706 -60.95 -19.48 -22.84
CA LYS C 706 -60.31 -20.10 -24.00
C LYS C 706 -59.23 -21.09 -23.55
N ARG C 707 -59.19 -21.39 -22.24
CA ARG C 707 -58.29 -22.37 -21.62
C ARG C 707 -56.84 -21.85 -21.58
N LEU C 708 -56.66 -20.52 -21.56
CA LEU C 708 -55.35 -19.91 -21.40
C LEU C 708 -54.75 -20.35 -20.05
N MET C 709 -55.56 -20.24 -19.00
CA MET C 709 -55.11 -20.53 -17.64
C MET C 709 -54.89 -22.04 -17.47
N THR C 710 -55.62 -22.86 -18.24
CA THR C 710 -55.45 -24.32 -18.21
C THR C 710 -54.06 -24.70 -18.74
N LEU C 711 -53.59 -24.00 -19.77
CA LEU C 711 -52.25 -24.23 -20.33
C LEU C 711 -51.17 -23.85 -19.31
N ILE C 712 -51.34 -22.69 -18.67
CA ILE C 712 -50.41 -22.18 -17.66
C ILE C 712 -50.30 -23.18 -16.51
N HIS C 713 -51.45 -23.71 -16.08
CA HIS C 713 -51.51 -24.69 -14.98
C HIS C 713 -50.78 -25.98 -15.35
N LEU C 714 -50.93 -26.41 -16.61
CA LEU C 714 -50.30 -27.64 -17.11
C LEU C 714 -48.78 -27.47 -17.06
N TRP C 715 -48.29 -26.28 -17.45
CA TRP C 715 -46.89 -25.97 -17.41
C TRP C 715 -46.39 -25.98 -15.95
N LEU C 716 -47.09 -25.24 -15.07
CA LEU C 716 -46.70 -25.10 -13.66
C LEU C 716 -46.63 -26.48 -12.99
N VAL C 717 -47.62 -27.33 -13.28
CA VAL C 717 -47.71 -28.66 -12.69
C VAL C 717 -46.51 -29.51 -13.15
N HIS C 718 -46.12 -29.34 -14.41
CA HIS C 718 -44.98 -30.05 -15.01
C HIS C 718 -43.65 -29.48 -14.47
N ARG C 719 -43.54 -28.15 -14.49
CA ARG C 719 -42.34 -27.44 -14.03
C ARG C 719 -42.01 -27.80 -12.58
N PHE C 720 -43.04 -27.91 -11.72
CA PHE C 720 -42.84 -28.05 -10.27
C PHE C 720 -43.17 -29.47 -9.76
N LYS C 721 -43.52 -30.39 -10.67
CA LYS C 721 -43.88 -31.77 -10.31
C LYS C 721 -44.92 -31.77 -9.17
N ALA C 722 -46.00 -31.02 -9.37
CA ALA C 722 -47.05 -30.80 -8.37
C ALA C 722 -48.02 -32.00 -8.32
N GLN C 723 -48.33 -32.45 -7.11
CA GLN C 723 -49.32 -33.51 -6.84
C GLN C 723 -50.72 -32.88 -6.69
N ALA C 724 -50.77 -31.63 -6.19
CA ALA C 724 -52.03 -30.92 -5.96
C ALA C 724 -51.84 -29.41 -6.13
N VAL C 725 -52.95 -28.70 -6.26
CA VAL C 725 -53.01 -27.24 -6.36
C VAL C 725 -54.06 -26.74 -5.37
N HIS C 726 -53.63 -25.91 -4.41
CA HIS C 726 -54.51 -25.27 -3.43
C HIS C 726 -54.69 -23.80 -3.78
N TYR C 727 -55.94 -23.33 -3.83
CA TYR C 727 -56.26 -21.92 -4.09
C TYR C 727 -56.83 -21.32 -2.80
N VAL C 728 -56.11 -20.35 -2.23
CA VAL C 728 -56.50 -19.69 -0.98
C VAL C 728 -57.34 -18.46 -1.30
N THR C 729 -58.51 -18.37 -0.67
CA THR C 729 -59.46 -17.27 -0.80
C THR C 729 -59.87 -17.14 -2.27
N PRO C 730 -60.47 -18.18 -2.87
CA PRO C 730 -60.84 -18.15 -4.29
C PRO C 730 -61.99 -17.17 -4.56
N THR C 731 -62.06 -16.67 -5.80
CA THR C 731 -63.19 -15.89 -6.31
C THR C 731 -64.19 -16.85 -6.99
N ASP C 732 -65.31 -16.31 -7.45
CA ASP C 732 -66.30 -17.08 -8.19
C ASP C 732 -65.65 -17.65 -9.46
N ASP C 733 -64.97 -16.79 -10.21
CA ASP C 733 -64.29 -17.16 -11.46
C ASP C 733 -63.37 -18.37 -11.23
N ASN C 734 -62.73 -18.39 -10.06
CA ASN C 734 -61.82 -19.47 -9.65
C ASN C 734 -62.60 -20.79 -9.51
N LEU C 735 -63.80 -20.72 -8.91
CA LEU C 735 -64.67 -21.89 -8.69
C LEU C 735 -65.04 -22.50 -10.04
N TYR C 736 -65.46 -21.65 -10.99
CA TYR C 736 -65.95 -22.07 -12.31
C TYR C 736 -64.78 -22.68 -13.11
N GLN C 737 -63.62 -22.04 -13.01
CA GLN C 737 -62.39 -22.43 -13.71
C GLN C 737 -61.91 -23.83 -13.29
N THR C 738 -61.77 -24.04 -11.98
CA THR C 738 -61.21 -25.29 -11.44
C THR C 738 -62.18 -26.45 -11.67
N SER C 739 -63.49 -26.15 -11.68
CA SER C 739 -64.52 -27.15 -11.90
C SER C 739 -64.44 -27.70 -13.33
N LYS C 740 -64.29 -26.79 -14.31
CA LYS C 740 -64.21 -27.17 -15.72
C LYS C 740 -62.86 -27.85 -16.01
N MET C 741 -61.81 -27.47 -15.28
CA MET C 741 -60.49 -28.10 -15.41
C MET C 741 -60.55 -29.55 -14.91
N LYS C 742 -61.50 -29.84 -14.01
CA LYS C 742 -61.76 -31.19 -13.55
C LYS C 742 -62.35 -32.03 -14.70
N SER C 743 -63.20 -31.40 -15.53
CA SER C 743 -63.88 -32.08 -16.65
C SER C 743 -62.89 -32.39 -17.80
N HIS C 744 -61.92 -31.50 -18.03
CA HIS C 744 -60.87 -31.71 -19.04
C HIS C 744 -59.91 -32.82 -18.61
N GLY C 745 -59.98 -33.20 -17.33
CA GLY C 745 -59.24 -34.34 -16.79
C GLY C 745 -57.91 -33.94 -16.16
N ILE C 746 -57.62 -32.63 -16.10
CA ILE C 746 -56.38 -32.14 -15.50
C ILE C 746 -56.35 -32.52 -14.02
N PHE C 747 -57.51 -32.41 -13.35
CA PHE C 747 -57.67 -32.81 -11.95
C PHE C 747 -58.59 -34.04 -11.86
N THR C 748 -58.29 -34.95 -10.94
CA THR C 748 -59.17 -36.09 -10.62
C THR C 748 -60.29 -35.62 -9.68
N GLU C 749 -59.92 -34.94 -8.60
CA GLU C 749 -60.84 -34.52 -7.53
C GLU C 749 -60.67 -33.00 -7.29
N VAL C 750 -61.78 -32.31 -7.00
CA VAL C 750 -61.78 -30.88 -6.65
C VAL C 750 -62.77 -30.64 -5.50
N ASN C 751 -62.25 -30.21 -4.35
CA ASN C 751 -63.04 -29.80 -3.17
C ASN C 751 -62.94 -28.28 -3.02
N GLN C 752 -64.06 -27.63 -2.70
CA GLN C 752 -64.16 -26.17 -2.64
C GLN C 752 -65.00 -25.76 -1.42
N GLU C 753 -64.39 -25.06 -0.46
CA GLU C 753 -65.12 -24.29 0.54
C GLU C 753 -65.26 -22.87 0.01
N VAL C 754 -66.46 -22.51 -0.47
CA VAL C 754 -66.71 -21.24 -1.16
C VAL C 754 -66.16 -20.07 -0.32
N GLY C 755 -65.24 -19.30 -0.94
CA GLY C 755 -64.68 -18.09 -0.35
C GLY C 755 -63.44 -18.33 0.51
N GLU C 756 -63.06 -19.60 0.74
CA GLU C 756 -61.96 -19.94 1.67
C GLU C 756 -60.84 -20.67 0.93
N ILE C 757 -61.12 -21.88 0.41
CA ILE C 757 -60.08 -22.71 -0.21
C ILE C 757 -60.68 -23.63 -1.28
N ILE C 758 -59.91 -23.83 -2.37
CA ILE C 758 -60.10 -24.93 -3.32
C ILE C 758 -58.90 -25.87 -3.22
N VAL C 759 -59.15 -27.19 -3.19
CA VAL C 759 -58.11 -28.21 -3.21
C VAL C 759 -58.35 -29.09 -4.46
N ALA C 760 -57.37 -29.14 -5.36
CA ALA C 760 -57.48 -29.85 -6.64
C ALA C 760 -56.32 -30.84 -6.81
N GLU C 761 -56.62 -32.14 -6.83
CA GLU C 761 -55.64 -33.20 -6.97
C GLU C 761 -55.35 -33.38 -8.47
N VAL C 762 -54.05 -33.49 -8.81
CA VAL C 762 -53.59 -33.56 -10.19
C VAL C 762 -53.81 -34.98 -10.72
N ASN C 763 -54.26 -35.06 -11.99
CA ASN C 763 -54.45 -36.33 -12.70
C ASN C 763 -53.18 -36.65 -13.50
N HIS C 764 -52.31 -37.47 -12.90
CA HIS C 764 -50.95 -37.69 -13.41
C HIS C 764 -50.97 -38.33 -14.79
N PRO C 765 -51.74 -39.43 -15.02
CA PRO C 765 -51.91 -39.99 -16.37
C PRO C 765 -52.27 -38.97 -17.46
N ARG C 766 -53.25 -38.09 -17.18
CA ARG C 766 -53.75 -37.12 -18.16
C ARG C 766 -52.69 -36.04 -18.43
N ILE C 767 -51.87 -35.72 -17.42
CA ILE C 767 -50.78 -34.76 -17.55
C ILE C 767 -49.71 -35.36 -18.47
N ALA C 768 -49.33 -36.62 -18.20
CA ALA C 768 -48.34 -37.36 -18.98
C ALA C 768 -48.75 -37.44 -20.47
N GLU C 769 -50.05 -37.66 -20.70
CA GLU C 769 -50.64 -37.75 -22.03
C GLU C 769 -50.51 -36.40 -22.77
N LEU C 770 -50.81 -35.30 -22.06
CA LEU C 770 -50.82 -33.96 -22.67
C LEU C 770 -49.39 -33.49 -22.96
N LEU C 771 -48.40 -34.07 -22.27
CA LEU C 771 -46.99 -33.65 -22.36
C LEU C 771 -46.23 -34.48 -23.40
N THR C 772 -46.86 -35.50 -24.01
CA THR C 772 -46.24 -36.28 -25.08
C THR C 772 -45.76 -35.32 -26.18
N PRO C 773 -44.50 -35.42 -26.66
CA PRO C 773 -43.93 -34.43 -27.57
C PRO C 773 -44.64 -34.24 -28.92
N ASP C 774 -45.52 -35.16 -29.29
CA ASP C 774 -46.32 -35.09 -30.53
C ASP C 774 -47.36 -33.96 -30.44
N ARG C 775 -47.79 -33.63 -29.22
CA ARG C 775 -48.75 -32.55 -28.92
C ARG C 775 -50.11 -32.82 -29.57
N VAL C 776 -50.45 -34.10 -29.73
CA VAL C 776 -51.77 -34.45 -30.32
C VAL C 776 -52.84 -34.09 -29.30
N ALA C 777 -52.78 -34.73 -28.13
CA ALA C 777 -53.80 -34.54 -27.08
C ALA C 777 -53.83 -33.06 -26.70
N LEU C 778 -52.65 -32.44 -26.62
CA LEU C 778 -52.55 -31.00 -26.29
C LEU C 778 -53.24 -30.20 -27.40
N ARG C 779 -53.06 -30.60 -28.66
CA ARG C 779 -53.72 -29.88 -29.78
C ARG C 779 -55.24 -29.96 -29.61
N LYS C 780 -55.74 -31.13 -29.24
CA LYS C 780 -57.19 -31.32 -29.06
C LYS C 780 -57.70 -30.44 -27.91
N LEU C 781 -56.93 -30.36 -26.83
CA LEU C 781 -57.35 -29.55 -25.65
C LEU C 781 -57.47 -28.09 -26.04
N ILE C 782 -56.52 -27.61 -26.84
CA ILE C 782 -56.54 -26.18 -27.26
C ILE C 782 -57.72 -25.86 -28.17
N THR C 783 -58.12 -26.79 -29.04
CA THR C 783 -59.19 -26.51 -30.04
C THR C 783 -60.57 -26.77 -29.45
N LYS C 784 -60.76 -27.90 -28.77
CA LYS C 784 -62.09 -28.19 -28.18
C LYS C 784 -62.16 -27.55 -26.79
N HIS D 31 -26.64 4.40 -40.15
CA HIS D 31 -25.72 4.01 -39.03
C HIS D 31 -26.20 4.68 -37.73
N THR D 32 -26.40 3.86 -36.69
CA THR D 32 -26.86 4.27 -35.34
C THR D 32 -25.81 5.14 -34.66
N PRO D 33 -26.17 5.98 -33.66
CA PRO D 33 -25.18 6.72 -32.87
C PRO D 33 -24.10 5.85 -32.21
N PHE D 34 -24.48 4.65 -31.78
CA PHE D 34 -23.55 3.69 -31.18
C PHE D 34 -22.48 3.29 -32.21
N GLU D 35 -22.91 2.97 -33.42
CA GLU D 35 -22.00 2.57 -34.51
C GLU D 35 -21.12 3.75 -34.93
N GLN D 36 -21.69 4.95 -34.92
CA GLN D 36 -20.97 6.16 -35.33
C GLN D 36 -19.83 6.46 -34.34
N ASP D 37 -20.16 6.48 -33.05
CA ASP D 37 -19.20 6.76 -31.97
C ASP D 37 -18.00 5.80 -32.10
N PHE D 38 -18.29 4.53 -32.38
CA PHE D 38 -17.28 3.50 -32.54
C PHE D 38 -16.41 3.79 -33.76
N GLU D 39 -17.04 4.02 -34.91
CA GLU D 39 -16.33 4.24 -36.19
C GLU D 39 -15.44 5.49 -36.08
N LYS D 40 -15.95 6.50 -35.37
CA LYS D 40 -15.22 7.74 -35.12
C LYS D 40 -13.90 7.45 -34.38
N ASP D 41 -13.98 6.65 -33.30
CA ASP D 41 -12.82 6.35 -32.46
C ASP D 41 -11.87 5.40 -33.19
N VAL D 42 -12.40 4.45 -33.98
CA VAL D 42 -11.57 3.56 -34.78
C VAL D 42 -10.74 4.39 -35.78
N ALA D 43 -11.38 5.40 -36.38
CA ALA D 43 -10.73 6.27 -37.38
C ALA D 43 -9.62 7.10 -36.72
N ALA D 44 -9.94 7.68 -35.55
CA ALA D 44 -8.97 8.46 -34.77
C ALA D 44 -7.78 7.57 -34.40
N THR D 45 -8.08 6.35 -33.97
CA THR D 45 -7.06 5.39 -33.54
C THR D 45 -6.18 5.00 -34.73
N GLN D 46 -6.80 4.85 -35.91
CA GLN D 46 -6.08 4.45 -37.13
C GLN D 46 -5.10 5.56 -37.56
N ARG D 47 -5.55 6.82 -37.49
CA ARG D 47 -4.69 7.97 -37.79
C ARG D 47 -3.49 7.98 -36.84
N TYR D 48 -3.75 7.68 -35.55
CA TYR D 48 -2.72 7.60 -34.52
C TYR D 48 -1.69 6.53 -34.90
N PHE D 49 -2.17 5.33 -35.26
CA PHE D 49 -1.31 4.23 -35.72
C PHE D 49 -0.43 4.67 -36.89
N ASP D 50 -1.02 5.42 -37.83
CA ASP D 50 -0.40 5.75 -39.12
C ASP D 50 0.51 6.98 -39.02
N SER D 51 0.45 7.71 -37.88
CA SER D 51 1.30 8.87 -37.66
C SER D 51 2.78 8.47 -37.72
N SER D 52 3.64 9.46 -38.00
CA SER D 52 5.07 9.25 -38.22
C SER D 52 5.76 8.73 -36.94
N ARG D 53 5.15 9.00 -35.78
CA ARG D 53 5.60 8.49 -34.48
C ARG D 53 5.90 6.98 -34.55
N PHE D 54 5.11 6.24 -35.34
CA PHE D 54 5.18 4.79 -35.38
C PHE D 54 5.69 4.28 -36.73
N ALA D 55 6.41 5.13 -37.45
CA ALA D 55 7.05 4.75 -38.71
C ALA D 55 7.97 3.54 -38.46
N GLY D 56 7.76 2.47 -39.24
CA GLY D 56 8.57 1.26 -39.17
C GLY D 56 8.21 0.36 -38.00
N ILE D 57 7.08 0.63 -37.33
CA ILE D 57 6.61 -0.17 -36.21
C ILE D 57 5.49 -1.10 -36.70
N ILE D 58 5.62 -2.39 -36.41
CA ILE D 58 4.61 -3.41 -36.71
C ILE D 58 3.77 -3.66 -35.45
N ARG D 59 2.44 -3.57 -35.60
CA ARG D 59 1.47 -3.98 -34.59
C ARG D 59 0.79 -5.27 -35.06
N LEU D 60 0.68 -6.27 -34.18
CA LEU D 60 0.03 -7.55 -34.52
C LEU D 60 -1.46 -7.49 -34.16
N TYR D 61 -2.07 -6.32 -34.31
CA TYR D 61 -3.48 -6.08 -33.96
C TYR D 61 -3.94 -4.81 -34.68
N THR D 62 -5.26 -4.63 -34.74
CA THR D 62 -5.89 -3.56 -35.49
C THR D 62 -6.43 -2.47 -34.55
N ALA D 63 -6.76 -1.32 -35.11
CA ALA D 63 -7.38 -0.23 -34.39
C ALA D 63 -8.69 -0.70 -33.74
N ARG D 64 -9.44 -1.55 -34.43
CA ARG D 64 -10.71 -2.08 -33.92
C ARG D 64 -10.45 -2.80 -32.58
N GLN D 65 -9.41 -3.63 -32.54
CA GLN D 65 -9.07 -4.44 -31.36
C GLN D 65 -8.71 -3.56 -30.16
N VAL D 66 -8.16 -2.37 -30.42
CA VAL D 66 -7.82 -1.40 -29.39
C VAL D 66 -9.11 -0.75 -28.84
N VAL D 67 -9.97 -0.28 -29.74
CA VAL D 67 -11.16 0.51 -29.35
C VAL D 67 -12.12 -0.37 -28.53
N GLU D 68 -12.21 -1.66 -28.85
CA GLU D 68 -13.17 -2.54 -28.14
C GLU D 68 -12.74 -2.78 -26.68
N GLN D 69 -11.54 -2.37 -26.29
CA GLN D 69 -11.04 -2.53 -24.91
C GLN D 69 -11.35 -1.30 -24.05
N ARG D 70 -11.72 -0.17 -24.65
CA ARG D 70 -11.65 1.16 -24.01
C ARG D 70 -12.93 1.53 -23.23
N GLY D 71 -14.04 0.82 -23.47
CA GLY D 71 -15.31 1.18 -22.84
C GLY D 71 -15.85 2.51 -23.34
N THR D 72 -16.73 3.13 -22.56
CA THR D 72 -17.44 4.37 -22.95
C THR D 72 -17.14 5.54 -21.99
N ILE D 73 -16.68 5.24 -20.77
CA ILE D 73 -16.39 6.28 -19.78
C ILE D 73 -14.96 6.79 -20.01
N PRO D 74 -14.77 8.06 -20.41
CA PRO D 74 -13.42 8.58 -20.68
C PRO D 74 -12.47 8.52 -19.48
N VAL D 75 -11.22 8.17 -19.76
CA VAL D 75 -10.08 8.32 -18.86
C VAL D 75 -9.00 9.10 -19.63
N ASP D 76 -8.03 9.68 -18.92
CA ASP D 76 -7.00 10.48 -19.54
C ASP D 76 -5.73 10.47 -18.69
N HIS D 77 -4.71 9.78 -19.23
CA HIS D 77 -3.39 9.68 -18.65
C HIS D 77 -2.49 10.74 -19.29
N ILE D 78 -2.76 11.99 -18.94
CA ILE D 78 -2.22 13.17 -19.63
C ILE D 78 -0.73 13.36 -19.31
N VAL D 79 -0.32 13.07 -18.08
CA VAL D 79 1.06 13.25 -17.68
C VAL D 79 1.94 12.34 -18.56
N ALA D 80 1.59 11.05 -18.63
CA ALA D 80 2.36 10.08 -19.40
C ALA D 80 2.27 10.41 -20.89
N ARG D 81 1.07 10.77 -21.37
CA ARG D 81 0.83 11.06 -22.79
C ARG D 81 1.72 12.21 -23.26
N GLU D 82 1.70 13.33 -22.53
CA GLU D 82 2.40 14.54 -22.95
C GLU D 82 3.92 14.37 -22.77
N ALA D 83 4.34 13.72 -21.69
CA ALA D 83 5.73 13.43 -21.44
C ALA D 83 6.28 12.55 -22.57
N ALA D 84 5.51 11.54 -22.97
CA ALA D 84 5.94 10.57 -23.97
C ALA D 84 6.18 11.29 -25.32
N GLY D 85 5.26 12.19 -25.68
CA GLY D 85 5.36 12.99 -26.89
C GLY D 85 6.65 13.80 -26.92
N ALA D 86 6.84 14.65 -25.91
CA ALA D 86 7.98 15.57 -25.85
C ALA D 86 9.29 14.80 -25.75
N PHE D 87 9.28 13.74 -24.94
CA PHE D 87 10.48 12.94 -24.66
C PHE D 87 10.93 12.24 -25.94
N TYR D 88 9.97 11.71 -26.72
CA TYR D 88 10.29 11.01 -27.96
C TYR D 88 10.88 11.99 -28.99
N GLU D 89 10.24 13.16 -29.15
CA GLU D 89 10.70 14.18 -30.11
C GLU D 89 12.14 14.58 -29.77
N ARG D 90 12.40 14.81 -28.49
CA ARG D 90 13.70 15.22 -28.00
C ARG D 90 14.79 14.18 -28.34
N LEU D 91 14.48 12.90 -28.10
CA LEU D 91 15.42 11.81 -28.37
C LEU D 91 15.73 11.75 -29.87
N ARG D 92 14.72 12.03 -30.71
CA ARG D 92 14.87 12.02 -32.16
C ARG D 92 15.77 13.18 -32.61
N GLU D 93 15.59 14.37 -32.01
CA GLU D 93 16.49 15.51 -32.22
C GLU D 93 17.94 15.07 -31.96
N LEU D 94 18.18 14.50 -30.78
CA LEU D 94 19.51 14.16 -30.30
C LEU D 94 20.14 13.09 -31.19
N PHE D 95 19.31 12.14 -31.66
CA PHE D 95 19.77 11.07 -32.55
C PHE D 95 20.25 11.66 -33.88
N ALA D 96 19.45 12.57 -34.44
CA ALA D 96 19.75 13.25 -35.70
C ALA D 96 21.06 14.03 -35.59
N ALA D 97 21.33 14.60 -34.42
CA ALA D 97 22.52 15.42 -34.14
C ALA D 97 23.69 14.56 -33.65
N ARG D 98 23.49 13.24 -33.58
CA ARG D 98 24.46 12.28 -33.03
C ARG D 98 24.95 12.78 -31.66
N LYS D 99 24.00 13.23 -30.84
CA LYS D 99 24.22 13.59 -29.43
C LYS D 99 23.37 12.66 -28.55
N SER D 100 23.56 12.78 -27.22
CA SER D 100 22.93 11.84 -26.29
C SER D 100 22.73 12.49 -24.91
N ILE D 101 21.78 11.92 -24.16
CA ILE D 101 21.59 12.17 -22.74
C ILE D 101 22.43 11.14 -21.96
N THR D 102 23.13 11.63 -20.93
CA THR D 102 23.89 10.80 -20.02
C THR D 102 23.33 11.03 -18.61
N THR D 103 22.81 9.95 -18.00
CA THR D 103 22.05 10.07 -16.77
C THR D 103 22.39 8.90 -15.84
N PHE D 104 21.74 8.89 -14.68
CA PHE D 104 21.86 7.81 -13.72
C PHE D 104 20.49 7.58 -13.07
N GLY D 105 20.38 6.48 -12.30
CA GLY D 105 19.18 6.16 -11.56
C GLY D 105 19.16 6.86 -10.21
N PRO D 106 18.24 7.84 -9.98
CA PRO D 106 18.12 8.47 -8.67
C PRO D 106 17.51 7.49 -7.67
N TYR D 107 18.00 7.53 -6.43
CA TYR D 107 17.59 6.62 -5.36
C TYR D 107 16.57 7.28 -4.44
N SER D 108 16.23 8.55 -4.71
CA SER D 108 15.25 9.29 -3.91
C SER D 108 14.60 10.33 -4.80
N PRO D 109 13.38 10.82 -4.45
CA PRO D 109 12.75 11.92 -5.17
C PRO D 109 13.60 13.20 -5.20
N GLY D 110 14.32 13.46 -4.10
CA GLY D 110 15.28 14.57 -4.01
C GLY D 110 16.38 14.49 -5.06
N GLN D 111 16.95 13.29 -5.24
CA GLN D 111 18.00 13.06 -6.23
C GLN D 111 17.46 13.37 -7.62
N ALA D 112 16.22 12.94 -7.90
CA ALA D 112 15.60 13.12 -9.21
C ALA D 112 15.36 14.60 -9.51
N VAL D 113 14.84 15.34 -8.52
CA VAL D 113 14.57 16.77 -8.68
C VAL D 113 15.91 17.51 -8.85
N SER D 114 16.93 17.09 -8.09
CA SER D 114 18.28 17.70 -8.12
C SER D 114 18.92 17.55 -9.50
N MET D 115 18.87 16.35 -10.08
CA MET D 115 19.55 16.11 -11.37
C MET D 115 18.91 16.97 -12.47
N LYS D 116 17.61 17.25 -12.39
CA LYS D 116 16.93 18.11 -13.34
C LYS D 116 17.35 19.56 -13.14
N ARG D 117 17.53 19.97 -11.87
CA ARG D 117 18.07 21.29 -11.55
C ARG D 117 19.44 21.47 -12.21
N MET D 118 20.29 20.44 -12.13
CA MET D 118 21.67 20.47 -12.62
C MET D 118 21.70 20.34 -14.16
N GLY D 119 20.53 20.08 -14.78
CA GLY D 119 20.34 20.25 -16.21
C GLY D 119 20.35 18.93 -16.98
N ILE D 120 20.39 17.78 -16.29
CA ILE D 120 20.20 16.48 -16.96
C ILE D 120 18.73 16.36 -17.38
N GLU D 121 18.52 15.98 -18.64
CA GLU D 121 17.23 16.14 -19.33
C GLU D 121 16.27 14.98 -19.04
N ALA D 122 16.79 13.82 -18.62
CA ALA D 122 15.98 12.61 -18.46
C ALA D 122 16.54 11.72 -17.34
N ILE D 123 15.67 10.83 -16.84
CA ILE D 123 15.95 9.98 -15.68
C ILE D 123 15.81 8.51 -16.08
N TYR D 124 16.68 7.67 -15.53
CA TYR D 124 16.57 6.23 -15.57
C TYR D 124 16.08 5.71 -14.21
N LEU D 125 15.24 4.66 -14.22
CA LEU D 125 14.82 3.99 -12.99
C LEU D 125 14.89 2.47 -13.18
N GLY D 126 15.73 1.82 -12.36
CA GLY D 126 16.10 0.42 -12.53
C GLY D 126 15.64 -0.46 -11.38
N GLY D 127 15.54 -1.76 -11.68
CA GLY D 127 15.05 -2.77 -10.75
C GLY D 127 16.09 -3.17 -9.71
N TRP D 128 17.37 -2.94 -10.03
CA TRP D 128 18.46 -3.23 -9.10
C TRP D 128 18.30 -2.39 -7.82
N ALA D 129 18.19 -1.07 -8.00
CA ALA D 129 18.04 -0.13 -6.91
C ALA D 129 16.74 -0.40 -6.16
N THR D 130 15.66 -0.73 -6.90
CA THR D 130 14.37 -1.03 -6.29
C THR D 130 14.49 -2.26 -5.38
N SER D 131 15.19 -3.31 -5.85
CA SER D 131 15.45 -4.51 -5.04
C SER D 131 16.25 -4.16 -3.79
N ALA D 132 17.26 -3.28 -3.96
CA ALA D 132 18.20 -2.95 -2.88
C ALA D 132 17.49 -2.13 -1.79
N LYS D 133 16.50 -1.33 -2.19
CA LYS D 133 15.80 -0.43 -1.28
C LYS D 133 14.75 -1.20 -0.46
N GLY D 134 14.15 -2.24 -1.05
CA GLY D 134 13.00 -2.89 -0.45
C GLY D 134 11.84 -1.94 -0.24
N SER D 135 10.89 -2.35 0.60
CA SER D 135 9.70 -1.58 0.91
C SER D 135 9.20 -1.98 2.30
N SER D 136 8.03 -1.45 2.70
CA SER D 136 7.46 -1.75 3.99
C SER D 136 7.14 -3.25 4.12
N THR D 137 6.90 -3.95 3.01
CA THR D 137 6.58 -5.39 3.03
C THR D 137 7.62 -6.25 2.30
N GLU D 138 8.61 -5.63 1.67
CA GLU D 138 9.62 -6.34 0.86
C GLU D 138 10.99 -6.17 1.51
N ASP D 139 11.61 -7.29 1.91
CA ASP D 139 12.97 -7.30 2.39
C ASP D 139 13.89 -6.89 1.22
N PRO D 140 14.92 -6.04 1.45
CA PRO D 140 15.85 -5.70 0.38
C PRO D 140 16.72 -6.92 0.02
N GLY D 141 17.23 -6.94 -1.21
CA GLY D 141 18.07 -8.04 -1.65
C GLY D 141 18.53 -7.87 -3.09
N PRO D 142 19.17 -8.91 -3.67
CA PRO D 142 19.63 -8.87 -5.06
C PRO D 142 18.48 -8.69 -6.06
N ASP D 143 18.81 -8.31 -7.29
CA ASP D 143 17.82 -8.09 -8.34
C ASP D 143 17.51 -9.43 -9.02
N LEU D 144 16.41 -10.05 -8.59
CA LEU D 144 15.90 -11.28 -9.19
C LEU D 144 14.47 -11.05 -9.74
N ALA D 145 14.05 -9.78 -9.76
CA ALA D 145 12.69 -9.38 -10.13
C ALA D 145 11.66 -10.21 -9.35
N SER D 146 11.95 -10.47 -8.07
CA SER D 146 11.13 -11.31 -7.22
C SER D 146 10.18 -10.44 -6.38
N TYR D 147 10.38 -9.11 -6.40
CA TYR D 147 9.42 -8.16 -5.85
C TYR D 147 8.10 -8.26 -6.63
N PRO D 148 6.97 -7.82 -6.03
CA PRO D 148 5.71 -7.72 -6.78
C PRO D 148 5.86 -6.74 -7.95
N LEU D 149 5.15 -7.00 -9.06
CA LEU D 149 5.33 -6.21 -10.28
C LEU D 149 4.87 -4.77 -10.08
N SER D 150 4.24 -4.47 -8.94
CA SER D 150 3.85 -3.12 -8.59
C SER D 150 5.05 -2.29 -8.09
N GLN D 151 6.18 -2.93 -7.79
CA GLN D 151 7.25 -2.33 -6.97
C GLN D 151 7.92 -1.15 -7.69
N VAL D 152 8.34 -1.33 -8.94
CA VAL D 152 9.07 -0.29 -9.66
C VAL D 152 8.11 0.86 -10.02
N PRO D 153 6.87 0.60 -10.50
CA PRO D 153 5.88 1.66 -10.67
C PRO D 153 5.65 2.52 -9.42
N ASP D 154 5.53 1.86 -8.26
CA ASP D 154 5.33 2.56 -6.98
C ASP D 154 6.54 3.48 -6.72
N ASP D 155 7.74 3.00 -7.00
CA ASP D 155 8.96 3.80 -6.88
C ASP D 155 8.90 5.00 -7.83
N ALA D 156 8.52 4.74 -9.09
CA ALA D 156 8.45 5.76 -10.12
C ALA D 156 7.43 6.84 -9.74
N ALA D 157 6.32 6.42 -9.12
CA ALA D 157 5.25 7.32 -8.69
C ALA D 157 5.79 8.40 -7.74
N VAL D 158 6.70 8.01 -6.85
CA VAL D 158 7.31 8.94 -5.90
C VAL D 158 8.07 10.00 -6.70
N LEU D 159 8.84 9.57 -7.70
CA LEU D 159 9.64 10.47 -8.53
C LEU D 159 8.73 11.46 -9.28
N VAL D 160 7.64 10.95 -9.86
CA VAL D 160 6.78 11.79 -10.68
C VAL D 160 6.10 12.84 -9.80
N ARG D 161 5.63 12.43 -8.62
CA ARG D 161 4.99 13.37 -7.69
C ARG D 161 5.99 14.44 -7.24
N ALA D 162 7.25 14.04 -7.06
CA ALA D 162 8.31 14.97 -6.66
C ALA D 162 8.56 16.01 -7.77
N LEU D 163 8.59 15.55 -9.02
CA LEU D 163 8.83 16.41 -10.17
C LEU D 163 7.66 17.38 -10.37
N LEU D 164 6.42 16.88 -10.32
CA LEU D 164 5.23 17.71 -10.52
C LEU D 164 5.11 18.73 -9.39
N THR D 165 5.44 18.31 -8.16
CA THR D 165 5.37 19.20 -6.99
C THR D 165 6.44 20.30 -7.11
N ALA D 166 7.64 19.91 -7.58
CA ALA D 166 8.74 20.87 -7.78
C ALA D 166 8.32 21.95 -8.78
N ASP D 167 7.68 21.51 -9.88
CA ASP D 167 7.18 22.40 -10.93
C ASP D 167 6.17 23.39 -10.34
N ARG D 168 5.26 22.89 -9.50
CA ARG D 168 4.22 23.72 -8.87
C ARG D 168 4.84 24.74 -7.92
N ASN D 169 5.85 24.30 -7.16
CA ASN D 169 6.53 25.17 -6.19
C ASN D 169 7.31 26.27 -6.94
N GLN D 170 8.05 25.88 -7.97
CA GLN D 170 8.79 26.81 -8.81
C GLN D 170 7.84 27.84 -9.43
N HIS D 171 6.75 27.37 -10.03
CA HIS D 171 5.82 28.22 -10.74
C HIS D 171 5.18 29.23 -9.77
N TYR D 172 4.86 28.78 -8.56
CA TYR D 172 4.28 29.66 -7.55
C TYR D 172 5.23 30.83 -7.25
N LEU D 173 6.52 30.53 -7.06
CA LEU D 173 7.53 31.53 -6.75
C LEU D 173 7.71 32.49 -7.93
N ARG D 174 7.74 31.94 -9.16
CA ARG D 174 7.96 32.73 -10.37
C ARG D 174 6.78 33.70 -10.61
N LEU D 175 5.58 33.35 -10.14
CA LEU D 175 4.41 34.24 -10.25
C LEU D 175 4.56 35.44 -9.33
N GLN D 176 5.24 35.26 -8.19
CA GLN D 176 5.42 36.38 -7.24
C GLN D 176 6.61 37.24 -7.69
N MET D 177 7.36 36.77 -8.69
CA MET D 177 8.55 37.51 -9.18
C MET D 177 8.14 38.46 -10.29
N SER D 178 9.01 39.42 -10.60
CA SER D 178 8.75 40.40 -11.68
C SER D 178 9.43 39.93 -12.96
N GLU D 179 9.10 40.56 -14.07
CA GLU D 179 9.69 40.19 -15.38
C GLU D 179 11.22 40.22 -15.31
N ARG D 180 11.80 41.24 -14.69
CA ARG D 180 13.30 41.28 -14.61
C ARG D 180 13.78 40.05 -13.84
N GLN D 181 13.25 39.82 -12.63
CA GLN D 181 13.65 38.65 -11.81
C GLN D 181 13.44 37.37 -12.62
N ARG D 182 12.30 37.23 -13.27
CA ARG D 182 11.99 36.05 -14.10
C ARG D 182 13.07 35.84 -15.16
N ALA D 183 13.54 36.90 -15.81
CA ALA D 183 14.59 36.80 -16.85
C ALA D 183 15.95 36.53 -16.21
N ALA D 184 16.10 36.93 -14.95
CA ALA D 184 17.36 36.71 -14.21
C ALA D 184 17.39 35.24 -13.74
N THR D 185 16.52 34.91 -12.79
CA THR D 185 16.42 33.57 -12.16
C THR D 185 16.04 32.49 -13.18
N PRO D 186 16.84 31.42 -13.33
CA PRO D 186 16.56 30.36 -14.31
C PRO D 186 15.40 29.46 -13.87
N ALA D 187 14.64 28.96 -14.85
CA ALA D 187 13.52 28.04 -14.62
C ALA D 187 13.91 26.64 -15.07
N TYR D 188 13.80 25.67 -14.15
CA TYR D 188 14.21 24.29 -14.38
C TYR D 188 13.08 23.51 -15.05
N ASP D 189 13.46 22.55 -15.90
CA ASP D 189 12.56 21.64 -16.59
C ASP D 189 12.32 20.40 -15.72
N PHE D 190 11.12 20.28 -15.15
CA PHE D 190 10.78 19.20 -14.22
C PHE D 190 9.80 18.21 -14.86
N ARG D 191 9.76 18.17 -16.19
CA ARG D 191 8.89 17.22 -16.91
C ARG D 191 9.39 15.80 -16.64
N PRO D 192 8.48 14.82 -16.42
CA PRO D 192 8.89 13.47 -16.01
C PRO D 192 9.36 12.57 -17.17
N PHE D 193 10.51 12.91 -17.75
CA PHE D 193 11.13 12.09 -18.80
C PHE D 193 11.86 10.93 -18.14
N ILE D 194 11.12 9.82 -17.92
CA ILE D 194 11.61 8.64 -17.22
C ILE D 194 11.50 7.42 -18.15
N ILE D 195 12.56 6.61 -18.16
CA ILE D 195 12.53 5.26 -18.70
C ILE D 195 12.74 4.31 -17.52
N ALA D 196 11.72 3.49 -17.23
CA ALA D 196 11.67 2.64 -16.05
C ALA D 196 11.77 1.16 -16.44
N ASP D 197 12.28 0.36 -15.49
CA ASP D 197 12.57 -1.05 -15.64
C ASP D 197 11.27 -1.87 -15.50
N ALA D 198 10.88 -2.55 -16.58
CA ALA D 198 9.75 -3.48 -16.57
C ALA D 198 10.24 -4.94 -16.57
N ASP D 199 11.53 -5.14 -16.24
CA ASP D 199 12.13 -6.46 -16.05
C ASP D 199 11.89 -7.30 -17.32
N THR D 200 11.42 -8.55 -17.13
CA THR D 200 11.09 -9.48 -18.20
C THR D 200 9.61 -9.37 -18.57
N GLY D 201 8.88 -8.49 -17.87
CA GLY D 201 7.44 -8.37 -18.00
C GLY D 201 6.69 -9.10 -16.90
N HIS D 202 7.42 -9.79 -16.02
CA HIS D 202 6.89 -10.49 -14.82
C HIS D 202 5.90 -11.59 -15.19
N GLY D 203 6.13 -12.28 -16.31
CA GLY D 203 5.26 -13.34 -16.79
C GLY D 203 4.93 -13.15 -18.26
N GLY D 204 3.68 -13.50 -18.63
CA GLY D 204 3.18 -13.41 -20.00
C GLY D 204 2.52 -12.07 -20.28
N ASP D 205 1.66 -12.05 -21.29
CA ASP D 205 1.12 -10.81 -21.82
C ASP D 205 0.21 -10.12 -20.80
N PRO D 206 -0.64 -10.81 -20.00
CA PRO D 206 -1.47 -10.10 -19.02
C PRO D 206 -0.61 -9.41 -17.95
N HIS D 207 0.57 -9.99 -17.64
CA HIS D 207 1.50 -9.42 -16.68
C HIS D 207 2.16 -8.14 -17.25
N VAL D 208 2.57 -8.20 -18.51
CA VAL D 208 3.20 -7.07 -19.19
C VAL D 208 2.20 -5.90 -19.23
N ARG D 209 0.97 -6.19 -19.64
CA ARG D 209 -0.06 -5.17 -19.81
C ARG D 209 -0.35 -4.51 -18.46
N ASN D 210 -0.38 -5.31 -17.39
CA ASN D 210 -0.64 -4.83 -16.04
C ASN D 210 0.52 -3.93 -15.58
N LEU D 211 1.76 -4.37 -15.83
CA LEU D 211 2.97 -3.64 -15.47
C LEU D 211 2.99 -2.28 -16.21
N ILE D 212 2.71 -2.29 -17.52
CA ILE D 212 2.70 -1.08 -18.34
C ILE D 212 1.58 -0.14 -17.87
N ARG D 213 0.39 -0.69 -17.60
CA ARG D 213 -0.75 0.08 -17.09
C ARG D 213 -0.34 0.83 -15.82
N ARG D 214 0.33 0.14 -14.89
CA ARG D 214 0.68 0.72 -13.59
C ARG D 214 1.69 1.87 -13.77
N PHE D 215 2.61 1.71 -14.72
CA PHE D 215 3.60 2.75 -15.05
C PHE D 215 2.91 3.98 -15.63
N VAL D 216 2.00 3.76 -16.58
CA VAL D 216 1.32 4.83 -17.29
C VAL D 216 0.46 5.62 -16.30
N GLU D 217 -0.22 4.91 -15.39
CA GLU D 217 -1.17 5.52 -14.46
C GLU D 217 -0.44 6.51 -13.54
N VAL D 218 0.86 6.29 -13.28
CA VAL D 218 1.61 7.17 -12.37
C VAL D 218 2.49 8.16 -13.18
N GLY D 219 2.36 8.13 -14.51
CA GLY D 219 2.88 9.19 -15.37
C GLY D 219 4.20 8.87 -16.04
N VAL D 220 4.61 7.60 -16.05
CA VAL D 220 5.89 7.20 -16.64
C VAL D 220 5.72 7.01 -18.15
N PRO D 221 6.55 7.67 -18.98
CA PRO D 221 6.43 7.57 -20.44
C PRO D 221 7.34 6.57 -21.19
N GLY D 222 8.19 5.82 -20.47
CA GLY D 222 9.11 4.86 -21.10
C GLY D 222 9.41 3.68 -20.21
N TYR D 223 9.66 2.53 -20.84
CA TYR D 223 9.68 1.22 -20.19
C TYR D 223 10.64 0.32 -20.96
N HIS D 224 11.46 -0.45 -20.25
CA HIS D 224 12.36 -1.39 -20.90
C HIS D 224 12.04 -2.83 -20.46
N ILE D 225 12.00 -3.72 -21.46
CA ILE D 225 11.68 -5.13 -21.30
C ILE D 225 12.84 -5.95 -21.86
N GLU D 226 13.35 -6.91 -21.08
CA GLU D 226 14.49 -7.74 -21.46
C GLU D 226 14.03 -9.17 -21.81
N ASP D 227 14.89 -9.90 -22.51
CA ASP D 227 14.58 -11.19 -23.10
C ASP D 227 15.10 -12.34 -22.21
N GLN D 228 15.05 -12.13 -20.90
CA GLN D 228 15.45 -13.18 -19.94
C GLN D 228 14.22 -13.97 -19.54
N ARG D 229 14.41 -15.16 -18.98
CA ARG D 229 13.29 -15.99 -18.48
C ARG D 229 12.89 -15.40 -17.13
N PRO D 230 11.61 -15.13 -16.85
CA PRO D 230 11.22 -14.46 -15.61
C PRO D 230 11.65 -15.13 -14.30
N GLY D 231 11.62 -16.46 -14.25
CA GLY D 231 11.96 -17.16 -13.00
C GLY D 231 13.44 -17.22 -12.72
N THR D 232 14.28 -16.94 -13.72
CA THR D 232 15.74 -17.04 -13.53
C THR D 232 16.41 -15.67 -13.74
N LYS D 233 15.63 -14.60 -13.85
CA LYS D 233 16.16 -13.23 -14.09
C LYS D 233 17.33 -12.91 -13.15
N LYS D 234 18.41 -12.36 -13.69
CA LYS D 234 19.58 -12.01 -12.84
C LYS D 234 20.35 -10.83 -13.43
N CYS D 235 21.38 -10.41 -12.71
CA CYS D 235 22.35 -9.39 -13.12
C CYS D 235 23.77 -9.96 -13.00
N GLY D 236 24.50 -10.01 -14.12
CA GLY D 236 25.83 -10.62 -14.18
C GLY D 236 25.78 -12.11 -14.48
N GLY D 239 27.91 -16.02 -14.67
CA GLY D 239 26.63 -15.51 -15.16
C GLY D 239 25.90 -16.54 -16.02
N GLY D 240 25.09 -17.38 -15.36
CA GLY D 240 24.14 -18.30 -16.00
C GLY D 240 22.77 -17.66 -16.23
N LYS D 241 22.71 -16.75 -17.20
CA LYS D 241 21.48 -16.12 -17.66
C LYS D 241 20.77 -17.07 -18.64
N VAL D 242 19.44 -17.12 -18.55
CA VAL D 242 18.61 -17.90 -19.48
C VAL D 242 17.75 -16.94 -20.30
N LEU D 243 17.85 -17.05 -21.63
CA LEU D 243 17.05 -16.26 -22.55
C LEU D 243 15.74 -16.99 -22.85
N VAL D 244 14.81 -16.25 -23.46
CA VAL D 244 13.59 -16.81 -24.01
C VAL D 244 13.70 -16.75 -25.53
N PRO D 245 12.88 -17.52 -26.28
CA PRO D 245 12.80 -17.36 -27.74
C PRO D 245 12.41 -15.93 -28.11
N SER D 246 12.72 -15.53 -29.34
CA SER D 246 12.46 -14.19 -29.82
C SER D 246 10.95 -13.92 -29.94
N ASP D 247 10.17 -14.96 -30.25
CA ASP D 247 8.72 -14.81 -30.41
C ASP D 247 8.09 -14.40 -29.06
N GLU D 248 8.63 -14.94 -27.96
CA GLU D 248 8.16 -14.59 -26.62
C GLU D 248 8.48 -13.12 -26.33
N GLN D 249 9.72 -12.69 -26.62
CA GLN D 249 10.15 -11.32 -26.40
C GLN D 249 9.28 -10.37 -27.23
N ILE D 250 9.08 -10.69 -28.51
CA ILE D 250 8.32 -9.82 -29.40
C ILE D 250 6.89 -9.68 -28.87
N LYS D 251 6.31 -10.78 -28.39
CA LYS D 251 4.95 -10.77 -27.82
C LYS D 251 4.87 -9.84 -26.60
N ARG D 252 5.93 -9.82 -25.78
CA ARG D 252 6.00 -8.91 -24.63
C ARG D 252 5.94 -7.45 -25.13
N LEU D 253 6.73 -7.15 -26.17
CA LEU D 253 6.82 -5.79 -26.71
C LEU D 253 5.49 -5.39 -27.36
N ASN D 254 4.89 -6.34 -28.09
CA ASN D 254 3.60 -6.12 -28.76
C ASN D 254 2.51 -5.89 -27.71
N ALA D 255 2.52 -6.71 -26.64
CA ALA D 255 1.55 -6.60 -25.54
C ALA D 255 1.64 -5.20 -24.91
N ALA D 256 2.87 -4.72 -24.70
CA ALA D 256 3.13 -3.41 -24.13
C ALA D 256 2.53 -2.32 -25.02
N ARG D 257 2.80 -2.40 -26.33
CA ARG D 257 2.31 -1.45 -27.31
C ARG D 257 0.78 -1.43 -27.29
N PHE D 258 0.17 -2.62 -27.23
CA PHE D 258 -1.29 -2.75 -27.19
C PHE D 258 -1.85 -1.97 -25.99
N GLN D 259 -1.24 -2.16 -24.81
CA GLN D 259 -1.71 -1.51 -23.60
C GLN D 259 -1.54 0.01 -23.72
N LEU D 260 -0.40 0.44 -24.28
CA LEU D 260 -0.11 1.85 -24.47
C LEU D 260 -1.12 2.46 -25.44
N ASP D 261 -1.48 1.72 -26.48
CA ASP D 261 -2.43 2.19 -27.50
C ASP D 261 -3.82 2.37 -26.87
N ILE D 262 -4.25 1.38 -26.07
CA ILE D 262 -5.55 1.43 -25.38
C ILE D 262 -5.61 2.73 -24.55
N MET D 263 -4.49 3.09 -23.90
CA MET D 263 -4.44 4.19 -22.94
C MET D 263 -4.10 5.52 -23.65
N ARG D 264 -3.93 5.49 -24.98
CA ARG D 264 -3.68 6.66 -25.84
C ARG D 264 -2.37 7.35 -25.42
N VAL D 265 -1.37 6.55 -25.04
CA VAL D 265 -0.07 7.06 -24.61
C VAL D 265 0.99 6.53 -25.56
N PRO D 266 1.70 7.40 -26.32
CA PRO D 266 2.75 6.96 -27.24
C PRO D 266 4.05 6.64 -26.48
N GLY D 267 3.95 5.69 -25.55
CA GLY D 267 5.03 5.32 -24.67
C GLY D 267 6.21 4.79 -25.45
N ILE D 268 7.42 5.01 -24.90
CA ILE D 268 8.67 4.63 -25.50
C ILE D 268 9.03 3.23 -25.00
N ILE D 269 9.07 2.26 -25.91
CA ILE D 269 9.36 0.87 -25.62
C ILE D 269 10.83 0.61 -25.94
N VAL D 270 11.59 0.21 -24.91
CA VAL D 270 12.98 -0.15 -25.03
C VAL D 270 13.08 -1.68 -24.95
N ALA D 271 13.60 -2.30 -26.02
CA ALA D 271 13.88 -3.73 -26.04
C ALA D 271 15.34 -3.97 -25.68
N ARG D 272 15.54 -4.66 -24.55
CA ARG D 272 16.84 -5.03 -24.07
C ARG D 272 17.09 -6.49 -24.44
N THR D 273 18.32 -6.80 -24.84
CA THR D 273 18.76 -8.18 -25.01
C THR D 273 19.92 -8.45 -24.05
N ASP D 274 19.91 -9.64 -23.45
CA ASP D 274 20.94 -10.10 -22.52
C ASP D 274 21.78 -11.18 -23.20
N ALA D 275 21.69 -11.27 -24.54
CA ALA D 275 22.27 -12.37 -25.31
C ALA D 275 23.81 -12.27 -25.37
N GLU D 276 24.37 -11.10 -25.05
CA GLU D 276 25.82 -10.89 -25.08
C GLU D 276 26.52 -11.80 -24.06
N ALA D 277 25.92 -11.98 -22.87
CA ALA D 277 26.54 -12.73 -21.77
C ALA D 277 25.82 -14.06 -21.50
N ALA D 278 24.63 -14.26 -22.10
CA ALA D 278 23.81 -15.44 -21.81
C ALA D 278 24.43 -16.70 -22.45
N ASN D 279 24.26 -17.85 -21.79
CA ASN D 279 24.76 -19.12 -22.30
C ASN D 279 23.63 -20.14 -22.50
N LEU D 280 22.40 -19.80 -22.09
CA LEU D 280 21.28 -20.74 -22.05
C LEU D 280 20.03 -20.10 -22.66
N ILE D 281 19.14 -20.95 -23.18
CA ILE D 281 17.83 -20.54 -23.66
C ILE D 281 16.84 -21.65 -23.29
N ASP D 282 15.59 -21.27 -22.98
CA ASP D 282 14.63 -22.19 -22.39
C ASP D 282 13.80 -22.89 -23.47
N SER D 283 14.13 -22.66 -24.75
CA SER D 283 13.44 -23.31 -25.86
C SER D 283 14.30 -23.19 -27.13
N ARG D 284 14.10 -24.11 -28.08
CA ARG D 284 14.82 -24.13 -29.34
C ARG D 284 13.83 -24.04 -30.51
N ALA D 285 12.62 -23.54 -30.23
CA ALA D 285 11.51 -23.58 -31.16
C ALA D 285 11.59 -22.44 -32.18
N ASP D 286 12.30 -21.35 -31.85
CA ASP D 286 12.37 -20.17 -32.71
C ASP D 286 13.56 -20.31 -33.67
N GLU D 287 13.26 -20.14 -34.97
CA GLU D 287 14.23 -20.29 -36.07
C GLU D 287 15.39 -19.31 -35.91
N ARG D 288 15.12 -18.12 -35.35
CA ARG D 288 16.11 -17.05 -35.20
C ARG D 288 17.18 -17.42 -34.16
N ASP D 289 16.83 -18.30 -33.21
CA ASP D 289 17.74 -18.70 -32.14
C ASP D 289 18.55 -19.94 -32.54
N GLN D 290 18.01 -20.73 -33.47
CA GLN D 290 18.52 -22.07 -33.81
C GLN D 290 19.97 -22.02 -34.32
N PRO D 291 20.36 -21.01 -35.15
CA PRO D 291 21.74 -20.87 -35.59
C PRO D 291 22.79 -20.82 -34.46
N PHE D 292 22.37 -20.44 -33.25
CA PHE D 292 23.28 -20.20 -32.14
C PHE D 292 23.26 -21.36 -31.14
N LEU D 293 22.40 -22.36 -31.36
CA LEU D 293 22.34 -23.56 -30.51
C LEU D 293 23.70 -24.27 -30.54
N LEU D 294 24.14 -24.73 -29.36
CA LEU D 294 25.32 -25.58 -29.22
C LEU D 294 24.84 -27.04 -29.13
N GLY D 295 25.59 -27.92 -29.80
CA GLY D 295 25.34 -29.35 -29.80
C GLY D 295 26.63 -30.13 -29.67
N ALA D 296 26.49 -31.41 -29.29
CA ALA D 296 27.60 -32.34 -29.22
C ALA D 296 27.84 -32.90 -30.63
N THR D 297 29.12 -33.10 -30.97
CA THR D 297 29.53 -33.66 -32.25
C THR D 297 29.97 -35.12 -32.05
N LYS D 298 30.50 -35.43 -30.86
CA LYS D 298 30.84 -36.79 -30.46
C LYS D 298 29.62 -37.42 -29.78
N LEU D 299 28.78 -38.13 -30.56
CA LEU D 299 27.44 -38.56 -30.12
C LEU D 299 27.47 -39.87 -29.32
N ASP D 300 28.67 -40.42 -29.04
CA ASP D 300 28.80 -41.62 -28.19
C ASP D 300 28.88 -41.19 -26.72
N VAL D 301 28.91 -39.87 -26.46
CA VAL D 301 28.91 -39.33 -25.10
C VAL D 301 27.47 -39.36 -24.59
N PRO D 302 27.24 -39.72 -23.30
CA PRO D 302 25.92 -39.62 -22.70
C PRO D 302 25.57 -38.18 -22.31
N SER D 303 24.27 -37.90 -22.15
CA SER D 303 23.74 -36.54 -21.90
C SER D 303 24.42 -35.91 -20.69
N TYR D 304 24.62 -34.58 -20.77
CA TYR D 304 25.22 -33.79 -19.69
C TYR D 304 24.40 -33.96 -18.40
N LYS D 305 23.07 -34.02 -18.56
CA LYS D 305 22.14 -34.20 -17.44
C LYS D 305 22.43 -35.53 -16.73
N SER D 306 22.46 -36.62 -17.51
CA SER D 306 22.72 -37.98 -17.01
C SER D 306 24.01 -37.99 -16.17
N CYS D 307 25.08 -37.42 -16.73
CA CYS D 307 26.40 -37.46 -16.11
C CYS D 307 26.41 -36.64 -14.82
N PHE D 308 25.76 -35.47 -14.84
CA PHE D 308 25.71 -34.61 -13.66
C PHE D 308 24.99 -35.34 -12.50
N LEU D 309 23.83 -35.93 -12.80
CA LEU D 309 23.02 -36.60 -11.79
C LEU D 309 23.74 -37.85 -11.26
N ALA D 310 24.37 -38.62 -12.16
CA ALA D 310 25.12 -39.84 -11.80
C ALA D 310 26.28 -39.50 -10.86
N MET D 311 26.97 -38.39 -11.15
CA MET D 311 28.07 -37.91 -10.31
C MET D 311 27.55 -37.59 -8.90
N VAL D 312 26.42 -36.90 -8.83
CA VAL D 312 25.79 -36.49 -7.58
C VAL D 312 25.36 -37.74 -6.81
N ARG D 313 24.76 -38.71 -7.51
CA ARG D 313 24.31 -39.95 -6.88
C ARG D 313 25.49 -40.70 -6.26
N ARG D 314 26.65 -40.66 -6.93
CA ARG D 314 27.84 -41.34 -6.41
C ARG D 314 28.21 -40.75 -5.04
N PHE D 315 28.28 -39.41 -4.96
CA PHE D 315 28.55 -38.69 -3.69
C PHE D 315 27.60 -39.18 -2.58
N TYR D 316 26.32 -39.27 -2.94
CA TYR D 316 25.25 -39.69 -2.03
C TYR D 316 25.50 -41.12 -1.54
N GLU D 317 25.74 -42.03 -2.50
CA GLU D 317 25.94 -43.45 -2.25
C GLU D 317 27.23 -43.69 -1.44
N LEU D 318 28.23 -42.81 -1.57
CA LEU D 318 29.48 -42.91 -0.80
C LEU D 318 29.34 -42.28 0.59
N GLY D 319 28.14 -41.77 0.92
CA GLY D 319 27.78 -41.43 2.29
C GLY D 319 27.58 -39.94 2.55
N VAL D 320 27.70 -39.11 1.50
CA VAL D 320 27.40 -37.68 1.62
C VAL D 320 25.88 -37.49 1.42
N LYS D 321 25.13 -37.58 2.52
CA LYS D 321 23.65 -37.51 2.52
C LYS D 321 23.18 -36.11 2.10
N GLU D 322 24.01 -35.10 2.34
CA GLU D 322 23.76 -33.70 2.02
C GLU D 322 23.39 -33.53 0.54
N LEU D 323 24.11 -34.25 -0.34
CA LEU D 323 23.96 -34.11 -1.79
C LEU D 323 22.92 -35.12 -2.32
N ASN D 324 21.64 -34.79 -2.13
CA ASN D 324 20.53 -35.67 -2.52
C ASN D 324 19.78 -35.07 -3.72
N GLY D 325 20.45 -34.21 -4.50
CA GLY D 325 19.83 -33.49 -5.61
C GLY D 325 19.25 -34.41 -6.68
N HIS D 326 19.84 -35.58 -6.84
CA HIS D 326 19.40 -36.59 -7.83
C HIS D 326 17.97 -37.05 -7.55
N LEU D 327 17.50 -36.91 -6.30
CA LEU D 327 16.14 -37.34 -5.91
C LEU D 327 15.06 -36.45 -6.56
N LEU D 328 15.48 -35.31 -7.13
CA LEU D 328 14.59 -34.42 -7.85
C LEU D 328 14.11 -35.07 -9.15
N TYR D 329 14.91 -35.98 -9.72
CA TYR D 329 14.62 -36.57 -11.02
C TYR D 329 14.35 -38.07 -10.88
N ALA D 330 13.70 -38.63 -11.90
CA ALA D 330 13.42 -40.06 -12.03
C ALA D 330 14.11 -40.58 -13.29
N LEU D 331 15.44 -40.57 -13.25
CA LEU D 331 16.30 -41.00 -14.34
C LEU D 331 16.38 -42.54 -14.33
N GLY D 332 16.26 -43.15 -15.51
CA GLY D 332 16.27 -44.62 -15.68
C GLY D 332 17.62 -45.24 -15.37
N ASP D 333 17.61 -46.57 -15.14
CA ASP D 333 18.81 -47.33 -14.79
C ASP D 333 19.81 -47.33 -15.96
N SER D 334 19.28 -47.52 -17.17
CA SER D 334 20.08 -47.53 -18.41
C SER D 334 20.87 -46.23 -18.54
N GLU D 335 20.21 -45.11 -18.23
CA GLU D 335 20.80 -43.77 -18.33
C GLU D 335 21.88 -43.59 -17.26
N TYR D 336 21.60 -44.04 -16.02
CA TYR D 336 22.57 -43.99 -14.92
C TYR D 336 23.80 -44.85 -15.24
N ALA D 337 23.56 -46.00 -15.88
CA ALA D 337 24.62 -46.95 -16.25
C ALA D 337 25.55 -46.30 -17.29
N ALA D 338 24.97 -45.86 -18.41
CA ALA D 338 25.72 -45.23 -19.52
C ALA D 338 26.58 -44.08 -19.00
N ALA D 339 25.94 -43.20 -18.21
CA ALA D 339 26.61 -42.03 -17.62
C ALA D 339 27.72 -42.48 -16.66
N GLY D 340 27.43 -43.49 -15.84
CA GLY D 340 28.40 -44.10 -14.94
C GLY D 340 29.64 -44.56 -15.68
N GLY D 341 29.43 -45.28 -16.79
CA GLY D 341 30.49 -45.74 -17.66
C GLY D 341 31.42 -44.60 -18.07
N TRP D 342 30.82 -43.51 -18.56
CA TRP D 342 31.56 -42.34 -19.03
C TRP D 342 32.31 -41.67 -17.86
N LEU D 343 31.67 -41.62 -16.69
CA LEU D 343 32.23 -40.94 -15.51
C LEU D 343 33.48 -41.66 -15.02
N GLU D 344 33.48 -43.01 -15.11
CA GLU D 344 34.61 -43.85 -14.68
C GLU D 344 35.77 -43.69 -15.68
N ARG D 345 35.48 -43.86 -16.97
CA ARG D 345 36.48 -43.75 -18.05
C ARG D 345 37.24 -42.42 -17.95
N GLN D 346 36.52 -41.32 -17.66
CA GLN D 346 37.08 -39.98 -17.66
C GLN D 346 37.76 -39.64 -16.33
N GLY D 347 37.63 -40.54 -15.34
CA GLY D 347 38.31 -40.41 -14.04
C GLY D 347 37.57 -39.51 -13.07
N ILE D 348 36.29 -39.26 -13.33
CA ILE D 348 35.49 -38.34 -12.52
C ILE D 348 35.07 -39.05 -11.22
N PHE D 349 34.63 -40.30 -11.33
CA PHE D 349 34.34 -41.14 -10.15
C PHE D 349 35.57 -41.22 -9.26
N GLY D 350 36.76 -41.21 -9.87
CA GLY D 350 38.04 -41.08 -9.15
C GLY D 350 38.07 -39.83 -8.28
N LEU D 351 37.77 -38.69 -8.90
CA LEU D 351 37.76 -37.38 -8.21
C LEU D 351 36.74 -37.39 -7.05
N VAL D 352 35.61 -38.07 -7.26
CA VAL D 352 34.54 -38.15 -6.26
C VAL D 352 35.05 -38.94 -5.04
N SER D 353 35.65 -40.12 -5.30
CA SER D 353 36.23 -40.96 -4.23
C SER D 353 37.25 -40.17 -3.41
N ASP D 354 38.15 -39.46 -4.09
CA ASP D 354 39.18 -38.64 -3.44
C ASP D 354 38.51 -37.55 -2.59
N ALA D 355 37.52 -36.88 -3.18
CA ALA D 355 36.80 -35.76 -2.55
C ALA D 355 36.11 -36.23 -1.25
N VAL D 356 35.44 -37.38 -1.33
CA VAL D 356 34.67 -37.94 -0.20
C VAL D 356 35.63 -38.34 0.93
N ASN D 357 36.84 -38.81 0.57
CA ASN D 357 37.87 -39.20 1.53
C ASN D 357 38.44 -37.95 2.23
N ALA D 358 38.69 -36.89 1.44
CA ALA D 358 39.12 -35.60 1.96
C ALA D 358 38.07 -35.06 2.96
N TRP D 359 36.79 -35.24 2.61
CA TRP D 359 35.65 -34.81 3.44
C TRP D 359 35.64 -35.55 4.79
N ARG D 360 35.77 -36.88 4.75
CA ARG D 360 35.70 -37.74 5.95
C ARG D 360 36.84 -37.40 6.91
N GLU D 361 38.06 -37.30 6.37
CA GLU D 361 39.28 -37.04 7.15
C GLU D 361 39.14 -35.71 7.91
N ASP D 362 38.51 -34.72 7.28
CA ASP D 362 38.29 -33.40 7.89
C ASP D 362 37.09 -33.49 8.85
N GLN D 364 33.97 -34.29 8.78
CA GLN D 364 32.80 -34.25 7.90
C GLN D 364 32.15 -32.87 7.98
N GLN D 365 32.92 -31.84 7.63
CA GLN D 365 32.44 -30.44 7.57
C GLN D 365 31.66 -30.21 6.27
N SER D 366 30.97 -29.06 6.19
CA SER D 366 30.31 -28.60 4.96
C SER D 366 31.17 -28.93 3.73
N ILE D 367 30.53 -29.50 2.69
CA ILE D 367 31.22 -30.03 1.52
C ILE D 367 31.04 -29.08 0.32
N ASP D 368 30.67 -27.83 0.61
CA ASP D 368 30.36 -26.82 -0.41
C ASP D 368 31.56 -26.67 -1.36
N GLY D 369 32.73 -26.36 -0.77
CA GLY D 369 33.96 -26.10 -1.53
C GLY D 369 34.43 -27.31 -2.33
N ILE D 370 34.39 -28.49 -1.69
CA ILE D 370 34.94 -29.71 -2.25
C ILE D 370 34.15 -30.10 -3.51
N PHE D 371 32.81 -30.12 -3.39
CA PHE D 371 31.90 -30.49 -4.47
C PHE D 371 32.09 -29.55 -5.68
N ASP D 372 32.30 -28.26 -5.39
CA ASP D 372 32.44 -27.22 -6.42
C ASP D 372 33.63 -27.57 -7.34
N GLN D 373 34.76 -27.92 -6.73
CA GLN D 373 35.99 -28.26 -7.44
C GLN D 373 35.72 -29.42 -8.42
N VAL D 374 35.03 -30.46 -7.93
CA VAL D 374 34.77 -31.67 -8.70
C VAL D 374 33.85 -31.34 -9.88
N GLU D 375 32.80 -30.54 -9.60
CA GLU D 375 31.80 -30.17 -10.61
C GLU D 375 32.47 -29.44 -11.78
N SER D 376 33.28 -28.42 -11.47
CA SER D 376 33.94 -27.61 -12.50
C SER D 376 34.81 -28.50 -13.39
N ARG D 377 35.57 -29.40 -12.75
CA ARG D 377 36.42 -30.36 -13.45
C ARG D 377 35.56 -31.31 -14.29
N PHE D 378 34.42 -31.73 -13.75
CA PHE D 378 33.45 -32.57 -14.49
C PHE D 378 32.95 -31.82 -15.73
N VAL D 379 32.56 -30.55 -15.55
CA VAL D 379 31.99 -29.75 -16.65
C VAL D 379 33.04 -29.60 -17.76
N ALA D 380 34.26 -29.23 -17.36
CA ALA D 380 35.39 -29.09 -18.27
C ALA D 380 35.56 -30.38 -19.11
N ALA D 381 35.55 -31.52 -18.42
CA ALA D 381 35.73 -32.84 -19.03
C ALA D 381 34.62 -33.12 -20.04
N TRP D 382 33.36 -32.81 -19.66
CA TRP D 382 32.20 -33.13 -20.49
C TRP D 382 32.18 -32.25 -21.75
N GLU D 383 32.42 -30.95 -21.56
CA GLU D 383 32.46 -29.99 -22.68
C GLU D 383 33.54 -30.44 -23.67
N ASP D 384 34.73 -30.75 -23.14
CA ASP D 384 35.89 -31.15 -23.93
C ASP D 384 35.56 -32.37 -24.79
N ASP D 385 35.02 -33.43 -24.17
CA ASP D 385 34.81 -34.71 -24.83
C ASP D 385 33.63 -34.62 -25.81
N ALA D 386 32.63 -33.79 -25.48
CA ALA D 386 31.38 -33.70 -26.23
C ALA D 386 31.62 -33.00 -27.58
N GLY D 387 32.60 -32.08 -27.61
CA GLY D 387 32.89 -31.29 -28.79
C GLY D 387 31.73 -30.35 -29.10
N LEU D 388 31.57 -29.36 -28.22
CA LEU D 388 30.44 -28.45 -28.21
C LEU D 388 30.65 -27.34 -29.24
N MET D 389 29.79 -27.31 -30.27
CA MET D 389 29.81 -26.26 -31.28
C MET D 389 28.42 -26.13 -31.91
N THR D 390 28.25 -25.09 -32.74
CA THR D 390 27.00 -24.85 -33.46
C THR D 390 26.96 -25.79 -34.66
N TYR D 391 25.75 -25.99 -35.20
CA TYR D 391 25.58 -26.81 -36.40
C TYR D 391 26.28 -26.15 -37.59
N GLY D 392 26.42 -24.82 -37.55
CA GLY D 392 27.23 -24.07 -38.50
C GLY D 392 28.69 -24.51 -38.45
N GLU D 393 29.31 -24.36 -37.28
CA GLU D 393 30.71 -24.70 -37.05
C GLU D 393 30.97 -26.18 -37.40
N ALA D 394 29.96 -27.03 -37.22
CA ALA D 394 30.05 -28.48 -37.43
C ALA D 394 30.18 -28.82 -38.92
N VAL D 395 29.32 -28.22 -39.75
CA VAL D 395 29.30 -28.48 -41.19
C VAL D 395 30.48 -27.75 -41.85
N ALA D 396 30.94 -26.65 -41.23
CA ALA D 396 32.12 -25.91 -41.68
C ALA D 396 33.39 -26.76 -41.56
N ASP D 397 33.45 -27.61 -40.52
CA ASP D 397 34.60 -28.49 -40.27
C ASP D 397 34.66 -29.58 -41.34
N VAL D 398 33.50 -30.10 -41.76
CA VAL D 398 33.38 -31.15 -42.78
C VAL D 398 33.96 -30.66 -44.11
N LEU D 399 33.65 -29.41 -44.48
CA LEU D 399 34.07 -28.82 -45.74
C LEU D 399 35.59 -28.58 -45.79
N GLU D 400 36.23 -28.29 -44.65
CA GLU D 400 37.70 -28.07 -44.61
C GLU D 400 38.46 -29.39 -44.78
N PHE D 401 37.78 -30.53 -44.57
CA PHE D 401 38.32 -31.87 -44.89
C PHE D 401 37.45 -32.51 -45.97
N ALA D 412 31.52 -23.59 -50.60
CA ALA D 412 32.65 -22.78 -50.17
C ALA D 412 32.53 -22.45 -48.68
N PRO D 413 33.65 -22.32 -47.95
CA PRO D 413 33.60 -22.19 -46.48
C PRO D 413 32.87 -20.94 -45.98
N GLU D 414 33.26 -19.75 -46.47
CA GLU D 414 32.72 -18.47 -45.97
C GLU D 414 31.30 -18.24 -46.51
N GLU D 415 31.00 -18.84 -47.68
CA GLU D 415 29.67 -18.80 -48.27
C GLU D 415 28.67 -19.53 -47.37
N TRP D 416 29.11 -20.65 -46.78
CA TRP D 416 28.27 -21.52 -45.96
C TRP D 416 27.87 -20.80 -44.65
N ARG D 417 28.87 -20.19 -43.99
CA ARG D 417 28.70 -19.42 -42.75
C ARG D 417 27.51 -18.45 -42.88
N ALA D 418 27.48 -17.70 -43.99
CA ALA D 418 26.46 -16.71 -44.28
C ALA D 418 25.07 -17.35 -44.35
N PHE D 419 25.00 -18.55 -44.93
CA PHE D 419 23.74 -19.29 -45.07
C PHE D 419 23.30 -19.85 -43.71
N ALA D 420 24.26 -20.41 -42.95
CA ALA D 420 24.00 -21.06 -41.66
C ALA D 420 23.51 -20.05 -40.62
N ALA D 421 24.02 -18.81 -40.70
CA ALA D 421 23.76 -17.76 -39.70
C ALA D 421 22.33 -17.23 -39.81
N ARG D 422 21.66 -17.46 -40.95
CA ARG D 422 20.30 -16.98 -41.20
C ARG D 422 19.35 -18.15 -41.45
N ALA D 423 19.80 -19.38 -41.19
CA ALA D 423 19.06 -20.58 -41.56
C ALA D 423 18.48 -21.24 -40.31
N SER D 424 17.23 -21.69 -40.42
CA SER D 424 16.64 -22.62 -39.47
C SER D 424 17.54 -23.86 -39.36
N LEU D 425 17.27 -24.71 -38.38
CA LEU D 425 18.02 -25.94 -38.18
C LEU D 425 17.64 -26.93 -39.29
N HIS D 426 16.33 -26.99 -39.60
CA HIS D 426 15.79 -27.90 -40.63
C HIS D 426 16.27 -27.47 -42.01
N ALA D 427 16.37 -26.16 -42.23
CA ALA D 427 16.81 -25.58 -43.51
C ALA D 427 18.31 -25.80 -43.72
N ALA D 428 19.07 -25.74 -42.62
CA ALA D 428 20.53 -25.90 -42.66
C ALA D 428 20.91 -27.38 -42.88
N ARG D 429 20.13 -28.30 -42.29
CA ARG D 429 20.33 -29.74 -42.45
C ARG D 429 20.03 -30.14 -43.91
N ALA D 430 18.94 -29.59 -44.46
CA ALA D 430 18.50 -29.87 -45.83
C ALA D 430 19.56 -29.42 -46.84
N LYS D 431 20.22 -28.29 -46.55
CA LYS D 431 21.24 -27.71 -47.44
C LYS D 431 22.56 -28.49 -47.28
N ALA D 432 22.81 -29.04 -46.10
CA ALA D 432 24.06 -29.76 -45.79
C ALA D 432 24.02 -31.17 -46.42
N LYS D 433 22.89 -31.86 -46.28
CA LYS D 433 22.68 -33.19 -46.88
C LYS D 433 22.84 -33.09 -48.41
N GLU D 434 22.16 -32.10 -48.99
CA GLU D 434 22.22 -31.79 -50.42
C GLU D 434 23.68 -31.65 -50.88
N LEU D 435 24.53 -31.06 -50.03
CA LEU D 435 25.96 -30.87 -50.28
C LEU D 435 26.77 -32.05 -49.72
N GLY D 436 26.09 -33.18 -49.43
CA GLY D 436 26.70 -34.42 -48.94
C GLY D 436 27.73 -34.18 -47.85
N ALA D 437 27.25 -33.62 -46.74
CA ALA D 437 28.05 -33.11 -45.62
C ALA D 437 27.14 -32.89 -44.42
N ASP D 438 26.62 -34.02 -43.90
CA ASP D 438 25.65 -34.08 -42.80
C ASP D 438 26.35 -34.66 -41.57
N PRO D 439 27.12 -33.87 -40.80
CA PRO D 439 27.90 -34.39 -39.68
C PRO D 439 27.05 -34.76 -38.47
N PRO D 440 27.61 -35.48 -37.49
CA PRO D 440 26.86 -35.84 -36.28
C PRO D 440 26.75 -34.62 -35.35
N TRP D 441 25.51 -34.28 -34.96
CA TRP D 441 25.23 -33.08 -34.16
C TRP D 441 23.91 -33.26 -33.38
N ASP D 442 23.98 -33.12 -32.05
CA ASP D 442 22.81 -33.21 -31.17
C ASP D 442 22.90 -32.12 -30.08
N CYS D 443 21.89 -31.24 -30.05
CA CYS D 443 21.78 -30.18 -29.03
C CYS D 443 21.11 -30.73 -27.76
N GLU D 444 20.32 -31.80 -27.90
CA GLU D 444 19.60 -32.42 -26.78
C GLU D 444 20.61 -32.96 -25.74
N LEU D 445 21.73 -33.50 -26.23
CA LEU D 445 22.80 -34.04 -25.38
C LEU D 445 23.30 -32.98 -24.39
N ALA D 446 23.30 -31.71 -24.82
CA ALA D 446 23.97 -30.61 -24.13
C ALA D 446 23.02 -29.85 -23.17
N LYS D 447 21.75 -30.28 -23.09
CA LYS D 447 20.76 -29.64 -22.23
C LYS D 447 21.20 -29.74 -20.76
N THR D 448 20.84 -28.72 -19.98
CA THR D 448 21.06 -28.68 -18.54
C THR D 448 20.02 -29.59 -17.86
N PRO D 449 20.16 -29.88 -16.54
CA PRO D 449 19.17 -30.67 -15.83
C PRO D 449 17.73 -30.08 -15.85
N GLU D 450 17.63 -28.75 -15.87
CA GLU D 450 16.35 -28.03 -15.94
C GLU D 450 15.70 -28.27 -17.32
N GLY D 451 16.54 -28.46 -18.35
CA GLY D 451 16.09 -28.67 -19.72
C GLY D 451 16.36 -27.48 -20.62
N TYR D 452 17.26 -26.58 -20.19
CA TYR D 452 17.64 -25.42 -20.99
C TYR D 452 18.72 -25.84 -21.99
N TYR D 453 18.59 -25.33 -23.23
CA TYR D 453 19.55 -25.55 -24.30
C TYR D 453 20.70 -24.55 -24.17
N GLN D 454 21.91 -24.98 -24.57
CA GLN D 454 23.07 -24.10 -24.60
C GLN D 454 23.08 -23.35 -25.93
N ILE D 455 23.54 -22.09 -25.89
CA ILE D 455 23.61 -21.20 -27.07
C ILE D 455 24.94 -20.45 -27.03
N ARG D 456 25.36 -19.97 -28.20
CA ARG D 456 26.58 -19.17 -28.35
C ARG D 456 26.24 -17.70 -28.09
N GLY D 457 26.33 -17.29 -26.83
CA GLY D 457 26.22 -15.91 -26.43
C GLY D 457 27.36 -15.09 -27.00
N GLY D 458 27.11 -13.78 -27.16
CA GLY D 458 28.05 -12.84 -27.73
C GLY D 458 27.31 -11.76 -28.52
N ILE D 459 28.08 -10.82 -29.06
CA ILE D 459 27.52 -9.65 -29.73
C ILE D 459 26.74 -10.07 -30.97
N PRO D 460 27.22 -11.06 -31.77
CA PRO D 460 26.44 -11.53 -32.93
C PRO D 460 25.01 -12.00 -32.56
N TYR D 461 24.88 -12.68 -31.42
CA TYR D 461 23.58 -13.18 -30.99
C TYR D 461 22.73 -12.00 -30.49
N ALA D 462 23.36 -11.07 -29.77
CA ALA D 462 22.70 -9.83 -29.34
C ALA D 462 22.13 -9.08 -30.57
N ILE D 463 22.93 -9.02 -31.64
CA ILE D 463 22.54 -8.37 -32.90
C ILE D 463 21.31 -9.07 -33.49
N ALA D 464 21.35 -10.40 -33.56
CA ALA D 464 20.27 -11.21 -34.13
C ALA D 464 18.95 -10.94 -33.40
N LYS D 465 18.99 -10.98 -32.05
CA LYS D 465 17.81 -10.76 -31.20
C LYS D 465 17.29 -9.33 -31.40
N SER D 466 18.19 -8.35 -31.36
CA SER D 466 17.85 -6.95 -31.46
C SER D 466 17.23 -6.63 -32.83
N LEU D 467 17.74 -7.25 -33.90
CA LEU D 467 17.21 -7.04 -35.26
C LEU D 467 15.78 -7.60 -35.35
N ALA D 468 15.54 -8.76 -34.73
CA ALA D 468 14.20 -9.37 -34.68
C ALA D 468 13.21 -8.46 -33.93
N ALA D 469 13.70 -7.78 -32.88
CA ALA D 469 12.88 -6.95 -31.98
C ALA D 469 12.65 -5.54 -32.54
N ALA D 470 13.52 -5.10 -33.47
CA ALA D 470 13.61 -3.69 -33.90
C ALA D 470 12.25 -3.16 -34.39
N PRO D 471 11.49 -3.91 -35.21
CA PRO D 471 10.19 -3.41 -35.69
C PRO D 471 9.09 -3.28 -34.62
N PHE D 472 9.39 -3.69 -33.37
CA PHE D 472 8.43 -3.69 -32.28
C PHE D 472 8.89 -2.80 -31.11
N ALA D 473 10.06 -2.16 -31.24
CA ALA D 473 10.63 -1.34 -30.17
C ALA D 473 11.12 0.00 -30.72
N ASP D 474 11.04 1.04 -29.88
CA ASP D 474 11.47 2.39 -30.20
C ASP D 474 12.97 2.57 -29.93
N ILE D 475 13.53 1.81 -28.99
CA ILE D 475 14.95 1.87 -28.63
C ILE D 475 15.46 0.44 -28.38
N LEU D 476 16.68 0.15 -28.85
CA LEU D 476 17.32 -1.15 -28.64
C LEU D 476 18.50 -0.98 -27.69
N TRP D 477 18.70 -1.97 -26.82
CA TRP D 477 19.72 -1.92 -25.80
C TRP D 477 20.37 -3.31 -25.66
N MET D 478 21.68 -3.37 -25.85
CA MET D 478 22.48 -4.56 -25.59
C MET D 478 23.13 -4.41 -24.21
N GLU D 479 22.68 -5.24 -23.26
CA GLU D 479 23.26 -5.31 -21.93
C GLU D 479 24.76 -5.60 -22.06
N THR D 480 25.58 -4.77 -21.42
CA THR D 480 27.03 -4.94 -21.35
C THR D 480 27.48 -4.94 -19.89
N LYS D 481 28.55 -5.67 -19.60
CA LYS D 481 29.22 -5.61 -18.29
C LYS D 481 30.38 -4.61 -18.38
N THR D 482 31.19 -4.73 -19.44
CA THR D 482 32.38 -3.92 -19.66
C THR D 482 32.04 -2.74 -20.59
N ALA D 483 32.62 -1.57 -20.28
CA ALA D 483 32.50 -0.37 -21.09
C ALA D 483 33.60 -0.40 -22.18
N ASP D 484 33.18 -0.52 -23.44
CA ASP D 484 34.07 -0.77 -24.57
C ASP D 484 33.41 -0.22 -25.84
N LEU D 485 34.03 0.82 -26.43
CA LEU D 485 33.47 1.51 -27.60
C LEU D 485 33.41 0.58 -28.81
N ALA D 486 34.37 -0.35 -28.92
CA ALA D 486 34.47 -1.26 -30.06
C ALA D 486 33.29 -2.23 -30.08
N ASP D 487 32.96 -2.81 -28.91
CA ASP D 487 31.81 -3.69 -28.74
C ASP D 487 30.51 -2.94 -29.11
N ALA D 488 30.39 -1.71 -28.59
CA ALA D 488 29.24 -0.84 -28.85
C ALA D 488 29.12 -0.54 -30.35
N ARG D 489 30.27 -0.30 -31.01
CA ARG D 489 30.34 0.01 -32.43
C ARG D 489 29.88 -1.20 -33.27
N GLN D 490 30.37 -2.38 -32.90
CA GLN D 490 30.00 -3.62 -33.59
C GLN D 490 28.46 -3.75 -33.59
N PHE D 491 27.85 -3.52 -32.42
CA PHE D 491 26.40 -3.60 -32.25
C PHE D 491 25.71 -2.53 -33.11
N ALA D 492 26.12 -1.27 -32.93
CA ALA D 492 25.44 -0.11 -33.51
C ALA D 492 25.47 -0.17 -35.05
N GLU D 493 26.62 -0.57 -35.60
CA GLU D 493 26.81 -0.59 -37.05
C GLU D 493 25.92 -1.70 -37.65
N ALA D 494 25.91 -2.87 -37.01
CA ALA D 494 25.10 -4.01 -37.46
C ALA D 494 23.61 -3.65 -37.47
N ILE D 495 23.15 -2.94 -36.42
CA ILE D 495 21.75 -2.52 -36.33
C ILE D 495 21.44 -1.51 -37.43
N HIS D 496 22.31 -0.49 -37.57
CA HIS D 496 22.05 0.67 -38.45
C HIS D 496 22.13 0.28 -39.93
N ALA D 497 22.89 -0.78 -40.24
CA ALA D 497 22.99 -1.36 -41.57
C ALA D 497 21.59 -1.70 -42.12
N GLU D 498 20.71 -2.21 -41.24
CA GLU D 498 19.36 -2.62 -41.63
C GLU D 498 18.31 -1.61 -41.18
N PHE D 499 18.58 -0.90 -40.06
CA PHE D 499 17.66 0.10 -39.52
C PHE D 499 18.45 1.37 -39.20
N PRO D 500 18.71 2.23 -40.22
CA PRO D 500 19.48 3.46 -40.01
C PRO D 500 18.89 4.43 -38.98
N ASP D 501 17.57 4.37 -38.76
CA ASP D 501 16.88 5.33 -37.87
C ASP D 501 16.68 4.77 -36.45
N GLN D 502 17.16 3.56 -36.17
CA GLN D 502 16.92 2.90 -34.89
C GLN D 502 17.75 3.55 -33.77
N MET D 503 17.09 4.20 -32.83
CA MET D 503 17.74 4.78 -31.66
C MET D 503 18.20 3.64 -30.73
N LEU D 504 19.33 3.84 -30.05
CA LEU D 504 19.90 2.83 -29.15
C LEU D 504 20.09 3.42 -27.75
N ALA D 505 20.33 2.54 -26.78
CA ALA D 505 20.60 2.93 -25.40
C ALA D 505 21.76 2.07 -24.87
N TYR D 506 22.55 2.64 -23.95
CA TYR D 506 23.77 2.00 -23.44
C TYR D 506 23.81 2.11 -21.91
N ASN D 507 24.07 0.97 -21.25
CA ASN D 507 24.13 0.93 -19.80
C ASN D 507 25.61 0.99 -19.37
N LEU D 508 25.83 1.71 -18.27
CA LEU D 508 27.10 1.84 -17.62
C LEU D 508 26.98 1.26 -16.21
N SER D 509 27.49 0.04 -16.03
CA SER D 509 27.50 -0.60 -14.71
C SER D 509 28.31 0.22 -13.72
N PRO D 510 27.75 0.60 -12.56
CA PRO D 510 28.51 1.29 -11.50
C PRO D 510 29.65 0.45 -10.92
N SER D 511 29.57 -0.87 -11.06
CA SER D 511 30.53 -1.80 -10.47
C SER D 511 31.72 -2.05 -11.42
N PHE D 512 31.58 -1.69 -12.70
CA PHE D 512 32.67 -1.85 -13.65
C PHE D 512 33.83 -0.92 -13.23
N ASN D 513 35.00 -1.52 -12.96
CA ASN D 513 36.17 -0.75 -12.46
C ASN D 513 36.79 -0.01 -13.65
N TRP D 514 36.56 1.31 -13.70
CA TRP D 514 36.96 2.14 -14.84
C TRP D 514 38.48 2.31 -14.90
N ASP D 515 39.15 2.18 -13.75
CA ASP D 515 40.60 2.36 -13.66
C ASP D 515 41.35 1.08 -14.04
N THR D 516 40.63 0.02 -14.46
CA THR D 516 41.28 -1.20 -14.96
C THR D 516 41.31 -1.22 -16.49
N THR D 517 40.62 -0.26 -17.13
CA THR D 517 40.43 -0.27 -18.59
C THR D 517 41.72 0.14 -19.30
N GLY D 518 42.57 0.92 -18.62
CA GLY D 518 43.77 1.48 -19.21
C GLY D 518 43.50 2.79 -19.93
N MET D 519 42.23 3.23 -19.92
CA MET D 519 41.83 4.51 -20.52
C MET D 519 42.44 5.65 -19.71
N THR D 520 42.75 6.74 -20.42
CA THR D 520 43.15 8.01 -19.81
C THR D 520 41.91 8.67 -19.21
N ASP D 521 42.13 9.62 -18.29
CA ASP D 521 41.07 10.41 -17.69
C ASP D 521 40.30 11.15 -18.80
N GLU D 522 41.00 11.58 -19.86
CA GLU D 522 40.40 12.32 -20.96
C GLU D 522 39.51 11.41 -21.81
N GLU D 523 39.92 10.14 -21.97
CA GLU D 523 39.12 9.15 -22.70
C GLU D 523 37.83 8.86 -21.95
N MET D 524 37.91 8.85 -20.60
CA MET D 524 36.76 8.62 -19.73
C MET D 524 35.77 9.79 -19.86
N ARG D 525 36.31 11.01 -19.95
CA ARG D 525 35.49 12.22 -20.10
C ARG D 525 34.69 12.19 -21.41
N ARG D 526 35.27 11.58 -22.46
CA ARG D 526 34.74 11.66 -23.83
C ARG D 526 33.82 10.46 -24.16
N PHE D 527 33.84 9.43 -23.31
CA PHE D 527 33.15 8.15 -23.57
C PHE D 527 31.66 8.37 -23.84
N PRO D 528 30.93 9.17 -23.02
CA PRO D 528 29.51 9.45 -23.28
C PRO D 528 29.24 10.05 -24.67
N GLU D 529 30.08 11.00 -25.10
CA GLU D 529 29.92 11.70 -26.36
C GLU D 529 30.15 10.73 -27.52
N GLU D 530 31.10 9.81 -27.35
CA GLU D 530 31.44 8.79 -28.34
C GLU D 530 30.26 7.84 -28.57
N LEU D 531 29.56 7.47 -27.47
CA LEU D 531 28.33 6.66 -27.56
C LEU D 531 27.28 7.42 -28.39
N GLY D 532 27.09 8.70 -28.06
CA GLY D 532 26.14 9.56 -28.77
C GLY D 532 26.35 9.56 -30.28
N LYS D 533 27.62 9.54 -30.71
CA LYS D 533 28.00 9.62 -32.11
C LYS D 533 27.56 8.36 -32.86
N MET D 534 27.52 7.22 -32.17
CA MET D 534 27.12 5.93 -32.77
C MET D 534 25.61 5.71 -32.69
N GLY D 535 24.87 6.67 -32.11
CA GLY D 535 23.39 6.62 -32.10
C GLY D 535 22.81 6.08 -30.80
N PHE D 536 23.65 5.93 -29.77
CA PHE D 536 23.19 5.66 -28.41
C PHE D 536 22.73 6.98 -27.77
N VAL D 537 21.42 7.23 -27.78
CA VAL D 537 20.84 8.55 -27.45
C VAL D 537 20.60 8.70 -25.94
N PHE D 538 20.55 7.56 -25.23
CA PHE D 538 20.15 7.52 -23.82
C PHE D 538 21.05 6.53 -23.08
N ASN D 539 21.97 7.06 -22.27
CA ASN D 539 23.02 6.29 -21.63
C ASN D 539 22.95 6.56 -20.13
N PHE D 540 23.07 5.51 -19.30
CA PHE D 540 22.68 5.61 -17.91
C PHE D 540 23.56 4.75 -17.00
N ILE D 541 23.97 5.35 -15.88
CA ILE D 541 24.58 4.65 -14.74
C ILE D 541 23.44 4.11 -13.86
N THR D 542 23.15 2.82 -14.02
CA THR D 542 21.88 2.19 -13.59
C THR D 542 21.54 2.56 -12.14
N TYR D 543 22.35 2.12 -11.17
CA TYR D 543 22.05 2.38 -9.75
C TYR D 543 23.09 3.36 -9.16
N GLY D 544 23.42 4.40 -9.93
CA GLY D 544 24.32 5.46 -9.46
C GLY D 544 23.84 6.09 -8.17
N GLY D 545 22.52 6.35 -8.09
CA GLY D 545 21.92 7.01 -6.94
C GLY D 545 22.15 6.23 -5.65
N HIS D 546 22.06 4.90 -5.75
CA HIS D 546 22.26 3.99 -4.63
C HIS D 546 23.69 4.12 -4.10
N GLN D 547 24.66 4.24 -5.02
CA GLN D 547 26.08 4.32 -4.69
C GLN D 547 26.39 5.64 -3.95
N ILE D 548 25.95 6.78 -4.50
CA ILE D 548 26.29 8.08 -3.92
C ILE D 548 25.57 8.25 -2.58
N ASP D 549 24.38 7.64 -2.44
CA ASP D 549 23.61 7.68 -1.20
C ASP D 549 24.43 7.02 -0.07
N GLY D 550 25.04 5.87 -0.38
CA GLY D 550 25.84 5.12 0.57
C GLY D 550 27.09 5.88 1.02
N VAL D 551 27.83 6.39 0.03
CA VAL D 551 29.06 7.11 0.29
C VAL D 551 28.75 8.33 1.18
N ALA D 552 27.69 9.06 0.84
CA ALA D 552 27.28 10.27 1.59
C ALA D 552 26.97 9.92 3.05
N ALA D 553 26.32 8.77 3.28
CA ALA D 553 25.92 8.34 4.62
C ALA D 553 27.15 7.96 5.46
N GLU D 554 28.07 7.20 4.85
CA GLU D 554 29.34 6.83 5.49
C GLU D 554 30.08 8.09 5.94
N GLU D 555 30.22 9.05 5.02
CA GLU D 555 30.99 10.26 5.27
C GLU D 555 30.38 11.03 6.44
N PHE D 556 29.07 11.32 6.37
CA PHE D 556 28.43 12.18 7.35
C PHE D 556 28.42 11.50 8.72
N ALA D 557 28.20 10.19 8.75
CA ALA D 557 28.15 9.42 10.00
C ALA D 557 29.54 9.42 10.65
N THR D 558 30.58 9.20 9.83
CA THR D 558 31.95 9.26 10.30
C THR D 558 32.26 10.67 10.82
N ALA D 559 31.91 11.69 10.02
CA ALA D 559 32.18 13.10 10.33
C ALA D 559 31.55 13.50 11.66
N LEU D 560 30.34 13.00 11.93
CA LEU D 560 29.59 13.38 13.12
C LEU D 560 30.28 12.80 14.37
N ARG D 561 30.81 11.57 14.23
CA ARG D 561 31.54 10.92 15.31
C ARG D 561 32.91 11.60 15.52
N GLN D 562 33.56 11.99 14.42
CA GLN D 562 34.86 12.66 14.46
C GLN D 562 34.74 14.09 15.03
N ASP D 563 33.83 14.90 14.46
CA ASP D 563 33.89 16.37 14.58
C ASP D 563 32.59 16.95 15.17
N GLY D 564 31.71 16.10 15.71
CA GLY D 564 30.44 16.56 16.28
C GLY D 564 29.71 17.50 15.34
N MET D 565 29.25 18.64 15.87
CA MET D 565 28.34 19.54 15.15
C MET D 565 29.09 20.34 14.07
N LEU D 566 30.42 20.30 14.09
CA LEU D 566 31.23 20.90 13.05
C LEU D 566 30.97 20.18 11.71
N ALA D 567 30.55 18.91 11.79
CA ALA D 567 30.19 18.12 10.60
C ALA D 567 29.01 18.76 9.88
N LEU D 568 28.06 19.31 10.64
CA LEU D 568 26.89 19.97 10.10
C LEU D 568 27.27 21.36 9.56
N ALA D 569 28.08 22.08 10.33
CA ALA D 569 28.62 23.40 9.93
C ALA D 569 29.29 23.32 8.55
N ARG D 570 30.13 22.30 8.36
CA ARG D 570 30.90 22.15 7.12
C ARG D 570 29.94 21.87 5.95
N LEU D 571 28.90 21.06 6.21
CA LEU D 571 27.88 20.76 5.20
C LEU D 571 27.14 22.05 4.83
N GLN D 572 26.75 22.82 5.84
CA GLN D 572 26.06 24.10 5.66
C GLN D 572 26.92 25.06 4.84
N ARG D 573 28.23 25.11 5.13
CA ARG D 573 29.17 25.97 4.41
C ARG D 573 29.18 25.58 2.92
N LYS D 574 29.29 24.27 2.66
CA LYS D 574 29.31 23.73 1.30
C LYS D 574 28.05 24.19 0.55
N MET D 575 26.89 24.13 1.21
CA MET D 575 25.60 24.45 0.61
C MET D 575 25.52 25.94 0.27
N ARG D 576 26.04 26.78 1.17
CA ARG D 576 26.08 28.24 0.97
C ARG D 576 26.98 28.59 -0.22
N LEU D 577 28.10 27.87 -0.36
CA LEU D 577 29.09 28.15 -1.42
C LEU D 577 28.47 27.94 -2.80
N VAL D 578 27.75 26.82 -2.99
CA VAL D 578 27.20 26.44 -4.30
C VAL D 578 25.78 26.99 -4.46
N GLU D 579 25.27 27.67 -3.43
CA GLU D 579 23.92 28.25 -3.41
C GLU D 579 22.89 27.15 -3.68
N SER D 580 22.98 26.05 -2.92
CA SER D 580 22.05 24.93 -3.04
C SER D 580 20.68 25.34 -2.49
N PRO D 581 19.57 24.93 -3.14
CA PRO D 581 18.23 25.10 -2.56
C PRO D 581 18.05 24.46 -1.18
N TYR D 582 18.90 23.46 -0.86
CA TYR D 582 18.86 22.74 0.40
C TYR D 582 19.30 23.64 1.57
N ARG D 583 19.93 24.77 1.23
CA ARG D 583 20.25 25.88 2.12
C ARG D 583 19.01 26.31 2.93
N THR D 584 17.85 26.34 2.26
CA THR D 584 16.57 26.76 2.86
C THR D 584 15.56 25.63 2.69
N PRO D 585 15.58 24.60 3.56
CA PRO D 585 14.77 23.39 3.36
C PRO D 585 13.26 23.68 3.30
N GLN D 586 12.79 24.61 4.14
CA GLN D 586 11.36 24.92 4.24
C GLN D 586 10.85 25.40 2.88
N THR D 587 11.69 26.14 2.15
CA THR D 587 11.34 26.65 0.83
C THR D 587 11.37 25.52 -0.19
N LEU D 588 12.40 24.67 -0.08
CA LEU D 588 12.63 23.54 -1.01
C LEU D 588 11.39 22.63 -1.09
N VAL D 589 10.77 22.33 0.06
CA VAL D 589 9.65 21.40 0.13
C VAL D 589 8.33 22.12 -0.20
N GLY D 590 8.37 23.44 -0.38
CA GLY D 590 7.25 24.22 -0.94
C GLY D 590 6.44 24.94 0.14
N GLY D 591 7.13 25.45 1.17
CA GLY D 591 6.52 26.21 2.25
C GLY D 591 5.72 27.42 1.77
N PRO D 592 6.29 28.28 0.89
CA PRO D 592 5.56 29.44 0.37
C PRO D 592 4.21 29.11 -0.29
N ARG D 593 4.18 28.12 -1.18
CA ARG D 593 2.95 27.72 -1.87
C ARG D 593 1.96 27.15 -0.86
N SER D 594 2.47 26.43 0.14
CA SER D 594 1.65 25.81 1.18
C SER D 594 1.02 26.88 2.08
N ASP D 595 1.80 27.92 2.40
CA ASP D 595 1.31 29.07 3.20
C ASP D 595 0.15 29.75 2.46
N ALA D 596 0.33 29.95 1.15
CA ALA D 596 -0.69 30.53 0.28
C ALA D 596 -1.98 29.70 0.34
N ALA D 597 -1.84 28.37 0.33
CA ALA D 597 -2.99 27.45 0.39
C ALA D 597 -3.72 27.59 1.72
N LEU D 598 -2.97 27.80 2.82
CA LEU D 598 -3.55 27.94 4.15
C LEU D 598 -4.37 29.24 4.22
N ALA D 599 -3.81 30.31 3.63
CA ALA D 599 -4.45 31.61 3.56
C ALA D 599 -5.78 31.49 2.80
N ALA D 600 -5.75 30.81 1.65
CA ALA D 600 -6.93 30.64 0.80
C ALA D 600 -8.01 29.84 1.55
N SER D 601 -7.60 28.76 2.22
CA SER D 601 -8.52 27.85 2.93
C SER D 601 -9.23 28.56 4.08
N SER D 602 -8.57 29.54 4.70
CA SER D 602 -9.04 30.21 5.92
C SER D 602 -9.53 31.64 5.64
N GLY D 603 -9.49 32.07 4.37
CA GLY D 603 -9.78 33.46 3.98
C GLY D 603 -8.90 34.47 4.71
N ARG D 604 -7.63 34.11 4.92
CA ARG D 604 -6.60 34.96 5.56
C ARG D 604 -6.91 35.26 7.02
N THR D 605 -7.70 34.41 7.69
CA THR D 605 -8.10 34.65 9.08
C THR D 605 -7.26 33.81 10.05
N ALA D 606 -6.47 32.87 9.51
CA ALA D 606 -5.66 31.96 10.33
C ALA D 606 -4.40 32.70 10.82
N THR D 607 -4.01 32.41 12.08
CA THR D 607 -2.86 33.03 12.73
C THR D 607 -1.58 32.26 12.35
N THR D 608 -0.56 33.01 11.92
CA THR D 608 0.74 32.45 11.48
C THR D 608 1.91 33.13 12.23
N VAL D 622 23.61 38.00 11.01
CA VAL D 622 25.05 37.84 11.15
C VAL D 622 25.63 37.34 9.81
N GLN D 623 26.71 37.99 9.36
CA GLN D 623 27.44 37.61 8.15
C GLN D 623 28.38 36.44 8.48
N THR D 624 28.30 35.38 7.67
CA THR D 624 29.11 34.15 7.87
C THR D 624 30.32 34.15 6.92
N GLU D 625 30.17 34.72 5.72
CA GLU D 625 31.23 34.84 4.74
C GLU D 625 31.19 36.25 4.14
N VAL D 626 32.37 36.77 3.80
CA VAL D 626 32.50 38.03 3.05
C VAL D 626 31.77 37.87 1.72
N PRO D 627 30.79 38.74 1.41
CA PRO D 627 29.96 38.55 0.21
C PRO D 627 30.70 38.86 -1.10
N ARG D 628 30.34 38.13 -2.16
CA ARG D 628 30.83 38.35 -3.52
C ARG D 628 30.50 39.78 -3.97
N LYS D 629 29.40 40.34 -3.45
CA LYS D 629 28.92 41.68 -3.80
C LYS D 629 30.01 42.73 -3.54
N LEU D 630 30.80 42.54 -2.47
CA LEU D 630 31.86 43.47 -2.10
C LEU D 630 32.87 43.64 -3.25
N LEU D 631 33.26 42.53 -3.87
CA LEU D 631 34.21 42.55 -4.98
C LEU D 631 33.53 43.14 -6.23
N GLU D 632 32.25 42.82 -6.43
CA GLU D 632 31.46 43.35 -7.56
C GLU D 632 31.44 44.89 -7.49
N GLU D 633 31.33 45.44 -6.27
CA GLU D 633 31.32 46.89 -6.05
C GLU D 633 32.69 47.48 -6.40
N TRP D 634 33.76 46.81 -5.95
CA TRP D 634 35.13 47.21 -6.26
C TRP D 634 35.36 47.20 -7.78
N LEU D 635 34.80 46.20 -8.46
CA LEU D 635 34.97 46.04 -9.90
C LEU D 635 34.15 47.08 -10.66
N ALA D 636 33.14 47.66 -10.02
CA ALA D 636 32.35 48.77 -10.57
C ALA D 636 33.22 50.03 -10.63
N MET D 637 33.92 50.32 -9.52
CA MET D 637 34.89 51.40 -9.42
C MET D 637 35.94 51.22 -10.53
N TRP D 638 36.49 50.00 -10.61
CA TRP D 638 37.54 49.62 -11.55
C TRP D 638 37.05 49.80 -12.99
N SER D 639 35.89 49.20 -13.31
CA SER D 639 35.31 49.27 -14.66
C SER D 639 35.06 50.73 -15.07
N GLY D 640 34.63 51.55 -14.09
CA GLY D 640 34.37 52.96 -14.29
C GLY D 640 35.61 53.70 -14.75
N HIS D 641 36.70 53.54 -14.00
CA HIS D 641 37.94 54.28 -14.22
C HIS D 641 38.54 53.96 -15.60
N TYR D 642 38.45 52.70 -16.04
CA TYR D 642 38.99 52.27 -17.34
C TYR D 642 37.89 52.21 -18.40
N GLN D 643 36.70 52.70 -18.06
CA GLN D 643 35.63 53.04 -19.02
C GLN D 643 35.19 51.80 -19.80
N LEU D 644 34.87 50.71 -19.09
CA LEU D 644 34.55 49.44 -19.75
C LEU D 644 33.08 49.31 -20.17
N LYS D 645 32.13 49.73 -19.32
CA LYS D 645 30.69 49.73 -19.62
C LYS D 645 30.11 48.31 -19.50
N ASP D 646 30.93 47.39 -18.98
CA ASP D 646 30.57 46.01 -18.71
C ASP D 646 30.34 45.86 -17.19
N LYS D 647 29.12 45.43 -16.82
CA LYS D 647 28.76 45.12 -15.43
C LYS D 647 29.35 43.76 -15.05
N LEU D 648 30.36 43.76 -14.17
CA LEU D 648 31.15 42.56 -13.86
C LEU D 648 30.54 41.82 -12.67
N ARG D 649 30.31 40.52 -12.88
CA ARG D 649 29.75 39.62 -11.88
C ARG D 649 30.87 38.71 -11.36
N VAL D 650 30.80 38.38 -10.06
CA VAL D 650 31.75 37.50 -9.38
C VAL D 650 31.08 36.15 -9.10
N GLN D 651 31.77 35.08 -9.48
CA GLN D 651 31.34 33.71 -9.23
C GLN D 651 32.45 32.99 -8.45
N LEU D 652 32.07 32.29 -7.37
CA LEU D 652 33.00 31.48 -6.57
C LEU D 652 32.36 30.13 -6.28
N ARG D 653 32.76 29.12 -7.07
CA ARG D 653 32.25 27.75 -6.99
C ARG D 653 33.44 26.80 -7.00
N PRO D 654 33.28 25.54 -6.55
CA PRO D 654 34.30 24.51 -6.80
C PRO D 654 34.59 24.40 -8.30
N GLN D 655 35.86 24.15 -8.65
CA GLN D 655 36.33 24.13 -10.04
C GLN D 655 35.67 22.95 -10.76
N ARG D 656 35.60 21.80 -10.06
CA ARG D 656 34.80 20.67 -10.46
C ARG D 656 33.99 20.23 -9.22
N ALA D 657 32.89 19.49 -9.46
CA ALA D 657 31.96 19.10 -8.42
C ALA D 657 32.67 18.37 -7.26
N GLY D 658 32.43 18.86 -6.04
CA GLY D 658 32.88 18.20 -4.81
C GLY D 658 34.33 18.52 -4.44
N SER D 659 35.02 19.30 -5.28
CA SER D 659 36.46 19.57 -5.11
C SER D 659 36.68 20.62 -4.02
N GLU D 660 37.81 20.53 -3.32
CA GLU D 660 38.29 21.57 -2.40
C GLU D 660 38.86 22.75 -3.20
N VAL D 661 39.27 22.47 -4.45
CA VAL D 661 39.81 23.47 -5.38
C VAL D 661 38.65 24.33 -5.91
N LEU D 662 38.72 25.63 -5.60
CA LEU D 662 37.72 26.63 -5.98
C LEU D 662 38.19 27.38 -7.24
N GLU D 663 37.21 27.91 -7.97
CA GLU D 663 37.45 28.83 -9.07
C GLU D 663 36.67 30.12 -8.80
N LEU D 664 37.41 31.24 -8.67
CA LEU D 664 36.80 32.55 -8.71
C LEU D 664 36.82 33.05 -10.15
N GLY D 665 35.64 33.31 -10.71
CA GLY D 665 35.48 33.81 -12.07
C GLY D 665 34.88 35.20 -12.09
N ILE D 666 35.38 36.03 -13.01
CA ILE D 666 34.80 37.33 -13.31
C ILE D 666 34.11 37.22 -14.67
N HIS D 667 32.81 37.55 -14.69
CA HIS D 667 31.96 37.37 -15.86
C HIS D 667 31.35 38.72 -16.28
N GLY D 668 31.32 38.96 -17.60
CA GLY D 668 30.65 40.11 -18.20
C GLY D 668 29.19 39.82 -18.46
N GLU D 669 28.51 40.77 -19.13
CA GLU D 669 27.07 40.70 -19.37
C GLU D 669 26.75 39.52 -20.31
N SER D 670 27.68 39.24 -21.25
CA SER D 670 27.55 38.12 -22.20
C SER D 670 27.82 36.77 -21.53
N ASP D 671 28.45 36.79 -20.33
CA ASP D 671 28.82 35.62 -19.52
C ASP D 671 30.19 35.08 -19.96
N ASP D 672 30.86 35.80 -20.87
CA ASP D 672 32.27 35.53 -21.20
C ASP D 672 33.11 35.76 -19.94
N LYS D 673 34.02 34.81 -19.68
CA LYS D 673 34.89 34.84 -18.51
C LYS D 673 36.08 35.76 -18.79
N LEU D 674 36.12 36.92 -18.13
CA LEU D 674 37.16 37.93 -18.32
C LEU D 674 38.43 37.54 -17.54
N ALA D 675 38.24 36.93 -16.36
CA ALA D 675 39.36 36.57 -15.50
C ALA D 675 38.94 35.42 -14.56
N ASN D 676 39.93 34.74 -14.00
CA ASN D 676 39.68 33.70 -13.01
C ASN D 676 40.93 33.47 -12.14
N VAL D 677 40.69 32.83 -10.99
CA VAL D 677 41.72 32.34 -10.10
C VAL D 677 41.31 30.92 -9.68
N ILE D 678 42.21 29.97 -9.88
CA ILE D 678 42.01 28.61 -9.45
C ILE D 678 42.93 28.35 -8.27
N PHE D 679 42.33 28.08 -7.10
CA PHE D 679 43.03 28.05 -5.83
C PHE D 679 42.29 27.14 -4.85
N GLN D 680 42.96 26.79 -3.75
CA GLN D 680 42.35 26.07 -2.64
C GLN D 680 42.90 26.61 -1.34
N PRO D 681 42.03 26.88 -0.33
CA PRO D 681 42.53 27.24 1.00
C PRO D 681 43.10 25.98 1.67
N ILE D 682 44.21 26.15 2.40
CA ILE D 682 44.78 25.08 3.21
C ILE D 682 45.14 25.67 4.57
N GLN D 683 44.97 24.86 5.62
CA GLN D 683 45.35 25.24 6.97
C GLN D 683 46.64 24.51 7.33
N ASP D 684 47.50 25.18 8.11
CA ASP D 684 48.63 24.54 8.75
C ASP D 684 48.12 23.88 10.04
N ARG D 685 49.03 23.28 10.83
CA ARG D 685 48.64 22.47 11.98
C ARG D 685 48.08 23.33 13.11
N ARG D 686 48.39 24.64 13.11
CA ARG D 686 47.94 25.57 14.15
C ARG D 686 46.68 26.34 13.70
N GLY D 687 46.28 26.20 12.44
CA GLY D 687 45.00 26.73 11.95
C GLY D 687 45.13 27.88 10.95
N ARG D 688 46.33 28.48 10.87
CA ARG D 688 46.66 29.54 9.89
C ARG D 688 46.25 29.11 8.48
N THR D 689 45.62 30.02 7.73
CA THR D 689 45.13 29.72 6.39
C THR D 689 46.09 30.31 5.33
N ILE D 690 46.36 29.48 4.30
CA ILE D 690 47.16 29.84 3.15
C ILE D 690 46.31 29.59 1.91
N LEU D 691 46.38 30.50 0.93
CA LEU D 691 45.73 30.31 -0.37
C LEU D 691 46.77 29.71 -1.33
N LEU D 692 46.46 28.53 -1.87
CA LEU D 692 47.32 27.86 -2.81
C LEU D 692 46.76 28.03 -4.23
N VAL D 693 47.44 28.84 -5.04
CA VAL D 693 46.99 29.22 -6.38
C VAL D 693 47.68 28.32 -7.40
N ARG D 694 46.90 27.61 -8.21
CA ARG D 694 47.44 26.72 -9.24
C ARG D 694 47.35 27.38 -10.63
N ASP D 695 46.43 28.34 -10.78
CA ASP D 695 46.25 29.06 -12.04
C ASP D 695 45.53 30.39 -11.79
N GLN D 696 45.72 31.33 -12.73
CA GLN D 696 45.03 32.60 -12.74
C GLN D 696 45.18 33.20 -14.15
N ASN D 697 44.15 33.93 -14.59
CA ASN D 697 44.12 34.50 -15.91
C ASN D 697 43.38 35.85 -15.87
N THR D 698 43.97 36.82 -16.57
CA THR D 698 43.25 37.95 -17.12
C THR D 698 43.25 37.74 -18.64
N PHE D 699 42.20 37.10 -19.15
CA PHE D 699 42.16 36.54 -20.50
C PHE D 699 42.35 37.66 -21.54
N GLY D 700 41.58 38.75 -21.37
CA GLY D 700 41.71 39.94 -22.19
C GLY D 700 43.07 40.59 -21.99
N ALA D 701 43.83 40.74 -23.09
CA ALA D 701 45.14 41.38 -23.07
C ALA D 701 45.00 42.88 -22.76
N GLU D 702 43.86 43.48 -23.10
CA GLU D 702 43.55 44.89 -22.91
C GLU D 702 43.22 45.18 -21.43
N LEU D 703 42.83 44.15 -20.67
CA LEU D 703 42.45 44.28 -19.27
C LEU D 703 43.64 44.05 -18.33
N ARG D 704 44.80 43.64 -18.89
CA ARG D 704 45.99 43.30 -18.10
C ARG D 704 46.66 44.58 -17.58
N GLN D 705 47.49 44.39 -16.55
CA GLN D 705 48.28 45.44 -15.90
C GLN D 705 47.41 46.65 -15.56
N LYS D 706 46.23 46.39 -15.01
CA LYS D 706 45.32 47.42 -14.50
C LYS D 706 44.92 47.11 -13.05
N ARG D 707 45.57 46.11 -12.45
CA ARG D 707 45.41 45.70 -11.06
C ARG D 707 44.05 45.01 -10.85
N LEU D 708 43.52 44.38 -11.90
CA LEU D 708 42.32 43.55 -11.79
C LEU D 708 42.58 42.41 -10.82
N MET D 709 43.72 41.72 -11.02
CA MET D 709 44.09 40.56 -10.24
C MET D 709 44.42 40.97 -8.80
N THR D 710 44.91 42.21 -8.62
CA THR D 710 45.23 42.73 -7.28
C THR D 710 43.95 42.89 -6.45
N LEU D 711 42.86 43.32 -7.10
CA LEU D 711 41.55 43.47 -6.44
C LEU D 711 41.02 42.10 -6.01
N ILE D 712 41.09 41.13 -6.93
CA ILE D 712 40.63 39.76 -6.69
C ILE D 712 41.40 39.16 -5.51
N HIS D 713 42.72 39.36 -5.47
CA HIS D 713 43.59 38.86 -4.40
C HIS D 713 43.19 39.49 -3.06
N LEU D 714 42.88 40.78 -3.06
CA LEU D 714 42.51 41.53 -1.85
C LEU D 714 41.22 40.93 -1.27
N TRP D 715 40.26 40.64 -2.15
CA TRP D 715 39.00 40.03 -1.75
C TRP D 715 39.27 38.63 -1.18
N LEU D 716 40.01 37.80 -1.93
CA LEU D 716 40.28 36.40 -1.53
C LEU D 716 40.98 36.37 -0.18
N VAL D 717 41.93 37.28 0.04
CA VAL D 717 42.71 37.35 1.28
C VAL D 717 41.77 37.71 2.44
N HIS D 718 40.82 38.61 2.17
CA HIS D 718 39.82 39.04 3.17
C HIS D 718 38.79 37.93 3.41
N ARG D 719 38.26 37.37 2.32
CA ARG D 719 37.25 36.29 2.36
C ARG D 719 37.76 35.09 3.16
N PHE D 720 39.04 34.72 2.98
CA PHE D 720 39.58 33.47 3.54
C PHE D 720 40.54 33.72 4.71
N LYS D 721 40.71 34.98 5.13
CA LYS D 721 41.61 35.35 6.24
C LYS D 721 42.99 34.71 6.03
N ALA D 722 43.56 34.93 4.84
CA ALA D 722 44.81 34.30 4.40
C ALA D 722 46.02 35.05 4.99
N GLN D 723 46.97 34.28 5.52
CA GLN D 723 48.25 34.78 6.03
C GLN D 723 49.28 34.83 4.89
N ALA D 724 49.15 33.92 3.92
CA ALA D 724 50.08 33.83 2.79
C ALA D 724 49.37 33.32 1.55
N VAL D 725 50.03 33.48 0.40
CA VAL D 725 49.59 32.98 -0.90
C VAL D 725 50.76 32.26 -1.56
N HIS D 726 50.59 30.96 -1.85
CA HIS D 726 51.55 30.13 -2.55
C HIS D 726 51.09 29.90 -3.99
N TYR D 727 51.98 30.14 -4.95
CA TYR D 727 51.72 29.90 -6.36
C TYR D 727 52.58 28.72 -6.83
N VAL D 728 51.91 27.62 -7.24
CA VAL D 728 52.60 26.41 -7.68
C VAL D 728 52.81 26.47 -9.21
N THR D 729 54.05 26.23 -9.61
CA THR D 729 54.50 26.21 -11.01
C THR D 729 54.17 27.55 -11.67
N PRO D 730 54.73 28.66 -11.16
CA PRO D 730 54.44 29.99 -11.70
C PRO D 730 55.01 30.19 -13.11
N THR D 731 54.35 31.06 -13.88
CA THR D 731 54.81 31.52 -15.17
C THR D 731 55.62 32.81 -14.97
N ASP D 732 56.16 33.34 -16.07
CA ASP D 732 56.89 34.61 -16.05
C ASP D 732 55.96 35.71 -15.55
N ASP D 733 54.76 35.79 -16.15
CA ASP D 733 53.75 36.79 -15.81
C ASP D 733 53.48 36.79 -14.30
N ASN D 734 53.49 35.59 -13.71
CA ASN D 734 53.26 35.40 -12.28
C ASN D 734 54.38 36.05 -11.46
N LEU D 735 55.62 35.89 -11.92
CA LEU D 735 56.81 36.44 -11.26
C LEU D 735 56.71 37.98 -11.23
N TYR D 736 56.37 38.57 -12.38
CA TYR D 736 56.30 40.02 -12.55
C TYR D 736 55.16 40.59 -11.68
N GLN D 737 54.03 39.88 -11.68
CA GLN D 737 52.80 40.25 -10.96
C GLN D 737 53.04 40.31 -9.45
N THR D 738 53.57 39.22 -8.88
CA THR D 738 53.74 39.10 -7.42
C THR D 738 54.81 40.07 -6.92
N SER D 739 55.81 40.35 -7.77
CA SER D 739 56.90 41.27 -7.43
C SER D 739 56.34 42.69 -7.27
N LYS D 740 55.52 43.12 -8.22
CA LYS D 740 54.93 44.46 -8.20
C LYS D 740 53.89 44.57 -7.08
N MET D 741 53.21 43.47 -6.78
CA MET D 741 52.23 43.44 -5.68
C MET D 741 52.95 43.60 -4.32
N LYS D 742 54.24 43.23 -4.29
CA LYS D 742 55.09 43.47 -3.12
C LYS D 742 55.32 44.98 -2.95
N SER D 743 55.48 45.70 -4.07
CA SER D 743 55.76 47.15 -4.06
C SER D 743 54.51 47.95 -3.66
N HIS D 744 53.32 47.49 -4.05
CA HIS D 744 52.05 48.13 -3.66
C HIS D 744 51.77 47.91 -2.16
N GLY D 745 52.52 46.97 -1.55
CA GLY D 745 52.46 46.73 -0.11
C GLY D 745 51.48 45.64 0.27
N ILE D 746 50.87 44.97 -0.73
CA ILE D 746 49.92 43.87 -0.47
C ILE D 746 50.66 42.74 0.25
N PHE D 747 51.90 42.46 -0.18
CA PHE D 747 52.77 41.47 0.45
C PHE D 747 53.97 42.17 1.12
N THR D 748 54.39 41.66 2.28
CA THR D 748 55.61 42.10 2.96
C THR D 748 56.84 41.46 2.30
N GLU D 749 56.79 40.12 2.15
CA GLU D 749 57.90 39.32 1.64
C GLU D 749 57.41 38.43 0.48
N VAL D 750 58.27 38.25 -0.53
CA VAL D 750 57.98 37.36 -1.67
C VAL D 750 59.25 36.57 -2.03
N ASN D 751 59.18 35.24 -1.85
CA ASN D 751 60.25 34.29 -2.21
C ASN D 751 59.79 33.49 -3.43
N GLN D 752 60.69 33.29 -4.40
CA GLN D 752 60.38 32.67 -5.69
C GLN D 752 61.50 31.70 -6.07
N GLU D 753 61.18 30.40 -6.17
CA GLU D 753 62.01 29.41 -6.84
C GLU D 753 61.52 29.32 -8.29
N VAL D 754 62.29 29.93 -9.20
CA VAL D 754 61.84 30.18 -10.58
C VAL D 754 61.32 28.87 -11.20
N GLY D 755 60.05 28.90 -11.64
CA GLY D 755 59.41 27.79 -12.35
C GLY D 755 58.78 26.74 -11.45
N GLU D 756 58.92 26.87 -10.12
CA GLU D 756 58.45 25.85 -9.16
C GLU D 756 57.41 26.44 -8.21
N ILE D 757 57.78 27.45 -7.39
CA ILE D 757 56.87 28.00 -6.39
C ILE D 757 57.20 29.47 -6.10
N ILE D 758 56.16 30.27 -5.88
CA ILE D 758 56.24 31.59 -5.24
C ILE D 758 55.53 31.53 -3.88
N VAL D 759 56.15 32.09 -2.85
CA VAL D 759 55.57 32.21 -1.51
C VAL D 759 55.50 33.70 -1.15
N ALA D 760 54.29 34.21 -0.92
CA ALA D 760 54.05 35.63 -0.68
C ALA D 760 53.29 35.83 0.64
N GLU D 761 53.94 36.47 1.62
CA GLU D 761 53.35 36.73 2.93
C GLU D 761 52.51 38.00 2.84
N VAL D 762 51.30 37.94 3.41
CA VAL D 762 50.31 39.02 3.33
C VAL D 762 50.69 40.12 4.32
N ASN D 763 50.54 41.37 3.88
CA ASN D 763 50.77 42.56 4.70
C ASN D 763 49.45 43.00 5.34
N HIS D 764 49.22 42.55 6.58
CA HIS D 764 47.93 42.68 7.27
C HIS D 764 47.56 44.14 7.46
N PRO D 765 48.45 45.01 8.00
CA PRO D 765 48.18 46.45 8.07
C PRO D 765 47.68 47.08 6.76
N ARG D 766 48.33 46.77 5.63
CA ARG D 766 47.99 47.36 4.33
C ARG D 766 46.62 46.84 3.84
N ILE D 767 46.29 45.60 4.21
CA ILE D 767 44.99 44.99 3.87
C ILE D 767 43.90 45.73 4.65
N ALA D 768 44.12 45.90 5.97
CA ALA D 768 43.20 46.60 6.87
C ALA D 768 42.92 48.03 6.37
N GLU D 769 43.99 48.70 5.89
CA GLU D 769 43.92 50.06 5.37
C GLU D 769 43.03 50.10 4.11
N LEU D 770 43.21 49.13 3.21
CA LEU D 770 42.50 49.10 1.93
C LEU D 770 41.01 48.76 2.14
N LEU D 771 40.69 48.11 3.26
CA LEU D 771 39.34 47.63 3.56
C LEU D 771 38.53 48.67 4.36
N THR D 772 39.15 49.79 4.77
CA THR D 772 38.44 50.86 5.48
C THR D 772 37.25 51.30 4.64
N PRO D 773 36.03 51.41 5.23
CA PRO D 773 34.80 51.62 4.45
C PRO D 773 34.73 52.91 3.62
N ASP D 774 35.59 53.87 3.95
CA ASP D 774 35.70 55.18 3.26
C ASP D 774 36.17 54.95 1.83
N ARG D 775 37.00 53.94 1.62
CA ARG D 775 37.56 53.49 0.32
C ARG D 775 38.54 54.51 -0.24
N VAL D 776 39.13 55.34 0.62
CA VAL D 776 40.09 56.35 0.10
C VAL D 776 41.33 55.64 -0.44
N ALA D 777 41.90 54.73 0.35
CA ALA D 777 43.12 54.00 -0.04
C ALA D 777 42.83 53.09 -1.23
N LEU D 778 41.66 52.46 -1.20
CA LEU D 778 41.29 51.53 -2.28
C LEU D 778 41.19 52.29 -3.60
N ARG D 779 40.58 53.47 -3.58
CA ARG D 779 40.41 54.27 -4.83
C ARG D 779 41.79 54.65 -5.37
N LYS D 780 42.71 55.03 -4.48
CA LYS D 780 44.08 55.41 -4.89
C LYS D 780 44.77 54.19 -5.51
N LEU D 781 44.59 53.01 -4.93
CA LEU D 781 45.20 51.78 -5.48
C LEU D 781 44.63 51.49 -6.86
N ILE D 782 43.35 51.76 -7.07
CA ILE D 782 42.73 51.40 -8.38
C ILE D 782 43.16 52.37 -9.47
N THR D 783 43.33 53.66 -9.13
CA THR D 783 43.67 54.69 -10.15
C THR D 783 45.18 54.82 -10.34
N LYS D 784 45.94 54.09 -9.53
CA LYS D 784 47.43 54.06 -9.50
C LYS D 784 47.98 55.34 -8.87
N GLU D 785 47.15 56.07 -8.11
CA GLU D 785 47.56 57.25 -7.33
C GLU D 785 48.48 56.77 -6.22
N ALA D 786 48.17 55.61 -5.65
CA ALA D 786 48.98 54.95 -4.61
C ALA D 786 48.88 53.43 -4.81
#